data_4BN5
#
_entry.id   4BN5
#
_cell.length_a   227.820
_cell.length_b   246.060
_cell.length_c   127.340
_cell.angle_alpha   90.00
_cell.angle_beta   123.88
_cell.angle_gamma   90.00
#
_symmetry.space_group_name_H-M   'C 1 2 1'
#
loop_
_entity.id
_entity.type
_entity.pdbx_description
1 polymer 'NAD-DEPENDENT PROTEIN DEACETYLASE SIRTUIN-3, MITOCHONDRIAL'
2 non-polymer CARBA-NICOTINAMIDE-ADENINE-DINUCLEOTIDE
3 non-polymer N-{2-[3-(piperazin-1-ylmethyl)imidazo[2,1-b][1,3]thiazol-6-yl]phenyl}quinoxaline-2-carboxamide
4 non-polymer 'ZINC ION'
5 non-polymer GLYCEROL
#
_entity_poly.entity_id   1
_entity_poly.type   'polypeptide(L)'
_entity_poly.pdbx_seq_one_letter_code
;DKGKLSLQDVAELIRARACQRVVVMVGAGISTPSGIPDFRSPGSGLYSNLQQYDLPYPEAIFELPFFFHNPKPFFTLAKE
LYPGNYKPNVTHYFLRLLHDKGLLLRLYTQNIDGLERVSGIPASKLVEAHGTFASATCTVCQRPFPGEDIRADVMADRVP
RCPVCTGVVKPDIVFFGEPLPQRFLLHVVDFPMADLLLILGTSLEVEPFASLTEAVRSSVPRLLINRDLVGPLAWHPRSR
DVAQLGDVVHGVESLVELLGWTEEMRDLVQRETGKLDGPDK
;
_entity_poly.pdbx_strand_id   A,B,C,D,E,F,G,H,I,J,K,L
#
loop_
_chem_comp.id
_chem_comp.type
_chem_comp.name
_chem_comp.formula
CNA non-polymer CARBA-NICOTINAMIDE-ADENINE-DINUCLEOTIDE 'C22 H30 N7 O13 P2 1'
GOL non-polymer GLYCEROL 'C3 H8 O3'
SR7 non-polymer N-{2-[3-(piperazin-1-ylmethyl)imidazo[2,1-b][1,3]thiazol-6-yl]phenyl}quinoxaline-2-carboxamide 'C25 H23 N7 O S'
ZN non-polymer 'ZINC ION' 'Zn 2'
#
# COMPACT_ATOMS: atom_id res chain seq x y z
N LYS A 4 9.83 23.56 -34.48
CA LYS A 4 10.43 23.16 -33.16
C LYS A 4 10.36 24.32 -32.16
N LEU A 5 10.10 24.02 -30.88
CA LEU A 5 10.04 25.05 -29.83
C LEU A 5 11.41 25.49 -29.25
N SER A 6 11.41 26.44 -28.31
CA SER A 6 12.65 26.94 -27.71
C SER A 6 12.42 27.63 -26.37
N LEU A 7 13.51 27.85 -25.65
CA LEU A 7 13.46 28.34 -24.28
C LEU A 7 12.60 29.60 -24.27
N GLN A 8 12.94 30.51 -25.18
CA GLN A 8 12.15 31.71 -25.39
C GLN A 8 10.69 31.30 -25.51
N ASP A 9 10.37 30.32 -26.36
CA ASP A 9 8.98 29.94 -26.51
C ASP A 9 8.34 29.59 -25.15
N VAL A 10 8.92 28.58 -24.47
CA VAL A 10 8.39 28.09 -23.19
C VAL A 10 8.30 29.18 -22.14
N ALA A 11 9.30 30.05 -22.15
CA ALA A 11 9.26 31.20 -21.28
C ALA A 11 7.91 31.87 -21.47
N GLU A 12 7.59 32.17 -22.73
CA GLU A 12 6.42 32.97 -23.09
C GLU A 12 5.11 32.37 -22.59
N LEU A 13 5.02 31.05 -22.63
CA LEU A 13 3.80 30.35 -22.27
C LEU A 13 3.60 30.43 -20.76
N ILE A 14 4.69 30.52 -20.01
CA ILE A 14 4.64 30.60 -18.54
C ILE A 14 4.28 32.01 -18.07
N ARG A 15 4.75 32.99 -18.84
CA ARG A 15 4.46 34.39 -18.56
C ARG A 15 3.02 34.69 -18.91
N ALA A 16 2.66 34.33 -20.14
CA ALA A 16 1.28 34.48 -20.66
C ALA A 16 0.23 33.79 -19.78
N ARG A 17 0.68 32.92 -18.88
CA ARG A 17 -0.18 32.18 -17.93
C ARG A 17 -0.94 31.03 -18.60
N ALA A 18 -0.48 30.63 -19.79
CA ALA A 18 -1.02 29.49 -20.52
C ALA A 18 -0.36 28.16 -20.06
N CYS A 19 0.73 28.25 -19.28
CA CYS A 19 1.21 27.14 -18.48
C CYS A 19 0.97 27.52 -17.04
N GLN A 20 0.29 26.67 -16.29
CA GLN A 20 -0.06 26.95 -14.89
C GLN A 20 0.01 25.74 -14.02
N ARG A 21 0.44 24.65 -14.64
CA ARG A 21 0.11 23.34 -14.15
C ARG A 21 1.34 22.58 -14.52
N VAL A 22 2.41 22.91 -13.80
CA VAL A 22 3.76 22.48 -14.15
C VAL A 22 4.24 21.34 -13.27
N VAL A 23 4.43 20.20 -13.90
CA VAL A 23 4.95 19.00 -13.28
C VAL A 23 6.45 18.93 -13.57
N VAL A 24 7.21 18.50 -12.57
CA VAL A 24 8.63 18.62 -12.58
C VAL A 24 9.21 17.30 -12.19
N MET A 25 10.24 16.86 -12.93
CA MET A 25 10.95 15.63 -12.64
C MET A 25 12.39 15.99 -12.41
N VAL A 26 12.87 15.81 -11.19
CA VAL A 26 14.29 15.97 -10.92
C VAL A 26 14.94 14.67 -10.46
N GLY A 27 16.20 14.50 -10.86
CA GLY A 27 17.04 13.44 -10.34
C GLY A 27 18.37 14.01 -9.87
N ALA A 28 19.42 13.22 -10.08
CA ALA A 28 20.71 13.41 -9.41
C ALA A 28 21.40 14.73 -9.68
N GLY A 29 21.14 15.26 -10.86
CA GLY A 29 21.79 16.44 -11.32
C GLY A 29 21.36 17.75 -10.70
N ILE A 30 20.20 17.83 -10.08
CA ILE A 30 19.88 19.13 -9.46
C ILE A 30 20.75 19.28 -8.22
N SER A 31 20.98 18.17 -7.53
CA SER A 31 21.73 18.15 -6.29
C SER A 31 23.16 17.77 -6.57
N THR A 32 23.67 18.10 -7.75
CA THR A 32 25.11 18.15 -7.95
C THR A 32 25.66 19.41 -7.31
N PRO A 33 25.28 20.62 -7.81
CA PRO A 33 25.90 21.81 -7.24
C PRO A 33 25.83 21.94 -5.74
N SER A 34 24.93 21.23 -5.08
CA SER A 34 24.84 21.33 -3.63
C SER A 34 25.91 20.55 -2.91
N GLY A 35 26.63 19.65 -3.61
CA GLY A 35 27.78 18.89 -3.08
C GLY A 35 27.59 17.36 -2.97
N ILE A 36 26.41 16.87 -3.33
CA ILE A 36 26.02 15.51 -2.97
C ILE A 36 26.87 14.50 -3.69
N PRO A 37 27.83 13.91 -2.98
CA PRO A 37 28.82 13.08 -3.60
C PRO A 37 28.24 11.76 -3.99
N ASP A 38 28.68 11.26 -5.14
CA ASP A 38 28.27 9.98 -5.70
C ASP A 38 29.24 8.93 -5.25
N PHE A 39 28.70 7.78 -4.83
CA PHE A 39 29.51 6.70 -4.33
C PHE A 39 30.03 5.83 -5.45
N ARG A 40 29.49 6.05 -6.65
CA ARG A 40 30.14 5.56 -7.88
C ARG A 40 31.41 6.34 -8.30
N SER A 41 31.45 7.64 -8.04
CA SER A 41 32.59 8.50 -8.38
C SER A 41 33.62 8.56 -7.26
N PRO A 42 34.89 8.19 -7.55
CA PRO A 42 35.89 8.29 -6.47
C PRO A 42 36.29 9.71 -6.05
N GLY A 43 37.10 9.74 -4.98
CA GLY A 43 37.70 10.98 -4.47
C GLY A 43 36.72 11.86 -3.73
N SER A 44 36.17 11.33 -2.65
CA SER A 44 35.02 11.96 -1.93
C SER A 44 34.84 11.23 -0.61
N GLY A 45 34.68 11.97 0.49
CA GLY A 45 34.56 11.34 1.80
C GLY A 45 33.80 10.04 1.63
N LEU A 46 32.57 10.16 1.13
CA LEU A 46 31.67 9.01 1.03
C LEU A 46 32.25 7.84 0.21
N TYR A 47 32.91 8.12 -0.89
CA TYR A 47 33.40 7.01 -1.72
C TYR A 47 34.37 6.10 -0.96
N SER A 48 35.38 6.71 -0.35
CA SER A 48 36.39 5.95 0.39
C SER A 48 35.78 5.32 1.61
N ASN A 49 34.84 6.00 2.25
CA ASN A 49 34.23 5.47 3.44
C ASN A 49 33.52 4.18 3.13
N LEU A 50 32.92 4.09 1.96
CA LEU A 50 32.14 2.93 1.61
C LEU A 50 32.98 1.81 1.05
N GLN A 51 34.26 2.07 0.82
CA GLN A 51 35.17 1.01 0.40
C GLN A 51 35.69 0.16 1.56
N GLN A 52 35.78 0.70 2.79
CA GLN A 52 36.18 -0.11 3.97
C GLN A 52 35.30 -1.36 3.98
N TYR A 53 33.98 -1.14 3.85
CA TYR A 53 32.98 -2.21 3.78
C TYR A 53 33.14 -2.82 2.42
N ASP A 54 33.26 -4.14 2.36
CA ASP A 54 33.37 -4.78 1.07
C ASP A 54 31.97 -5.13 0.62
N LEU A 55 31.69 -4.82 -0.64
CA LEU A 55 30.32 -4.73 -1.09
C LEU A 55 30.20 -5.42 -2.42
N PRO A 56 29.45 -6.53 -2.44
CA PRO A 56 29.21 -7.30 -3.67
C PRO A 56 29.12 -6.45 -4.97
N TYR A 57 28.47 -5.30 -4.89
CA TYR A 57 28.27 -4.45 -6.04
C TYR A 57 27.52 -3.22 -5.55
N PRO A 58 27.67 -2.10 -6.25
CA PRO A 58 27.19 -0.88 -5.67
C PRO A 58 25.77 -1.00 -5.11
N GLU A 59 24.82 -1.63 -5.81
CA GLU A 59 23.39 -1.66 -5.37
C GLU A 59 23.09 -2.34 -4.04
N ALA A 60 23.88 -3.34 -3.67
CA ALA A 60 23.68 -4.01 -2.39
C ALA A 60 23.36 -2.99 -1.27
N ILE A 61 23.93 -1.80 -1.38
CA ILE A 61 23.66 -0.75 -0.40
C ILE A 61 22.16 -0.48 -0.17
N PHE A 62 21.35 -0.71 -1.20
CA PHE A 62 19.90 -0.51 -1.17
C PHE A 62 19.15 -1.84 -1.37
N GLU A 63 19.79 -2.96 -1.08
CA GLU A 63 19.09 -4.26 -1.05
C GLU A 63 18.90 -4.69 0.40
N LEU A 64 17.75 -5.30 0.69
CA LEU A 64 17.42 -5.70 2.05
C LEU A 64 18.26 -6.85 2.55
N PRO A 65 18.18 -8.00 1.88
CA PRO A 65 18.89 -9.15 2.37
C PRO A 65 20.32 -8.82 2.78
N PHE A 66 20.91 -7.84 2.13
CA PHE A 66 22.25 -7.43 2.43
C PHE A 66 22.18 -6.58 3.66
N PHE A 67 21.42 -5.50 3.59
CA PHE A 67 21.20 -4.63 4.76
C PHE A 67 21.18 -5.43 6.07
N PHE A 68 20.42 -6.52 6.12
CA PHE A 68 20.32 -7.37 7.31
C PHE A 68 21.59 -8.14 7.61
N HIS A 69 22.26 -8.63 6.58
CA HIS A 69 23.57 -9.21 6.75
C HIS A 69 24.57 -8.16 7.27
N ASN A 70 24.44 -6.91 6.84
CA ASN A 70 25.29 -5.83 7.35
C ASN A 70 24.83 -4.42 6.98
N PRO A 71 24.26 -3.65 7.93
CA PRO A 71 23.75 -2.33 7.56
C PRO A 71 24.83 -1.31 7.22
N LYS A 72 25.83 -1.19 8.09
CA LYS A 72 26.81 -0.09 8.05
C LYS A 72 27.04 0.64 6.71
N PRO A 73 27.32 -0.11 5.61
CA PRO A 73 27.37 0.53 4.31
C PRO A 73 26.20 1.47 4.08
N PHE A 74 24.96 0.98 4.23
CA PHE A 74 23.84 1.87 4.07
C PHE A 74 23.86 3.04 5.03
N PHE A 75 24.24 2.78 6.28
CA PHE A 75 24.22 3.82 7.31
C PHE A 75 25.31 4.87 7.14
N THR A 76 26.44 4.50 6.55
CA THR A 76 27.52 5.44 6.32
C THR A 76 27.02 6.51 5.39
N LEU A 77 26.18 6.07 4.46
CA LEU A 77 25.49 6.95 3.52
C LEU A 77 24.41 7.74 4.22
N ALA A 78 23.60 7.09 5.03
CA ALA A 78 22.59 7.81 5.75
C ALA A 78 23.26 8.93 6.51
N LYS A 79 24.17 8.60 7.39
CA LYS A 79 24.90 9.63 8.13
C LYS A 79 25.28 10.84 7.26
N GLU A 80 25.85 10.56 6.09
CA GLU A 80 26.41 11.56 5.17
C GLU A 80 25.36 12.51 4.57
N LEU A 81 24.18 12.00 4.29
CA LEU A 81 23.05 12.80 3.73
C LEU A 81 22.01 13.28 4.73
N TYR A 82 22.12 12.86 5.99
CA TYR A 82 21.10 13.15 7.00
C TYR A 82 20.86 14.66 6.98
N PRO A 83 19.58 15.07 7.10
CA PRO A 83 19.23 16.48 7.05
C PRO A 83 20.22 17.38 7.78
N GLY A 84 20.66 18.44 7.11
CA GLY A 84 21.41 19.49 7.76
C GLY A 84 22.90 19.36 7.62
N ASN A 85 23.35 18.74 6.53
CA ASN A 85 24.75 18.80 6.12
C ASN A 85 24.88 19.23 4.69
N TYR A 86 23.77 19.35 3.95
CA TYR A 86 23.83 19.85 2.57
C TYR A 86 22.74 20.88 2.28
N LYS A 87 23.16 22.13 2.06
CA LYS A 87 22.27 23.19 1.56
C LYS A 87 21.66 22.82 0.21
N PRO A 88 20.49 23.36 -0.13
CA PRO A 88 20.17 23.32 -1.55
C PRO A 88 20.81 24.48 -2.29
N ASN A 89 20.83 24.36 -3.61
CA ASN A 89 21.35 25.34 -4.54
C ASN A 89 20.27 25.99 -5.38
N VAL A 90 20.67 26.82 -6.33
CA VAL A 90 19.77 27.64 -7.11
C VAL A 90 18.74 26.84 -7.94
N THR A 91 19.10 25.63 -8.34
CA THR A 91 18.19 24.81 -9.09
C THR A 91 16.96 24.48 -8.26
N HIS A 92 17.16 24.23 -6.96
CA HIS A 92 16.06 23.88 -6.03
C HIS A 92 15.21 25.09 -5.73
N TYR A 93 15.88 26.22 -5.54
CA TYR A 93 15.23 27.48 -5.14
C TYR A 93 14.44 28.12 -6.27
N PHE A 94 14.59 27.66 -7.50
CA PHE A 94 13.72 28.10 -8.62
C PHE A 94 12.47 27.27 -8.48
N LEU A 95 12.64 25.97 -8.48
CA LEU A 95 11.52 25.08 -8.23
C LEU A 95 10.59 25.62 -7.12
N ARG A 96 11.17 26.08 -6.03
CA ARG A 96 10.41 26.70 -4.94
C ARG A 96 9.74 27.99 -5.35
N LEU A 97 10.44 28.80 -6.13
CA LEU A 97 9.86 30.03 -6.64
C LEU A 97 8.75 29.70 -7.58
N LEU A 98 9.00 28.71 -8.43
CA LEU A 98 7.96 28.21 -9.30
C LEU A 98 6.69 27.93 -8.47
N HIS A 99 6.90 27.44 -7.26
CA HIS A 99 5.81 27.12 -6.38
C HIS A 99 5.03 28.30 -5.85
N ASP A 100 5.73 29.31 -5.38
CA ASP A 100 5.08 30.45 -4.78
C ASP A 100 4.34 31.25 -5.82
N LYS A 101 4.67 31.04 -7.09
CA LYS A 101 4.00 31.72 -8.19
C LYS A 101 2.73 30.99 -8.63
N GLY A 102 2.34 29.96 -7.87
CA GLY A 102 1.10 29.22 -8.09
C GLY A 102 1.14 28.19 -9.21
N LEU A 103 2.34 27.83 -9.63
CA LEU A 103 2.54 27.10 -10.87
C LEU A 103 2.94 25.65 -10.72
N LEU A 104 3.43 25.26 -9.56
CA LEU A 104 3.99 23.94 -9.38
C LEU A 104 2.90 23.00 -9.02
N LEU A 105 2.51 22.15 -9.96
CA LEU A 105 1.46 21.17 -9.70
C LEU A 105 1.97 20.09 -8.78
N ARG A 106 3.19 19.66 -9.04
CA ARG A 106 3.83 18.63 -8.28
C ARG A 106 5.26 18.50 -8.72
N LEU A 107 6.11 18.08 -7.80
CA LEU A 107 7.50 17.86 -8.11
C LEU A 107 7.89 16.43 -7.73
N TYR A 108 8.21 15.58 -8.71
CA TYR A 108 8.59 14.19 -8.45
C TYR A 108 10.08 14.09 -8.38
N THR A 109 10.63 13.38 -7.42
CA THR A 109 12.07 13.27 -7.34
C THR A 109 12.53 11.86 -7.01
N GLN A 110 13.58 11.43 -7.72
CA GLN A 110 14.31 10.20 -7.48
C GLN A 110 15.45 10.48 -6.54
N ASN A 111 15.71 11.74 -6.25
CA ASN A 111 16.69 12.08 -5.21
C ASN A 111 16.27 11.68 -3.79
N ILE A 112 17.21 11.15 -2.99
CA ILE A 112 16.99 11.00 -1.53
C ILE A 112 17.76 11.97 -0.64
N ASP A 113 17.89 13.23 -1.04
CA ASP A 113 18.62 14.22 -0.24
C ASP A 113 17.70 15.16 0.50
N GLY A 114 16.45 15.22 0.07
CA GLY A 114 15.43 16.04 0.76
C GLY A 114 15.77 17.51 0.68
N LEU A 115 16.60 17.84 -0.30
CA LEU A 115 16.94 19.19 -0.59
C LEU A 115 15.75 19.96 -1.12
N GLU A 116 14.72 19.25 -1.58
CA GLU A 116 13.52 19.91 -2.05
C GLU A 116 12.77 20.49 -0.86
N ARG A 117 12.61 19.70 0.20
CA ARG A 117 11.89 20.13 1.43
C ARG A 117 12.61 21.30 2.06
N VAL A 118 13.90 21.12 2.27
CA VAL A 118 14.72 22.13 2.91
C VAL A 118 14.81 23.38 2.05
N SER A 119 14.47 23.27 0.77
CA SER A 119 14.39 24.47 -0.08
C SER A 119 13.10 25.18 0.20
N GLY A 120 12.22 24.56 0.97
CA GLY A 120 10.99 25.21 1.40
C GLY A 120 9.74 24.80 0.61
N ILE A 121 9.85 23.73 -0.17
CA ILE A 121 8.70 23.20 -0.87
C ILE A 121 7.89 22.34 0.11
N PRO A 122 6.56 22.60 0.20
CA PRO A 122 5.76 21.82 1.12
C PRO A 122 5.60 20.43 0.57
N ALA A 123 5.44 19.46 1.48
CA ALA A 123 5.49 18.07 1.05
C ALA A 123 4.21 17.71 0.36
N SER A 124 3.15 18.50 0.57
CA SER A 124 1.98 18.38 -0.28
C SER A 124 2.38 18.41 -1.77
N LYS A 125 3.43 19.14 -2.14
CA LYS A 125 3.82 19.24 -3.54
C LYS A 125 4.83 18.17 -3.96
N LEU A 126 5.62 17.67 -3.02
CA LEU A 126 6.64 16.68 -3.37
C LEU A 126 6.12 15.27 -3.53
N VAL A 127 6.84 14.46 -4.29
CA VAL A 127 6.64 13.02 -4.27
C VAL A 127 8.04 12.45 -4.32
N GLU A 128 8.53 12.07 -3.16
CA GLU A 128 9.89 11.64 -3.03
C GLU A 128 9.82 10.16 -3.35
N ALA A 129 9.99 9.86 -4.64
CA ALA A 129 9.72 8.52 -5.17
C ALA A 129 10.67 7.42 -4.72
N HIS A 130 11.86 7.79 -4.24
CA HIS A 130 12.80 6.81 -3.70
C HIS A 130 12.99 6.97 -2.20
N GLY A 131 12.12 7.76 -1.59
CA GLY A 131 12.00 7.77 -0.15
C GLY A 131 12.60 8.99 0.49
N THR A 132 12.56 8.98 1.81
CA THR A 132 12.93 10.13 2.56
C THR A 132 13.77 9.59 3.64
N PHE A 133 14.59 10.44 4.23
CA PHE A 133 15.32 10.12 5.45
C PHE A 133 14.58 10.61 6.71
N ALA A 134 13.61 11.49 6.49
CA ALA A 134 12.88 12.12 7.58
C ALA A 134 11.97 11.21 8.34
N SER A 135 11.94 9.92 8.03
CA SER A 135 11.29 8.95 8.88
C SER A 135 12.05 7.63 8.85
N ALA A 136 11.56 6.64 9.61
CA ALA A 136 12.18 5.33 9.70
C ALA A 136 11.18 4.26 10.17
N THR A 137 11.60 3.01 10.37
CA THR A 137 10.65 1.89 10.61
C THR A 137 11.30 0.56 11.11
N CYS A 138 11.10 0.16 12.37
CA CYS A 138 11.73 -1.09 12.86
C CYS A 138 11.43 -2.13 11.86
N THR A 139 12.50 -2.78 11.43
CA THR A 139 12.43 -3.77 10.39
C THR A 139 11.62 -5.00 10.79
N VAL A 140 11.00 -4.99 11.98
CA VAL A 140 10.23 -6.15 12.51
C VAL A 140 8.94 -5.67 13.20
N CYS A 141 9.11 -5.11 14.40
CA CYS A 141 8.05 -4.73 15.35
C CYS A 141 7.40 -3.40 14.86
N GLN A 142 7.72 -3.04 13.62
CA GLN A 142 6.89 -2.27 12.67
C GLN A 142 6.67 -0.74 12.77
N ARG A 143 7.09 -0.12 13.86
CA ARG A 143 6.67 1.23 14.19
C ARG A 143 7.28 2.29 13.32
N PRO A 144 6.50 3.32 12.93
CA PRO A 144 7.05 4.59 12.46
C PRO A 144 7.87 5.34 13.50
N PHE A 145 9.01 5.87 13.08
CA PHE A 145 9.82 6.76 13.89
C PHE A 145 10.16 7.99 13.07
N PRO A 146 9.94 9.18 13.62
CA PRO A 146 10.49 10.39 13.03
C PRO A 146 11.99 10.28 12.84
N GLY A 147 12.54 11.20 12.06
CA GLY A 147 13.94 11.17 11.67
C GLY A 147 14.92 11.45 12.78
N GLU A 148 14.63 12.40 13.66
CA GLU A 148 15.62 12.84 14.66
C GLU A 148 15.72 11.81 15.73
N ASP A 149 14.64 11.05 15.88
CA ASP A 149 14.62 10.00 16.89
C ASP A 149 15.87 9.08 16.81
N ILE A 150 16.44 8.91 15.62
CA ILE A 150 17.60 8.03 15.47
C ILE A 150 18.90 8.78 15.14
N ARG A 151 18.78 9.89 14.43
CA ARG A 151 19.91 10.80 14.17
C ARG A 151 20.99 10.74 15.27
N ALA A 152 20.57 10.92 16.51
CA ALA A 152 21.48 10.84 17.63
C ALA A 152 22.52 9.71 17.47
N ASP A 153 22.04 8.50 17.19
CA ASP A 153 22.91 7.36 16.92
C ASP A 153 23.61 7.53 15.57
N VAL A 154 22.85 7.81 14.53
CA VAL A 154 23.39 7.86 13.18
C VAL A 154 24.66 8.70 13.03
N MET A 155 24.69 9.85 13.69
CA MET A 155 25.86 10.71 13.62
C MET A 155 26.99 10.06 14.38
N ALA A 156 26.68 9.43 15.51
CA ALA A 156 27.70 8.75 16.37
C ALA A 156 28.04 7.31 15.95
N ASP A 157 27.68 6.96 14.71
CA ASP A 157 28.07 5.73 14.01
C ASP A 157 27.40 4.45 14.50
N ARG A 158 26.40 4.56 15.36
CA ARG A 158 25.75 3.38 15.88
C ARG A 158 24.51 3.09 15.06
N VAL A 159 24.11 1.83 15.00
CA VAL A 159 23.00 1.38 14.16
C VAL A 159 21.76 1.19 15.02
N PRO A 160 20.76 2.11 14.92
CA PRO A 160 19.67 2.26 15.91
C PRO A 160 18.71 1.07 16.01
N ARG A 161 18.08 0.86 17.18
CA ARG A 161 17.09 -0.23 17.37
C ARG A 161 15.70 0.27 17.90
N CYS A 162 14.57 -0.45 17.69
CA CYS A 162 13.24 -0.02 18.29
C CYS A 162 13.32 -0.18 19.78
N PRO A 163 12.81 0.79 20.52
CA PRO A 163 12.67 0.53 21.95
C PRO A 163 11.55 -0.49 22.29
N VAL A 164 11.45 -1.58 21.51
CA VAL A 164 10.43 -2.60 21.70
C VAL A 164 10.95 -3.95 21.17
N CYS A 165 11.09 -4.08 19.85
CA CYS A 165 11.79 -5.18 19.15
C CYS A 165 13.29 -5.26 19.45
N THR A 166 13.92 -4.14 19.78
CA THR A 166 15.34 -3.95 19.52
C THR A 166 15.72 -4.38 18.08
N GLY A 167 14.79 -4.21 17.14
CA GLY A 167 15.04 -4.58 15.77
C GLY A 167 15.56 -3.35 15.06
N VAL A 168 16.30 -3.56 13.99
CA VAL A 168 17.04 -2.47 13.38
C VAL A 168 16.08 -1.51 12.71
N VAL A 169 16.06 -0.27 13.19
CA VAL A 169 15.26 0.81 12.61
C VAL A 169 15.87 1.23 11.29
N LYS A 170 15.07 1.28 10.23
CA LYS A 170 15.57 1.61 8.88
C LYS A 170 14.90 2.82 8.29
N PRO A 171 15.69 3.84 7.97
CA PRO A 171 15.16 4.97 7.23
C PRO A 171 14.33 4.60 6.01
N ASP A 172 13.41 5.49 5.65
CA ASP A 172 12.37 5.16 4.69
C ASP A 172 12.82 5.44 3.27
N ILE A 173 14.05 5.03 3.00
CA ILE A 173 14.57 4.91 1.65
C ILE A 173 14.02 3.62 1.03
N VAL A 174 13.55 3.69 -0.20
CA VAL A 174 12.92 2.53 -0.80
C VAL A 174 14.02 1.64 -1.23
N PHE A 175 13.97 0.36 -0.90
CA PHE A 175 15.02 -0.56 -1.36
C PHE A 175 14.50 -1.34 -2.53
N PHE A 176 15.41 -2.10 -3.15
CA PHE A 176 15.02 -2.94 -4.26
C PHE A 176 14.00 -3.91 -3.72
N GLY A 177 13.20 -4.45 -4.64
CA GLY A 177 12.24 -5.48 -4.28
C GLY A 177 10.96 -4.96 -3.67
N GLU A 178 10.97 -3.69 -3.24
CA GLU A 178 9.78 -3.05 -2.66
C GLU A 178 9.22 -2.21 -3.75
N PRO A 179 7.94 -1.89 -3.59
CA PRO A 179 7.21 -1.03 -4.53
C PRO A 179 7.21 0.39 -4.00
N LEU A 180 6.90 1.32 -4.89
CA LEU A 180 7.18 2.69 -4.58
C LEU A 180 6.27 3.21 -3.47
N PRO A 181 6.70 4.26 -2.79
CA PRO A 181 5.82 4.87 -1.86
C PRO A 181 4.42 4.93 -2.40
N GLN A 182 3.44 4.72 -1.53
CA GLN A 182 1.98 4.89 -1.86
C GLN A 182 1.78 6.20 -2.63
N ARG A 183 2.40 7.26 -2.12
CA ARG A 183 2.27 8.63 -2.64
C ARG A 183 2.37 8.79 -4.17
N PHE A 184 3.08 7.84 -4.75
CA PHE A 184 3.30 7.78 -6.16
C PHE A 184 2.03 7.51 -6.93
N LEU A 185 0.91 7.26 -6.25
CA LEU A 185 -0.37 7.06 -6.91
C LEU A 185 -0.86 8.28 -7.68
N LEU A 186 -0.22 9.42 -7.49
CA LEU A 186 -0.58 10.58 -8.24
C LEU A 186 0.03 10.56 -9.66
N HIS A 187 1.18 9.84 -9.85
CA HIS A 187 1.54 9.05 -11.10
C HIS A 187 0.38 9.55 -11.95
N VAL A 188 -0.84 9.08 -11.62
CA VAL A 188 -1.99 9.06 -12.48
C VAL A 188 -2.72 10.34 -12.70
N VAL A 189 -2.85 11.22 -11.71
CA VAL A 189 -3.67 12.41 -11.93
C VAL A 189 -2.76 13.52 -12.41
N ASP A 190 -1.73 13.80 -11.64
CA ASP A 190 -0.71 14.81 -12.05
C ASP A 190 -0.35 14.82 -13.56
N PHE A 191 0.04 13.69 -14.12
CA PHE A 191 0.50 13.69 -15.49
C PHE A 191 -0.49 14.13 -16.57
N PRO A 192 -1.68 13.54 -16.61
CA PRO A 192 -2.76 14.09 -17.42
C PRO A 192 -3.16 15.54 -17.11
N MET A 193 -2.98 15.95 -15.86
CA MET A 193 -3.39 17.28 -15.42
C MET A 193 -2.31 18.29 -15.75
N ALA A 194 -1.17 17.81 -16.23
CA ALA A 194 -0.03 18.68 -16.49
C ALA A 194 -0.16 19.28 -17.83
N ASP A 195 0.29 20.53 -17.92
CA ASP A 195 0.30 21.27 -19.19
C ASP A 195 1.69 21.83 -19.57
N LEU A 196 2.67 21.56 -18.71
CA LEU A 196 4.09 21.69 -19.02
C LEU A 196 4.88 20.75 -18.11
N LEU A 197 5.69 19.89 -18.72
CA LEU A 197 6.53 18.98 -17.98
C LEU A 197 7.94 19.55 -18.02
N LEU A 198 8.62 19.51 -16.89
CA LEU A 198 9.94 20.11 -16.71
C LEU A 198 10.96 19.10 -16.13
N ILE A 199 11.87 18.64 -16.97
CA ILE A 199 12.73 17.51 -16.63
C ILE A 199 14.12 18.02 -16.36
N LEU A 200 14.60 18.06 -15.12
CA LEU A 200 15.97 18.55 -14.86
C LEU A 200 16.80 17.56 -14.08
N GLY A 201 18.05 17.40 -14.50
CA GLY A 201 19.07 16.66 -13.78
C GLY A 201 18.78 15.19 -13.61
N THR A 202 18.12 14.62 -14.60
CA THR A 202 17.76 13.22 -14.54
C THR A 202 18.22 12.58 -15.83
N SER A 203 18.59 11.32 -15.78
CA SER A 203 19.04 10.57 -16.94
C SER A 203 17.88 9.74 -17.43
N LEU A 204 16.70 9.95 -16.84
CA LEU A 204 15.51 9.19 -17.15
C LEU A 204 15.76 7.69 -17.22
N GLU A 205 16.66 7.20 -16.39
CA GLU A 205 17.14 5.85 -16.60
C GLU A 205 16.45 4.86 -15.72
N VAL A 206 16.14 5.29 -14.52
CA VAL A 206 15.46 4.43 -13.55
C VAL A 206 13.93 4.51 -13.70
N GLU A 207 13.27 3.37 -13.42
CA GLU A 207 11.83 3.29 -13.62
C GLU A 207 11.13 3.70 -12.34
N PRO A 208 9.99 4.35 -12.49
CA PRO A 208 9.20 4.54 -13.72
C PRO A 208 9.37 5.87 -14.46
N PHE A 209 10.26 6.74 -14.01
CA PHE A 209 10.62 8.00 -14.71
C PHE A 209 10.84 7.91 -16.22
N ALA A 210 11.39 6.81 -16.68
CA ALA A 210 11.49 6.62 -18.13
C ALA A 210 10.10 6.76 -18.75
N SER A 211 9.16 6.09 -18.10
CA SER A 211 7.80 5.87 -18.60
C SER A 211 6.96 7.12 -18.41
N LEU A 212 7.07 7.73 -17.25
CA LEU A 212 6.32 8.89 -16.89
C LEU A 212 6.50 10.04 -17.83
N THR A 213 7.55 10.09 -18.61
CA THR A 213 7.70 11.22 -19.50
C THR A 213 6.72 11.13 -20.65
N GLU A 214 6.34 9.91 -21.03
CA GLU A 214 5.43 9.69 -22.17
C GLU A 214 3.98 9.75 -21.74
N ALA A 215 3.74 10.19 -20.49
CA ALA A 215 2.43 10.22 -19.86
C ALA A 215 1.72 11.48 -20.19
N VAL A 216 2.38 12.61 -20.01
CA VAL A 216 1.73 13.87 -20.30
C VAL A 216 1.14 13.80 -21.69
N ARG A 217 0.05 14.54 -21.90
CA ARG A 217 -0.67 14.48 -23.16
C ARG A 217 0.23 14.78 -24.36
N SER A 218 -0.23 14.31 -25.53
CA SER A 218 0.48 14.48 -26.81
C SER A 218 1.10 15.86 -27.09
N SER A 219 0.35 16.92 -26.78
CA SER A 219 0.70 18.29 -27.18
C SER A 219 1.37 19.09 -26.07
N VAL A 220 1.73 18.42 -24.98
CA VAL A 220 2.38 19.09 -23.87
C VAL A 220 3.90 19.16 -24.08
N PRO A 221 4.46 20.37 -23.91
CA PRO A 221 5.86 20.53 -24.13
C PRO A 221 6.66 19.99 -22.95
N ARG A 222 7.83 19.44 -23.27
CA ARG A 222 8.72 18.88 -22.30
C ARG A 222 10.04 19.67 -22.34
N LEU A 223 10.27 20.52 -21.33
CA LEU A 223 11.50 21.26 -21.26
C LEU A 223 12.48 20.49 -20.44
N LEU A 224 13.39 19.81 -21.16
CA LEU A 224 14.62 19.19 -20.63
C LEU A 224 15.75 20.16 -20.41
N ILE A 225 16.27 20.15 -19.20
CA ILE A 225 17.42 20.93 -18.84
C ILE A 225 18.38 19.95 -18.22
N ASN A 226 19.43 19.60 -18.94
CA ASN A 226 20.34 18.51 -18.57
C ASN A 226 21.73 18.62 -19.26
N ARG A 227 22.71 17.85 -18.80
CA ARG A 227 24.01 17.83 -19.48
C ARG A 227 23.84 17.32 -20.87
N ASP A 228 22.87 16.45 -21.05
CA ASP A 228 22.61 15.92 -22.37
C ASP A 228 21.15 15.44 -22.55
N LEU A 229 20.86 14.99 -23.76
CA LEU A 229 19.52 14.64 -24.16
C LEU A 229 19.38 13.16 -23.88
N VAL A 230 18.32 12.79 -23.20
CA VAL A 230 18.24 11.47 -22.65
C VAL A 230 16.85 10.88 -22.67
N GLY A 231 16.84 9.57 -22.56
CA GLY A 231 15.62 8.82 -22.39
C GLY A 231 14.81 8.82 -23.66
N PRO A 232 13.50 9.02 -23.51
CA PRO A 232 12.62 9.13 -24.67
C PRO A 232 12.70 10.49 -25.39
N LEU A 233 13.18 11.53 -24.72
CA LEU A 233 13.31 12.80 -25.40
C LEU A 233 14.34 12.66 -26.49
N ALA A 234 15.29 11.75 -26.26
CA ALA A 234 16.27 11.30 -27.23
C ALA A 234 15.69 10.25 -28.17
N TRP A 235 15.21 9.14 -27.64
CA TRP A 235 14.88 7.96 -28.47
C TRP A 235 13.58 8.08 -29.35
N HIS A 236 12.83 9.19 -29.26
CA HIS A 236 11.70 9.51 -30.21
C HIS A 236 10.87 10.74 -29.76
N PRO A 237 11.40 11.94 -29.98
CA PRO A 237 10.94 13.15 -29.30
C PRO A 237 9.63 13.71 -29.85
N ARG A 238 9.07 14.71 -29.18
CA ARG A 238 7.82 15.33 -29.61
C ARG A 238 8.07 16.74 -30.07
N SER A 239 7.27 17.23 -31.01
CA SER A 239 7.49 18.53 -31.62
C SER A 239 7.60 19.62 -30.57
N ARG A 240 6.75 19.55 -29.56
CA ARG A 240 6.75 20.52 -28.48
C ARG A 240 7.86 20.34 -27.38
N ASP A 241 8.76 19.36 -27.53
CA ASP A 241 10.02 19.27 -26.73
C ASP A 241 11.00 20.39 -27.03
N VAL A 242 11.66 20.89 -25.98
CA VAL A 242 12.69 21.91 -26.09
C VAL A 242 13.79 21.52 -25.12
N ALA A 243 14.99 21.25 -25.63
CA ALA A 243 16.14 20.91 -24.78
C ALA A 243 17.04 22.13 -24.52
N GLN A 244 17.64 22.11 -23.34
CA GLN A 244 18.52 23.18 -22.88
C GLN A 244 19.72 22.53 -22.22
N LEU A 245 20.58 22.02 -23.07
CA LEU A 245 21.64 21.22 -22.60
C LEU A 245 22.64 22.15 -21.97
N GLY A 246 23.46 21.57 -21.09
CA GLY A 246 24.47 22.32 -20.37
C GLY A 246 24.29 22.16 -18.89
N ASP A 247 25.14 22.85 -18.14
CA ASP A 247 25.11 22.80 -16.71
C ASP A 247 23.75 23.20 -16.35
N VAL A 248 23.26 22.52 -15.33
CA VAL A 248 21.89 22.64 -14.94
C VAL A 248 21.64 23.99 -14.36
N VAL A 249 22.67 24.65 -13.89
CA VAL A 249 22.48 25.97 -13.36
C VAL A 249 22.46 27.03 -14.47
N HIS A 250 23.36 26.91 -15.45
CA HIS A 250 23.41 27.89 -16.52
C HIS A 250 22.28 27.63 -17.44
N GLY A 251 21.65 26.46 -17.28
CA GLY A 251 20.34 26.21 -17.85
C GLY A 251 19.33 27.07 -17.11
N VAL A 252 19.24 26.84 -15.80
CA VAL A 252 18.18 27.40 -14.96
C VAL A 252 18.21 28.91 -14.90
N GLU A 253 19.39 29.49 -14.71
CA GLU A 253 19.48 30.95 -14.61
C GLU A 253 19.19 31.59 -15.96
N SER A 254 19.40 30.84 -17.05
CA SER A 254 19.04 31.36 -18.38
C SER A 254 17.53 31.53 -18.40
N LEU A 255 16.79 30.45 -18.23
CA LEU A 255 15.32 30.53 -18.15
C LEU A 255 14.88 31.65 -17.21
N VAL A 256 15.34 31.59 -15.97
CA VAL A 256 15.01 32.61 -14.97
C VAL A 256 14.98 34.04 -15.57
N GLU A 257 16.02 34.41 -16.33
CA GLU A 257 16.00 35.71 -17.04
C GLU A 257 14.88 35.78 -18.07
N LEU A 258 14.85 34.86 -19.03
CA LEU A 258 13.83 34.87 -20.09
C LEU A 258 12.42 35.17 -19.56
N LEU A 259 12.17 34.82 -18.31
CA LEU A 259 10.85 34.98 -17.73
C LEU A 259 10.70 36.32 -17.03
N GLY A 260 11.75 36.70 -16.31
CA GLY A 260 11.77 37.96 -15.59
C GLY A 260 12.38 37.89 -14.20
N TRP A 261 12.55 36.69 -13.65
CA TRP A 261 12.67 36.57 -12.21
C TRP A 261 14.08 36.62 -11.64
N THR A 262 15.07 37.03 -12.45
CA THR A 262 16.48 37.10 -11.98
C THR A 262 16.55 37.80 -10.59
N GLU A 263 15.87 38.94 -10.54
CA GLU A 263 15.73 39.75 -9.33
C GLU A 263 15.12 38.90 -8.21
N GLU A 264 13.85 38.56 -8.37
CA GLU A 264 13.06 37.86 -7.36
C GLU A 264 13.72 36.57 -6.87
N MET A 265 14.47 35.94 -7.77
CA MET A 265 15.28 34.78 -7.44
C MET A 265 16.36 35.14 -6.44
N ARG A 266 17.07 36.23 -6.70
CA ARG A 266 18.15 36.64 -5.81
C ARG A 266 17.59 36.97 -4.44
N ASP A 267 16.52 37.76 -4.42
CA ASP A 267 15.81 38.11 -3.20
C ASP A 267 15.54 36.87 -2.36
N LEU A 268 14.89 35.89 -2.98
CA LEU A 268 14.54 34.64 -2.31
C LEU A 268 15.77 33.89 -1.77
N VAL A 269 16.80 33.78 -2.61
CA VAL A 269 18.03 33.12 -2.17
C VAL A 269 18.65 33.88 -0.99
N GLN A 270 18.37 35.18 -0.87
CA GLN A 270 18.87 35.91 0.27
C GLN A 270 18.15 35.53 1.55
N ARG A 271 16.82 35.60 1.54
CA ARG A 271 16.07 35.22 2.73
C ARG A 271 16.48 33.83 3.13
N GLU A 272 16.59 32.94 2.15
CA GLU A 272 16.73 31.52 2.45
C GLU A 272 18.10 31.05 2.89
N THR A 273 19.17 31.74 2.49
CA THR A 273 20.52 31.39 2.95
C THR A 273 21.07 32.40 3.99
N GLY A 274 20.17 33.28 4.48
CA GLY A 274 20.36 33.98 5.75
C GLY A 274 19.85 33.11 6.91
N LYS A 275 18.84 32.29 6.62
CA LYS A 275 18.33 31.27 7.53
C LYS A 275 19.12 29.93 7.49
N LEU A 276 20.20 29.86 6.68
CA LEU A 276 21.10 28.68 6.58
C LEU A 276 22.56 29.10 6.77
N LYS B 4 13.94 -20.15 -3.00
CA LYS B 4 13.90 -20.03 -4.50
C LYS B 4 12.75 -20.84 -5.10
N LEU B 5 11.82 -20.18 -5.80
CA LEU B 5 10.56 -20.84 -6.26
C LEU B 5 10.62 -21.65 -7.56
N SER B 6 9.49 -22.28 -7.92
CA SER B 6 9.46 -23.26 -9.03
C SER B 6 8.08 -23.34 -9.69
N LEU B 7 8.00 -24.08 -10.79
CA LEU B 7 6.79 -24.11 -11.59
C LEU B 7 5.79 -24.93 -10.81
N GLN B 8 6.24 -26.11 -10.40
CA GLN B 8 5.50 -26.96 -9.48
C GLN B 8 4.93 -26.11 -8.34
N ASP B 9 5.75 -25.24 -7.76
CA ASP B 9 5.26 -24.40 -6.67
C ASP B 9 4.06 -23.54 -7.11
N VAL B 10 4.26 -22.79 -8.20
CA VAL B 10 3.23 -21.87 -8.69
C VAL B 10 2.00 -22.63 -9.13
N ALA B 11 2.18 -23.79 -9.76
CA ALA B 11 1.02 -24.61 -10.04
C ALA B 11 0.22 -24.69 -8.74
N GLU B 12 0.91 -25.06 -7.67
CA GLU B 12 0.27 -25.40 -6.41
C GLU B 12 -0.58 -24.29 -5.89
N LEU B 13 -0.12 -23.06 -6.06
CA LEU B 13 -0.81 -21.94 -5.44
C LEU B 13 -2.12 -21.67 -6.16
N ILE B 14 -2.16 -21.98 -7.45
CA ILE B 14 -3.34 -21.78 -8.27
C ILE B 14 -4.36 -22.88 -7.89
N ARG B 15 -3.80 -24.04 -7.56
CA ARG B 15 -4.59 -25.19 -7.10
C ARG B 15 -5.13 -24.89 -5.71
N ALA B 16 -4.24 -24.70 -4.73
CA ALA B 16 -4.62 -24.29 -3.37
C ALA B 16 -5.76 -23.25 -3.39
N ARG B 17 -5.74 -22.41 -4.41
CA ARG B 17 -6.66 -21.28 -4.55
C ARG B 17 -6.08 -20.03 -3.86
N ALA B 18 -4.79 -20.13 -3.47
CA ALA B 18 -3.98 -19.01 -2.96
C ALA B 18 -3.49 -18.05 -4.08
N CYS B 19 -3.85 -18.34 -5.33
CA CYS B 19 -3.75 -17.34 -6.38
C CYS B 19 -5.06 -17.36 -7.10
N GLN B 20 -5.84 -16.28 -6.89
CA GLN B 20 -7.12 -16.11 -7.57
C GLN B 20 -7.14 -14.85 -8.40
N ARG B 21 -6.35 -13.88 -7.99
CA ARG B 21 -6.31 -12.63 -8.67
C ARG B 21 -5.04 -12.53 -9.51
N VAL B 22 -5.06 -13.14 -10.70
CA VAL B 22 -3.86 -13.17 -11.59
C VAL B 22 -3.91 -12.18 -12.75
N VAL B 23 -2.81 -11.44 -12.87
CA VAL B 23 -2.60 -10.44 -13.90
C VAL B 23 -1.54 -10.93 -14.87
N VAL B 24 -1.84 -10.78 -16.15
CA VAL B 24 -1.10 -11.38 -17.23
C VAL B 24 -0.64 -10.27 -18.17
N MET B 25 0.65 -10.24 -18.43
CA MET B 25 1.26 -9.34 -19.42
C MET B 25 1.78 -10.16 -20.58
N VAL B 26 1.28 -9.90 -21.79
CA VAL B 26 1.79 -10.62 -22.97
C VAL B 26 2.31 -9.71 -24.09
N GLY B 27 3.28 -10.24 -24.83
CA GLY B 27 3.97 -9.51 -25.90
C GLY B 27 3.94 -10.26 -27.21
N ALA B 28 4.94 -10.00 -28.04
CA ALA B 28 4.83 -10.45 -29.40
C ALA B 28 4.98 -11.94 -29.54
N GLY B 29 5.59 -12.55 -28.55
CA GLY B 29 5.89 -13.95 -28.59
C GLY B 29 4.72 -14.88 -28.36
N ILE B 30 3.65 -14.41 -27.77
CA ILE B 30 2.52 -15.32 -27.60
C ILE B 30 1.79 -15.52 -28.92
N SER B 31 1.94 -14.56 -29.82
CA SER B 31 1.27 -14.59 -31.11
C SER B 31 2.20 -15.11 -32.20
N THR B 32 3.49 -15.26 -31.91
CA THR B 32 4.42 -16.03 -32.77
C THR B 32 3.87 -17.33 -33.32
N PRO B 33 3.52 -18.29 -32.44
CA PRO B 33 3.05 -19.54 -33.03
C PRO B 33 1.75 -19.44 -33.81
N SER B 34 1.10 -18.29 -33.81
CA SER B 34 -0.07 -18.12 -34.63
C SER B 34 0.31 -17.73 -36.05
N GLY B 35 1.58 -17.42 -36.28
CA GLY B 35 2.09 -17.06 -37.62
C GLY B 35 2.30 -15.56 -37.86
N ILE B 36 1.97 -14.73 -36.88
CA ILE B 36 2.07 -13.29 -37.09
C ILE B 36 3.49 -13.02 -37.54
N PRO B 37 3.69 -12.25 -38.61
CA PRO B 37 5.00 -11.98 -39.10
C PRO B 37 5.58 -10.62 -38.75
N ASP B 38 6.77 -10.62 -38.18
CA ASP B 38 7.56 -9.42 -37.91
C ASP B 38 8.18 -8.84 -39.18
N PHE B 39 8.00 -7.54 -39.35
CA PHE B 39 8.49 -6.82 -40.52
C PHE B 39 9.94 -6.49 -40.36
N ARG B 40 10.47 -6.74 -39.16
CA ARG B 40 11.93 -6.74 -38.94
C ARG B 40 12.64 -8.03 -39.35
N SER B 41 11.89 -9.13 -39.52
CA SER B 41 12.43 -10.39 -40.06
C SER B 41 12.12 -10.55 -41.52
N PRO B 42 13.13 -10.58 -42.40
CA PRO B 42 12.81 -11.02 -43.77
C PRO B 42 12.11 -12.38 -43.84
N GLY B 43 11.62 -12.71 -45.03
CA GLY B 43 10.94 -13.98 -45.29
C GLY B 43 9.44 -13.82 -45.44
N SER B 44 8.83 -13.14 -44.48
CA SER B 44 7.39 -12.89 -44.46
C SER B 44 6.91 -12.22 -45.75
N GLY B 45 5.63 -12.38 -46.06
CA GLY B 45 5.02 -11.63 -47.16
C GLY B 45 5.05 -10.15 -46.81
N LEU B 46 4.43 -9.81 -45.67
CA LEU B 46 4.47 -8.46 -45.10
C LEU B 46 5.85 -7.80 -45.21
N TYR B 47 6.92 -8.55 -44.98
CA TYR B 47 8.26 -7.97 -45.07
C TYR B 47 8.53 -7.36 -46.42
N SER B 48 8.31 -8.17 -47.47
CA SER B 48 8.59 -7.71 -48.84
C SER B 48 7.54 -6.68 -49.23
N ASN B 49 6.29 -6.93 -48.84
CA ASN B 49 5.25 -5.95 -49.07
C ASN B 49 5.67 -4.57 -48.58
N LEU B 50 6.45 -4.48 -47.50
CA LEU B 50 6.81 -3.17 -46.97
C LEU B 50 8.13 -2.61 -47.54
N GLN B 51 8.96 -3.41 -48.20
CA GLN B 51 10.12 -2.85 -48.91
C GLN B 51 9.66 -2.03 -50.12
N GLN B 52 8.61 -2.49 -50.81
CA GLN B 52 8.00 -1.71 -51.89
C GLN B 52 8.05 -0.24 -51.44
N TYR B 53 7.46 0.06 -50.28
CA TYR B 53 7.39 1.42 -49.71
C TYR B 53 8.75 1.76 -49.16
N ASP B 54 9.16 3.02 -49.26
CA ASP B 54 10.47 3.40 -48.67
C ASP B 54 10.28 4.27 -47.42
N LEU B 55 10.89 3.77 -46.35
CA LEU B 55 10.51 4.09 -44.98
C LEU B 55 11.78 4.44 -44.24
N PRO B 56 11.92 5.69 -43.81
CA PRO B 56 13.13 6.15 -43.10
C PRO B 56 13.71 5.12 -42.10
N TYR B 57 12.84 4.62 -41.23
CA TYR B 57 13.20 3.59 -40.27
C TYR B 57 11.97 2.74 -40.16
N PRO B 58 12.08 1.54 -39.56
CA PRO B 58 10.82 0.82 -39.41
C PRO B 58 9.80 1.67 -38.65
N GLU B 59 10.17 2.22 -37.49
CA GLU B 59 9.22 2.82 -36.52
C GLU B 59 8.28 3.89 -37.12
N ALA B 60 8.69 4.54 -38.22
CA ALA B 60 7.85 5.55 -38.90
C ALA B 60 6.46 5.00 -39.23
N ILE B 61 6.40 3.74 -39.63
CA ILE B 61 5.13 3.10 -39.90
C ILE B 61 4.00 3.51 -38.90
N PHE B 62 4.36 3.63 -37.62
CA PHE B 62 3.50 4.05 -36.50
C PHE B 62 3.71 5.52 -36.04
N GLU B 63 4.12 6.40 -36.95
CA GLU B 63 4.23 7.82 -36.64
C GLU B 63 3.25 8.58 -37.52
N LEU B 64 2.73 9.68 -36.98
CA LEU B 64 1.71 10.49 -37.66
C LEU B 64 2.17 11.30 -38.85
N PRO B 65 3.14 12.19 -38.67
CA PRO B 65 3.59 12.94 -39.83
C PRO B 65 3.86 12.05 -41.03
N PHE B 66 4.44 10.87 -40.77
CA PHE B 66 4.75 9.93 -41.84
C PHE B 66 3.46 9.38 -42.40
N PHE B 67 2.59 8.89 -41.51
CA PHE B 67 1.27 8.36 -41.90
C PHE B 67 0.51 9.29 -42.83
N PHE B 68 0.49 10.59 -42.53
CA PHE B 68 -0.22 11.55 -43.39
C PHE B 68 0.47 11.73 -44.73
N HIS B 69 1.78 11.82 -44.72
CA HIS B 69 2.58 11.86 -45.93
C HIS B 69 2.42 10.57 -46.76
N ASN B 70 2.31 9.41 -46.09
CA ASN B 70 2.08 8.15 -46.78
C ASN B 70 1.45 7.03 -45.94
N PRO B 71 0.13 6.84 -46.07
CA PRO B 71 -0.57 5.75 -45.42
C PRO B 71 -0.20 4.34 -45.86
N LYS B 72 -0.03 4.10 -47.15
CA LYS B 72 0.05 2.71 -47.65
C LYS B 72 0.91 1.75 -46.77
N PRO B 73 2.14 2.18 -46.35
CA PRO B 73 2.98 1.32 -45.52
C PRO B 73 2.22 0.84 -44.31
N PHE B 74 1.63 1.76 -43.55
CA PHE B 74 0.84 1.33 -42.42
C PHE B 74 -0.34 0.46 -42.79
N PHE B 75 -1.06 0.82 -43.88
CA PHE B 75 -2.27 0.09 -44.23
C PHE B 75 -1.99 -1.27 -44.82
N THR B 76 -0.77 -1.47 -45.33
CA THR B 76 -0.38 -2.77 -45.84
C THR B 76 -0.42 -3.72 -44.70
N LEU B 77 0.03 -3.20 -43.56
CA LEU B 77 0.11 -3.93 -42.31
C LEU B 77 -1.27 -4.18 -41.77
N ALA B 78 -2.04 -3.12 -41.58
CA ALA B 78 -3.39 -3.30 -41.13
C ALA B 78 -3.96 -4.49 -41.90
N LYS B 79 -4.04 -4.36 -43.22
CA LYS B 79 -4.65 -5.40 -44.02
C LYS B 79 -4.17 -6.81 -43.65
N GLU B 80 -2.87 -6.93 -43.36
CA GLU B 80 -2.24 -8.20 -42.99
C GLU B 80 -2.74 -8.76 -41.64
N LEU B 81 -2.91 -7.88 -40.65
CA LEU B 81 -3.33 -8.26 -39.30
C LEU B 81 -4.82 -8.16 -39.03
N TYR B 82 -5.58 -7.65 -39.99
CA TYR B 82 -7.00 -7.39 -39.79
C TYR B 82 -7.69 -8.67 -39.40
N PRO B 83 -8.57 -8.61 -38.35
CA PRO B 83 -9.39 -9.77 -38.00
C PRO B 83 -9.70 -10.69 -39.17
N GLY B 84 -9.42 -11.98 -38.99
CA GLY B 84 -9.88 -13.02 -39.89
C GLY B 84 -8.80 -13.79 -40.63
N ASN B 85 -7.61 -13.22 -40.72
CA ASN B 85 -6.45 -13.95 -41.29
C ASN B 85 -5.84 -14.82 -40.21
N TYR B 86 -5.28 -14.21 -39.17
CA TYR B 86 -4.52 -14.97 -38.20
C TYR B 86 -5.40 -15.50 -37.11
N LYS B 87 -5.07 -16.70 -36.63
CA LYS B 87 -5.83 -17.36 -35.55
C LYS B 87 -5.01 -17.48 -34.29
N PRO B 88 -5.69 -17.51 -33.14
CA PRO B 88 -4.95 -17.70 -31.90
C PRO B 88 -4.46 -19.13 -31.77
N ASN B 89 -3.39 -19.29 -30.98
CA ASN B 89 -2.78 -20.57 -30.65
C ASN B 89 -3.09 -21.00 -29.20
N VAL B 90 -2.33 -21.96 -28.69
CA VAL B 90 -2.65 -22.60 -27.41
C VAL B 90 -2.28 -21.72 -26.22
N THR B 91 -1.31 -20.83 -26.41
CA THR B 91 -0.98 -19.87 -25.38
C THR B 91 -2.15 -18.96 -25.11
N HIS B 92 -2.88 -18.59 -26.16
CA HIS B 92 -4.02 -17.70 -26.04
C HIS B 92 -5.20 -18.37 -25.35
N TYR B 93 -5.33 -19.69 -25.52
CA TYR B 93 -6.43 -20.43 -24.95
C TYR B 93 -6.16 -20.81 -23.51
N PHE B 94 -4.89 -20.86 -23.12
CA PHE B 94 -4.57 -21.05 -21.72
C PHE B 94 -5.08 -19.83 -20.94
N LEU B 95 -5.00 -18.67 -21.55
CA LEU B 95 -5.42 -17.46 -20.90
C LEU B 95 -6.93 -17.40 -20.87
N ARG B 96 -7.57 -17.85 -21.93
CA ARG B 96 -9.01 -17.93 -21.97
C ARG B 96 -9.53 -18.91 -20.93
N LEU B 97 -8.72 -19.91 -20.62
CA LEU B 97 -9.08 -20.91 -19.63
C LEU B 97 -8.77 -20.41 -18.26
N LEU B 98 -7.75 -19.58 -18.15
CA LEU B 98 -7.51 -18.91 -16.89
C LEU B 98 -8.71 -18.07 -16.53
N HIS B 99 -9.33 -17.50 -17.54
CA HIS B 99 -10.49 -16.67 -17.36
C HIS B 99 -11.75 -17.43 -17.06
N ASP B 100 -11.96 -18.48 -17.84
CA ASP B 100 -13.10 -19.34 -17.70
C ASP B 100 -13.19 -19.87 -16.29
N LYS B 101 -12.08 -19.89 -15.57
CA LYS B 101 -12.03 -20.44 -14.22
C LYS B 101 -12.03 -19.38 -13.12
N GLY B 102 -12.42 -18.15 -13.43
CA GLY B 102 -12.50 -17.10 -12.43
C GLY B 102 -11.15 -16.56 -11.96
N LEU B 103 -10.09 -16.82 -12.70
CA LEU B 103 -8.78 -16.46 -12.20
C LEU B 103 -8.20 -15.23 -12.85
N LEU B 104 -8.74 -14.81 -13.97
CA LEU B 104 -8.04 -13.78 -14.72
C LEU B 104 -8.59 -12.52 -14.23
N LEU B 105 -7.74 -11.75 -13.57
CA LEU B 105 -8.09 -10.40 -13.09
C LEU B 105 -8.02 -9.40 -14.23
N ARG B 106 -6.89 -9.42 -14.94
CA ARG B 106 -6.74 -8.71 -16.20
C ARG B 106 -5.56 -9.19 -17.06
N LEU B 107 -5.69 -9.02 -18.37
CA LEU B 107 -4.65 -9.38 -19.35
C LEU B 107 -4.15 -8.16 -20.11
N TYR B 108 -2.93 -7.73 -19.82
CA TYR B 108 -2.36 -6.57 -20.50
C TYR B 108 -1.62 -7.02 -21.75
N THR B 109 -1.90 -6.42 -22.89
CA THR B 109 -1.21 -6.87 -24.10
C THR B 109 -0.63 -5.68 -24.83
N GLN B 110 0.54 -5.90 -25.43
CA GLN B 110 1.20 -4.95 -26.30
C GLN B 110 1.02 -5.31 -27.77
N ASN B 111 0.60 -6.55 -28.00
CA ASN B 111 0.17 -6.99 -29.30
C ASN B 111 -1.00 -6.19 -29.91
N ILE B 112 -0.91 -5.88 -31.21
CA ILE B 112 -2.06 -5.41 -31.95
C ILE B 112 -2.61 -6.39 -32.97
N ASP B 113 -2.61 -7.68 -32.66
CA ASP B 113 -3.25 -8.67 -33.54
C ASP B 113 -4.63 -8.98 -33.05
N GLY B 114 -4.88 -8.67 -31.79
CA GLY B 114 -6.18 -8.97 -31.20
C GLY B 114 -6.61 -10.42 -31.30
N LEU B 115 -5.66 -11.32 -31.12
CA LEU B 115 -5.97 -12.71 -30.89
C LEU B 115 -6.46 -12.92 -29.47
N GLU B 116 -6.11 -11.98 -28.60
CA GLU B 116 -6.56 -11.98 -27.25
C GLU B 116 -8.09 -12.15 -27.29
N ARG B 117 -8.78 -11.23 -27.98
CA ARG B 117 -10.26 -11.26 -28.04
C ARG B 117 -10.75 -12.49 -28.73
N VAL B 118 -10.24 -12.70 -29.93
CA VAL B 118 -10.65 -13.80 -30.76
C VAL B 118 -10.74 -15.08 -29.93
N SER B 119 -9.75 -15.29 -29.05
CA SER B 119 -9.69 -16.49 -28.21
C SER B 119 -10.89 -16.63 -27.30
N GLY B 120 -11.62 -15.55 -27.09
CA GLY B 120 -12.84 -15.61 -26.30
C GLY B 120 -12.79 -14.78 -25.03
N ILE B 121 -11.69 -14.04 -24.85
CA ILE B 121 -11.53 -13.23 -23.66
C ILE B 121 -12.33 -11.94 -23.79
N PRO B 122 -13.21 -11.70 -22.81
CA PRO B 122 -14.07 -10.56 -22.91
C PRO B 122 -13.23 -9.34 -22.76
N ALA B 123 -13.57 -8.26 -23.47
CA ALA B 123 -12.75 -7.05 -23.46
C ALA B 123 -12.77 -6.40 -22.07
N SER B 124 -13.83 -6.62 -21.32
CA SER B 124 -13.80 -6.21 -19.93
C SER B 124 -12.49 -6.69 -19.23
N LYS B 125 -11.91 -7.80 -19.65
CA LYS B 125 -10.71 -8.33 -18.98
C LYS B 125 -9.43 -7.91 -19.65
N LEU B 126 -9.53 -7.23 -20.77
CA LEU B 126 -8.34 -6.90 -21.55
C LEU B 126 -7.95 -5.44 -21.44
N VAL B 127 -6.65 -5.19 -21.51
CA VAL B 127 -6.18 -3.84 -21.77
C VAL B 127 -5.23 -3.93 -22.96
N GLU B 128 -5.76 -3.57 -24.13
CA GLU B 128 -5.02 -3.62 -25.37
C GLU B 128 -4.16 -2.36 -25.50
N ALA B 129 -3.01 -2.41 -24.81
CA ALA B 129 -2.21 -1.23 -24.51
C ALA B 129 -1.67 -0.49 -25.71
N HIS B 130 -1.60 -1.15 -26.86
CA HIS B 130 -1.17 -0.45 -28.06
C HIS B 130 -2.25 -0.17 -29.08
N GLY B 131 -3.33 -0.93 -29.04
CA GLY B 131 -4.54 -0.52 -29.75
C GLY B 131 -5.27 -1.70 -30.31
N THR B 132 -6.45 -1.44 -30.84
CA THR B 132 -7.11 -2.52 -31.49
C THR B 132 -7.39 -2.05 -32.88
N PHE B 133 -7.44 -3.00 -33.80
CA PHE B 133 -7.90 -2.77 -35.16
C PHE B 133 -9.43 -2.75 -35.24
N ALA B 134 -10.08 -3.03 -34.11
CA ALA B 134 -11.53 -3.10 -34.00
C ALA B 134 -12.23 -1.82 -34.26
N SER B 135 -11.59 -0.69 -34.02
CA SER B 135 -12.21 0.57 -34.30
C SER B 135 -11.27 1.47 -35.08
N ALA B 136 -11.76 2.65 -35.43
CA ALA B 136 -10.98 3.64 -36.16
C ALA B 136 -11.62 5.01 -36.06
N THR B 137 -10.86 6.04 -36.39
CA THR B 137 -11.26 7.43 -36.17
C THR B 137 -10.79 8.37 -37.26
N CYS B 138 -11.71 9.03 -37.96
CA CYS B 138 -11.23 9.86 -39.07
C CYS B 138 -10.36 10.92 -38.46
N THR B 139 -9.19 11.09 -39.07
CA THR B 139 -8.18 12.04 -38.64
C THR B 139 -8.67 13.53 -38.59
N VAL B 140 -9.97 13.81 -38.80
CA VAL B 140 -10.53 15.19 -38.71
C VAL B 140 -11.98 15.27 -38.12
N CYS B 141 -12.98 14.69 -38.81
CA CYS B 141 -14.36 14.37 -38.30
C CYS B 141 -14.31 13.80 -36.86
N GLN B 142 -13.13 13.23 -36.49
CA GLN B 142 -12.89 12.57 -35.20
C GLN B 142 -13.83 11.43 -34.93
N ARG B 143 -14.63 11.09 -35.94
CA ARG B 143 -15.78 10.26 -35.79
C ARG B 143 -15.33 8.83 -35.63
N PRO B 144 -15.72 8.15 -34.53
CA PRO B 144 -15.39 6.73 -34.45
C PRO B 144 -16.05 5.93 -35.56
N PHE B 145 -15.43 4.83 -35.97
CA PHE B 145 -16.03 3.84 -36.84
C PHE B 145 -15.66 2.45 -36.37
N PRO B 146 -16.67 1.60 -36.18
CA PRO B 146 -16.39 0.19 -36.13
C PRO B 146 -15.41 -0.18 -37.23
N GLY B 147 -14.48 -1.09 -36.96
CA GLY B 147 -13.48 -1.54 -37.94
C GLY B 147 -14.00 -2.24 -39.18
N GLU B 148 -15.19 -2.81 -39.12
CA GLU B 148 -15.73 -3.59 -40.23
C GLU B 148 -16.21 -2.71 -41.33
N ASP B 149 -16.48 -1.44 -41.02
CA ASP B 149 -16.85 -0.45 -42.02
C ASP B 149 -15.72 -0.12 -43.01
N ILE B 150 -14.50 0.01 -42.51
CA ILE B 150 -13.37 0.36 -43.37
C ILE B 150 -12.78 -0.87 -44.05
N ARG B 151 -12.95 -2.06 -43.45
CA ARG B 151 -12.49 -3.34 -44.04
C ARG B 151 -12.62 -3.37 -45.57
N ALA B 152 -13.85 -3.20 -46.03
CA ALA B 152 -14.17 -3.21 -47.45
C ALA B 152 -13.01 -2.60 -48.22
N ASP B 153 -12.62 -1.39 -47.79
CA ASP B 153 -11.54 -0.63 -48.41
C ASP B 153 -10.20 -1.31 -48.14
N VAL B 154 -9.90 -1.58 -46.88
CA VAL B 154 -8.59 -2.07 -46.43
C VAL B 154 -8.14 -3.35 -47.13
N MET B 155 -9.09 -4.23 -47.35
CA MET B 155 -8.85 -5.46 -48.03
C MET B 155 -8.58 -5.22 -49.51
N ALA B 156 -9.22 -4.23 -50.13
CA ALA B 156 -8.98 -3.92 -51.57
C ALA B 156 -7.94 -2.80 -51.80
N ASP B 157 -7.01 -2.68 -50.83
CA ASP B 157 -5.83 -1.79 -50.88
C ASP B 157 -6.11 -0.31 -51.01
N ARG B 158 -7.30 0.10 -50.57
CA ARG B 158 -7.73 1.48 -50.72
C ARG B 158 -7.78 2.17 -49.36
N VAL B 159 -7.05 3.27 -49.22
CA VAL B 159 -7.00 4.10 -48.01
C VAL B 159 -8.37 4.70 -47.75
N PRO B 160 -9.08 4.31 -46.65
CA PRO B 160 -10.48 4.74 -46.47
C PRO B 160 -10.59 6.20 -46.06
N ARG B 161 -11.71 6.85 -46.39
CA ARG B 161 -11.95 8.21 -45.93
C ARG B 161 -13.27 8.21 -45.18
N CYS B 162 -13.62 9.25 -44.41
CA CYS B 162 -14.96 9.25 -43.75
C CYS B 162 -16.01 9.68 -44.71
N PRO B 163 -17.26 9.31 -44.43
CA PRO B 163 -18.46 9.83 -45.05
C PRO B 163 -18.72 11.33 -44.90
N VAL B 164 -17.92 12.07 -44.12
CA VAL B 164 -18.15 13.50 -43.95
C VAL B 164 -16.90 14.40 -43.81
N CYS B 165 -15.72 13.79 -43.71
CA CYS B 165 -14.45 14.49 -43.72
C CYS B 165 -13.95 14.46 -45.13
N THR B 166 -14.32 13.40 -45.84
CA THR B 166 -13.50 12.80 -46.86
C THR B 166 -12.05 12.69 -46.35
N GLY B 167 -11.88 12.31 -45.08
CA GLY B 167 -10.59 12.37 -44.40
C GLY B 167 -10.06 11.03 -43.96
N VAL B 168 -8.75 10.91 -43.90
CA VAL B 168 -8.15 9.61 -43.82
C VAL B 168 -8.50 8.98 -42.49
N VAL B 169 -9.12 7.81 -42.54
CA VAL B 169 -9.68 7.12 -41.36
C VAL B 169 -8.69 6.13 -40.77
N LYS B 170 -8.27 6.36 -39.53
CA LYS B 170 -7.11 5.66 -38.96
C LYS B 170 -7.48 4.72 -37.86
N PRO B 171 -7.23 3.43 -38.07
CA PRO B 171 -7.47 2.45 -37.04
C PRO B 171 -6.86 2.83 -35.68
N ASP B 172 -7.46 2.34 -34.60
CA ASP B 172 -7.13 2.81 -33.26
C ASP B 172 -5.86 2.13 -32.67
N ILE B 173 -4.82 2.06 -33.49
CA ILE B 173 -3.49 1.72 -33.03
C ILE B 173 -2.83 2.99 -32.47
N VAL B 174 -2.17 2.86 -31.32
CA VAL B 174 -1.50 3.97 -30.69
C VAL B 174 -0.29 4.23 -31.53
N PHE B 175 -0.05 5.47 -31.88
CA PHE B 175 1.13 5.84 -32.66
C PHE B 175 1.98 6.57 -31.68
N PHE B 176 3.25 6.74 -31.99
CA PHE B 176 4.10 7.53 -31.14
C PHE B 176 3.50 8.91 -30.98
N GLY B 177 3.94 9.60 -29.94
CA GLY B 177 3.37 10.89 -29.54
C GLY B 177 2.16 10.66 -28.68
N GLU B 178 1.17 9.97 -29.27
CA GLU B 178 -0.09 9.62 -28.61
C GLU B 178 0.25 8.88 -27.36
N PRO B 179 -0.49 9.21 -26.29
CA PRO B 179 -0.32 8.49 -25.06
C PRO B 179 -1.39 7.35 -25.04
N LEU B 180 -1.27 6.48 -24.06
CA LEU B 180 -1.88 5.17 -24.17
C LEU B 180 -3.39 5.24 -24.04
N PRO B 181 -4.06 4.19 -24.49
CA PRO B 181 -5.48 4.19 -24.40
C PRO B 181 -5.88 4.56 -23.00
N GLN B 182 -7.13 5.00 -22.85
CA GLN B 182 -7.67 5.43 -21.55
C GLN B 182 -7.71 4.22 -20.66
N ARG B 183 -8.14 3.08 -21.20
CA ARG B 183 -8.21 1.81 -20.44
C ARG B 183 -7.00 1.53 -19.59
N PHE B 184 -5.85 2.07 -19.96
CA PHE B 184 -4.61 1.74 -19.30
C PHE B 184 -4.56 2.30 -17.88
N LEU B 185 -5.60 3.03 -17.47
CA LEU B 185 -5.72 3.54 -16.10
C LEU B 185 -5.84 2.46 -15.04
N LEU B 186 -6.18 1.25 -15.42
CA LEU B 186 -6.27 0.20 -14.43
C LEU B 186 -4.86 -0.27 -13.97
N HIS B 187 -3.83 -0.06 -14.82
CA HIS B 187 -2.42 0.27 -14.40
C HIS B 187 -2.55 0.21 -12.87
N VAL B 188 -3.34 1.10 -12.25
CA VAL B 188 -3.17 1.40 -10.86
C VAL B 188 -3.93 0.56 -9.90
N VAL B 189 -5.03 -0.06 -10.30
CA VAL B 189 -5.69 -0.96 -9.35
C VAL B 189 -5.21 -2.38 -9.56
N ASP B 190 -5.17 -2.81 -10.83
CA ASP B 190 -4.82 -4.18 -11.12
C ASP B 190 -3.54 -4.60 -10.45
N PHE B 191 -2.53 -3.76 -10.46
CA PHE B 191 -1.26 -4.23 -9.99
C PHE B 191 -1.15 -4.41 -8.46
N PRO B 192 -1.64 -3.46 -7.68
CA PRO B 192 -1.67 -3.78 -6.24
C PRO B 192 -2.69 -4.86 -5.85
N MET B 193 -3.65 -5.12 -6.74
CA MET B 193 -4.64 -6.16 -6.57
C MET B 193 -4.06 -7.52 -6.82
N ALA B 194 -2.97 -7.56 -7.57
CA ALA B 194 -2.49 -8.79 -8.14
C ALA B 194 -1.81 -9.65 -7.13
N ASP B 195 -2.13 -10.95 -7.16
CA ASP B 195 -1.51 -11.94 -6.27
C ASP B 195 -0.68 -12.98 -7.05
N LEU B 196 -0.55 -12.77 -8.34
CA LEU B 196 0.33 -13.53 -9.21
C LEU B 196 0.43 -12.78 -10.51
N LEU B 197 1.65 -12.50 -10.93
CA LEU B 197 1.90 -11.82 -12.18
C LEU B 197 2.42 -12.84 -13.14
N LEU B 198 1.88 -12.86 -14.35
CA LEU B 198 2.19 -13.92 -15.30
C LEU B 198 2.62 -13.30 -16.61
N ILE B 199 3.91 -13.35 -16.88
CA ILE B 199 4.49 -12.63 -17.99
C ILE B 199 4.78 -13.65 -19.06
N LEU B 200 4.23 -13.52 -20.28
CA LEU B 200 4.54 -14.46 -21.37
C LEU B 200 4.90 -13.76 -22.66
N GLY B 201 6.07 -14.04 -23.17
CA GLY B 201 6.43 -13.69 -24.56
C GLY B 201 6.63 -12.22 -24.81
N THR B 202 7.04 -11.49 -23.76
CA THR B 202 7.35 -10.10 -23.91
C THR B 202 8.81 -9.96 -23.55
N SER B 203 9.43 -8.92 -24.08
CA SER B 203 10.81 -8.61 -23.83
C SER B 203 10.89 -7.49 -22.83
N LEU B 204 9.73 -6.97 -22.47
CA LEU B 204 9.61 -5.93 -21.45
C LEU B 204 10.40 -4.66 -21.80
N GLU B 205 10.63 -4.38 -23.08
CA GLU B 205 11.46 -3.23 -23.40
C GLU B 205 10.65 -2.06 -23.84
N VAL B 206 9.40 -2.29 -24.22
CA VAL B 206 8.57 -1.16 -24.61
C VAL B 206 7.84 -0.67 -23.36
N GLU B 207 7.94 0.64 -23.13
CA GLU B 207 7.35 1.26 -21.96
C GLU B 207 5.87 1.48 -22.20
N PRO B 208 5.06 1.24 -21.18
CA PRO B 208 5.31 1.09 -19.75
C PRO B 208 5.51 -0.32 -19.19
N PHE B 209 5.51 -1.33 -20.05
CA PHE B 209 5.67 -2.69 -19.58
C PHE B 209 6.90 -3.00 -18.73
N ALA B 210 8.00 -2.29 -18.88
CA ALA B 210 9.08 -2.54 -17.93
C ALA B 210 8.61 -2.17 -16.53
N SER B 211 8.26 -0.89 -16.35
CA SER B 211 7.76 -0.38 -15.08
C SER B 211 6.68 -1.27 -14.45
N LEU B 212 5.68 -1.69 -15.23
CA LEU B 212 4.55 -2.43 -14.69
C LEU B 212 4.92 -3.67 -13.89
N THR B 213 5.98 -4.34 -14.26
CA THR B 213 6.32 -5.58 -13.61
C THR B 213 6.76 -5.37 -12.18
N GLU B 214 7.26 -4.18 -11.87
CA GLU B 214 7.74 -3.87 -10.52
C GLU B 214 6.67 -3.21 -9.65
N ALA B 215 5.43 -3.21 -10.15
CA ALA B 215 4.26 -2.68 -9.43
C ALA B 215 3.86 -3.70 -8.40
N VAL B 216 3.44 -4.87 -8.88
CA VAL B 216 2.95 -5.91 -8.00
C VAL B 216 3.81 -5.98 -6.74
N ARG B 217 3.18 -6.34 -5.62
CA ARG B 217 3.79 -6.12 -4.31
C ARG B 217 5.03 -6.99 -4.03
N SER B 218 5.84 -6.50 -3.08
CA SER B 218 7.00 -7.22 -2.52
C SER B 218 6.93 -8.73 -2.70
N SER B 219 5.83 -9.33 -2.23
CA SER B 219 5.73 -10.77 -1.96
C SER B 219 5.09 -11.62 -3.06
N VAL B 220 4.73 -10.98 -4.16
CA VAL B 220 3.94 -11.62 -5.21
C VAL B 220 4.83 -12.22 -6.29
N PRO B 221 4.58 -13.50 -6.62
CA PRO B 221 5.52 -14.16 -7.50
C PRO B 221 5.27 -13.79 -8.97
N ARG B 222 6.35 -13.45 -9.66
CA ARG B 222 6.31 -13.16 -11.06
C ARG B 222 6.75 -14.45 -11.76
N LEU B 223 5.89 -14.97 -12.64
CA LEU B 223 6.19 -16.17 -13.42
C LEU B 223 6.41 -15.81 -14.87
N LEU B 224 7.67 -15.90 -15.28
CA LEU B 224 8.09 -15.64 -16.66
C LEU B 224 8.13 -16.92 -17.48
N ILE B 225 7.53 -16.85 -18.66
CA ILE B 225 7.58 -17.90 -19.64
C ILE B 225 7.95 -17.20 -20.93
N ASN B 226 9.12 -17.52 -21.49
CA ASN B 226 9.78 -16.69 -22.54
C ASN B 226 11.11 -17.32 -23.09
N ARG B 227 11.48 -17.10 -24.35
CA ARG B 227 12.74 -17.72 -24.87
C ARG B 227 13.82 -17.45 -23.86
N ASP B 228 13.83 -16.24 -23.32
CA ASP B 228 14.92 -15.85 -22.45
C ASP B 228 14.42 -15.01 -21.26
N LEU B 229 15.33 -14.72 -20.35
CA LEU B 229 15.03 -13.94 -19.17
C LEU B 229 15.15 -12.49 -19.54
N VAL B 230 14.13 -11.69 -19.32
CA VAL B 230 14.23 -10.30 -19.70
C VAL B 230 13.92 -9.30 -18.61
N GLY B 231 14.57 -8.15 -18.74
CA GLY B 231 14.11 -6.93 -18.13
C GLY B 231 14.44 -6.88 -16.68
N PRO B 232 13.47 -6.46 -15.86
CA PRO B 232 13.58 -6.50 -14.40
C PRO B 232 13.67 -7.92 -13.84
N LEU B 233 13.02 -8.88 -14.48
CA LEU B 233 13.06 -10.24 -14.00
C LEU B 233 14.47 -10.76 -14.07
N ALA B 234 15.25 -10.16 -14.97
CA ALA B 234 16.70 -10.41 -15.11
C ALA B 234 17.50 -9.39 -14.30
N TRP B 235 17.68 -8.19 -14.86
CA TRP B 235 18.38 -7.08 -14.18
C TRP B 235 18.28 -7.10 -12.64
N HIS B 236 17.05 -7.04 -12.09
CA HIS B 236 16.86 -6.81 -10.64
C HIS B 236 15.78 -7.69 -9.98
N PRO B 237 16.07 -9.00 -9.82
CA PRO B 237 15.06 -10.03 -9.67
C PRO B 237 14.72 -10.34 -8.22
N ARG B 238 13.50 -10.83 -8.00
CA ARG B 238 12.92 -10.97 -6.65
C ARG B 238 12.80 -12.41 -6.26
N SER B 239 12.81 -12.68 -4.94
CA SER B 239 12.81 -14.05 -4.43
C SER B 239 11.63 -14.89 -4.90
N ARG B 240 10.49 -14.28 -5.10
CA ARG B 240 9.30 -15.02 -5.54
C ARG B 240 9.12 -15.25 -7.06
N ASP B 241 10.14 -14.92 -7.88
CA ASP B 241 10.17 -15.19 -9.35
C ASP B 241 10.52 -16.64 -9.68
N VAL B 242 10.01 -17.07 -10.83
CA VAL B 242 10.26 -18.40 -11.34
C VAL B 242 10.23 -18.26 -12.85
N ALA B 243 11.37 -18.52 -13.49
CA ALA B 243 11.50 -18.51 -14.94
C ALA B 243 11.15 -19.89 -15.55
N GLN B 244 10.44 -19.85 -16.67
CA GLN B 244 10.23 -21.03 -17.52
C GLN B 244 10.72 -20.77 -18.95
N LEU B 245 12.02 -20.89 -19.10
CA LEU B 245 12.68 -20.46 -20.31
C LEU B 245 12.53 -21.49 -21.42
N GLY B 246 12.18 -21.01 -22.61
CA GLY B 246 12.01 -21.87 -23.76
C GLY B 246 10.80 -21.50 -24.56
N ASP B 247 10.34 -22.42 -25.41
CA ASP B 247 9.17 -22.18 -26.21
C ASP B 247 8.09 -21.78 -25.26
N VAL B 248 7.37 -20.75 -25.67
CA VAL B 248 6.26 -20.27 -24.92
C VAL B 248 5.21 -21.33 -24.90
N VAL B 249 5.07 -22.07 -25.99
CA VAL B 249 4.03 -23.09 -26.01
C VAL B 249 4.40 -24.32 -25.20
N HIS B 250 5.65 -24.76 -25.28
CA HIS B 250 6.05 -25.90 -24.46
C HIS B 250 6.06 -25.49 -23.00
N GLY B 251 6.21 -24.19 -22.73
CA GLY B 251 6.15 -23.68 -21.37
C GLY B 251 4.72 -23.78 -20.87
N VAL B 252 3.81 -23.21 -21.64
CA VAL B 252 2.39 -23.20 -21.31
C VAL B 252 1.85 -24.59 -21.13
N GLU B 253 2.05 -25.46 -22.12
CA GLU B 253 1.56 -26.84 -22.00
C GLU B 253 2.22 -27.58 -20.80
N SER B 254 3.41 -27.12 -20.40
CA SER B 254 4.08 -27.66 -19.21
C SER B 254 3.26 -27.31 -18.00
N LEU B 255 3.07 -26.02 -17.75
CA LEU B 255 2.26 -25.57 -16.63
C LEU B 255 0.87 -26.19 -16.67
N VAL B 256 0.20 -26.11 -17.82
CA VAL B 256 -1.11 -26.73 -17.98
C VAL B 256 -1.13 -28.14 -17.41
N GLU B 257 -0.04 -28.89 -17.64
CA GLU B 257 0.13 -30.26 -17.13
C GLU B 257 0.16 -30.34 -15.58
N LEU B 258 0.89 -29.42 -14.94
CA LEU B 258 1.04 -29.41 -13.48
C LEU B 258 -0.20 -28.95 -12.75
N LEU B 259 -1.05 -28.23 -13.45
CA LEU B 259 -2.26 -27.79 -12.86
C LEU B 259 -3.25 -28.92 -12.96
N GLY B 260 -3.22 -29.57 -14.11
CA GLY B 260 -4.10 -30.70 -14.38
C GLY B 260 -5.23 -30.36 -15.32
N TRP B 261 -5.04 -29.38 -16.20
CA TRP B 261 -6.10 -28.99 -17.13
C TRP B 261 -5.85 -29.43 -18.57
N THR B 262 -4.88 -30.34 -18.76
CA THR B 262 -4.57 -30.85 -20.09
C THR B 262 -5.83 -31.37 -20.78
N GLU B 263 -6.59 -32.16 -20.03
CA GLU B 263 -7.88 -32.65 -20.49
C GLU B 263 -8.67 -31.44 -20.92
N GLU B 264 -8.96 -30.59 -19.93
CA GLU B 264 -9.85 -29.46 -20.12
C GLU B 264 -9.39 -28.55 -21.26
N MET B 265 -8.08 -28.35 -21.41
CA MET B 265 -7.54 -27.49 -22.46
C MET B 265 -7.95 -28.05 -23.81
N ARG B 266 -7.55 -29.29 -24.08
CA ARG B 266 -7.77 -29.92 -25.37
C ARG B 266 -9.24 -29.80 -25.81
N ASP B 267 -10.17 -30.12 -24.90
CA ASP B 267 -11.60 -29.87 -25.09
C ASP B 267 -11.85 -28.49 -25.67
N LEU B 268 -11.47 -27.47 -24.90
CA LEU B 268 -11.66 -26.06 -25.25
C LEU B 268 -11.14 -25.76 -26.65
N VAL B 269 -9.92 -26.21 -26.94
CA VAL B 269 -9.30 -25.99 -28.24
C VAL B 269 -10.15 -26.65 -29.31
N GLN B 270 -10.62 -27.87 -29.01
CA GLN B 270 -11.53 -28.56 -29.92
C GLN B 270 -12.84 -27.80 -30.13
N ARG B 271 -13.36 -27.13 -29.10
CA ARG B 271 -14.56 -26.29 -29.28
C ARG B 271 -14.28 -25.10 -30.21
N GLU B 272 -13.25 -24.33 -29.87
CA GLU B 272 -13.02 -23.02 -30.49
C GLU B 272 -12.40 -23.05 -31.90
N THR B 273 -11.67 -24.10 -32.24
CA THR B 273 -11.23 -24.30 -33.63
C THR B 273 -12.37 -24.90 -34.50
N GLY B 274 -13.30 -25.62 -33.86
CA GLY B 274 -14.55 -26.09 -34.49
C GLY B 274 -15.57 -24.98 -34.76
N LYS B 275 -15.41 -23.83 -34.11
CA LYS B 275 -16.10 -22.60 -34.52
C LYS B 275 -15.42 -21.99 -35.75
N LEU B 276 -14.11 -21.75 -35.64
CA LEU B 276 -13.29 -21.19 -36.72
C LEU B 276 -12.93 -22.26 -37.78
N LYS C 4 -29.15 -16.10 3.41
CA LYS C 4 -28.54 -14.96 4.18
C LYS C 4 -27.18 -15.30 4.79
N LEU C 5 -26.50 -14.29 5.30
CA LEU C 5 -25.19 -14.46 5.94
C LEU C 5 -25.18 -14.04 7.41
N SER C 6 -24.42 -14.78 8.23
CA SER C 6 -24.37 -14.56 9.69
C SER C 6 -22.99 -14.21 10.20
N LEU C 7 -22.91 -13.69 11.41
CA LEU C 7 -21.62 -13.35 12.02
C LEU C 7 -20.74 -14.60 12.10
N GLN C 8 -21.33 -15.72 12.51
CA GLN C 8 -20.64 -16.99 12.45
C GLN C 8 -19.97 -17.18 11.08
N ASP C 9 -20.74 -16.93 10.01
CA ASP C 9 -20.22 -17.06 8.63
C ASP C 9 -19.05 -16.10 8.38
N VAL C 10 -19.25 -14.83 8.72
CA VAL C 10 -18.24 -13.81 8.49
C VAL C 10 -16.98 -14.16 9.29
N ALA C 11 -17.13 -14.58 10.52
CA ALA C 11 -16.00 -15.19 11.20
C ALA C 11 -15.43 -16.37 10.40
N GLU C 12 -16.30 -17.32 9.99
CA GLU C 12 -15.87 -18.52 9.24
C GLU C 12 -14.93 -18.26 8.07
N LEU C 13 -15.09 -17.10 7.43
CA LEU C 13 -14.18 -16.70 6.38
C LEU C 13 -12.84 -16.32 7.02
N ILE C 14 -12.71 -15.09 7.49
CA ILE C 14 -11.51 -14.62 8.21
C ILE C 14 -10.62 -15.72 8.82
N ARG C 15 -11.27 -16.61 9.58
CA ARG C 15 -10.59 -17.76 10.17
C ARG C 15 -9.94 -18.59 9.08
N ALA C 16 -10.77 -19.16 8.20
CA ALA C 16 -10.30 -20.03 7.09
C ALA C 16 -9.39 -19.31 6.08
N ARG C 17 -8.98 -18.11 6.46
CA ARG C 17 -8.20 -17.22 5.63
C ARG C 17 -8.85 -16.72 4.31
N ALA C 18 -10.14 -17.05 4.12
CA ALA C 18 -10.89 -16.64 2.92
C ALA C 18 -11.02 -15.13 2.78
N CYS C 19 -10.80 -14.40 3.87
CA CYS C 19 -10.73 -12.93 3.84
C CYS C 19 -9.43 -12.50 4.47
N GLN C 20 -8.68 -11.65 3.77
CA GLN C 20 -7.42 -11.08 4.29
C GLN C 20 -7.20 -9.67 3.80
N ARG C 21 -8.10 -9.17 2.99
CA ARG C 21 -7.96 -7.86 2.41
C ARG C 21 -9.14 -7.12 3.03
N VAL C 22 -8.98 -6.76 4.30
CA VAL C 22 -10.08 -6.23 5.12
C VAL C 22 -10.04 -4.72 5.17
N VAL C 23 -11.03 -4.06 4.55
CA VAL C 23 -11.19 -2.61 4.63
C VAL C 23 -12.23 -2.29 5.68
N VAL C 24 -12.00 -1.20 6.42
CA VAL C 24 -12.81 -0.83 7.56
C VAL C 24 -13.16 0.64 7.44
N MET C 25 -14.45 0.97 7.55
CA MET C 25 -14.87 2.37 7.61
C MET C 25 -15.45 2.63 8.98
N VAL C 26 -15.18 3.79 9.58
CA VAL C 26 -15.73 4.12 10.90
C VAL C 26 -16.34 5.53 10.97
N GLY C 27 -17.00 5.84 12.08
CA GLY C 27 -17.55 7.18 12.30
C GLY C 27 -17.62 7.47 13.78
N ALA C 28 -18.57 8.33 14.13
CA ALA C 28 -18.69 8.79 15.51
C ALA C 28 -18.81 7.69 16.60
N GLY C 29 -19.45 6.59 16.21
CA GLY C 29 -19.76 5.51 17.12
C GLY C 29 -18.59 4.74 17.71
N ILE C 30 -17.47 4.64 17.00
CA ILE C 30 -16.39 3.84 17.56
C ILE C 30 -15.69 4.60 18.69
N SER C 31 -15.78 5.93 18.63
CA SER C 31 -15.21 6.79 19.65
C SER C 31 -16.32 7.44 20.46
N THR C 32 -17.45 6.74 20.61
CA THR C 32 -18.44 7.07 21.64
C THR C 32 -17.95 6.50 22.96
N PRO C 33 -17.88 5.17 23.11
CA PRO C 33 -17.47 4.63 24.41
C PRO C 33 -16.05 4.97 24.80
N SER C 34 -15.36 5.80 24.01
CA SER C 34 -14.15 6.46 24.46
C SER C 34 -14.49 7.78 25.15
N GLY C 35 -15.75 8.20 25.06
CA GLY C 35 -16.26 9.38 25.74
C GLY C 35 -16.10 10.70 24.98
N ILE C 36 -15.97 10.66 23.68
CA ILE C 36 -15.70 11.89 22.97
C ILE C 36 -17.00 12.65 22.96
N PRO C 37 -17.00 13.85 23.51
CA PRO C 37 -18.23 14.58 23.64
C PRO C 37 -18.78 15.05 22.33
N ASP C 38 -20.10 15.13 22.23
CA ASP C 38 -20.73 15.79 21.11
C ASP C 38 -21.23 17.17 21.49
N PHE C 39 -21.18 18.06 20.49
CA PHE C 39 -21.54 19.45 20.68
C PHE C 39 -22.87 19.85 20.02
N ARG C 40 -23.47 18.91 19.27
CA ARG C 40 -24.91 18.94 19.00
C ARG C 40 -25.67 18.49 20.26
N SER C 41 -24.98 17.78 21.15
CA SER C 41 -25.55 17.24 22.37
C SER C 41 -25.27 18.15 23.51
N PRO C 42 -26.33 18.55 24.25
CA PRO C 42 -26.09 19.14 25.56
C PRO C 42 -25.60 18.09 26.61
N GLY C 43 -24.98 18.70 27.66
CA GLY C 43 -24.43 17.95 28.78
C GLY C 43 -22.93 18.10 28.94
N SER C 44 -22.20 17.96 27.84
CA SER C 44 -20.74 17.82 27.87
C SER C 44 -20.10 19.13 28.27
N GLY C 45 -18.92 19.02 28.86
CA GLY C 45 -18.12 20.19 29.20
C GLY C 45 -17.89 21.00 27.93
N LEU C 46 -17.45 20.31 26.87
CA LEU C 46 -17.22 20.90 25.54
C LEU C 46 -18.39 21.74 25.05
N TYR C 47 -19.60 21.23 25.27
CA TYR C 47 -20.83 21.82 24.72
C TYR C 47 -21.16 23.20 25.24
N SER C 48 -21.04 23.37 26.55
CA SER C 48 -21.24 24.69 27.18
C SER C 48 -20.13 25.65 26.77
N ASN C 49 -18.90 25.16 26.66
CA ASN C 49 -17.80 26.01 26.26
C ASN C 49 -18.06 26.64 24.90
N LEU C 50 -18.70 25.88 24.02
CA LEU C 50 -19.01 26.37 22.69
C LEU C 50 -20.26 27.25 22.63
N GLN C 51 -21.01 27.33 23.73
CA GLN C 51 -22.21 28.18 23.73
C GLN C 51 -21.87 29.65 23.86
N GLN C 52 -20.83 29.95 24.66
CA GLN C 52 -20.53 31.36 24.91
C GLN C 52 -20.34 32.04 23.56
N TYR C 53 -19.56 31.43 22.66
CA TYR C 53 -19.40 31.97 21.29
C TYR C 53 -20.68 31.69 20.52
N ASP C 54 -21.28 32.72 19.91
CA ASP C 54 -22.58 32.52 19.25
C ASP C 54 -22.44 32.01 17.82
N LEU C 55 -23.32 31.09 17.44
CA LEU C 55 -23.04 30.26 16.29
C LEU C 55 -24.23 30.01 15.34
N PRO C 56 -24.02 30.26 14.02
CA PRO C 56 -24.85 29.77 12.89
C PRO C 56 -24.29 28.53 12.03
N TYR C 57 -24.44 27.32 12.54
CA TYR C 57 -24.84 27.07 13.90
C TYR C 57 -24.28 25.69 14.06
N PRO C 58 -23.36 25.54 15.00
CA PRO C 58 -22.68 24.29 15.12
C PRO C 58 -21.71 24.07 13.93
N GLU C 59 -22.22 23.78 12.71
CA GLU C 59 -21.32 23.39 11.58
C GLU C 59 -20.31 24.54 11.22
N ALA C 60 -20.59 25.74 11.71
CA ALA C 60 -19.71 26.90 11.57
C ALA C 60 -18.26 26.66 11.96
N ILE C 61 -18.01 25.90 13.03
CA ILE C 61 -16.61 25.72 13.51
C ILE C 61 -15.69 25.32 12.36
N PHE C 62 -16.20 24.43 11.51
CA PHE C 62 -15.45 23.92 10.40
C PHE C 62 -15.64 24.67 9.11
N GLU C 63 -15.99 25.95 9.16
CA GLU C 63 -16.02 26.76 7.96
C GLU C 63 -14.83 27.73 7.93
N LEU C 64 -14.35 28.05 6.73
CA LEU C 64 -13.25 28.97 6.64
C LEU C 64 -13.67 30.37 7.10
N PRO C 65 -14.46 31.10 6.29
CA PRO C 65 -14.75 32.49 6.63
C PRO C 65 -14.97 32.72 8.13
N PHE C 66 -15.65 31.79 8.79
CA PHE C 66 -15.90 31.97 10.21
C PHE C 66 -14.63 31.86 11.03
N PHE C 67 -13.90 30.77 10.84
CA PHE C 67 -12.59 30.63 11.48
C PHE C 67 -11.68 31.85 11.34
N PHE C 68 -11.83 32.60 10.25
CA PHE C 68 -11.02 33.80 10.04
C PHE C 68 -11.56 35.00 10.78
N HIS C 69 -12.86 35.23 10.72
CA HIS C 69 -13.49 36.26 11.53
C HIS C 69 -13.32 35.93 13.02
N ASN C 70 -13.26 34.63 13.33
CA ASN C 70 -13.07 34.17 14.69
C ASN C 70 -12.58 32.72 14.85
N PRO C 71 -11.29 32.53 15.22
CA PRO C 71 -10.75 31.21 15.54
C PRO C 71 -10.99 30.69 16.98
N LYS C 72 -11.44 31.53 17.89
CA LYS C 72 -11.55 31.08 19.27
C LYS C 72 -12.34 29.75 19.41
N PRO C 73 -13.61 29.69 18.85
CA PRO C 73 -14.49 28.51 18.92
C PRO C 73 -13.80 27.27 18.52
N PHE C 74 -13.21 27.26 17.33
CA PHE C 74 -12.54 26.05 16.89
C PHE C 74 -11.49 25.48 17.85
N PHE C 75 -10.62 26.31 18.40
CA PHE C 75 -9.56 25.82 19.28
C PHE C 75 -10.09 25.27 20.60
N THR C 76 -11.15 25.89 21.08
CA THR C 76 -11.92 25.34 22.19
C THR C 76 -12.05 23.83 22.06
N LEU C 77 -12.44 23.42 20.86
CA LEU C 77 -12.57 22.02 20.48
C LEU C 77 -11.20 21.36 20.48
N ALA C 78 -10.28 21.96 19.71
CA ALA C 78 -8.98 21.35 19.52
C ALA C 78 -8.36 21.07 20.88
N LYS C 79 -8.44 22.02 21.80
CA LYS C 79 -7.96 21.80 23.15
C LYS C 79 -8.55 20.54 23.71
N GLU C 80 -9.87 20.42 23.57
CA GLU C 80 -10.63 19.32 24.11
C GLU C 80 -10.22 18.00 23.52
N LEU C 81 -9.82 18.01 22.25
CA LEU C 81 -9.43 16.79 21.53
C LEU C 81 -7.93 16.56 21.30
N TYR C 82 -7.06 17.46 21.76
CA TYR C 82 -5.63 17.22 21.56
C TYR C 82 -5.25 15.86 22.15
N PRO C 83 -4.34 15.15 21.45
CA PRO C 83 -3.82 13.89 21.90
C PRO C 83 -3.34 14.06 23.30
N GLY C 84 -3.65 13.08 24.13
CA GLY C 84 -3.46 13.16 25.56
C GLY C 84 -4.80 12.86 26.20
N ASN C 85 -5.77 13.74 25.96
CA ASN C 85 -7.06 13.77 26.72
C ASN C 85 -7.73 12.42 26.93
N TYR C 86 -8.27 11.87 25.84
CA TYR C 86 -9.01 10.62 25.87
C TYR C 86 -8.19 9.48 25.33
N LYS C 87 -8.54 8.27 25.75
CA LYS C 87 -7.88 7.05 25.28
C LYS C 87 -8.72 6.37 24.19
N PRO C 88 -8.25 5.21 23.69
CA PRO C 88 -9.08 4.42 22.79
C PRO C 88 -9.97 3.45 23.55
N ASN C 89 -10.67 2.57 22.84
CA ASN C 89 -11.53 1.54 23.44
C ASN C 89 -11.58 0.25 22.59
N VAL C 90 -12.17 -0.80 23.15
CA VAL C 90 -12.07 -2.15 22.58
C VAL C 90 -12.32 -2.21 21.06
N THR C 91 -13.20 -1.36 20.55
CA THR C 91 -13.36 -1.21 19.10
C THR C 91 -12.05 -0.83 18.40
N HIS C 92 -11.31 0.14 18.95
CA HIS C 92 -10.03 0.58 18.36
C HIS C 92 -8.93 -0.48 18.46
N TYR C 93 -9.03 -1.31 19.48
CA TYR C 93 -8.02 -2.31 19.74
C TYR C 93 -8.32 -3.59 18.98
N PHE C 94 -9.57 -3.79 18.57
CA PHE C 94 -9.92 -4.93 17.74
C PHE C 94 -9.32 -4.68 16.36
N LEU C 95 -9.47 -3.45 15.86
CA LEU C 95 -8.96 -3.13 14.52
C LEU C 95 -7.42 -3.27 14.53
N ARG C 96 -6.79 -2.74 15.57
CA ARG C 96 -5.36 -2.95 15.78
C ARG C 96 -4.98 -4.42 15.69
N LEU C 97 -5.67 -5.26 16.45
CA LEU C 97 -5.38 -6.68 16.46
C LEU C 97 -5.62 -7.27 15.09
N LEU C 98 -6.57 -6.70 14.35
CA LEU C 98 -6.73 -7.04 12.94
C LEU C 98 -5.40 -6.83 12.18
N HIS C 99 -4.89 -5.62 12.31
CA HIS C 99 -3.68 -5.21 11.60
C HIS C 99 -2.47 -6.01 11.92
N ASP C 100 -2.38 -6.45 13.17
CA ASP C 100 -1.22 -7.17 13.64
C ASP C 100 -1.27 -8.55 13.06
N LYS C 101 -2.48 -9.09 12.94
CA LYS C 101 -2.67 -10.38 12.31
C LYS C 101 -2.35 -10.32 10.84
N GLY C 102 -2.37 -9.13 10.26
CA GLY C 102 -1.99 -8.93 8.87
C GLY C 102 -3.17 -8.97 7.93
N LEU C 103 -4.37 -8.70 8.45
CA LEU C 103 -5.58 -8.70 7.65
C LEU C 103 -6.08 -7.32 7.34
N LEU C 104 -5.46 -6.31 7.94
CA LEU C 104 -5.99 -4.95 7.80
C LEU C 104 -5.42 -4.31 6.57
N LEU C 105 -6.26 -4.15 5.55
CA LEU C 105 -5.83 -3.49 4.30
C LEU C 105 -5.74 -2.01 4.48
N ARG C 106 -6.83 -1.42 4.95
CA ARG C 106 -6.97 0.00 5.15
C ARG C 106 -8.17 0.35 6.07
N LEU C 107 -8.04 1.43 6.82
CA LEU C 107 -9.03 1.85 7.80
C LEU C 107 -9.37 3.27 7.54
N TYR C 108 -10.46 3.50 6.83
CA TYR C 108 -10.90 4.86 6.62
C TYR C 108 -11.79 5.30 7.79
N THR C 109 -11.62 6.55 8.21
CA THR C 109 -12.26 7.10 9.38
C THR C 109 -12.60 8.56 9.17
N GLN C 110 -13.84 8.93 9.51
CA GLN C 110 -14.31 10.33 9.53
C GLN C 110 -14.13 11.00 10.90
N ASN C 111 -13.77 10.22 11.91
CA ASN C 111 -13.38 10.76 13.21
C ASN C 111 -12.14 11.64 13.21
N ILE C 112 -12.16 12.75 13.94
CA ILE C 112 -10.96 13.56 14.11
C ILE C 112 -10.43 13.53 15.52
N ASP C 113 -10.40 12.34 16.13
CA ASP C 113 -9.94 12.18 17.50
C ASP C 113 -8.66 11.37 17.69
N GLY C 114 -7.95 11.10 16.59
CA GLY C 114 -6.64 10.43 16.60
C GLY C 114 -6.61 9.03 17.18
N LEU C 115 -7.76 8.55 17.63
CA LEU C 115 -7.81 7.39 18.51
C LEU C 115 -7.33 6.10 17.85
N GLU C 116 -7.40 6.02 16.52
CA GLU C 116 -6.90 4.83 15.80
C GLU C 116 -5.39 4.83 15.81
N ARG C 117 -4.82 6.01 15.72
CA ARG C 117 -3.37 6.13 15.64
C ARG C 117 -2.81 5.70 17.00
N VAL C 118 -3.52 6.05 18.09
CA VAL C 118 -3.02 5.76 19.44
C VAL C 118 -3.25 4.30 19.79
N SER C 119 -4.21 3.68 19.12
CA SER C 119 -4.45 2.27 19.33
C SER C 119 -3.34 1.46 18.69
N GLY C 120 -2.49 2.14 17.93
CA GLY C 120 -1.26 1.56 17.44
C GLY C 120 -1.33 1.16 15.99
N ILE C 121 -2.38 1.57 15.30
CA ILE C 121 -2.42 1.40 13.87
C ILE C 121 -1.52 2.49 13.29
N PRO C 122 -0.61 2.11 12.39
CA PRO C 122 0.25 3.11 11.73
C PRO C 122 -0.54 3.97 10.77
N ALA C 123 -0.02 5.15 10.45
CA ALA C 123 -0.68 6.03 9.47
C ALA C 123 -0.73 5.38 8.08
N SER C 124 0.38 4.78 7.68
CA SER C 124 0.44 3.86 6.52
C SER C 124 -0.88 3.19 6.15
N LYS C 125 -1.70 2.87 7.16
CA LYS C 125 -2.86 1.97 7.05
C LYS C 125 -4.17 2.68 7.19
N LEU C 126 -4.15 3.97 7.53
CA LEU C 126 -5.35 4.74 7.77
C LEU C 126 -5.55 5.81 6.73
N VAL C 127 -6.80 6.21 6.57
CA VAL C 127 -7.10 7.44 5.86
C VAL C 127 -8.04 8.28 6.70
N GLU C 128 -7.49 9.37 7.21
CA GLU C 128 -8.21 10.31 8.01
C GLU C 128 -8.92 11.33 7.12
N ALA C 129 -10.04 10.88 6.56
CA ALA C 129 -10.74 11.63 5.55
C ALA C 129 -11.11 13.04 5.97
N HIS C 130 -11.21 13.26 7.29
CA HIS C 130 -11.54 14.56 7.84
C HIS C 130 -10.40 15.27 8.59
N GLY C 131 -9.29 14.56 8.80
CA GLY C 131 -8.03 15.23 9.16
C GLY C 131 -7.45 14.75 10.49
N THR C 132 -6.35 15.37 10.88
CA THR C 132 -5.72 15.02 12.15
C THR C 132 -5.30 16.28 12.87
N PHE C 133 -5.30 16.22 14.20
CA PHE C 133 -4.69 17.27 15.06
C PHE C 133 -3.14 17.16 15.30
N ALA C 134 -2.57 16.04 14.89
CA ALA C 134 -1.15 15.84 14.97
C ALA C 134 -0.36 16.75 14.05
N SER C 135 -1.01 17.40 13.08
CA SER C 135 -0.30 18.43 12.31
C SER C 135 -1.10 19.73 12.14
N ALA C 136 -0.42 20.76 11.65
CA ALA C 136 -1.03 22.08 11.43
C ALA C 136 -0.30 22.90 10.35
N THR C 137 -0.87 24.03 9.95
CA THR C 137 -0.39 24.78 8.79
C THR C 137 -0.73 26.26 8.93
N CYS C 138 0.27 27.16 8.92
CA CYS C 138 -0.14 28.55 9.06
C CYS C 138 -0.78 28.97 7.75
N THR C 139 -1.83 29.77 7.87
CA THR C 139 -2.63 30.27 6.77
C THR C 139 -1.99 31.51 6.11
N VAL C 140 -0.66 31.56 6.05
CA VAL C 140 0.08 32.65 5.47
C VAL C 140 1.46 32.06 5.02
N CYS C 141 2.34 31.79 6.00
CA CYS C 141 3.55 30.95 5.85
C CYS C 141 3.17 29.73 4.97
N GLN C 142 2.08 29.03 5.30
CA GLN C 142 1.75 27.71 4.74
C GLN C 142 2.67 26.63 5.27
N ARG C 143 3.54 27.04 6.18
CA ARG C 143 4.58 26.21 6.74
C ARG C 143 3.88 25.18 7.59
N PRO C 144 4.35 23.93 7.53
CA PRO C 144 3.72 22.91 8.35
C PRO C 144 4.15 23.05 9.80
N PHE C 145 3.43 22.43 10.73
CA PHE C 145 3.84 22.36 12.12
C PHE C 145 3.39 21.06 12.76
N PRO C 146 4.33 20.30 13.34
CA PRO C 146 3.96 19.16 14.18
C PRO C 146 3.09 19.53 15.37
N GLY C 147 1.92 18.90 15.44
CA GLY C 147 0.91 19.27 16.42
C GLY C 147 1.42 19.45 17.84
N GLU C 148 2.42 18.66 18.22
CA GLU C 148 3.02 18.78 19.56
C GLU C 148 3.85 20.05 19.71
N ASP C 149 3.89 20.90 18.67
CA ASP C 149 4.47 22.23 18.79
C ASP C 149 3.46 23.20 19.34
N ILE C 150 2.36 23.42 18.62
CA ILE C 150 1.37 24.39 19.07
C ILE C 150 0.56 23.88 20.27
N ARG C 151 1.09 22.88 20.97
CA ARG C 151 0.42 22.26 22.10
C ARG C 151 0.26 23.18 23.33
N ALA C 152 1.18 24.12 23.54
CA ALA C 152 1.09 24.99 24.71
C ALA C 152 0.04 26.08 24.56
N ASP C 153 0.12 26.81 23.45
CA ASP C 153 -0.85 27.87 23.14
C ASP C 153 -2.24 27.27 23.13
N VAL C 154 -2.35 26.00 22.80
CA VAL C 154 -3.63 25.32 22.74
C VAL C 154 -4.10 24.85 24.08
N MET C 155 -3.26 24.15 24.84
CA MET C 155 -3.66 23.80 26.22
C MET C 155 -3.84 25.06 27.10
N ALA C 156 -3.04 26.11 26.89
CA ALA C 156 -3.20 27.36 27.67
C ALA C 156 -4.27 28.35 27.16
N ASP C 157 -5.00 27.97 26.10
CA ASP C 157 -6.16 28.73 25.55
C ASP C 157 -5.85 29.98 24.69
N ARG C 158 -4.62 30.10 24.20
CA ARG C 158 -4.32 31.13 23.21
C ARG C 158 -4.75 30.64 21.85
N VAL C 159 -4.52 31.46 20.83
CA VAL C 159 -4.74 31.06 19.45
C VAL C 159 -3.35 31.09 18.81
N PRO C 160 -2.77 29.94 18.42
CA PRO C 160 -1.32 29.94 18.13
C PRO C 160 -0.93 30.62 16.81
N ARG C 161 0.27 31.23 16.78
CA ARG C 161 0.76 31.92 15.59
C ARG C 161 2.17 31.48 15.17
N CYS C 162 2.51 31.56 13.88
CA CYS C 162 3.82 31.00 13.43
C CYS C 162 4.96 31.90 13.83
N PRO C 163 6.08 31.29 14.17
CA PRO C 163 7.27 32.09 14.44
C PRO C 163 7.80 32.92 13.23
N VAL C 164 7.18 32.76 12.05
CA VAL C 164 7.52 33.53 10.85
C VAL C 164 6.36 34.47 10.45
N CYS C 165 5.16 33.91 10.28
CA CYS C 165 3.97 34.65 9.81
C CYS C 165 3.50 35.60 10.87
N THR C 166 3.53 35.12 12.12
CA THR C 166 2.73 35.68 13.21
C THR C 166 1.23 35.52 12.92
N GLY C 167 0.89 34.73 11.90
CA GLY C 167 -0.46 34.60 11.39
C GLY C 167 -0.99 33.30 11.99
N VAL C 168 -2.30 33.08 11.87
CA VAL C 168 -2.97 32.05 12.65
C VAL C 168 -2.60 30.66 12.16
N VAL C 169 -2.00 29.87 13.05
CA VAL C 169 -1.60 28.50 12.77
C VAL C 169 -2.75 27.51 13.03
N LYS C 170 -3.29 26.88 11.97
CA LYS C 170 -4.50 26.03 12.06
C LYS C 170 -4.27 24.50 11.90
N PRO C 171 -4.62 23.68 12.91
CA PRO C 171 -4.51 22.23 12.76
C PRO C 171 -5.14 21.71 11.47
N ASP C 172 -4.61 20.59 10.96
CA ASP C 172 -5.01 20.09 9.64
C ASP C 172 -6.27 19.25 9.76
N ILE C 173 -7.35 19.92 10.13
CA ILE C 173 -8.68 19.37 10.08
C ILE C 173 -9.27 19.90 8.81
N VAL C 174 -9.98 19.05 8.06
CA VAL C 174 -10.57 19.48 6.81
C VAL C 174 -11.71 20.38 7.20
N PHE C 175 -11.94 21.45 6.45
CA PHE C 175 -13.09 22.36 6.63
C PHE C 175 -13.87 22.37 5.36
N PHE C 176 -15.10 22.87 5.40
CA PHE C 176 -15.91 22.92 4.20
C PHE C 176 -15.15 23.64 3.10
N GLY C 177 -15.40 23.27 1.84
CA GLY C 177 -14.72 23.89 0.70
C GLY C 177 -13.44 23.16 0.37
N GLU C 178 -12.45 23.27 1.28
CA GLU C 178 -11.21 22.46 1.24
C GLU C 178 -11.59 21.06 0.81
N PRO C 179 -10.88 20.48 -0.18
CA PRO C 179 -11.26 19.09 -0.51
C PRO C 179 -10.51 18.10 0.41
N LEU C 180 -10.70 16.83 0.18
CA LEU C 180 -10.31 15.86 1.16
C LEU C 180 -8.82 15.66 1.12
N PRO C 181 -8.25 15.15 2.21
CA PRO C 181 -6.83 14.87 2.22
C PRO C 181 -6.44 14.13 0.99
N GLN C 182 -5.21 14.33 0.49
CA GLN C 182 -4.72 13.71 -0.76
C GLN C 182 -4.70 12.20 -0.67
N ARG C 183 -4.44 11.69 0.54
CA ARG C 183 -4.53 10.25 0.84
C ARG C 183 -5.81 9.57 0.43
N PHE C 184 -6.87 10.30 0.14
CA PHE C 184 -8.12 9.68 -0.19
C PHE C 184 -8.05 9.06 -1.57
N LEU C 185 -6.96 9.30 -2.30
CA LEU C 185 -6.81 8.73 -3.63
C LEU C 185 -6.87 7.24 -3.56
N LEU C 186 -6.60 6.61 -2.42
CA LEU C 186 -6.65 5.15 -2.36
C LEU C 186 -8.08 4.59 -2.39
N HIS C 187 -9.07 5.42 -2.03
CA HIS C 187 -10.47 5.31 -2.49
C HIS C 187 -10.45 4.29 -3.64
N VAL C 188 -9.58 4.46 -4.66
CA VAL C 188 -9.79 3.81 -5.94
C VAL C 188 -9.26 2.43 -6.02
N VAL C 189 -8.26 2.12 -5.20
CA VAL C 189 -7.66 0.80 -5.23
C VAL C 189 -8.07 -0.01 -4.01
N ASP C 190 -7.92 0.55 -2.83
CA ASP C 190 -8.43 -0.15 -1.66
C ASP C 190 -9.83 -0.77 -1.83
N PHE C 191 -10.79 0.01 -2.28
CA PHE C 191 -12.11 -0.52 -2.40
C PHE C 191 -12.29 -1.66 -3.41
N PRO C 192 -11.58 -1.70 -4.56
CA PRO C 192 -11.74 -2.97 -5.24
C PRO C 192 -11.03 -4.11 -4.56
N MET C 193 -9.90 -3.85 -3.91
CA MET C 193 -9.07 -4.94 -3.34
C MET C 193 -9.71 -5.60 -2.16
N ALA C 194 -10.69 -4.92 -1.58
CA ALA C 194 -11.39 -5.38 -0.41
C ALA C 194 -12.10 -6.66 -0.71
N ASP C 195 -11.90 -7.62 0.15
CA ASP C 195 -12.67 -8.86 0.11
C ASP C 195 -13.55 -9.01 1.35
N LEU C 196 -13.61 -7.95 2.18
CA LEU C 196 -14.55 -7.82 3.30
C LEU C 196 -14.58 -6.38 3.78
N LEU C 197 -15.71 -5.71 3.59
CA LEU C 197 -15.94 -4.40 4.22
C LEU C 197 -16.49 -4.55 5.64
N LEU C 198 -16.27 -3.57 6.47
CA LEU C 198 -16.56 -3.74 7.87
C LEU C 198 -16.83 -2.35 8.45
N ILE C 199 -18.11 -2.00 8.51
CA ILE C 199 -18.54 -0.62 8.66
C ILE C 199 -19.02 -0.39 10.08
N LEU C 200 -18.30 0.40 10.88
CA LEU C 200 -18.64 0.57 12.30
C LEU C 200 -19.06 1.98 12.68
N GLY C 201 -20.00 2.10 13.61
CA GLY C 201 -20.42 3.39 14.18
C GLY C 201 -20.38 4.56 13.21
N THR C 202 -21.15 4.45 12.13
CA THR C 202 -21.21 5.53 11.15
C THR C 202 -22.60 5.55 10.55
N SER C 203 -23.08 6.72 10.20
CA SER C 203 -24.39 6.82 9.58
C SER C 203 -24.24 6.89 8.08
N LEU C 204 -23.00 6.84 7.58
CA LEU C 204 -22.78 6.93 6.15
C LEU C 204 -23.58 8.11 5.64
N GLU C 205 -23.42 9.25 6.28
CA GLU C 205 -24.22 10.36 5.85
C GLU C 205 -23.42 11.45 5.31
N VAL C 206 -22.25 11.66 5.89
CA VAL C 206 -21.42 12.66 5.31
C VAL C 206 -20.77 11.97 4.09
N GLU C 207 -20.94 12.57 2.92
CA GLU C 207 -20.18 12.07 1.78
C GLU C 207 -18.70 12.23 2.18
N PRO C 208 -17.80 11.50 1.54
CA PRO C 208 -17.92 10.50 0.45
C PRO C 208 -18.32 9.07 0.83
N PHE C 209 -18.29 8.78 2.15
CA PHE C 209 -18.64 7.49 2.81
C PHE C 209 -19.95 6.85 2.45
N ALA C 210 -20.99 7.67 2.35
CA ALA C 210 -22.21 7.16 1.78
C ALA C 210 -21.80 6.21 0.67
N SER C 211 -21.10 6.77 -0.30
CA SER C 211 -20.89 6.17 -1.60
C SER C 211 -19.94 5.01 -1.56
N LEU C 212 -18.89 5.14 -0.77
CA LEU C 212 -17.88 4.10 -0.71
C LEU C 212 -18.38 2.77 -0.22
N THR C 213 -19.58 2.66 0.26
CA THR C 213 -20.05 1.37 0.69
C THR C 213 -20.43 0.63 -0.56
N GLU C 214 -20.77 1.36 -1.62
CA GLU C 214 -21.14 0.75 -2.91
C GLU C 214 -19.89 0.46 -3.72
N ALA C 215 -18.72 0.74 -3.15
CA ALA C 215 -17.47 0.66 -3.88
C ALA C 215 -16.85 -0.71 -3.89
N VAL C 216 -17.28 -1.62 -3.04
CA VAL C 216 -16.65 -2.91 -3.08
C VAL C 216 -17.25 -3.64 -4.25
N ARG C 217 -16.92 -4.91 -4.44
CA ARG C 217 -17.55 -5.66 -5.49
C ARG C 217 -18.88 -6.25 -5.03
N SER C 218 -19.60 -6.85 -5.98
CA SER C 218 -20.98 -7.35 -5.77
C SER C 218 -21.07 -8.47 -4.73
N SER C 219 -20.01 -9.27 -4.70
CA SER C 219 -19.93 -10.51 -3.99
C SER C 219 -19.08 -10.38 -2.75
N VAL C 220 -18.80 -9.16 -2.33
CA VAL C 220 -18.00 -8.98 -1.13
C VAL C 220 -18.92 -8.69 0.05
N PRO C 221 -18.78 -9.45 1.14
CA PRO C 221 -19.66 -9.19 2.26
C PRO C 221 -19.39 -7.84 2.92
N ARG C 222 -20.43 -7.19 3.39
CA ARG C 222 -20.32 -5.91 4.10
C ARG C 222 -20.90 -6.07 5.51
N LEU C 223 -20.05 -6.02 6.53
CA LEU C 223 -20.46 -6.32 7.91
C LEU C 223 -20.59 -5.04 8.68
N LEU C 224 -21.81 -4.74 9.08
CA LEU C 224 -22.14 -3.52 9.82
C LEU C 224 -22.27 -3.79 11.32
N ILE C 225 -21.46 -3.10 12.12
CA ILE C 225 -21.59 -3.11 13.57
C ILE C 225 -21.79 -1.67 14.01
N ASN C 226 -22.96 -1.15 13.65
CA ASN C 226 -23.46 0.15 14.08
C ASN C 226 -24.36 -0.16 15.24
N ARG C 227 -25.05 0.85 15.77
CA ARG C 227 -26.22 0.53 16.60
C ARG C 227 -27.22 -0.05 15.63
N ASP C 228 -27.44 0.69 14.54
CA ASP C 228 -28.55 0.42 13.61
C ASP C 228 -28.17 0.57 12.11
N LEU C 229 -29.05 0.03 11.28
CA LEU C 229 -28.95 0.00 9.83
C LEU C 229 -29.01 1.40 9.25
N VAL C 230 -28.37 1.59 8.12
CA VAL C 230 -27.99 2.93 7.66
C VAL C 230 -27.65 3.08 6.17
N GLY C 231 -27.92 4.29 5.67
CA GLY C 231 -27.70 4.71 4.29
C GLY C 231 -28.07 3.71 3.20
N PRO C 232 -27.05 3.06 2.63
CA PRO C 232 -27.20 2.07 1.56
C PRO C 232 -27.42 0.65 2.06
N LEU C 233 -26.82 0.29 3.19
CA LEU C 233 -27.12 -1.00 3.79
C LEU C 233 -28.57 -1.04 4.27
N ALA C 234 -29.22 0.12 4.31
CA ALA C 234 -30.67 0.22 4.47
C ALA C 234 -31.31 0.19 3.09
N TRP C 235 -31.25 1.33 2.36
CA TRP C 235 -32.03 1.55 1.13
C TRP C 235 -32.08 0.34 0.15
N HIS C 236 -30.93 -0.19 -0.26
CA HIS C 236 -30.92 -1.44 -1.08
C HIS C 236 -29.69 -2.18 -0.62
N PRO C 237 -29.84 -3.45 -0.24
CA PRO C 237 -28.68 -4.10 0.34
C PRO C 237 -28.23 -5.25 -0.53
N ARG C 238 -26.97 -5.63 -0.39
CA ARG C 238 -26.43 -6.80 -1.06
C ARG C 238 -26.78 -8.06 -0.29
N SER C 239 -26.65 -9.20 -0.95
CA SER C 239 -26.95 -10.49 -0.35
C SER C 239 -26.01 -10.74 0.81
N ARG C 240 -24.70 -10.63 0.57
CA ARG C 240 -23.71 -10.86 1.63
C ARG C 240 -23.55 -9.76 2.69
N ASP C 241 -24.57 -8.94 2.93
CA ASP C 241 -24.55 -7.99 4.05
C ASP C 241 -24.95 -8.72 5.34
N VAL C 242 -24.39 -8.29 6.47
CA VAL C 242 -24.62 -8.94 7.75
C VAL C 242 -24.67 -7.89 8.85
N ALA C 243 -25.86 -7.53 9.34
CA ALA C 243 -25.99 -6.43 10.33
C ALA C 243 -25.91 -6.96 11.76
N GLN C 244 -25.01 -6.41 12.58
CA GLN C 244 -24.89 -6.82 13.99
C GLN C 244 -25.31 -5.68 14.91
N LEU C 245 -26.60 -5.37 14.81
CA LEU C 245 -27.15 -4.15 15.36
C LEU C 245 -27.11 -4.15 16.89
N GLY C 246 -26.33 -3.22 17.45
CA GLY C 246 -26.24 -3.07 18.91
C GLY C 246 -25.21 -2.04 19.38
N ASP C 247 -24.61 -2.29 20.56
CA ASP C 247 -23.43 -1.55 21.00
C ASP C 247 -22.21 -2.08 20.27
N VAL C 248 -21.48 -1.17 19.64
CA VAL C 248 -20.21 -1.54 19.08
C VAL C 248 -19.52 -2.48 20.03
N VAL C 249 -19.35 -2.10 21.28
CA VAL C 249 -18.45 -2.83 22.15
C VAL C 249 -18.95 -4.26 22.37
N HIS C 250 -20.26 -4.49 22.48
CA HIS C 250 -20.76 -5.87 22.56
C HIS C 250 -20.95 -6.45 21.15
N GLY C 251 -21.34 -5.64 20.18
CA GLY C 251 -21.36 -6.07 18.78
C GLY C 251 -19.99 -6.58 18.30
N VAL C 252 -18.93 -5.90 18.74
CA VAL C 252 -17.54 -6.24 18.39
C VAL C 252 -17.14 -7.48 19.17
N GLU C 253 -17.18 -7.39 20.50
CA GLU C 253 -16.68 -8.45 21.39
C GLU C 253 -17.28 -9.83 21.08
N SER C 254 -18.52 -9.75 20.54
CA SER C 254 -19.21 -10.95 20.11
C SER C 254 -18.39 -11.64 19.05
N LEU C 255 -18.11 -10.90 17.96
CA LEU C 255 -17.24 -11.35 16.84
C LEU C 255 -15.86 -11.76 17.30
N VAL C 256 -15.16 -10.84 17.95
CA VAL C 256 -13.89 -11.13 18.62
C VAL C 256 -13.87 -12.51 19.27
N GLU C 257 -14.94 -12.84 19.97
CA GLU C 257 -15.03 -14.12 20.64
C GLU C 257 -15.45 -15.22 19.66
N LEU C 258 -16.19 -14.88 18.61
CA LEU C 258 -16.62 -15.87 17.61
C LEU C 258 -15.50 -16.29 16.68
N LEU C 259 -14.40 -15.55 16.68
CA LEU C 259 -13.22 -15.91 15.94
C LEU C 259 -12.22 -16.60 16.84
N GLY C 260 -12.50 -16.60 18.14
CA GLY C 260 -11.57 -17.13 19.11
C GLY C 260 -10.38 -16.22 19.26
N TRP C 261 -10.63 -14.96 19.61
CA TRP C 261 -9.55 -13.98 19.82
C TRP C 261 -9.59 -13.28 21.18
N THR C 262 -10.54 -13.64 22.04
CA THR C 262 -10.73 -12.97 23.33
C THR C 262 -9.41 -12.98 24.11
N GLU C 263 -8.79 -14.17 24.06
CA GLU C 263 -7.35 -14.37 24.25
C GLU C 263 -6.46 -13.13 24.00
N GLU C 264 -6.10 -12.88 22.75
CA GLU C 264 -5.19 -11.78 22.37
C GLU C 264 -5.60 -10.41 22.92
N MET C 265 -6.89 -10.10 22.80
CA MET C 265 -7.38 -8.78 23.17
C MET C 265 -7.05 -8.47 24.62
N ARG C 266 -7.49 -9.35 25.52
CA ARG C 266 -7.20 -9.16 26.92
C ARG C 266 -5.69 -8.92 27.12
N ASP C 267 -4.85 -9.63 26.38
CA ASP C 267 -3.38 -9.42 26.46
C ASP C 267 -3.02 -8.06 25.89
N LEU C 268 -3.44 -7.82 24.66
CA LEU C 268 -3.18 -6.57 23.98
C LEU C 268 -3.60 -5.38 24.84
N VAL C 269 -4.85 -5.39 25.29
CA VAL C 269 -5.44 -4.24 25.95
C VAL C 269 -4.76 -3.97 27.30
N GLN C 270 -4.15 -5.00 27.89
CA GLN C 270 -3.33 -4.84 29.09
C GLN C 270 -1.94 -4.26 28.82
N ARG C 271 -1.44 -4.41 27.59
CA ARG C 271 -0.16 -3.80 27.19
C ARG C 271 -0.34 -2.31 26.89
N GLU C 272 -1.33 -1.98 26.07
CA GLU C 272 -1.51 -0.62 25.54
C GLU C 272 -2.11 0.36 26.54
N THR C 273 -3.01 -0.14 27.38
CA THR C 273 -3.61 0.69 28.41
C THR C 273 -2.90 0.48 29.76
N GLY C 274 -1.76 -0.21 29.73
CA GLY C 274 -0.80 -0.22 30.85
C GLY C 274 0.20 0.96 30.78
N LYS C 275 0.62 1.30 29.56
CA LYS C 275 1.35 2.56 29.28
C LYS C 275 0.43 3.78 29.49
N LEU C 276 -0.60 3.89 28.64
CA LEU C 276 -1.67 4.90 28.79
C LEU C 276 -2.50 4.66 30.05
N LYS D 4 -20.50 37.61 -4.68
CA LYS D 4 -20.85 36.34 -5.41
C LYS D 4 -20.37 36.35 -6.87
N LEU D 5 -21.00 35.54 -7.73
CA LEU D 5 -20.49 35.27 -9.08
C LEU D 5 -21.63 34.88 -10.04
N SER D 6 -21.73 35.55 -11.18
CA SER D 6 -22.89 35.43 -12.09
C SER D 6 -22.70 34.53 -13.31
N LEU D 7 -23.75 34.35 -14.09
CA LEU D 7 -23.68 33.64 -15.37
C LEU D 7 -22.87 34.49 -16.32
N GLN D 8 -23.32 35.71 -16.58
CA GLN D 8 -22.52 36.65 -17.35
C GLN D 8 -21.02 36.47 -17.02
N ASP D 9 -20.70 36.41 -15.72
CA ASP D 9 -19.32 36.23 -15.25
C ASP D 9 -18.66 34.94 -15.77
N VAL D 10 -19.37 33.83 -15.60
CA VAL D 10 -18.88 32.55 -16.05
C VAL D 10 -18.59 32.63 -17.54
N ALA D 11 -19.61 32.95 -18.34
CA ALA D 11 -19.43 33.15 -19.78
C ALA D 11 -18.13 33.89 -20.17
N GLU D 12 -17.78 34.93 -19.40
CA GLU D 12 -16.50 35.66 -19.61
C GLU D 12 -15.32 34.73 -19.52
N LEU D 13 -15.42 33.73 -18.66
CA LEU D 13 -14.34 32.80 -18.45
C LEU D 13 -14.12 31.84 -19.62
N ILE D 14 -15.08 31.66 -20.51
CA ILE D 14 -14.95 30.59 -21.50
C ILE D 14 -14.44 31.11 -22.86
N ARG D 15 -14.72 32.36 -23.16
CA ARG D 15 -14.08 33.00 -24.31
C ARG D 15 -12.67 33.31 -23.88
N ALA D 16 -12.52 34.02 -22.76
CA ALA D 16 -11.19 34.35 -22.19
C ALA D 16 -10.26 33.14 -22.20
N ARG D 17 -10.88 31.97 -22.28
CA ARG D 17 -10.19 30.72 -22.29
C ARG D 17 -9.61 30.42 -20.90
N ALA D 18 -10.16 31.09 -19.88
CA ALA D 18 -9.86 30.78 -18.49
C ALA D 18 -10.29 29.36 -18.11
N CYS D 19 -11.44 28.91 -18.61
CA CYS D 19 -11.92 27.55 -18.35
C CYS D 19 -11.87 26.77 -19.66
N GLN D 20 -11.08 25.71 -19.70
CA GLN D 20 -10.95 24.90 -20.93
C GLN D 20 -11.18 23.45 -20.68
N ARG D 21 -10.84 23.02 -19.48
CA ARG D 21 -11.08 21.69 -19.01
C ARG D 21 -12.46 21.72 -18.33
N VAL D 22 -13.53 21.48 -19.10
CA VAL D 22 -14.90 21.63 -18.58
C VAL D 22 -15.51 20.26 -18.30
N VAL D 23 -15.85 19.97 -17.05
CA VAL D 23 -16.54 18.73 -16.71
C VAL D 23 -18.01 19.00 -16.61
N VAL D 24 -18.82 18.06 -17.10
CA VAL D 24 -20.26 18.22 -17.16
C VAL D 24 -20.88 17.03 -16.47
N MET D 25 -21.83 17.25 -15.58
CA MET D 25 -22.65 16.15 -15.03
C MET D 25 -24.08 16.41 -15.40
N VAL D 26 -24.81 15.42 -15.92
CA VAL D 26 -26.24 15.56 -16.20
C VAL D 26 -27.03 14.41 -15.63
N GLY D 27 -28.28 14.67 -15.24
CA GLY D 27 -29.21 13.63 -14.77
C GLY D 27 -30.49 13.58 -15.62
N ALA D 28 -31.63 13.41 -14.96
CA ALA D 28 -32.91 13.23 -15.69
C ALA D 28 -33.45 14.43 -16.54
N GLY D 29 -33.01 15.62 -16.11
CA GLY D 29 -33.56 16.85 -16.63
C GLY D 29 -33.19 17.22 -18.06
N ILE D 30 -32.04 16.71 -18.53
CA ILE D 30 -31.60 17.12 -19.88
C ILE D 30 -32.42 16.39 -20.94
N SER D 31 -32.89 15.19 -20.56
CA SER D 31 -33.64 14.34 -21.45
C SER D 31 -35.02 14.26 -20.89
N THR D 32 -35.48 15.39 -20.35
CA THR D 32 -36.91 15.68 -20.23
C THR D 32 -37.39 16.24 -21.60
N PRO D 33 -37.10 17.52 -21.90
CA PRO D 33 -37.65 18.18 -23.09
C PRO D 33 -37.53 17.38 -24.38
N SER D 34 -36.81 16.24 -24.33
CA SER D 34 -36.87 15.23 -25.38
C SER D 34 -38.06 14.26 -25.20
N GLY D 35 -38.90 14.51 -24.20
CA GLY D 35 -40.10 13.71 -23.97
C GLY D 35 -39.86 12.33 -23.39
N ILE D 36 -38.74 12.12 -22.70
CA ILE D 36 -38.50 10.77 -22.20
C ILE D 36 -39.44 10.57 -21.02
N PRO D 37 -40.37 9.63 -21.15
CA PRO D 37 -41.30 9.37 -20.10
C PRO D 37 -40.66 8.77 -18.87
N ASP D 38 -41.30 8.95 -17.75
CA ASP D 38 -40.84 8.43 -16.49
C ASP D 38 -41.91 7.53 -15.93
N PHE D 39 -41.50 6.52 -15.17
CA PHE D 39 -42.46 5.52 -14.72
C PHE D 39 -42.95 5.63 -13.25
N ARG D 40 -42.26 6.46 -12.45
CA ARG D 40 -42.82 6.94 -11.16
C ARG D 40 -43.98 7.91 -11.44
N SER D 41 -43.97 8.45 -12.66
CA SER D 41 -44.90 9.46 -13.12
C SER D 41 -45.96 8.86 -14.05
N PRO D 42 -47.26 8.91 -13.64
CA PRO D 42 -48.37 8.52 -14.50
C PRO D 42 -48.74 9.57 -15.59
N GLY D 43 -49.30 8.94 -16.69
CA GLY D 43 -49.74 9.67 -17.85
C GLY D 43 -49.19 9.13 -19.16
N SER D 44 -48.03 8.50 -19.10
CA SER D 44 -47.30 8.13 -20.31
C SER D 44 -47.81 6.83 -20.90
N GLY D 45 -47.36 6.54 -22.11
CA GLY D 45 -47.60 5.24 -22.71
C GLY D 45 -46.79 4.26 -21.88
N LEU D 46 -45.50 4.54 -21.79
CA LEU D 46 -44.58 3.71 -21.01
C LEU D 46 -45.10 3.37 -19.61
N TYR D 47 -45.83 4.29 -18.98
CA TYR D 47 -46.27 4.09 -17.60
C TYR D 47 -47.30 2.98 -17.37
N SER D 48 -48.38 2.99 -18.16
CA SER D 48 -49.42 1.97 -18.07
C SER D 48 -48.87 0.61 -18.43
N ASN D 49 -47.94 0.60 -19.39
CA ASN D 49 -47.36 -0.65 -19.86
C ASN D 49 -46.70 -1.40 -18.72
N LEU D 50 -46.05 -0.67 -17.82
CA LEU D 50 -45.36 -1.31 -16.73
C LEU D 50 -46.31 -1.72 -15.61
N GLN D 51 -47.37 -0.95 -15.39
CA GLN D 51 -48.30 -1.27 -14.31
C GLN D 51 -49.03 -2.62 -14.52
N GLN D 52 -49.15 -3.08 -15.78
CA GLN D 52 -49.84 -4.38 -16.00
C GLN D 52 -49.07 -5.52 -15.31
N TYR D 53 -47.73 -5.45 -15.32
CA TYR D 53 -46.87 -6.38 -14.54
C TYR D 53 -46.94 -5.94 -13.08
N ASP D 54 -47.46 -6.81 -12.20
CA ASP D 54 -47.56 -6.45 -10.78
C ASP D 54 -46.12 -6.35 -10.32
N LEU D 55 -45.82 -5.19 -9.73
CA LEU D 55 -44.45 -4.82 -9.43
C LEU D 55 -44.28 -4.48 -7.95
N PRO D 56 -43.55 -5.35 -7.19
CA PRO D 56 -43.27 -5.07 -5.76
C PRO D 56 -42.77 -3.63 -5.50
N TYR D 57 -42.24 -3.01 -6.53
CA TYR D 57 -42.01 -1.61 -6.49
C TYR D 57 -41.38 -1.15 -7.79
N PRO D 58 -41.44 0.17 -8.05
CA PRO D 58 -40.65 0.79 -9.09
C PRO D 58 -39.25 0.20 -9.30
N GLU D 59 -38.41 0.21 -8.26
CA GLU D 59 -36.93 0.08 -8.41
C GLU D 59 -36.55 -1.37 -8.76
N ALA D 60 -37.52 -2.19 -9.11
CA ALA D 60 -37.30 -3.61 -9.39
C ALA D 60 -36.95 -3.87 -10.84
N ILE D 61 -37.32 -2.95 -11.74
CA ILE D 61 -36.97 -3.14 -13.15
C ILE D 61 -35.47 -3.19 -13.24
N PHE D 62 -34.80 -2.62 -12.25
CA PHE D 62 -33.37 -2.54 -12.23
C PHE D 62 -32.73 -3.41 -11.19
N GLU D 63 -33.38 -4.48 -10.80
CA GLU D 63 -32.78 -5.44 -9.88
C GLU D 63 -32.57 -6.75 -10.62
N LEU D 64 -31.56 -7.51 -10.20
CA LEU D 64 -31.30 -8.80 -10.82
C LEU D 64 -32.38 -9.83 -10.53
N PRO D 65 -32.44 -10.37 -9.30
CA PRO D 65 -33.45 -11.39 -9.02
C PRO D 65 -34.76 -11.20 -9.78
N PHE D 66 -35.30 -9.99 -9.73
CA PHE D 66 -36.58 -9.75 -10.35
C PHE D 66 -36.56 -9.89 -11.87
N PHE D 67 -35.50 -9.37 -12.49
CA PHE D 67 -35.25 -9.57 -13.90
C PHE D 67 -35.20 -11.05 -14.27
N PHE D 68 -34.43 -11.83 -13.51
CA PHE D 68 -34.36 -13.25 -13.77
C PHE D 68 -35.70 -13.91 -13.55
N HIS D 69 -36.51 -13.38 -12.65
CA HIS D 69 -37.85 -13.91 -12.37
C HIS D 69 -38.87 -13.65 -13.52
N ASN D 70 -39.01 -12.39 -13.94
CA ASN D 70 -39.64 -12.04 -15.21
C ASN D 70 -38.80 -10.94 -15.84
N PRO D 71 -38.02 -11.25 -16.91
CA PRO D 71 -37.41 -10.16 -17.71
C PRO D 71 -38.43 -9.29 -18.46
N LYS D 72 -39.71 -9.64 -18.34
CA LYS D 72 -40.72 -9.08 -19.21
C LYS D 72 -40.85 -7.54 -19.12
N PRO D 73 -40.88 -6.98 -17.88
CA PRO D 73 -41.06 -5.54 -17.72
C PRO D 73 -39.80 -4.77 -17.98
N PHE D 74 -38.62 -5.34 -17.73
CA PHE D 74 -37.43 -4.59 -18.07
C PHE D 74 -37.34 -4.31 -19.56
N PHE D 75 -37.66 -5.30 -20.38
CA PHE D 75 -37.59 -5.14 -21.84
C PHE D 75 -38.66 -4.22 -22.36
N THR D 76 -39.81 -4.31 -21.71
CA THR D 76 -40.88 -3.34 -21.87
C THR D 76 -40.31 -1.93 -21.93
N LEU D 77 -39.36 -1.67 -21.04
CA LEU D 77 -38.65 -0.39 -21.00
C LEU D 77 -37.71 -0.22 -22.18
N ALA D 78 -36.80 -1.18 -22.34
CA ALA D 78 -35.73 -1.06 -23.32
C ALA D 78 -36.39 -0.74 -24.64
N LYS D 79 -37.38 -1.54 -25.02
CA LYS D 79 -38.12 -1.27 -26.23
C LYS D 79 -38.39 0.21 -26.40
N GLU D 80 -39.03 0.79 -25.38
CA GLU D 80 -39.44 2.19 -25.40
C GLU D 80 -38.23 3.08 -25.58
N LEU D 81 -37.15 2.73 -24.91
CA LEU D 81 -35.97 3.60 -24.89
C LEU D 81 -34.83 3.23 -25.85
N TYR D 82 -35.10 2.32 -26.78
CA TYR D 82 -34.07 1.87 -27.74
C TYR D 82 -33.84 3.03 -28.72
N PRO D 83 -32.60 3.14 -29.21
CA PRO D 83 -32.23 4.22 -30.12
C PRO D 83 -33.08 4.20 -31.37
N GLY D 84 -33.25 5.38 -31.96
CA GLY D 84 -34.30 5.64 -32.93
C GLY D 84 -35.41 6.44 -32.27
N ASN D 85 -35.95 5.93 -31.16
CA ASN D 85 -37.22 6.41 -30.57
C ASN D 85 -37.37 7.91 -30.27
N TYR D 86 -36.53 8.44 -29.38
CA TYR D 86 -36.57 9.87 -29.06
C TYR D 86 -35.26 10.50 -29.47
N LYS D 87 -35.31 11.56 -30.27
CA LYS D 87 -34.11 12.36 -30.60
C LYS D 87 -33.61 13.21 -29.40
N PRO D 88 -32.52 13.98 -29.58
CA PRO D 88 -31.96 14.76 -28.46
C PRO D 88 -32.70 16.09 -28.26
N ASN D 89 -32.04 17.11 -27.75
CA ASN D 89 -32.65 18.45 -27.58
C ASN D 89 -31.61 19.54 -27.37
N VAL D 90 -31.99 20.81 -27.46
CA VAL D 90 -30.99 21.89 -27.51
C VAL D 90 -29.96 21.88 -26.35
N THR D 91 -30.32 21.29 -25.20
CA THR D 91 -29.33 21.01 -24.17
C THR D 91 -28.22 20.08 -24.67
N HIS D 92 -28.57 18.87 -25.13
CA HIS D 92 -27.57 17.91 -25.63
C HIS D 92 -26.66 18.55 -26.67
N TYR D 93 -27.24 19.37 -27.53
CA TYR D 93 -26.48 20.03 -28.58
C TYR D 93 -25.50 21.10 -28.09
N PHE D 94 -25.81 21.79 -27.00
CA PHE D 94 -24.84 22.75 -26.41
C PHE D 94 -23.62 21.99 -25.91
N LEU D 95 -23.85 20.91 -25.15
CA LEU D 95 -22.74 20.11 -24.64
C LEU D 95 -21.88 19.62 -25.83
N ARG D 96 -22.57 19.31 -26.92
CA ARG D 96 -21.93 18.88 -28.15
C ARG D 96 -21.02 19.95 -28.73
N LEU D 97 -21.53 21.16 -28.80
CA LEU D 97 -20.77 22.27 -29.30
C LEU D 97 -19.67 22.52 -28.31
N LEU D 98 -20.04 22.54 -27.03
CA LEU D 98 -19.05 22.62 -25.96
C LEU D 98 -17.90 21.66 -26.19
N HIS D 99 -18.20 20.46 -26.68
CA HIS D 99 -17.14 19.58 -27.16
C HIS D 99 -16.38 20.11 -28.36
N ASP D 100 -17.10 20.31 -29.47
CA ASP D 100 -16.49 20.67 -30.74
C ASP D 100 -15.45 21.74 -30.59
N LYS D 101 -15.65 22.62 -29.62
CA LYS D 101 -14.71 23.70 -29.38
C LYS D 101 -13.43 23.32 -28.65
N GLY D 102 -13.26 22.03 -28.30
CA GLY D 102 -12.09 21.60 -27.53
C GLY D 102 -12.15 22.18 -26.13
N LEU D 103 -13.37 22.23 -25.59
CA LEU D 103 -13.62 22.68 -24.22
C LEU D 103 -14.17 21.63 -23.28
N LEU D 104 -14.64 20.49 -23.80
CA LEU D 104 -15.31 19.47 -22.96
C LEU D 104 -14.35 18.40 -22.57
N LEU D 105 -14.03 18.32 -21.27
CA LEU D 105 -13.13 17.30 -20.75
C LEU D 105 -13.81 15.95 -20.66
N ARG D 106 -14.99 15.94 -20.06
CA ARG D 106 -15.77 14.72 -19.82
C ARG D 106 -17.22 15.08 -19.43
N LEU D 107 -18.14 14.29 -19.95
CA LEU D 107 -19.55 14.44 -19.68
C LEU D 107 -19.98 13.19 -18.96
N TYR D 108 -20.22 13.32 -17.67
CA TYR D 108 -20.78 12.22 -16.91
C TYR D 108 -22.32 12.26 -16.93
N THR D 109 -22.96 11.13 -17.24
CA THR D 109 -24.40 11.06 -17.39
C THR D 109 -24.92 9.88 -16.61
N GLN D 110 -25.97 10.11 -15.82
CA GLN D 110 -26.77 9.04 -15.19
C GLN D 110 -28.00 8.70 -16.07
N ASN D 111 -28.05 9.29 -17.26
CA ASN D 111 -29.09 9.01 -18.21
C ASN D 111 -28.87 7.74 -19.01
N ILE D 112 -29.93 6.97 -19.27
CA ILE D 112 -29.81 5.76 -20.07
C ILE D 112 -30.61 5.84 -21.33
N ASP D 113 -30.47 6.94 -22.05
CA ASP D 113 -31.08 7.11 -23.36
C ASP D 113 -30.08 7.50 -24.46
N GLY D 114 -28.77 7.34 -24.20
CA GLY D 114 -27.68 7.77 -25.09
C GLY D 114 -28.02 8.94 -26.00
N LEU D 115 -28.61 9.97 -25.44
CA LEU D 115 -28.97 11.12 -26.24
C LEU D 115 -27.74 12.00 -26.38
N GLU D 116 -26.74 11.77 -25.52
CA GLU D 116 -25.47 12.43 -25.66
C GLU D 116 -24.88 11.77 -26.87
N ARG D 117 -24.79 10.45 -26.84
CA ARG D 117 -24.18 9.73 -27.95
C ARG D 117 -24.83 10.23 -29.26
N VAL D 118 -26.16 10.32 -29.28
CA VAL D 118 -26.85 10.70 -30.51
C VAL D 118 -26.55 12.14 -30.91
N SER D 119 -26.15 12.95 -29.94
CA SER D 119 -25.87 14.35 -30.21
C SER D 119 -24.55 14.47 -30.93
N GLY D 120 -23.67 13.48 -30.71
CA GLY D 120 -22.34 13.47 -31.30
C GLY D 120 -21.22 13.58 -30.27
N ILE D 121 -21.54 13.89 -29.02
CA ILE D 121 -20.54 13.80 -27.97
C ILE D 121 -20.04 12.33 -28.07
N PRO D 122 -18.77 12.12 -28.43
CA PRO D 122 -18.26 10.76 -28.69
C PRO D 122 -18.02 9.96 -27.43
N ALA D 123 -18.03 8.64 -27.52
CA ALA D 123 -17.82 7.74 -26.35
C ALA D 123 -16.59 8.09 -25.54
N SER D 124 -15.46 8.31 -26.22
CA SER D 124 -14.23 8.72 -25.54
C SER D 124 -14.44 9.86 -24.52
N LYS D 125 -15.48 10.69 -24.74
CA LYS D 125 -15.75 11.87 -23.93
C LYS D 125 -16.89 11.66 -22.95
N LEU D 126 -17.34 10.42 -22.81
CA LEU D 126 -18.51 10.11 -22.02
C LEU D 126 -18.26 9.08 -20.93
N VAL D 127 -18.88 9.30 -19.78
CA VAL D 127 -19.03 8.21 -18.82
C VAL D 127 -20.51 8.04 -18.53
N GLU D 128 -21.06 6.94 -19.02
CA GLU D 128 -22.45 6.57 -18.91
C GLU D 128 -22.56 5.69 -17.69
N ALA D 129 -22.53 6.37 -16.55
CA ALA D 129 -22.42 5.74 -15.27
C ALA D 129 -23.51 4.73 -14.97
N HIS D 130 -24.64 4.77 -15.65
CA HIS D 130 -25.65 3.74 -15.44
C HIS D 130 -25.76 2.72 -16.57
N GLY D 131 -25.07 3.00 -17.66
CA GLY D 131 -24.99 2.04 -18.76
C GLY D 131 -25.67 2.53 -20.03
N THR D 132 -25.79 1.58 -20.94
CA THR D 132 -26.11 1.95 -22.27
C THR D 132 -26.90 0.82 -22.85
N PHE D 133 -27.79 1.14 -23.79
CA PHE D 133 -28.52 0.14 -24.58
C PHE D 133 -27.76 -0.22 -25.90
N ALA D 134 -26.66 0.49 -26.14
CA ALA D 134 -25.75 0.25 -27.26
C ALA D 134 -25.19 -1.13 -27.26
N SER D 135 -25.24 -1.81 -26.13
CA SER D 135 -24.74 -3.17 -26.08
C SER D 135 -25.53 -4.05 -25.12
N ALA D 136 -25.18 -5.35 -25.15
CA ALA D 136 -25.75 -6.36 -24.24
C ALA D 136 -24.77 -7.51 -23.99
N THR D 137 -25.16 -8.48 -23.16
CA THR D 137 -24.29 -9.55 -22.68
C THR D 137 -25.14 -10.74 -22.28
N CYS D 138 -24.99 -11.93 -22.85
CA CYS D 138 -25.88 -12.97 -22.31
C CYS D 138 -25.43 -13.27 -20.91
N THR D 139 -26.41 -13.63 -20.08
CA THR D 139 -26.27 -13.86 -18.66
C THR D 139 -25.70 -15.26 -18.36
N VAL D 140 -25.21 -15.94 -19.39
CA VAL D 140 -24.61 -17.23 -19.22
C VAL D 140 -23.36 -17.37 -20.15
N CYS D 141 -23.55 -17.18 -21.47
CA CYS D 141 -22.44 -17.08 -22.47
C CYS D 141 -21.45 -16.02 -21.98
N GLN D 142 -21.94 -14.96 -21.32
CA GLN D 142 -21.15 -13.75 -20.98
C GLN D 142 -20.72 -13.02 -22.24
N ARG D 143 -21.11 -13.56 -23.38
CA ARG D 143 -20.64 -13.14 -24.66
C ARG D 143 -21.31 -11.82 -24.93
N PRO D 144 -20.53 -10.81 -25.32
CA PRO D 144 -21.09 -9.51 -25.60
C PRO D 144 -21.91 -9.49 -26.87
N PHE D 145 -22.64 -8.40 -27.06
CA PHE D 145 -23.50 -8.24 -28.19
C PHE D 145 -23.78 -6.77 -28.48
N PRO D 146 -23.57 -6.36 -29.73
CA PRO D 146 -24.03 -5.06 -30.19
C PRO D 146 -25.54 -4.91 -30.14
N GLY D 147 -25.98 -3.80 -29.57
CA GLY D 147 -27.39 -3.56 -29.31
C GLY D 147 -28.29 -3.80 -30.49
N GLU D 148 -27.73 -3.79 -31.69
CA GLU D 148 -28.53 -3.88 -32.90
C GLU D 148 -28.88 -5.31 -33.25
N ASP D 149 -28.31 -6.28 -32.54
CA ASP D 149 -28.60 -7.70 -32.75
C ASP D 149 -29.88 -8.13 -32.01
N ILE D 150 -29.99 -7.71 -30.76
CA ILE D 150 -31.22 -7.94 -30.00
C ILE D 150 -32.27 -6.87 -30.32
N ARG D 151 -32.04 -6.01 -31.33
CA ARG D 151 -33.08 -5.09 -31.80
C ARG D 151 -34.29 -5.88 -32.25
N ALA D 152 -34.02 -6.89 -33.06
CA ALA D 152 -35.02 -7.84 -33.51
C ALA D 152 -36.15 -8.07 -32.50
N ASP D 153 -35.80 -8.81 -31.45
CA ASP D 153 -36.74 -9.39 -30.50
C ASP D 153 -37.30 -8.31 -29.61
N VAL D 154 -36.63 -7.16 -29.60
CA VAL D 154 -36.94 -6.05 -28.70
C VAL D 154 -38.09 -5.21 -29.22
N MET D 155 -38.02 -4.76 -30.48
CA MET D 155 -39.18 -4.13 -31.12
C MET D 155 -40.27 -5.17 -31.46
N ALA D 156 -40.10 -6.42 -31.00
CA ALA D 156 -41.08 -7.47 -31.21
C ALA D 156 -41.56 -8.09 -29.90
N ASP D 157 -41.21 -7.45 -28.77
CA ASP D 157 -41.70 -7.83 -27.43
C ASP D 157 -41.45 -9.29 -27.02
N ARG D 158 -40.33 -9.85 -27.48
CA ARG D 158 -39.88 -11.12 -26.98
C ARG D 158 -38.70 -10.80 -26.09
N VAL D 159 -38.00 -11.82 -25.63
CA VAL D 159 -36.92 -11.65 -24.67
C VAL D 159 -35.66 -12.30 -25.24
N PRO D 160 -34.66 -11.50 -25.69
CA PRO D 160 -33.55 -12.02 -26.51
C PRO D 160 -32.69 -13.10 -25.85
N ARG D 161 -32.34 -14.13 -26.61
CA ARG D 161 -31.49 -15.22 -26.12
C ARG D 161 -30.29 -15.44 -27.04
N CYS D 162 -29.15 -15.90 -26.51
CA CYS D 162 -27.94 -15.96 -27.39
C CYS D 162 -28.02 -17.10 -28.34
N PRO D 163 -27.47 -16.88 -29.54
CA PRO D 163 -27.39 -17.98 -30.48
C PRO D 163 -26.49 -19.15 -30.00
N VAL D 164 -25.84 -18.99 -28.85
CA VAL D 164 -25.03 -20.04 -28.24
C VAL D 164 -25.64 -20.55 -26.91
N CYS D 165 -26.10 -19.64 -26.06
CA CYS D 165 -26.60 -19.98 -24.70
C CYS D 165 -28.04 -20.46 -24.77
N THR D 166 -28.86 -19.70 -25.48
CA THR D 166 -30.31 -19.65 -25.29
C THR D 166 -30.72 -19.06 -23.92
N GLY D 167 -29.73 -18.75 -23.08
CA GLY D 167 -29.93 -17.95 -21.89
C GLY D 167 -30.22 -16.51 -22.30
N VAL D 168 -30.54 -15.68 -21.31
CA VAL D 168 -31.21 -14.40 -21.55
C VAL D 168 -30.22 -13.26 -21.83
N VAL D 169 -30.14 -12.78 -23.08
CA VAL D 169 -29.25 -11.66 -23.45
C VAL D 169 -29.77 -10.32 -22.94
N LYS D 170 -29.07 -9.73 -21.96
CA LYS D 170 -29.53 -8.52 -21.22
C LYS D 170 -28.72 -7.26 -21.55
N PRO D 171 -29.38 -6.19 -22.08
CA PRO D 171 -28.65 -4.96 -22.33
C PRO D 171 -27.77 -4.56 -21.15
N ASP D 172 -26.81 -3.68 -21.42
CA ASP D 172 -25.77 -3.33 -20.48
C ASP D 172 -26.15 -2.10 -19.68
N ILE D 173 -27.29 -2.21 -18.99
CA ILE D 173 -27.77 -1.21 -18.06
C ILE D 173 -27.46 -1.67 -16.66
N VAL D 174 -26.81 -0.85 -15.86
CA VAL D 174 -26.34 -1.30 -14.57
C VAL D 174 -27.56 -1.60 -13.73
N PHE D 175 -27.56 -2.71 -12.97
CA PHE D 175 -28.65 -2.99 -12.04
C PHE D 175 -28.07 -2.92 -10.65
N PHE D 176 -28.94 -2.86 -9.63
CA PHE D 176 -28.47 -2.77 -8.26
C PHE D 176 -27.63 -3.97 -7.94
N GLY D 177 -26.70 -3.78 -6.99
CA GLY D 177 -25.78 -4.84 -6.58
C GLY D 177 -24.52 -4.89 -7.42
N GLU D 178 -24.70 -4.66 -8.73
CA GLU D 178 -23.60 -4.59 -9.69
C GLU D 178 -22.77 -3.35 -9.40
N PRO D 179 -21.52 -3.34 -9.95
CA PRO D 179 -20.62 -2.20 -9.73
C PRO D 179 -20.73 -1.23 -10.92
N LEU D 180 -20.25 -0.02 -10.74
CA LEU D 180 -20.40 0.93 -11.80
C LEU D 180 -19.49 0.54 -12.96
N PRO D 181 -19.82 1.00 -14.17
CA PRO D 181 -18.96 0.73 -15.31
C PRO D 181 -17.52 0.95 -14.95
N GLN D 182 -16.60 0.31 -15.67
CA GLN D 182 -15.16 0.49 -15.39
C GLN D 182 -14.72 1.90 -15.75
N ARG D 183 -15.33 2.50 -16.78
CA ARG D 183 -15.00 3.86 -17.21
C ARG D 183 -15.08 4.87 -16.12
N PHE D 184 -15.81 4.54 -15.07
CA PHE D 184 -16.01 5.46 -13.98
C PHE D 184 -14.74 5.70 -13.16
N LEU D 185 -13.63 5.05 -13.54
CA LEU D 185 -12.35 5.22 -12.86
C LEU D 185 -11.81 6.59 -13.14
N LEU D 186 -12.38 7.32 -14.07
CA LEU D 186 -12.01 8.71 -14.20
C LEU D 186 -12.62 9.66 -13.08
N HIS D 187 -13.64 9.20 -12.26
CA HIS D 187 -13.87 9.62 -10.81
C HIS D 187 -12.61 10.56 -10.67
N VAL D 188 -11.41 10.03 -10.94
CA VAL D 188 -10.24 10.40 -10.21
C VAL D 188 -9.35 11.37 -10.85
N VAL D 189 -9.35 11.42 -12.19
CA VAL D 189 -8.55 12.44 -12.89
C VAL D 189 -9.37 13.48 -13.60
N ASP D 190 -10.57 13.17 -14.02
CA ASP D 190 -11.40 14.23 -14.54
C ASP D 190 -11.70 15.28 -13.46
N PHE D 191 -12.19 14.88 -12.31
CA PHE D 191 -12.62 15.90 -11.37
C PHE D 191 -11.54 16.87 -10.90
N PRO D 192 -10.37 16.42 -10.46
CA PRO D 192 -9.43 17.44 -9.98
C PRO D 192 -8.75 18.22 -11.10
N MET D 193 -9.04 17.85 -12.35
CA MET D 193 -8.54 18.54 -13.54
C MET D 193 -9.52 19.59 -14.05
N ALA D 194 -10.75 19.49 -13.59
CA ALA D 194 -11.79 20.37 -14.06
C ALA D 194 -11.47 21.72 -13.53
N ASP D 195 -11.68 22.69 -14.42
CA ASP D 195 -11.62 24.11 -14.10
C ASP D 195 -12.94 24.81 -14.41
N LEU D 196 -13.97 24.02 -14.69
CA LEU D 196 -15.35 24.46 -14.57
C LEU D 196 -16.25 23.24 -14.52
N LEU D 197 -17.08 23.17 -13.49
CA LEU D 197 -18.08 22.13 -13.35
C LEU D 197 -19.48 22.62 -13.76
N LEU D 198 -20.17 21.83 -14.56
CA LEU D 198 -21.39 22.25 -15.22
C LEU D 198 -22.50 21.21 -14.99
N ILE D 199 -23.50 21.55 -14.18
CA ILE D 199 -24.34 20.52 -13.62
C ILE D 199 -25.75 20.75 -14.13
N LEU D 200 -26.24 19.92 -15.05
CA LEU D 200 -27.57 20.14 -15.66
C LEU D 200 -28.56 19.00 -15.45
N GLY D 201 -29.73 19.33 -14.90
CA GLY D 201 -30.86 18.40 -14.92
C GLY D 201 -30.63 17.16 -14.09
N THR D 202 -30.42 17.38 -12.79
CA THR D 202 -30.02 16.31 -11.90
C THR D 202 -30.29 16.72 -10.47
N SER D 203 -30.68 15.77 -9.64
CA SER D 203 -31.00 16.09 -8.27
C SER D 203 -29.82 15.75 -7.40
N LEU D 204 -28.83 15.08 -7.98
CA LEU D 204 -27.69 14.60 -7.21
C LEU D 204 -28.16 13.72 -6.03
N GLU D 205 -29.31 13.06 -6.20
CA GLU D 205 -29.87 12.29 -5.09
C GLU D 205 -29.20 10.95 -5.19
N VAL D 206 -29.02 10.46 -6.42
CA VAL D 206 -28.51 9.10 -6.63
C VAL D 206 -26.97 9.04 -6.51
N GLU D 207 -26.47 7.94 -5.96
CA GLU D 207 -25.03 7.84 -5.83
C GLU D 207 -24.35 7.45 -7.16
N PRO D 208 -23.10 7.90 -7.34
CA PRO D 208 -22.20 8.70 -6.48
C PRO D 208 -22.07 10.22 -6.80
N PHE D 209 -22.88 10.69 -7.74
CA PHE D 209 -23.04 12.12 -8.16
C PHE D 209 -23.15 13.12 -7.04
N ALA D 210 -23.97 12.80 -6.04
CA ALA D 210 -24.00 13.58 -4.82
C ALA D 210 -22.58 14.01 -4.51
N SER D 211 -21.72 13.01 -4.45
CA SER D 211 -20.39 13.17 -3.90
C SER D 211 -19.46 13.93 -4.82
N LEU D 212 -19.49 13.63 -6.11
CA LEU D 212 -18.54 14.19 -7.07
C LEU D 212 -18.70 15.69 -7.27
N THR D 213 -19.78 16.30 -6.84
CA THR D 213 -19.82 17.74 -6.91
C THR D 213 -18.79 18.31 -5.95
N GLU D 214 -18.34 17.54 -4.95
CA GLU D 214 -17.27 17.99 -4.04
C GLU D 214 -15.88 17.73 -4.63
N ALA D 215 -15.81 16.94 -5.69
CA ALA D 215 -14.55 16.40 -6.18
C ALA D 215 -13.67 17.41 -6.87
N VAL D 216 -14.24 18.55 -7.27
CA VAL D 216 -13.42 19.54 -7.89
C VAL D 216 -12.67 20.31 -6.83
N ARG D 217 -11.73 21.13 -7.24
CA ARG D 217 -10.97 21.98 -6.32
C ARG D 217 -11.84 23.16 -5.94
N SER D 218 -11.55 23.83 -4.82
CA SER D 218 -12.49 24.91 -4.35
C SER D 218 -12.47 26.22 -5.15
N SER D 219 -11.36 26.53 -5.83
CA SER D 219 -11.29 27.63 -6.77
C SER D 219 -12.21 27.49 -7.96
N VAL D 220 -12.50 26.25 -8.34
CA VAL D 220 -13.31 25.96 -9.53
C VAL D 220 -14.78 26.25 -9.26
N PRO D 221 -15.40 27.04 -10.15
CA PRO D 221 -16.81 27.32 -10.10
C PRO D 221 -17.67 26.13 -10.47
N ARG D 222 -18.85 26.03 -9.86
CA ARG D 222 -19.86 25.03 -10.20
C ARG D 222 -21.11 25.75 -10.72
N LEU D 223 -21.45 25.56 -11.99
CA LEU D 223 -22.58 26.22 -12.62
C LEU D 223 -23.73 25.24 -12.74
N LEU D 224 -24.71 25.41 -11.88
CA LEU D 224 -25.93 24.61 -11.88
C LEU D 224 -27.05 25.19 -12.74
N ILE D 225 -27.40 24.51 -13.81
CA ILE D 225 -28.58 24.86 -14.57
C ILE D 225 -29.56 23.72 -14.42
N ASN D 226 -30.09 23.61 -13.20
CA ASN D 226 -31.25 22.77 -12.91
C ASN D 226 -32.46 23.68 -12.86
N ARG D 227 -33.63 23.05 -12.69
CA ARG D 227 -34.84 23.76 -12.39
C ARG D 227 -34.62 24.47 -11.10
N ASP D 228 -33.97 23.76 -10.17
CA ASP D 228 -33.81 24.27 -8.81
C ASP D 228 -32.53 23.75 -8.09
N LEU D 229 -32.16 24.51 -7.04
CA LEU D 229 -31.01 24.23 -6.21
C LEU D 229 -31.18 22.86 -5.54
N VAL D 230 -30.08 22.15 -5.43
CA VAL D 230 -30.12 20.74 -5.17
C VAL D 230 -28.87 20.21 -4.49
N GLY D 231 -29.10 19.33 -3.51
CA GLY D 231 -28.07 18.48 -2.92
C GLY D 231 -27.07 19.22 -2.06
N PRO D 232 -25.80 19.14 -2.45
CA PRO D 232 -24.73 19.83 -1.78
C PRO D 232 -24.51 21.26 -2.28
N LEU D 233 -24.87 21.58 -3.53
CA LEU D 233 -24.78 22.98 -3.96
C LEU D 233 -25.60 23.81 -3.01
N ALA D 234 -26.71 23.23 -2.54
CA ALA D 234 -27.58 23.84 -1.53
C ALA D 234 -27.17 23.62 -0.06
N TRP D 235 -26.82 22.39 0.31
CA TRP D 235 -26.49 22.07 1.72
C TRP D 235 -25.01 22.39 2.11
N HIS D 236 -24.64 23.66 2.01
CA HIS D 236 -23.24 24.09 2.20
C HIS D 236 -22.62 24.24 0.81
N PRO D 237 -22.75 25.46 0.20
CA PRO D 237 -22.32 25.79 -1.16
C PRO D 237 -20.91 26.39 -1.18
N ARG D 238 -20.36 26.61 -2.37
CA ARG D 238 -19.05 27.26 -2.52
C ARG D 238 -19.16 28.69 -3.03
N SER D 239 -18.09 29.46 -2.84
CA SER D 239 -18.14 30.87 -3.15
C SER D 239 -18.31 31.07 -4.64
N ARG D 240 -17.66 30.24 -5.45
CA ARG D 240 -17.90 30.28 -6.90
C ARG D 240 -18.94 29.25 -7.31
N ASP D 241 -20.17 29.47 -6.91
CA ASP D 241 -21.30 28.68 -7.37
C ASP D 241 -22.25 29.66 -8.02
N VAL D 242 -22.93 29.17 -9.06
CA VAL D 242 -23.76 29.99 -9.94
C VAL D 242 -24.96 29.18 -10.41
N ALA D 243 -26.15 29.45 -9.84
CA ALA D 243 -27.40 28.77 -10.24
C ALA D 243 -28.11 29.57 -11.34
N GLN D 244 -28.67 28.86 -12.32
CA GLN D 244 -29.54 29.46 -13.31
C GLN D 244 -30.83 28.65 -13.31
N LEU D 245 -31.67 28.97 -12.34
CA LEU D 245 -32.76 28.12 -11.96
C LEU D 245 -33.94 28.31 -12.91
N GLY D 246 -34.41 27.21 -13.47
CA GLY D 246 -35.57 27.23 -14.38
C GLY D 246 -35.49 26.14 -15.43
N ASP D 247 -36.20 26.31 -16.55
CA ASP D 247 -36.14 25.32 -17.58
C ASP D 247 -34.72 25.26 -18.01
N VAL D 248 -34.25 24.03 -18.05
CA VAL D 248 -32.94 23.74 -18.51
C VAL D 248 -32.71 24.42 -19.83
N VAL D 249 -33.74 24.59 -20.65
CA VAL D 249 -33.52 25.14 -21.98
C VAL D 249 -33.38 26.67 -21.93
N HIS D 250 -34.31 27.39 -21.29
CA HIS D 250 -34.12 28.86 -21.16
C HIS D 250 -32.80 29.03 -20.39
N GLY D 251 -32.56 28.19 -19.38
CA GLY D 251 -31.29 28.23 -18.67
C GLY D 251 -30.07 28.17 -19.62
N VAL D 252 -29.91 27.03 -20.29
CA VAL D 252 -28.92 26.84 -21.34
C VAL D 252 -29.00 28.01 -22.33
N GLU D 253 -30.06 28.08 -23.13
CA GLU D 253 -30.14 29.08 -24.21
C GLU D 253 -29.64 30.46 -23.80
N SER D 254 -29.82 30.83 -22.54
CA SER D 254 -29.40 32.15 -22.07
C SER D 254 -27.91 32.34 -22.21
N LEU D 255 -27.18 31.42 -21.56
CA LEU D 255 -25.71 31.30 -21.61
C LEU D 255 -25.20 31.19 -23.04
N VAL D 256 -25.74 30.24 -23.78
CA VAL D 256 -25.47 30.12 -25.22
C VAL D 256 -25.49 31.46 -25.93
N GLU D 257 -26.46 32.31 -25.57
CA GLU D 257 -26.54 33.65 -26.13
C GLU D 257 -25.61 34.62 -25.40
N LEU D 258 -25.22 34.29 -24.15
CA LEU D 258 -24.32 35.13 -23.37
C LEU D 258 -22.85 34.82 -23.65
N LEU D 259 -22.58 33.75 -24.38
CA LEU D 259 -21.23 33.46 -24.89
C LEU D 259 -21.12 33.96 -26.31
N GLY D 260 -22.28 34.26 -26.90
CA GLY D 260 -22.37 34.76 -28.25
C GLY D 260 -22.20 33.65 -29.24
N TRP D 261 -22.87 32.53 -29.02
CA TRP D 261 -22.73 31.38 -29.89
C TRP D 261 -23.89 31.31 -30.87
N THR D 262 -25.10 31.13 -30.34
CA THR D 262 -26.35 31.50 -31.06
C THR D 262 -26.37 31.04 -32.52
N GLU D 263 -25.77 31.86 -33.39
CA GLU D 263 -25.65 31.57 -34.82
C GLU D 263 -24.89 30.24 -35.06
N GLU D 264 -24.10 29.82 -34.10
CA GLU D 264 -23.44 28.52 -34.16
C GLU D 264 -24.40 27.38 -33.80
N MET D 265 -25.43 27.66 -33.01
CA MET D 265 -26.44 26.64 -32.71
C MET D 265 -27.37 26.47 -33.89
N ARG D 266 -27.95 27.58 -34.38
CA ARG D 266 -28.71 27.52 -35.64
C ARG D 266 -27.89 26.66 -36.60
N ASP D 267 -26.70 27.14 -36.96
CA ASP D 267 -25.83 26.44 -37.91
C ASP D 267 -25.74 24.95 -37.57
N LEU D 268 -25.62 24.62 -36.29
CA LEU D 268 -25.38 23.23 -35.85
C LEU D 268 -26.63 22.36 -35.82
N VAL D 269 -27.72 22.89 -35.28
CA VAL D 269 -28.90 22.06 -35.03
C VAL D 269 -29.61 21.79 -36.34
N GLN D 270 -29.81 22.85 -37.15
CA GLN D 270 -30.44 22.70 -38.47
C GLN D 270 -29.62 21.71 -39.29
N ARG D 271 -28.30 21.66 -39.08
CA ARG D 271 -27.44 20.63 -39.71
C ARG D 271 -27.71 19.23 -39.15
N GLU D 272 -27.85 19.15 -37.82
CA GLU D 272 -27.98 17.85 -37.12
C GLU D 272 -29.33 17.18 -37.30
N THR D 273 -30.40 17.96 -37.14
CA THR D 273 -31.73 17.39 -37.13
C THR D 273 -32.22 16.96 -38.53
N GLY D 274 -31.37 17.09 -39.56
CA GLY D 274 -31.59 16.41 -40.84
C GLY D 274 -30.86 15.08 -40.86
N LYS D 275 -29.56 15.14 -40.54
CA LYS D 275 -28.71 13.95 -40.31
C LYS D 275 -29.15 13.15 -39.06
N LYS E 4 -63.71 -29.26 17.01
CA LYS E 4 -62.24 -29.14 16.67
C LYS E 4 -61.49 -30.44 16.96
N LEU E 5 -60.60 -30.84 16.06
CA LEU E 5 -59.88 -32.10 16.22
C LEU E 5 -58.48 -31.84 16.72
N SER E 6 -58.00 -32.77 17.53
CA SER E 6 -56.65 -32.72 18.09
C SER E 6 -55.91 -33.97 17.65
N LEU E 7 -54.58 -33.94 17.75
CA LEU E 7 -53.70 -35.07 17.38
C LEU E 7 -54.14 -36.37 18.07
N GLN E 8 -54.40 -36.26 19.37
CA GLN E 8 -55.06 -37.30 20.18
C GLN E 8 -55.98 -38.18 19.34
N ASP E 9 -56.95 -37.52 18.67
CA ASP E 9 -58.00 -38.20 17.87
C ASP E 9 -57.47 -38.68 16.52
N VAL E 10 -56.55 -37.93 15.93
CA VAL E 10 -55.97 -38.33 14.65
C VAL E 10 -55.23 -39.66 14.83
N ALA E 11 -54.66 -39.89 16.02
CA ALA E 11 -54.07 -41.18 16.33
C ALA E 11 -55.16 -42.24 16.46
N GLU E 12 -56.23 -41.90 17.17
CA GLU E 12 -57.37 -42.81 17.36
C GLU E 12 -57.91 -43.33 16.04
N LEU E 13 -57.99 -42.44 15.05
CA LEU E 13 -58.53 -42.79 13.73
C LEU E 13 -57.73 -43.91 13.05
N ILE E 14 -56.40 -43.79 13.07
CA ILE E 14 -55.51 -44.82 12.50
C ILE E 14 -55.65 -46.17 13.23
N ARG E 15 -55.59 -46.11 14.56
CA ARG E 15 -55.79 -47.27 15.41
C ARG E 15 -57.12 -47.93 15.11
N ALA E 16 -58.24 -47.29 15.48
CA ALA E 16 -59.56 -47.90 15.29
C ALA E 16 -59.85 -48.14 13.79
N ARG E 17 -58.79 -48.34 13.02
CA ARG E 17 -58.80 -48.57 11.56
C ARG E 17 -59.72 -47.64 10.72
N ALA E 18 -59.98 -46.43 11.24
CA ALA E 18 -60.79 -45.43 10.53
C ALA E 18 -60.08 -44.88 9.26
N CYS E 19 -58.76 -45.04 9.23
CA CYS E 19 -57.94 -44.51 8.15
C CYS E 19 -57.00 -45.58 7.62
N GLN E 20 -57.30 -46.08 6.42
CA GLN E 20 -56.43 -47.06 5.77
C GLN E 20 -55.90 -46.57 4.42
N ARG E 21 -56.28 -45.35 4.06
CA ARG E 21 -55.86 -44.73 2.83
C ARG E 21 -55.28 -43.40 3.20
N VAL E 22 -53.99 -43.39 3.48
CA VAL E 22 -53.30 -42.22 3.98
C VAL E 22 -52.39 -41.68 2.89
N VAL E 23 -52.81 -40.64 2.20
CA VAL E 23 -51.86 -39.99 1.33
C VAL E 23 -50.98 -39.09 2.18
N VAL E 24 -49.70 -39.05 1.84
CA VAL E 24 -48.71 -38.26 2.58
C VAL E 24 -47.94 -37.37 1.62
N MET E 25 -47.72 -36.14 2.04
CA MET E 25 -46.96 -35.16 1.27
C MET E 25 -45.74 -34.71 2.08
N VAL E 26 -44.54 -34.90 1.56
CA VAL E 26 -43.36 -34.51 2.33
C VAL E 26 -42.57 -33.40 1.66
N GLY E 27 -41.56 -32.89 2.36
CA GLY E 27 -40.72 -31.81 1.84
C GLY E 27 -39.32 -31.85 2.43
N ALA E 28 -38.51 -30.87 2.08
CA ALA E 28 -37.11 -30.86 2.48
C ALA E 28 -36.87 -30.95 3.98
N GLY E 29 -37.89 -30.58 4.74
CA GLY E 29 -37.79 -30.59 6.16
C GLY E 29 -37.80 -31.95 6.78
N ILE E 30 -38.29 -32.96 6.07
CA ILE E 30 -38.21 -34.32 6.62
C ILE E 30 -36.81 -34.89 6.44
N SER E 31 -36.03 -34.24 5.58
CA SER E 31 -34.65 -34.65 5.31
C SER E 31 -33.62 -33.75 5.96
N THR E 32 -34.02 -32.67 6.64
CA THR E 32 -33.00 -31.88 7.33
C THR E 32 -32.34 -32.74 8.41
N PRO E 33 -33.11 -33.42 9.28
CA PRO E 33 -32.47 -34.35 10.23
C PRO E 33 -31.53 -35.33 9.56
N SER E 34 -31.82 -35.76 8.33
CA SER E 34 -30.89 -36.65 7.61
C SER E 34 -29.59 -35.92 7.21
N GLY E 35 -29.52 -34.63 7.46
CA GLY E 35 -28.28 -33.90 7.30
C GLY E 35 -28.07 -33.44 5.88
N ILE E 36 -29.11 -33.49 5.07
CA ILE E 36 -29.01 -32.95 3.73
C ILE E 36 -28.71 -31.48 3.88
N PRO E 37 -27.72 -30.97 3.13
CA PRO E 37 -27.45 -29.55 3.13
C PRO E 37 -28.49 -28.75 2.38
N ASP E 38 -28.24 -27.46 2.27
CA ASP E 38 -29.04 -26.63 1.41
C ASP E 38 -28.13 -25.58 0.77
N PHE E 39 -28.10 -25.60 -0.57
CA PHE E 39 -27.16 -24.76 -1.27
C PHE E 39 -27.57 -23.29 -1.16
N ARG E 40 -28.79 -23.07 -0.69
CA ARG E 40 -29.20 -21.74 -0.28
C ARG E 40 -28.46 -21.25 0.99
N SER E 41 -28.05 -22.16 1.90
CA SER E 41 -27.35 -21.74 3.15
C SER E 41 -25.88 -21.96 3.01
N PRO E 42 -25.09 -21.01 3.50
CA PRO E 42 -23.64 -21.20 3.74
C PRO E 42 -23.34 -22.21 4.85
N GLY E 43 -22.09 -22.65 4.95
CA GLY E 43 -21.69 -23.64 5.92
C GLY E 43 -21.52 -24.99 5.25
N SER E 44 -22.61 -25.50 4.66
CA SER E 44 -22.60 -26.80 3.96
C SER E 44 -21.41 -26.86 2.99
N GLY E 45 -20.73 -28.00 2.98
CA GLY E 45 -19.72 -28.27 1.98
C GLY E 45 -20.27 -28.03 0.59
N LEU E 46 -21.51 -28.45 0.35
CA LEU E 46 -22.15 -28.25 -0.96
C LEU E 46 -22.11 -26.80 -1.43
N TYR E 47 -22.51 -25.88 -0.55
CA TYR E 47 -22.45 -24.44 -0.85
C TYR E 47 -21.05 -24.03 -1.32
N SER E 48 -20.05 -24.43 -0.53
CA SER E 48 -18.63 -24.20 -0.83
C SER E 48 -18.17 -24.72 -2.18
N ASN E 49 -18.86 -25.72 -2.71
CA ASN E 49 -18.51 -26.27 -4.01
C ASN E 49 -19.21 -25.55 -5.18
N LEU E 50 -20.44 -25.11 -4.95
CA LEU E 50 -21.18 -24.39 -5.99
C LEU E 50 -20.78 -22.92 -6.06
N GLN E 51 -19.87 -22.53 -5.16
CA GLN E 51 -19.39 -21.16 -5.12
C GLN E 51 -18.47 -20.84 -6.31
N GLN E 52 -17.67 -21.81 -6.74
CA GLN E 52 -16.66 -21.56 -7.78
C GLN E 52 -17.29 -21.26 -9.14
N TYR E 53 -18.60 -21.44 -9.25
CA TYR E 53 -19.31 -21.19 -10.50
C TYR E 53 -20.04 -19.85 -10.52
N ASP E 54 -19.65 -18.94 -9.60
CA ASP E 54 -20.30 -17.63 -9.35
C ASP E 54 -21.67 -17.56 -10.00
N LEU E 55 -22.51 -18.55 -9.68
CA LEU E 55 -23.78 -18.83 -10.37
C LEU E 55 -24.73 -17.65 -10.48
N PRO E 56 -25.28 -17.41 -11.68
CA PRO E 56 -26.15 -16.25 -11.81
C PRO E 56 -27.14 -16.16 -10.65
N TYR E 57 -27.70 -17.30 -10.24
CA TYR E 57 -28.70 -17.38 -9.18
C TYR E 57 -28.98 -18.85 -8.84
N PRO E 58 -29.37 -19.12 -7.58
CA PRO E 58 -29.57 -20.51 -7.14
C PRO E 58 -30.50 -21.36 -8.03
N GLU E 59 -31.71 -20.84 -8.32
CA GLU E 59 -32.73 -21.61 -9.06
C GLU E 59 -32.29 -21.98 -10.48
N ALA E 60 -31.01 -21.80 -10.83
CA ALA E 60 -30.50 -22.01 -12.19
C ALA E 60 -29.78 -23.29 -12.38
N ILE E 61 -29.47 -24.00 -11.29
CA ILE E 61 -28.77 -25.29 -11.38
C ILE E 61 -29.70 -26.15 -12.21
N PHE E 62 -31.00 -25.89 -11.99
CA PHE E 62 -32.11 -26.64 -12.57
C PHE E 62 -32.73 -26.02 -13.85
N GLU E 63 -31.98 -25.17 -14.55
CA GLU E 63 -32.39 -24.67 -15.89
C GLU E 63 -31.63 -25.35 -17.05
N LEU E 64 -32.35 -25.74 -18.08
CA LEU E 64 -31.74 -26.37 -19.25
C LEU E 64 -30.87 -25.48 -20.12
N PRO E 65 -31.34 -24.27 -20.48
CA PRO E 65 -30.42 -23.32 -21.13
C PRO E 65 -29.10 -23.23 -20.39
N PHE E 66 -29.17 -23.31 -19.07
CA PHE E 66 -27.99 -23.17 -18.27
C PHE E 66 -27.11 -24.39 -18.31
N PHE E 67 -27.74 -25.53 -18.02
CA PHE E 67 -27.13 -26.84 -18.00
C PHE E 67 -26.33 -27.22 -19.29
N PHE E 68 -26.83 -26.91 -20.50
CA PHE E 68 -26.08 -27.24 -21.74
C PHE E 68 -24.76 -26.48 -21.79
N HIS E 69 -24.83 -25.19 -21.47
CA HIS E 69 -23.63 -24.33 -21.39
C HIS E 69 -22.62 -24.75 -20.31
N ASN E 70 -23.09 -25.19 -19.16
CA ASN E 70 -22.21 -25.82 -18.18
C ASN E 70 -22.96 -26.78 -17.29
N PRO E 71 -22.75 -28.09 -17.51
CA PRO E 71 -23.36 -29.12 -16.68
C PRO E 71 -22.58 -29.49 -15.42
N LYS E 72 -21.41 -28.92 -15.21
CA LYS E 72 -20.61 -29.28 -14.01
C LYS E 72 -21.33 -28.95 -12.70
N PRO E 73 -21.90 -27.74 -12.58
CA PRO E 73 -22.48 -27.38 -11.29
C PRO E 73 -23.73 -28.23 -10.91
N PHE E 74 -24.55 -28.62 -11.89
CA PHE E 74 -25.63 -29.57 -11.59
C PHE E 74 -25.07 -30.82 -10.94
N PHE E 75 -24.06 -31.37 -11.59
CA PHE E 75 -23.48 -32.61 -11.16
C PHE E 75 -22.76 -32.49 -9.80
N THR E 76 -22.15 -31.35 -9.52
CA THR E 76 -21.54 -31.16 -8.21
C THR E 76 -22.51 -31.59 -7.10
N LEU E 77 -23.79 -31.31 -7.33
CA LEU E 77 -24.91 -31.71 -6.44
C LEU E 77 -25.30 -33.16 -6.67
N ALA E 78 -25.35 -33.57 -7.93
CA ALA E 78 -25.64 -34.97 -8.29
C ALA E 78 -24.73 -35.88 -7.49
N LYS E 79 -23.45 -35.51 -7.42
CA LYS E 79 -22.50 -36.29 -6.69
C LYS E 79 -22.85 -36.33 -5.21
N GLU E 80 -23.01 -35.16 -4.62
CA GLU E 80 -23.38 -35.05 -3.21
C GLU E 80 -24.61 -35.89 -2.83
N LEU E 81 -25.67 -35.84 -3.64
CA LEU E 81 -26.99 -36.38 -3.26
C LEU E 81 -27.23 -37.79 -3.72
N TYR E 82 -26.31 -38.27 -4.55
CA TYR E 82 -26.38 -39.61 -5.08
C TYR E 82 -26.51 -40.56 -3.88
N PRO E 83 -27.16 -41.72 -4.11
CA PRO E 83 -27.34 -42.77 -3.10
C PRO E 83 -26.06 -43.14 -2.37
N GLY E 84 -26.20 -43.52 -1.11
CA GLY E 84 -25.07 -44.13 -0.36
C GLY E 84 -24.21 -43.04 0.21
N ASN E 85 -24.88 -42.01 0.71
CA ASN E 85 -24.28 -40.75 1.16
C ASN E 85 -24.93 -40.31 2.44
N TYR E 86 -26.25 -40.15 2.37
CA TYR E 86 -27.08 -39.89 3.53
C TYR E 86 -28.14 -40.98 3.64
N LYS E 87 -28.19 -41.61 4.81
CA LYS E 87 -29.20 -42.59 5.09
C LYS E 87 -30.44 -41.83 5.52
N PRO E 88 -31.55 -42.53 5.77
CA PRO E 88 -32.80 -41.89 6.17
C PRO E 88 -32.84 -41.52 7.64
N ASN E 89 -34.02 -41.26 8.17
CA ASN E 89 -34.16 -40.80 9.54
C ASN E 89 -35.55 -41.11 10.06
N VAL E 90 -35.74 -40.97 11.37
CA VAL E 90 -36.97 -41.46 12.02
C VAL E 90 -38.24 -41.05 11.28
N THR E 91 -38.25 -39.87 10.65
CA THR E 91 -39.41 -39.43 9.86
C THR E 91 -39.70 -40.40 8.71
N HIS E 92 -38.68 -40.72 7.93
CA HIS E 92 -38.78 -41.69 6.82
C HIS E 92 -39.26 -43.04 7.32
N TYR E 93 -38.53 -43.58 8.30
CA TYR E 93 -38.83 -44.89 8.88
C TYR E 93 -40.15 -44.94 9.64
N PHE E 94 -40.78 -43.78 9.87
CA PHE E 94 -42.15 -43.71 10.37
C PHE E 94 -43.11 -43.91 9.22
N LEU E 95 -42.77 -43.35 8.07
CA LEU E 95 -43.57 -43.54 6.88
C LEU E 95 -43.46 -44.99 6.37
N ARG E 96 -42.26 -45.53 6.40
CA ARG E 96 -42.06 -46.94 6.10
C ARG E 96 -43.08 -47.72 6.90
N LEU E 97 -43.07 -47.53 8.21
CA LEU E 97 -43.95 -48.29 9.12
C LEU E 97 -45.43 -48.19 8.71
N LEU E 98 -45.84 -47.00 8.26
CA LEU E 98 -47.18 -46.79 7.73
C LEU E 98 -47.51 -47.78 6.58
N HIS E 99 -46.53 -47.95 5.70
CA HIS E 99 -46.62 -48.84 4.55
C HIS E 99 -46.79 -50.21 5.03
N ASP E 100 -45.97 -50.55 6.02
CA ASP E 100 -45.92 -51.87 6.58
C ASP E 100 -47.23 -52.26 7.24
N LYS E 101 -48.10 -51.30 7.52
CA LYS E 101 -49.40 -51.62 8.09
C LYS E 101 -50.57 -51.51 7.11
N GLY E 102 -50.27 -51.45 5.81
CA GLY E 102 -51.31 -51.39 4.78
C GLY E 102 -52.03 -50.06 4.71
N LEU E 103 -51.61 -49.11 5.54
CA LEU E 103 -52.33 -47.87 5.68
C LEU E 103 -51.91 -46.78 4.70
N LEU E 104 -50.84 -47.00 3.95
CA LEU E 104 -50.26 -45.94 3.12
C LEU E 104 -50.77 -46.05 1.71
N LEU E 105 -51.51 -45.04 1.25
CA LEU E 105 -52.04 -45.05 -0.11
C LEU E 105 -50.99 -44.63 -1.14
N ARG E 106 -50.23 -43.56 -0.85
CA ARG E 106 -49.22 -43.08 -1.76
C ARG E 106 -48.42 -41.96 -1.09
N LEU E 107 -47.11 -41.92 -1.31
CA LEU E 107 -46.26 -40.95 -0.65
C LEU E 107 -45.72 -39.96 -1.65
N TYR E 108 -46.28 -38.75 -1.64
CA TYR E 108 -45.88 -37.73 -2.59
C TYR E 108 -44.74 -36.91 -1.99
N THR E 109 -43.57 -36.99 -2.63
CA THR E 109 -42.36 -36.27 -2.19
C THR E 109 -41.85 -35.30 -3.27
N GLN E 110 -41.32 -34.19 -2.79
CA GLN E 110 -40.65 -33.16 -3.59
C GLN E 110 -39.18 -33.12 -3.27
N ASN E 111 -38.71 -34.02 -2.44
CA ASN E 111 -37.29 -34.11 -2.22
C ASN E 111 -36.67 -34.83 -3.39
N ILE E 112 -35.40 -34.61 -3.60
CA ILE E 112 -34.71 -35.39 -4.60
C ILE E 112 -33.63 -36.29 -3.99
N ASP E 113 -33.58 -36.36 -2.65
CA ASP E 113 -32.61 -37.21 -1.91
C ASP E 113 -32.90 -38.70 -1.93
N GLY E 114 -34.04 -39.08 -2.51
CA GLY E 114 -34.39 -40.49 -2.69
C GLY E 114 -34.05 -41.33 -1.49
N LEU E 115 -34.31 -40.76 -0.31
CA LEU E 115 -34.19 -41.48 0.94
C LEU E 115 -35.49 -42.22 1.17
N GLU E 116 -36.58 -41.72 0.59
CA GLU E 116 -37.82 -42.42 0.70
C GLU E 116 -37.63 -43.85 0.16
N ARG E 117 -37.11 -44.00 -1.07
CA ARG E 117 -36.76 -45.34 -1.58
C ARG E 117 -35.83 -46.08 -0.60
N VAL E 118 -34.90 -45.38 0.05
CA VAL E 118 -33.91 -46.03 0.96
C VAL E 118 -34.50 -46.54 2.28
N SER E 119 -35.66 -46.03 2.68
CA SER E 119 -36.35 -46.51 3.88
C SER E 119 -37.11 -47.78 3.54
N GLY E 120 -37.03 -48.20 2.29
CA GLY E 120 -37.66 -49.42 1.84
C GLY E 120 -39.14 -49.28 1.47
N ILE E 121 -39.64 -48.07 1.33
CA ILE E 121 -40.99 -47.87 0.81
C ILE E 121 -40.90 -48.25 -0.67
N PRO E 122 -41.83 -49.10 -1.15
CA PRO E 122 -41.61 -49.58 -2.52
C PRO E 122 -41.98 -48.51 -3.54
N ALA E 123 -41.23 -48.47 -4.64
CA ALA E 123 -41.31 -47.42 -5.66
C ALA E 123 -42.72 -47.11 -6.05
N SER E 124 -43.56 -48.14 -6.05
CA SER E 124 -44.94 -48.02 -6.48
C SER E 124 -45.78 -47.22 -5.49
N LYS E 125 -45.38 -47.21 -4.23
CA LYS E 125 -46.05 -46.34 -3.25
C LYS E 125 -45.54 -44.89 -3.30
N LEU E 126 -44.45 -44.63 -4.00
CA LEU E 126 -43.91 -43.29 -4.11
C LEU E 126 -44.27 -42.62 -5.41
N VAL E 127 -44.52 -41.31 -5.31
CA VAL E 127 -44.49 -40.38 -6.42
C VAL E 127 -43.40 -39.35 -6.08
N GLU E 128 -42.26 -39.45 -6.78
CA GLU E 128 -41.12 -38.52 -6.65
C GLU E 128 -41.30 -37.38 -7.64
N ALA E 129 -42.04 -36.37 -7.23
CA ALA E 129 -42.59 -35.40 -8.19
C ALA E 129 -41.52 -34.55 -8.84
N HIS E 130 -40.45 -34.27 -8.09
CA HIS E 130 -39.33 -33.51 -8.64
C HIS E 130 -38.25 -34.43 -9.20
N GLY E 131 -38.48 -35.73 -9.15
CA GLY E 131 -37.71 -36.67 -9.98
C GLY E 131 -36.70 -37.37 -9.12
N THR E 132 -35.70 -38.03 -9.72
CA THR E 132 -34.86 -38.99 -9.01
C THR E 132 -33.55 -39.29 -9.72
N PHE E 133 -32.46 -39.48 -8.98
CA PHE E 133 -31.16 -39.85 -9.57
C PHE E 133 -30.99 -41.32 -9.96
N ALA E 134 -32.06 -42.09 -9.72
CA ALA E 134 -32.06 -43.54 -9.88
C ALA E 134 -31.92 -43.94 -11.33
N SER E 135 -32.46 -43.12 -12.22
CA SER E 135 -32.34 -43.36 -13.62
C SER E 135 -31.70 -42.15 -14.28
N ALA E 136 -31.56 -42.21 -15.60
CA ALA E 136 -31.03 -41.10 -16.35
C ALA E 136 -31.49 -41.19 -17.79
N THR E 137 -31.23 -40.13 -18.54
CA THR E 137 -31.72 -40.05 -19.88
C THR E 137 -30.83 -39.14 -20.69
N CYS E 138 -30.35 -39.68 -21.81
CA CYS E 138 -29.55 -38.93 -22.79
C CYS E 138 -30.36 -37.74 -23.29
N THR E 139 -29.71 -36.61 -23.40
CA THR E 139 -30.40 -35.36 -23.67
C THR E 139 -30.53 -35.19 -25.15
N VAL E 140 -29.54 -35.67 -25.88
CA VAL E 140 -29.57 -35.84 -27.34
C VAL E 140 -30.57 -36.95 -27.78
N CYS E 141 -30.13 -38.21 -27.83
CA CYS E 141 -30.84 -39.25 -28.60
C CYS E 141 -32.08 -39.78 -27.88
N GLN E 142 -32.03 -39.84 -26.55
CA GLN E 142 -33.17 -40.14 -25.67
C GLN E 142 -33.12 -41.48 -24.91
N ARG E 143 -32.05 -42.26 -25.13
CA ARG E 143 -31.90 -43.58 -24.48
C ARG E 143 -31.83 -43.43 -22.96
N PRO E 144 -32.61 -44.22 -22.22
CA PRO E 144 -32.50 -44.21 -20.74
C PRO E 144 -31.31 -45.05 -20.19
N PHE E 145 -30.98 -44.83 -18.92
CA PHE E 145 -29.91 -45.56 -18.24
C PHE E 145 -30.19 -45.58 -16.75
N PRO E 146 -30.11 -46.74 -16.10
CA PRO E 146 -30.23 -46.65 -14.64
C PRO E 146 -29.03 -45.89 -14.05
N GLY E 147 -29.19 -45.41 -12.84
CA GLY E 147 -28.24 -44.49 -12.27
C GLY E 147 -27.06 -45.11 -11.56
N GLU E 148 -26.70 -46.34 -11.92
CA GLU E 148 -25.39 -46.80 -11.55
C GLU E 148 -24.56 -46.89 -12.81
N ASP E 149 -25.20 -46.72 -13.96
CA ASP E 149 -24.48 -46.67 -15.22
C ASP E 149 -23.67 -45.35 -15.33
N ILE E 150 -24.18 -44.29 -14.73
CA ILE E 150 -23.43 -43.02 -14.68
C ILE E 150 -22.52 -42.89 -13.43
N ARG E 151 -22.86 -43.63 -12.36
CA ARG E 151 -22.21 -43.53 -11.05
C ARG E 151 -20.68 -43.48 -11.04
N ALA E 152 -20.07 -44.22 -11.94
CA ALA E 152 -18.63 -44.15 -12.10
C ALA E 152 -18.14 -42.72 -12.34
N ASP E 153 -18.85 -42.02 -13.20
CA ASP E 153 -18.44 -40.73 -13.70
C ASP E 153 -18.90 -39.62 -12.76
N VAL E 154 -20.11 -39.77 -12.25
CA VAL E 154 -20.63 -38.83 -11.27
C VAL E 154 -19.59 -38.70 -10.16
N MET E 155 -19.13 -39.84 -9.67
CA MET E 155 -18.19 -39.88 -8.57
C MET E 155 -16.77 -39.40 -8.93
N ALA E 156 -16.45 -39.51 -10.21
CA ALA E 156 -15.12 -39.17 -10.73
C ALA E 156 -15.00 -37.74 -11.21
N ASP E 157 -16.09 -36.98 -11.09
CA ASP E 157 -16.17 -35.61 -11.62
C ASP E 157 -16.07 -35.55 -13.15
N ARG E 158 -16.35 -36.65 -13.84
CA ARG E 158 -16.48 -36.58 -15.29
C ARG E 158 -17.94 -36.41 -15.65
N VAL E 159 -18.20 -35.50 -16.58
CA VAL E 159 -19.54 -35.33 -17.12
C VAL E 159 -19.79 -36.56 -18.00
N PRO E 160 -20.83 -37.36 -17.66
CA PRO E 160 -21.07 -38.61 -18.39
C PRO E 160 -21.64 -38.37 -19.78
N ARG E 161 -20.87 -38.72 -20.81
CA ARG E 161 -21.40 -38.69 -22.17
C ARG E 161 -22.01 -40.09 -22.47
N CYS E 162 -22.81 -40.17 -23.53
CA CYS E 162 -23.67 -41.35 -23.82
C CYS E 162 -23.04 -42.31 -24.84
N PRO E 163 -23.06 -43.62 -24.54
CA PRO E 163 -22.52 -44.71 -25.38
C PRO E 163 -22.80 -44.60 -26.88
N VAL E 164 -24.04 -44.32 -27.25
CA VAL E 164 -24.46 -44.32 -28.66
C VAL E 164 -24.08 -43.05 -29.41
N CYS E 165 -24.37 -41.89 -28.79
CA CYS E 165 -24.26 -40.58 -29.45
C CYS E 165 -23.49 -39.49 -28.66
N THR E 166 -22.80 -39.89 -27.58
CA THR E 166 -21.96 -39.01 -26.70
C THR E 166 -22.67 -37.79 -26.09
N GLY E 167 -23.98 -37.75 -26.26
CA GLY E 167 -24.80 -36.65 -25.73
C GLY E 167 -24.85 -36.71 -24.22
N VAL E 168 -24.83 -35.55 -23.59
CA VAL E 168 -24.68 -35.51 -22.14
C VAL E 168 -25.84 -36.28 -21.55
N VAL E 169 -25.55 -37.11 -20.54
CA VAL E 169 -26.58 -37.88 -19.85
C VAL E 169 -27.00 -37.13 -18.61
N LYS E 170 -28.28 -36.83 -18.49
CA LYS E 170 -28.82 -36.05 -17.39
C LYS E 170 -29.62 -36.97 -16.46
N PRO E 171 -29.25 -37.04 -15.17
CA PRO E 171 -30.10 -37.73 -14.22
C PRO E 171 -31.52 -37.20 -14.30
N ASP E 172 -32.49 -38.06 -14.05
CA ASP E 172 -33.90 -37.72 -14.23
C ASP E 172 -34.50 -36.86 -13.09
N ILE E 173 -33.85 -35.73 -12.86
CA ILE E 173 -34.38 -34.65 -12.04
C ILE E 173 -35.22 -33.73 -12.91
N VAL E 174 -36.33 -33.26 -12.39
CA VAL E 174 -37.28 -32.54 -13.19
C VAL E 174 -36.79 -31.11 -13.30
N PHE E 175 -36.65 -30.59 -14.52
CA PHE E 175 -36.13 -29.21 -14.67
C PHE E 175 -37.22 -28.18 -14.86
N PHE E 176 -36.90 -26.93 -14.54
CA PHE E 176 -37.83 -25.80 -14.78
C PHE E 176 -38.36 -25.87 -16.21
N GLY E 177 -39.64 -25.54 -16.41
CA GLY E 177 -40.26 -25.60 -17.73
C GLY E 177 -40.47 -26.99 -18.34
N GLU E 178 -39.85 -28.02 -17.74
CA GLU E 178 -40.11 -29.41 -18.14
C GLU E 178 -41.43 -29.75 -17.45
N PRO E 179 -42.27 -30.60 -18.10
CA PRO E 179 -43.42 -31.17 -17.39
C PRO E 179 -43.03 -32.11 -16.24
N LEU E 180 -43.99 -32.38 -15.36
CA LEU E 180 -43.78 -33.28 -14.23
C LEU E 180 -43.69 -34.75 -14.69
N PRO E 181 -43.31 -35.64 -13.79
CA PRO E 181 -43.15 -37.03 -14.18
C PRO E 181 -44.46 -37.73 -14.49
N GLN E 182 -44.44 -38.68 -15.42
CA GLN E 182 -45.67 -39.41 -15.79
C GLN E 182 -46.46 -39.68 -14.53
N ARG E 183 -45.77 -40.35 -13.60
CA ARG E 183 -46.33 -40.86 -12.36
C ARG E 183 -47.23 -39.83 -11.71
N PHE E 184 -46.76 -38.59 -11.67
CA PHE E 184 -47.54 -37.56 -11.01
C PHE E 184 -49.04 -37.64 -11.30
N LEU E 185 -49.37 -38.05 -12.53
CA LEU E 185 -50.75 -38.00 -12.98
C LEU E 185 -51.51 -39.19 -12.43
N LEU E 186 -51.32 -39.40 -11.13
CA LEU E 186 -52.31 -39.98 -10.25
C LEU E 186 -52.67 -38.95 -9.18
N HIS E 187 -52.46 -37.64 -9.39
CA HIS E 187 -53.03 -36.69 -8.41
C HIS E 187 -54.52 -36.96 -8.42
N VAL E 188 -55.15 -36.56 -9.51
CA VAL E 188 -56.28 -37.26 -10.12
C VAL E 188 -57.07 -38.27 -9.29
N VAL E 189 -56.40 -39.30 -8.78
CA VAL E 189 -57.09 -40.49 -8.24
C VAL E 189 -56.80 -40.82 -6.78
N ASP E 190 -55.56 -40.63 -6.34
CA ASP E 190 -55.17 -40.85 -4.93
C ASP E 190 -55.83 -39.86 -3.96
N PHE E 191 -55.72 -38.57 -4.25
CA PHE E 191 -56.24 -37.55 -3.35
C PHE E 191 -57.76 -37.61 -3.16
N PRO E 192 -58.54 -37.72 -4.26
CA PRO E 192 -59.97 -37.96 -4.09
C PRO E 192 -60.36 -39.17 -3.21
N MET E 193 -59.42 -40.10 -3.05
CA MET E 193 -59.64 -41.37 -2.36
C MET E 193 -59.05 -41.40 -0.97
N ALA E 194 -58.12 -40.47 -0.72
CA ALA E 194 -57.45 -40.42 0.56
C ALA E 194 -58.49 -40.11 1.57
N ASP E 195 -58.40 -40.79 2.70
CA ASP E 195 -59.31 -40.59 3.81
C ASP E 195 -58.61 -39.82 4.94
N LEU E 196 -57.29 -39.74 4.88
CA LEU E 196 -56.50 -38.92 5.78
C LEU E 196 -55.30 -38.38 5.02
N LEU E 197 -54.98 -37.11 5.25
CA LEU E 197 -53.91 -36.45 4.51
C LEU E 197 -52.85 -35.98 5.47
N LEU E 198 -51.63 -36.43 5.27
CA LEU E 198 -50.59 -36.22 6.24
C LEU E 198 -49.48 -35.38 5.66
N ILE E 199 -49.30 -34.16 6.13
CA ILE E 199 -48.32 -33.27 5.54
C ILE E 199 -47.15 -33.06 6.46
N LEU E 200 -45.93 -33.33 5.98
CA LEU E 200 -44.68 -33.23 6.77
C LEU E 200 -43.59 -32.38 6.12
N GLY E 201 -43.09 -31.40 6.85
CA GLY E 201 -41.83 -30.76 6.46
C GLY E 201 -41.79 -30.17 5.06
N THR E 202 -42.95 -29.83 4.53
CA THR E 202 -42.97 -29.02 3.33
C THR E 202 -43.52 -27.65 3.70
N SER E 203 -43.19 -26.67 2.85
CA SER E 203 -43.66 -25.30 2.99
C SER E 203 -44.92 -25.04 2.18
N LEU E 204 -45.19 -25.92 1.20
CA LEU E 204 -46.34 -25.80 0.28
C LEU E 204 -46.25 -24.56 -0.63
N GLU E 205 -45.04 -24.26 -1.09
CA GLU E 205 -44.78 -23.05 -1.85
C GLU E 205 -44.63 -23.38 -3.30
N VAL E 206 -43.96 -24.47 -3.60
CA VAL E 206 -43.78 -24.84 -4.98
C VAL E 206 -45.07 -25.56 -5.43
N GLU E 207 -45.65 -25.10 -6.54
CA GLU E 207 -46.76 -25.81 -7.19
C GLU E 207 -46.19 -27.05 -7.83
N PRO E 208 -47.00 -28.11 -7.87
CA PRO E 208 -48.44 -28.22 -7.62
C PRO E 208 -48.84 -28.52 -6.17
N PHE E 209 -47.85 -28.62 -5.29
CA PHE E 209 -48.08 -29.11 -3.91
C PHE E 209 -49.07 -28.26 -3.15
N ALA E 210 -48.89 -26.96 -3.30
CA ALA E 210 -49.78 -26.01 -2.68
C ALA E 210 -51.18 -26.55 -2.89
N SER E 211 -51.52 -26.70 -4.17
CA SER E 211 -52.85 -27.05 -4.61
C SER E 211 -53.34 -28.36 -4.00
N LEU E 212 -52.48 -29.37 -4.06
CA LEU E 212 -52.87 -30.74 -3.71
C LEU E 212 -53.57 -30.88 -2.35
N THR E 213 -53.16 -30.05 -1.39
CA THR E 213 -53.71 -30.16 -0.07
C THR E 213 -55.18 -29.83 -0.02
N GLU E 214 -55.73 -29.28 -1.11
CA GLU E 214 -57.16 -28.95 -1.13
C GLU E 214 -57.94 -29.89 -2.02
N ALA E 215 -57.26 -30.84 -2.66
CA ALA E 215 -57.93 -31.85 -3.51
C ALA E 215 -58.58 -32.99 -2.70
N VAL E 216 -58.19 -33.15 -1.44
CA VAL E 216 -58.80 -34.19 -0.59
C VAL E 216 -60.17 -33.73 -0.17
N ARG E 217 -60.95 -34.64 0.37
CA ARG E 217 -62.33 -34.30 0.70
C ARG E 217 -62.40 -33.40 1.95
N SER E 218 -63.45 -32.58 2.04
CA SER E 218 -63.66 -31.72 3.21
C SER E 218 -63.78 -32.57 4.49
N SER E 219 -64.51 -33.68 4.36
CA SER E 219 -64.64 -34.62 5.48
C SER E 219 -63.30 -35.04 6.00
N VAL E 220 -62.29 -35.00 5.13
CA VAL E 220 -60.97 -35.53 5.46
C VAL E 220 -60.13 -34.59 6.33
N PRO E 221 -59.65 -35.14 7.45
CA PRO E 221 -58.72 -34.43 8.28
C PRO E 221 -57.33 -34.35 7.61
N ARG E 222 -56.70 -33.19 7.78
CA ARG E 222 -55.37 -32.96 7.28
C ARG E 222 -54.48 -32.68 8.47
N LEU E 223 -53.49 -33.53 8.65
CA LEU E 223 -52.55 -33.40 9.74
C LEU E 223 -51.20 -32.86 9.21
N LEU E 224 -50.84 -31.64 9.64
CA LEU E 224 -49.53 -31.04 9.29
C LEU E 224 -48.51 -31.10 10.42
N ILE E 225 -47.43 -31.86 10.22
CA ILE E 225 -46.29 -31.85 11.14
C ILE E 225 -45.17 -31.04 10.51
N ASN E 226 -44.87 -29.91 11.11
CA ASN E 226 -44.00 -28.91 10.49
C ASN E 226 -43.62 -27.77 11.45
N ARG E 227 -42.43 -27.22 11.25
CA ARG E 227 -41.98 -25.98 11.89
C ARG E 227 -43.17 -25.16 12.28
N ASP E 228 -44.00 -24.78 11.29
CA ASP E 228 -45.24 -24.05 11.57
C ASP E 228 -46.26 -24.08 10.41
N LEU E 229 -47.38 -23.38 10.64
CA LEU E 229 -48.54 -23.36 9.75
C LEU E 229 -48.26 -22.61 8.44
N VAL E 230 -48.51 -23.31 7.33
CA VAL E 230 -48.09 -22.88 6.01
C VAL E 230 -49.05 -23.21 4.88
N GLY E 231 -48.97 -22.38 3.83
CA GLY E 231 -49.69 -22.63 2.60
C GLY E 231 -51.19 -22.65 2.83
N PRO E 232 -51.96 -23.08 1.83
CA PRO E 232 -53.40 -23.26 1.92
C PRO E 232 -53.96 -23.66 3.30
N LEU E 233 -53.19 -24.42 4.08
CA LEU E 233 -53.56 -24.77 5.45
C LEU E 233 -53.61 -23.59 6.39
N ALA E 234 -53.07 -22.47 5.94
CA ALA E 234 -53.03 -21.22 6.67
C ALA E 234 -54.22 -20.38 6.25
N TRP E 235 -54.05 -19.59 5.19
CA TRP E 235 -55.15 -18.92 4.53
C TRP E 235 -56.50 -19.67 4.45
N HIS E 236 -56.54 -20.98 4.18
CA HIS E 236 -57.87 -21.63 4.03
C HIS E 236 -58.04 -22.95 4.79
N PRO E 237 -58.18 -22.88 6.13
CA PRO E 237 -58.13 -24.10 6.91
C PRO E 237 -59.46 -24.81 6.92
N ARG E 238 -59.52 -25.95 7.61
CA ARG E 238 -60.75 -26.76 7.74
C ARG E 238 -60.93 -27.34 9.16
N SER E 239 -62.17 -27.42 9.62
CA SER E 239 -62.51 -27.95 10.95
C SER E 239 -61.74 -29.22 11.26
N ARG E 240 -61.75 -30.13 10.29
CA ARG E 240 -61.06 -31.39 10.45
C ARG E 240 -59.53 -31.29 10.37
N ASP E 241 -58.93 -30.10 10.46
CA ASP E 241 -57.46 -29.99 10.42
C ASP E 241 -56.85 -30.06 11.78
N VAL E 242 -55.60 -30.47 11.77
CA VAL E 242 -54.73 -30.50 12.94
C VAL E 242 -53.34 -30.14 12.48
N ALA E 243 -52.54 -29.63 13.41
CA ALA E 243 -51.16 -29.26 13.13
C ALA E 243 -50.29 -29.40 14.39
N GLN E 244 -49.28 -30.27 14.32
CA GLN E 244 -48.29 -30.45 15.38
C GLN E 244 -47.05 -29.62 15.04
N LEU E 245 -47.10 -28.35 15.43
CA LEU E 245 -46.10 -27.36 15.05
C LEU E 245 -44.86 -27.41 15.93
N GLY E 246 -43.88 -28.17 15.45
CA GLY E 246 -42.57 -28.18 16.04
C GLY E 246 -41.62 -28.85 15.10
N ASP E 247 -40.53 -29.36 15.66
CA ASP E 247 -39.61 -30.20 14.91
C ASP E 247 -40.42 -31.36 14.34
N VAL E 248 -40.07 -31.78 13.12
CA VAL E 248 -40.72 -32.95 12.50
C VAL E 248 -40.63 -34.16 13.38
N VAL E 249 -39.51 -34.29 14.09
CA VAL E 249 -39.25 -35.49 14.83
C VAL E 249 -39.93 -35.41 16.18
N HIS E 250 -39.71 -34.33 16.93
CA HIS E 250 -40.39 -34.21 18.25
C HIS E 250 -41.88 -34.50 17.93
N GLY E 251 -42.36 -33.89 16.83
CA GLY E 251 -43.72 -34.13 16.35
C GLY E 251 -44.07 -35.55 15.96
N VAL E 252 -43.38 -36.10 14.96
CA VAL E 252 -43.58 -37.48 14.53
C VAL E 252 -43.52 -38.42 15.72
N GLU E 253 -42.49 -38.25 16.56
CA GLU E 253 -42.28 -39.06 17.77
C GLU E 253 -43.47 -39.00 18.74
N SER E 254 -44.07 -37.83 18.88
CA SER E 254 -45.22 -37.67 19.77
C SER E 254 -46.46 -38.37 19.24
N LEU E 255 -46.56 -38.50 17.94
CA LEU E 255 -47.64 -39.25 17.33
C LEU E 255 -47.37 -40.74 17.42
N VAL E 256 -46.14 -41.15 17.11
CA VAL E 256 -45.75 -42.56 17.16
C VAL E 256 -46.14 -43.12 18.51
N GLU E 257 -45.83 -42.35 19.55
CA GLU E 257 -46.06 -42.80 20.92
C GLU E 257 -47.54 -42.73 21.31
N LEU E 258 -48.32 -41.85 20.70
CA LEU E 258 -49.77 -41.87 20.89
C LEU E 258 -50.45 -43.01 20.12
N LEU E 259 -49.73 -43.67 19.23
CA LEU E 259 -50.25 -44.85 18.50
C LEU E 259 -49.69 -46.15 19.09
N GLY E 260 -48.85 -46.03 20.11
CA GLY E 260 -48.30 -47.20 20.77
C GLY E 260 -47.24 -47.90 19.95
N TRP E 261 -46.78 -47.28 18.88
CA TRP E 261 -45.79 -47.89 18.00
C TRP E 261 -44.35 -47.61 18.45
N THR E 262 -44.13 -47.45 19.74
CA THR E 262 -42.94 -46.76 20.26
C THR E 262 -41.65 -47.58 20.08
N GLU E 263 -41.55 -48.71 20.78
CA GLU E 263 -40.39 -49.62 20.63
C GLU E 263 -40.55 -50.39 19.30
N GLU E 264 -41.78 -50.50 18.81
CA GLU E 264 -42.04 -51.05 17.48
C GLU E 264 -41.23 -50.31 16.40
N MET E 265 -41.18 -48.98 16.52
CA MET E 265 -40.31 -48.17 15.68
C MET E 265 -38.86 -48.53 15.90
N ARG E 266 -38.47 -48.70 17.17
CA ARG E 266 -37.11 -49.14 17.51
C ARG E 266 -36.76 -50.47 16.82
N ASP E 267 -37.70 -51.43 16.89
CA ASP E 267 -37.54 -52.75 16.25
C ASP E 267 -37.26 -52.58 14.76
N LEU E 268 -38.06 -51.73 14.13
CA LEU E 268 -37.89 -51.42 12.72
C LEU E 268 -36.59 -50.65 12.44
N VAL E 269 -36.42 -49.50 13.10
CA VAL E 269 -35.27 -48.61 12.78
C VAL E 269 -33.95 -49.33 13.01
N GLN E 270 -33.88 -50.24 13.99
CA GLN E 270 -32.74 -51.15 14.07
C GLN E 270 -32.62 -52.00 12.81
N ARG E 271 -33.52 -52.96 12.62
CA ARG E 271 -33.44 -53.91 11.49
C ARG E 271 -32.96 -53.22 10.20
N GLU E 272 -33.49 -52.02 9.93
CA GLU E 272 -33.13 -51.24 8.74
C GLU E 272 -31.71 -50.74 8.78
N THR E 273 -31.43 -49.91 9.77
CA THR E 273 -30.12 -49.34 9.92
C THR E 273 -29.03 -50.42 10.09
N GLY E 274 -29.40 -51.60 10.58
CA GLY E 274 -28.48 -52.76 10.69
C GLY E 274 -28.02 -53.34 9.36
N LYS E 275 -28.98 -53.61 8.46
CA LYS E 275 -28.70 -53.95 7.05
C LYS E 275 -28.54 -52.68 6.19
N LEU E 276 -27.47 -51.93 6.44
CA LEU E 276 -27.14 -50.66 5.74
C LEU E 276 -25.69 -50.22 6.11
N LYS F 4 48.47 -40.55 -1.00
CA LYS F 4 47.00 -40.62 -1.30
C LYS F 4 46.39 -41.86 -0.67
N LEU F 5 45.18 -41.73 -0.14
CA LEU F 5 44.53 -42.85 0.54
C LEU F 5 43.14 -43.19 -0.01
N SER F 6 42.99 -44.40 -0.57
CA SER F 6 41.67 -44.88 -0.97
C SER F 6 40.78 -45.04 0.26
N LEU F 7 39.48 -44.85 0.04
CA LEU F 7 38.48 -45.24 1.03
C LEU F 7 38.82 -46.62 1.61
N GLN F 8 39.22 -47.54 0.73
CA GLN F 8 39.81 -48.80 1.15
C GLN F 8 40.90 -48.60 2.19
N ASP F 9 41.98 -47.93 1.79
CA ASP F 9 43.11 -47.70 2.69
C ASP F 9 42.71 -47.21 4.08
N VAL F 10 41.60 -46.49 4.20
CA VAL F 10 41.07 -46.10 5.53
C VAL F 10 40.45 -47.31 6.25
N ALA F 11 39.61 -48.05 5.55
CA ALA F 11 39.02 -49.26 6.10
C ALA F 11 40.08 -50.23 6.62
N GLU F 12 41.23 -50.25 5.95
CA GLU F 12 42.36 -51.11 6.32
C GLU F 12 42.99 -50.68 7.64
N LEU F 13 42.92 -49.39 7.94
CA LEU F 13 43.42 -48.87 9.20
C LEU F 13 42.49 -49.23 10.34
N ILE F 14 41.21 -49.37 10.06
CA ILE F 14 40.23 -49.56 11.12
C ILE F 14 40.16 -51.03 11.53
N ARG F 15 40.23 -51.92 10.53
CA ARG F 15 40.33 -53.38 10.77
C ARG F 15 41.65 -53.74 11.42
N ALA F 16 42.73 -53.09 10.98
CA ALA F 16 44.05 -53.20 11.62
C ALA F 16 44.12 -52.42 12.95
N ARG F 17 43.00 -51.79 13.33
CA ARG F 17 42.79 -51.26 14.66
C ARG F 17 43.75 -50.08 14.94
N ALA F 18 44.41 -49.60 13.89
CA ALA F 18 45.37 -48.50 13.96
C ALA F 18 44.65 -47.16 14.01
N CYS F 19 43.40 -47.15 13.55
CA CYS F 19 42.51 -46.03 13.83
C CYS F 19 41.49 -46.51 14.87
N GLN F 20 41.72 -46.12 16.12
CA GLN F 20 41.00 -46.66 17.27
C GLN F 20 40.21 -45.63 18.10
N ARG F 21 40.48 -44.35 17.88
CA ARG F 21 39.78 -43.27 18.57
C ARG F 21 39.32 -42.27 17.55
N VAL F 22 38.13 -42.48 17.01
CA VAL F 22 37.67 -41.65 15.91
C VAL F 22 36.65 -40.62 16.35
N VAL F 23 36.88 -39.39 15.91
CA VAL F 23 36.01 -38.31 16.21
C VAL F 23 35.22 -38.01 14.96
N VAL F 24 33.94 -37.71 15.14
CA VAL F 24 33.01 -37.72 14.06
C VAL F 24 32.24 -36.41 14.07
N MET F 25 32.18 -35.72 12.93
CA MET F 25 31.52 -34.42 12.82
C MET F 25 30.42 -34.49 11.75
N VAL F 26 29.17 -34.30 12.15
CA VAL F 26 28.05 -34.40 11.19
C VAL F 26 27.19 -33.16 11.14
N GLY F 27 26.54 -32.99 9.97
CA GLY F 27 25.65 -31.84 9.70
C GLY F 27 24.28 -32.28 9.22
N ALA F 28 23.56 -31.36 8.57
CA ALA F 28 22.18 -31.56 8.20
C ALA F 28 22.09 -32.55 7.09
N GLY F 29 23.23 -32.72 6.42
CA GLY F 29 23.39 -33.74 5.43
C GLY F 29 23.05 -35.16 5.86
N ILE F 30 23.32 -35.55 7.09
CA ILE F 30 22.99 -36.92 7.47
C ILE F 30 21.51 -37.12 7.80
N SER F 31 20.75 -36.04 7.95
CA SER F 31 19.30 -36.11 8.23
C SER F 31 18.43 -35.71 7.02
N THR F 32 19.08 -35.40 5.89
CA THR F 32 18.39 -35.17 4.63
C THR F 32 17.60 -36.43 4.26
N PRO F 33 18.27 -37.62 4.22
CA PRO F 33 17.56 -38.87 3.90
C PRO F 33 16.50 -39.33 4.92
N SER F 34 16.47 -38.75 6.12
CA SER F 34 15.43 -39.02 7.10
C SER F 34 14.24 -38.11 6.85
N GLY F 35 14.38 -37.19 5.89
CA GLY F 35 13.28 -36.35 5.48
C GLY F 35 13.00 -35.17 6.37
N ILE F 36 14.02 -34.67 7.06
CA ILE F 36 13.86 -33.46 7.84
C ILE F 36 13.63 -32.34 6.85
N PRO F 37 12.66 -31.46 7.11
CA PRO F 37 12.42 -30.38 6.17
C PRO F 37 13.36 -29.25 6.44
N ASP F 38 13.67 -28.48 5.42
CA ASP F 38 14.61 -27.39 5.51
C ASP F 38 13.90 -26.11 5.10
N PHE F 39 13.70 -25.22 6.06
CA PHE F 39 12.84 -24.05 5.89
C PHE F 39 13.44 -23.06 4.91
N ARG F 40 14.72 -23.26 4.58
CA ARG F 40 15.32 -22.57 3.46
C ARG F 40 14.52 -22.96 2.23
N SER F 41 14.49 -24.24 1.94
CA SER F 41 13.81 -24.73 0.76
C SER F 41 12.27 -24.51 0.80
N PRO F 42 11.71 -23.97 -0.30
CA PRO F 42 10.27 -24.02 -0.50
C PRO F 42 9.83 -25.43 -0.80
N GLY F 43 8.52 -25.68 -0.74
CA GLY F 43 7.97 -27.03 -0.92
C GLY F 43 7.70 -27.72 0.41
N SER F 44 8.65 -27.64 1.34
CA SER F 44 8.49 -28.21 2.68
C SER F 44 7.32 -27.56 3.42
N GLY F 45 6.33 -28.37 3.80
CA GLY F 45 5.22 -27.93 4.65
C GLY F 45 5.73 -26.94 5.67
N LEU F 46 6.76 -27.33 6.42
CA LEU F 46 7.45 -26.40 7.32
C LEU F 46 7.64 -25.02 6.67
N TYR F 47 8.16 -25.01 5.47
CA TYR F 47 8.35 -23.75 4.75
C TYR F 47 7.04 -22.98 4.49
N SER F 48 5.97 -23.71 4.21
CA SER F 48 4.67 -23.10 3.98
C SER F 48 4.20 -22.43 5.28
N ASN F 49 4.29 -23.20 6.37
CA ASN F 49 3.75 -22.81 7.68
C ASN F 49 4.41 -21.53 8.19
N LEU F 50 5.72 -21.44 7.98
CA LEU F 50 6.50 -20.32 8.49
C LEU F 50 6.30 -19.04 7.69
N GLN F 51 5.94 -19.19 6.43
CA GLN F 51 5.71 -18.05 5.53
C GLN F 51 4.56 -17.15 5.96
N GLN F 52 3.60 -17.69 6.69
CA GLN F 52 2.56 -16.86 7.26
C GLN F 52 3.12 -15.83 8.27
N TYR F 53 4.27 -16.12 8.88
CA TYR F 53 4.91 -15.20 9.83
C TYR F 53 5.93 -14.28 9.14
N ASP F 54 5.81 -14.05 7.84
CA ASP F 54 6.77 -13.20 7.11
C ASP F 54 7.90 -12.74 8.03
N LEU F 55 9.01 -13.46 7.95
CA LEU F 55 10.17 -13.23 8.80
C LEU F 55 11.13 -12.24 8.14
N PRO F 56 11.72 -11.34 8.92
CA PRO F 56 12.64 -10.37 8.34
C PRO F 56 13.82 -11.03 7.62
N TYR F 57 14.25 -12.18 8.12
CA TYR F 57 15.36 -12.93 7.54
C TYR F 57 15.48 -14.23 8.30
N PRO F 58 15.83 -15.30 7.61
CA PRO F 58 15.59 -16.65 8.12
C PRO F 58 16.19 -16.93 9.50
N GLU F 59 17.34 -16.30 9.79
CA GLU F 59 18.08 -16.56 11.03
C GLU F 59 17.31 -16.09 12.26
N ALA F 60 16.46 -15.07 12.11
CA ALA F 60 15.63 -14.58 13.19
C ALA F 60 15.01 -15.67 14.05
N ILE F 61 14.56 -16.80 13.49
CA ILE F 61 13.96 -17.83 14.36
C ILE F 61 14.91 -18.13 15.48
N PHE F 62 16.21 -18.22 15.15
CA PHE F 62 17.25 -18.49 16.14
C PHE F 62 17.90 -17.26 16.80
N GLU F 63 17.24 -16.11 16.76
CA GLU F 63 17.68 -14.96 17.54
C GLU F 63 16.72 -14.74 18.70
N LEU F 64 17.24 -14.24 19.81
CA LEU F 64 16.42 -13.98 21.00
C LEU F 64 15.56 -12.72 20.93
N PRO F 65 16.18 -11.55 20.78
CA PRO F 65 15.33 -10.36 20.78
C PRO F 65 14.09 -10.56 19.93
N PHE F 66 14.27 -11.21 18.77
CA PHE F 66 13.15 -11.59 17.93
C PHE F 66 12.18 -12.55 18.62
N PHE F 67 12.67 -13.75 18.95
CA PHE F 67 11.93 -14.69 19.78
C PHE F 67 11.06 -13.97 20.81
N PHE F 68 11.58 -12.94 21.49
CA PHE F 68 10.81 -12.23 22.53
C PHE F 68 9.74 -11.32 21.98
N HIS F 69 9.91 -10.89 20.74
CA HIS F 69 8.87 -10.14 20.03
C HIS F 69 7.88 -11.10 19.38
N ASN F 70 8.32 -12.31 19.05
CA ASN F 70 7.38 -13.38 18.67
C ASN F 70 8.00 -14.80 18.72
N PRO F 71 7.54 -15.64 19.67
CA PRO F 71 8.10 -16.98 19.78
C PRO F 71 7.31 -18.02 18.98
N LYS F 72 6.36 -17.57 18.16
CA LYS F 72 5.55 -18.50 17.36
C LYS F 72 6.38 -19.19 16.28
N PRO F 73 7.13 -18.41 15.48
CA PRO F 73 7.85 -18.98 14.37
C PRO F 73 8.84 -20.01 14.83
N PHE F 74 9.47 -19.79 15.98
CA PHE F 74 10.40 -20.80 16.46
C PHE F 74 9.68 -22.07 16.91
N PHE F 75 8.50 -21.90 17.52
CA PHE F 75 7.71 -23.03 18.03
C PHE F 75 7.05 -23.83 16.93
N THR F 76 6.83 -23.18 15.79
CA THR F 76 6.40 -23.86 14.60
C THR F 76 7.49 -24.83 14.13
N LEU F 77 8.75 -24.42 14.24
CA LEU F 77 9.90 -25.31 13.99
C LEU F 77 10.10 -26.35 15.10
N ALA F 78 9.73 -26.01 16.32
CA ALA F 78 9.80 -26.98 17.42
C ALA F 78 8.75 -28.06 17.22
N LYS F 79 7.52 -27.63 17.04
CA LYS F 79 6.45 -28.54 16.76
C LYS F 79 6.92 -29.61 15.78
N GLU F 80 7.51 -29.19 14.66
CA GLU F 80 7.84 -30.10 13.55
C GLU F 80 8.91 -31.15 13.90
N LEU F 81 9.93 -30.73 14.65
CA LEU F 81 11.07 -31.59 14.95
C LEU F 81 10.97 -32.29 16.31
N TYR F 82 10.09 -31.80 17.17
CA TYR F 82 9.92 -32.40 18.48
C TYR F 82 9.87 -33.93 18.32
N PRO F 83 10.67 -34.67 19.13
CA PRO F 83 10.69 -36.13 19.09
C PRO F 83 9.35 -36.78 18.83
N GLY F 84 9.40 -37.86 18.06
CA GLY F 84 8.22 -38.60 17.65
C GLY F 84 8.16 -38.63 16.14
N ASN F 85 8.35 -37.46 15.53
CA ASN F 85 8.16 -37.27 14.11
C ASN F 85 9.14 -38.05 13.23
N TYR F 86 10.39 -37.60 13.18
CA TYR F 86 11.33 -38.14 12.20
C TYR F 86 12.10 -39.28 12.83
N LYS F 87 12.77 -40.08 12.01
CA LYS F 87 13.51 -41.24 12.49
C LYS F 87 14.87 -41.31 11.82
N PRO F 88 15.81 -42.05 12.45
CA PRO F 88 17.19 -42.03 11.96
C PRO F 88 17.34 -42.89 10.71
N ASN F 89 18.57 -43.07 10.25
CA ASN F 89 18.82 -43.87 9.05
C ASN F 89 20.21 -44.47 8.90
N VAL F 90 20.38 -45.26 7.86
CA VAL F 90 21.62 -45.95 7.52
C VAL F 90 22.88 -45.15 7.88
N THR F 91 22.86 -43.83 7.72
CA THR F 91 23.98 -42.97 8.13
C THR F 91 24.15 -42.93 9.66
N HIS F 92 23.05 -42.61 10.35
CA HIS F 92 22.98 -42.60 11.82
C HIS F 92 23.33 -43.97 12.41
N TYR F 93 22.60 -44.99 12.00
CA TYR F 93 22.82 -46.34 12.48
C TYR F 93 24.26 -46.80 12.18
N PHE F 94 24.93 -46.20 11.19
CA PHE F 94 26.33 -46.51 10.95
C PHE F 94 27.23 -45.98 12.08
N LEU F 95 26.97 -44.74 12.48
CA LEU F 95 27.67 -44.13 13.62
C LEU F 95 27.40 -44.91 14.91
N ARG F 96 26.17 -45.39 15.08
CA ARG F 96 25.83 -46.29 16.19
C ARG F 96 26.64 -47.59 16.15
N LEU F 97 26.91 -48.09 14.95
CA LEU F 97 27.70 -49.31 14.81
C LEU F 97 29.16 -49.02 15.13
N LEU F 98 29.60 -47.81 14.82
CA LEU F 98 30.96 -47.38 15.14
C LEU F 98 31.20 -47.39 16.69
N HIS F 99 30.16 -47.03 17.43
CA HIS F 99 30.20 -46.97 18.88
C HIS F 99 30.04 -48.36 19.42
N ASP F 100 29.22 -49.17 18.76
CA ASP F 100 29.03 -50.56 19.19
C ASP F 100 30.32 -51.34 19.05
N LYS F 101 31.06 -51.08 17.97
CA LYS F 101 32.36 -51.70 17.75
C LYS F 101 33.50 -51.06 18.54
N GLY F 102 33.16 -50.10 19.41
CA GLY F 102 34.10 -49.51 20.37
C GLY F 102 35.14 -48.58 19.77
N LEU F 103 34.73 -47.78 18.79
CA LEU F 103 35.66 -46.91 18.03
C LEU F 103 35.36 -45.42 18.11
N LEU F 104 34.13 -45.06 18.44
CA LEU F 104 33.71 -43.66 18.49
C LEU F 104 34.21 -43.03 19.77
N LEU F 105 35.19 -42.14 19.66
CA LEU F 105 35.65 -41.34 20.80
C LEU F 105 34.58 -40.31 21.11
N ARG F 106 34.16 -39.58 20.10
CA ARG F 106 33.04 -38.68 20.25
C ARG F 106 32.41 -38.27 18.93
N LEU F 107 31.13 -37.98 18.97
CA LEU F 107 30.41 -37.50 17.81
C LEU F 107 29.90 -36.09 18.08
N TYR F 108 30.36 -35.14 17.26
CA TYR F 108 30.00 -33.74 17.29
C TYR F 108 28.99 -33.46 16.20
N THR F 109 27.79 -33.06 16.58
CA THR F 109 26.75 -32.81 15.61
C THR F 109 26.32 -31.40 15.76
N GLN F 110 25.85 -30.80 14.66
CA GLN F 110 25.19 -29.48 14.67
C GLN F 110 23.73 -29.61 14.29
N ASN F 111 23.22 -30.83 14.19
CA ASN F 111 21.82 -31.00 13.88
C ASN F 111 21.07 -30.78 15.16
N ILE F 112 19.78 -30.49 15.05
CA ILE F 112 18.93 -30.39 16.22
C ILE F 112 17.68 -31.30 16.10
N ASP F 113 17.87 -32.49 15.55
CA ASP F 113 16.78 -33.49 15.53
C ASP F 113 16.96 -34.56 16.62
N GLY F 114 18.11 -34.54 17.30
CA GLY F 114 18.45 -35.56 18.26
C GLY F 114 18.24 -36.97 17.72
N LEU F 115 18.41 -37.13 16.41
CA LEU F 115 18.36 -38.46 15.79
C LEU F 115 19.64 -39.20 16.09
N GLU F 116 20.68 -38.41 16.34
CA GLU F 116 21.92 -38.92 16.84
C GLU F 116 21.58 -39.84 18.00
N ARG F 117 20.72 -39.33 18.90
CA ARG F 117 20.37 -40.03 20.14
C ARG F 117 19.40 -41.17 19.89
N VAL F 118 18.42 -40.94 19.04
CA VAL F 118 17.39 -41.95 18.76
C VAL F 118 17.93 -43.19 18.02
N SER F 119 18.98 -42.96 17.23
CA SER F 119 19.77 -44.06 16.65
C SER F 119 20.41 -44.85 17.75
N GLY F 120 20.13 -44.46 18.98
CA GLY F 120 20.67 -45.12 20.14
C GLY F 120 22.15 -44.91 20.27
N ILE F 121 22.61 -43.67 20.15
CA ILE F 121 23.99 -43.34 20.48
C ILE F 121 23.92 -42.68 21.82
N PRO F 122 24.66 -43.22 22.78
CA PRO F 122 24.49 -42.77 24.15
C PRO F 122 24.90 -41.30 24.26
N ALA F 123 24.26 -40.58 25.16
CA ALA F 123 24.55 -39.15 25.28
C ALA F 123 25.97 -38.84 25.75
N SER F 124 26.62 -39.78 26.44
CA SER F 124 27.99 -39.57 26.91
C SER F 124 29.01 -39.68 25.77
N LYS F 125 28.54 -39.78 24.54
CA LYS F 125 29.40 -39.77 23.35
C LYS F 125 28.96 -38.72 22.32
N LEU F 126 28.14 -37.77 22.76
CA LEU F 126 27.61 -36.73 21.91
C LEU F 126 27.92 -35.36 22.44
N VAL F 127 28.39 -34.49 21.56
CA VAL F 127 28.32 -33.07 21.78
C VAL F 127 27.28 -32.54 20.79
N GLU F 128 26.12 -32.20 21.30
CA GLU F 128 25.06 -31.63 20.49
C GLU F 128 25.27 -30.13 20.51
N ALA F 129 26.07 -29.62 19.57
CA ALA F 129 26.59 -28.26 19.70
C ALA F 129 25.51 -27.19 19.52
N HIS F 130 24.45 -27.48 18.78
CA HIS F 130 23.40 -26.46 18.67
C HIS F 130 22.25 -26.82 19.58
N GLY F 131 22.34 -27.96 20.24
CA GLY F 131 21.43 -28.29 21.34
C GLY F 131 20.39 -29.36 21.01
N THR F 132 19.23 -29.26 21.63
CA THR F 132 18.29 -30.35 21.63
C THR F 132 16.99 -29.87 22.20
N PHE F 133 15.90 -30.52 21.78
CA PHE F 133 14.56 -30.26 22.35
C PHE F 133 14.26 -31.10 23.57
N ALA F 134 15.16 -32.03 23.91
CA ALA F 134 15.04 -32.87 25.10
C ALA F 134 14.76 -32.06 26.35
N SER F 135 15.36 -30.87 26.45
CA SER F 135 15.25 -30.02 27.63
C SER F 135 14.85 -28.56 27.27
N ALA F 136 14.69 -27.73 28.30
CA ALA F 136 14.22 -26.36 28.17
C ALA F 136 14.59 -25.56 29.43
N THR F 137 14.10 -24.32 29.53
CA THR F 137 14.62 -23.31 30.43
C THR F 137 13.77 -22.05 30.31
N CYS F 138 13.14 -21.50 31.37
CA CYS F 138 12.37 -20.24 31.13
C CYS F 138 13.31 -19.08 30.89
N THR F 139 12.85 -18.13 30.08
CA THR F 139 13.66 -16.99 29.70
C THR F 139 13.94 -16.04 30.87
N VAL F 140 13.42 -16.36 32.06
CA VAL F 140 13.67 -15.60 33.28
C VAL F 140 13.87 -16.45 34.59
N CYS F 141 12.94 -17.37 34.95
CA CYS F 141 13.16 -18.38 36.06
C CYS F 141 14.44 -19.19 35.85
N GLN F 142 14.94 -19.25 34.60
CA GLN F 142 16.06 -20.13 34.18
C GLN F 142 15.92 -21.59 34.64
N ARG F 143 14.72 -21.98 35.07
CA ARG F 143 14.55 -23.25 35.74
C ARG F 143 14.62 -24.34 34.69
N PRO F 144 15.54 -25.30 34.87
CA PRO F 144 15.55 -26.38 33.91
C PRO F 144 14.19 -27.07 33.85
N PHE F 145 13.90 -27.65 32.69
CA PHE F 145 12.64 -28.34 32.43
C PHE F 145 12.91 -29.45 31.43
N PRO F 146 12.43 -30.67 31.72
CA PRO F 146 12.52 -31.69 30.68
C PRO F 146 11.55 -31.38 29.53
N GLY F 147 11.83 -31.95 28.36
CA GLY F 147 11.11 -31.62 27.13
C GLY F 147 9.68 -32.12 27.11
N GLU F 148 9.37 -33.08 27.98
CA GLU F 148 8.02 -33.59 28.07
C GLU F 148 7.12 -32.48 28.59
N ASP F 149 7.62 -31.64 29.51
CA ASP F 149 6.79 -30.67 30.26
C ASP F 149 5.97 -29.72 29.37
N ILE F 150 6.55 -29.35 28.23
CA ILE F 150 5.95 -28.37 27.33
C ILE F 150 5.31 -28.98 26.08
N ARG F 151 5.73 -30.20 25.72
CA ARG F 151 5.17 -30.95 24.59
C ARG F 151 3.65 -30.86 24.50
N ALA F 152 2.96 -30.96 25.64
CA ALA F 152 1.53 -30.72 25.69
C ALA F 152 1.17 -29.47 24.91
N ASP F 153 1.82 -28.36 25.26
CA ASP F 153 1.54 -27.02 24.68
C ASP F 153 2.04 -26.88 23.23
N VAL F 154 3.30 -27.26 23.02
CA VAL F 154 3.97 -27.17 21.73
C VAL F 154 3.23 -27.89 20.60
N MET F 155 2.50 -28.93 20.96
CA MET F 155 1.82 -29.80 20.00
C MET F 155 0.41 -29.38 19.62
N ALA F 156 -0.24 -28.58 20.47
CA ALA F 156 -1.51 -27.97 20.10
C ALA F 156 -1.35 -26.46 19.99
N ASP F 157 -0.18 -26.02 19.51
CA ASP F 157 0.07 -24.60 19.18
C ASP F 157 -0.18 -23.57 20.27
N ARG F 158 0.09 -23.95 21.52
CA ARG F 158 0.15 -22.98 22.63
C ARG F 158 1.60 -22.62 22.90
N VAL F 159 1.83 -21.42 23.44
CA VAL F 159 3.17 -20.96 23.78
C VAL F 159 3.47 -21.22 25.27
N PRO F 160 4.42 -22.13 25.56
CA PRO F 160 4.83 -22.60 26.90
C PRO F 160 5.33 -21.54 27.91
N ARG F 161 5.02 -21.73 29.20
CA ARG F 161 5.36 -20.76 30.27
C ARG F 161 5.65 -21.44 31.61
N CYS F 162 6.67 -21.00 32.37
CA CYS F 162 6.98 -21.68 33.66
C CYS F 162 5.89 -21.37 34.67
N PRO F 163 5.54 -22.38 35.48
CA PRO F 163 4.65 -22.24 36.64
C PRO F 163 5.13 -21.23 37.69
N VAL F 164 6.43 -20.93 37.71
CA VAL F 164 6.98 -19.91 38.61
C VAL F 164 7.07 -18.51 37.98
N CYS F 165 7.50 -18.43 36.70
CA CYS F 165 7.83 -17.15 36.05
C CYS F 165 6.59 -16.38 35.64
N THR F 166 5.74 -17.05 34.87
CA THR F 166 4.69 -16.42 34.07
C THR F 166 5.24 -16.21 32.65
N GLY F 167 6.55 -16.03 32.55
CA GLY F 167 7.25 -15.88 31.27
C GLY F 167 7.55 -17.16 30.49
N VAL F 168 8.12 -16.97 29.31
CA VAL F 168 8.19 -18.02 28.30
C VAL F 168 9.33 -18.98 28.53
N VAL F 169 8.99 -20.26 28.62
CA VAL F 169 9.99 -21.31 28.68
C VAL F 169 10.38 -21.68 27.26
N LYS F 170 11.68 -21.88 27.04
CA LYS F 170 12.24 -22.05 25.70
C LYS F 170 13.07 -23.30 25.60
N PRO F 171 12.84 -24.13 24.58
CA PRO F 171 13.73 -25.25 24.36
C PRO F 171 15.22 -24.87 24.34
N ASP F 172 16.09 -25.85 24.62
CA ASP F 172 17.54 -25.66 24.67
C ASP F 172 18.18 -25.78 23.29
N ILE F 173 17.80 -24.83 22.45
CA ILE F 173 18.47 -24.60 21.20
C ILE F 173 19.42 -23.43 21.41
N VAL F 174 20.63 -23.56 20.91
CA VAL F 174 21.60 -22.50 21.01
C VAL F 174 21.20 -21.43 20.03
N PHE F 175 20.79 -20.30 20.55
CA PHE F 175 20.44 -19.19 19.71
C PHE F 175 21.68 -18.34 19.39
N PHE F 176 21.61 -17.64 18.26
CA PHE F 176 22.66 -16.72 17.84
C PHE F 176 23.08 -15.80 18.99
N GLY F 177 24.38 -15.67 19.20
CA GLY F 177 24.88 -14.74 20.21
C GLY F 177 24.86 -15.31 21.62
N GLU F 178 24.62 -16.62 21.71
CA GLU F 178 24.82 -17.36 22.94
C GLU F 178 26.10 -18.12 22.69
N PRO F 179 26.88 -18.35 23.76
CA PRO F 179 28.06 -19.22 23.71
C PRO F 179 27.66 -20.67 23.58
N LEU F 180 28.60 -21.52 23.18
CA LEU F 180 28.29 -22.93 22.86
C LEU F 180 28.02 -23.72 24.13
N PRO F 181 27.16 -24.76 24.04
CA PRO F 181 26.77 -25.54 25.23
C PRO F 181 27.96 -26.01 26.04
N GLN F 182 27.84 -26.02 27.36
CA GLN F 182 28.97 -26.34 28.25
C GLN F 182 29.76 -27.53 27.77
N ARG F 183 29.04 -28.55 27.38
CA ARG F 183 29.62 -29.85 27.06
C ARG F 183 30.76 -29.83 26.04
N PHE F 184 30.88 -28.69 25.36
CA PHE F 184 31.77 -28.52 24.26
C PHE F 184 33.21 -28.37 24.72
N LEU F 185 33.39 -28.12 26.01
CA LEU F 185 34.72 -28.05 26.62
C LEU F 185 35.57 -29.22 26.16
N LEU F 186 34.92 -30.34 25.88
CA LEU F 186 35.59 -31.51 25.37
C LEU F 186 36.33 -31.27 24.08
N HIS F 187 36.04 -30.17 23.38
CA HIS F 187 36.72 -29.94 22.12
C HIS F 187 38.22 -30.06 22.29
N VAL F 188 38.73 -29.77 23.47
CA VAL F 188 40.16 -29.69 23.66
C VAL F 188 40.84 -31.01 23.83
N VAL F 189 40.15 -32.01 24.36
CA VAL F 189 40.76 -33.34 24.50
C VAL F 189 40.43 -34.22 23.29
N ASP F 190 39.19 -34.16 22.83
CA ASP F 190 38.78 -35.01 21.75
C ASP F 190 39.53 -34.81 20.44
N PHE F 191 39.99 -33.61 20.14
CA PHE F 191 40.64 -33.42 18.85
C PHE F 191 42.10 -33.83 18.87
N PRO F 192 42.88 -33.23 19.79
CA PRO F 192 44.24 -33.73 19.94
C PRO F 192 44.29 -35.24 20.10
N MET F 193 43.27 -35.85 20.70
CA MET F 193 43.29 -37.29 21.00
C MET F 193 42.93 -38.21 19.81
N ALA F 194 42.37 -37.63 18.75
CA ALA F 194 41.80 -38.42 17.66
C ALA F 194 42.86 -38.87 16.66
N ASP F 195 42.72 -40.10 16.16
CA ASP F 195 43.61 -40.63 15.14
C ASP F 195 42.93 -40.78 13.79
N LEU F 196 41.64 -40.45 13.72
CA LEU F 196 40.92 -40.33 12.44
C LEU F 196 39.69 -39.43 12.58
N LEU F 197 39.59 -38.40 11.75
CA LEU F 197 38.47 -37.48 11.76
C LEU F 197 37.53 -37.97 10.70
N LEU F 198 36.23 -37.79 10.95
CA LEU F 198 35.17 -38.29 10.09
C LEU F 198 34.08 -37.25 9.91
N ILE F 199 33.97 -36.77 8.69
CA ILE F 199 33.17 -35.61 8.37
C ILE F 199 32.07 -36.00 7.40
N LEU F 200 30.81 -35.97 7.87
CA LEU F 200 29.63 -36.45 7.12
C LEU F 200 28.56 -35.37 6.93
N GLY F 201 28.16 -35.10 5.70
CA GLY F 201 26.99 -34.25 5.48
C GLY F 201 27.00 -32.95 6.28
N THR F 202 28.09 -32.20 6.18
CA THR F 202 28.15 -30.87 6.75
C THR F 202 28.90 -29.96 5.78
N SER F 203 28.60 -28.67 5.79
CA SER F 203 29.23 -27.74 4.86
C SER F 203 30.49 -27.12 5.45
N LEU F 204 30.67 -27.34 6.77
CA LEU F 204 31.74 -26.74 7.54
C LEU F 204 31.69 -25.22 7.52
N GLU F 205 30.51 -24.63 7.36
CA GLU F 205 30.40 -23.18 7.26
C GLU F 205 30.00 -22.52 8.59
N VAL F 206 29.21 -23.21 9.42
CA VAL F 206 28.82 -22.66 10.70
C VAL F 206 29.92 -22.95 11.73
N GLU F 207 30.44 -21.91 12.39
CA GLU F 207 31.56 -22.07 13.32
C GLU F 207 31.10 -22.87 14.52
N PRO F 208 32.00 -23.64 15.09
CA PRO F 208 33.43 -23.71 14.85
C PRO F 208 33.93 -24.90 14.02
N PHE F 209 33.03 -25.57 13.32
CA PHE F 209 33.39 -26.82 12.60
C PHE F 209 34.47 -26.59 11.54
N ALA F 210 34.32 -25.49 10.81
CA ALA F 210 35.39 -24.95 10.02
C ALA F 210 36.69 -25.17 10.76
N SER F 211 36.77 -24.60 11.98
CA SER F 211 38.00 -24.56 12.78
C SER F 211 38.43 -25.96 13.23
N LEU F 212 37.48 -26.75 13.71
CA LEU F 212 37.80 -28.04 14.34
C LEU F 212 38.50 -28.99 13.37
N THR F 213 38.14 -28.88 12.08
CA THR F 213 38.70 -29.74 11.04
C THR F 213 40.22 -29.65 10.97
N GLU F 214 40.76 -28.47 11.27
CA GLU F 214 42.20 -28.28 11.21
C GLU F 214 42.80 -28.48 12.59
N ALA F 215 42.00 -28.97 13.54
CA ALA F 215 42.45 -29.15 14.93
C ALA F 215 43.27 -30.39 15.16
N VAL F 216 42.89 -31.50 14.53
CA VAL F 216 43.65 -32.76 14.59
C VAL F 216 45.09 -32.57 14.10
N ARG F 217 45.92 -33.58 14.35
CA ARG F 217 47.32 -33.51 13.95
C ARG F 217 47.49 -33.61 12.43
N SER F 218 48.67 -33.19 11.96
CA SER F 218 49.13 -33.40 10.59
C SER F 218 48.85 -34.79 10.05
N SER F 219 49.34 -35.78 10.80
CA SER F 219 49.26 -37.18 10.41
C SER F 219 47.88 -37.84 10.52
N VAL F 220 46.91 -37.18 11.17
CA VAL F 220 45.56 -37.73 11.27
C VAL F 220 44.83 -37.58 9.92
N PRO F 221 44.29 -38.70 9.39
CA PRO F 221 43.49 -38.64 8.19
C PRO F 221 42.13 -38.06 8.45
N ARG F 222 41.50 -37.60 7.40
CA ARG F 222 40.24 -36.95 7.54
C ARG F 222 39.37 -37.56 6.49
N LEU F 223 38.41 -38.39 6.89
CA LEU F 223 37.51 -38.97 5.92
C LEU F 223 36.26 -38.12 5.79
N LEU F 224 36.07 -37.56 4.60
CA LEU F 224 34.88 -36.80 4.28
C LEU F 224 33.92 -37.65 3.41
N ILE F 225 32.62 -37.63 3.77
CA ILE F 225 31.51 -38.26 3.02
C ILE F 225 30.37 -37.22 2.87
N ASN F 226 30.16 -36.72 1.65
CA ASN F 226 29.38 -35.51 1.41
C ASN F 226 29.22 -35.36 -0.07
N ARG F 227 28.28 -34.55 -0.60
CA ARG F 227 28.27 -34.38 -2.09
C ARG F 227 29.61 -33.79 -2.39
N ASP F 228 29.84 -32.60 -1.87
CA ASP F 228 30.94 -31.80 -2.34
C ASP F 228 32.05 -31.65 -1.30
N LEU F 229 33.26 -31.48 -1.79
CA LEU F 229 34.37 -31.08 -0.96
C LEU F 229 34.01 -29.74 -0.33
N VAL F 230 34.30 -29.62 0.96
CA VAL F 230 33.90 -28.45 1.72
C VAL F 230 35.02 -27.90 2.61
N GLY F 231 35.06 -26.57 2.72
CA GLY F 231 35.85 -25.92 3.75
C GLY F 231 37.33 -26.12 3.63
N PRO F 232 38.00 -26.35 4.77
CA PRO F 232 39.43 -26.65 4.85
C PRO F 232 39.86 -27.87 4.04
N LEU F 233 38.98 -28.85 3.91
CA LEU F 233 39.31 -30.04 3.14
C LEU F 233 39.46 -29.62 1.70
N ALA F 234 38.73 -28.57 1.31
CA ALA F 234 38.83 -28.00 -0.02
C ALA F 234 40.00 -27.07 -0.12
N TRP F 235 40.01 -25.97 0.65
CA TRP F 235 40.97 -24.88 0.40
C TRP F 235 42.37 -25.27 0.83
N HIS F 236 42.52 -25.97 1.96
CA HIS F 236 43.86 -26.35 2.45
C HIS F 236 43.94 -27.81 2.85
N PRO F 237 44.06 -28.68 1.86
CA PRO F 237 44.08 -30.09 2.15
C PRO F 237 45.40 -30.52 2.75
N ARG F 238 45.39 -31.76 3.25
CA ARG F 238 46.56 -32.43 3.80
C ARG F 238 46.70 -33.77 3.11
N SER F 239 47.85 -34.42 3.28
CA SER F 239 48.15 -35.66 2.55
C SER F 239 47.21 -36.77 2.97
N ARG F 240 46.88 -36.74 4.25
CA ARG F 240 46.12 -37.79 4.85
C ARG F 240 44.61 -37.77 4.56
N ASP F 241 44.14 -36.72 3.90
CA ASP F 241 42.73 -36.58 3.48
C ASP F 241 42.26 -37.67 2.51
N VAL F 242 40.96 -37.97 2.59
CA VAL F 242 40.23 -38.87 1.69
C VAL F 242 38.82 -38.33 1.47
N ALA F 243 38.38 -38.25 0.23
CA ALA F 243 37.03 -37.78 -0.02
C ALA F 243 36.18 -38.96 -0.48
N GLN F 244 34.89 -38.91 -0.18
CA GLN F 244 33.93 -39.85 -0.78
C GLN F 244 32.73 -39.05 -1.23
N LEU F 245 32.96 -38.38 -2.33
CA LEU F 245 32.02 -37.49 -2.89
C LEU F 245 30.92 -38.31 -3.58
N GLY F 246 29.69 -38.10 -3.11
CA GLY F 246 28.50 -38.80 -3.53
C GLY F 246 27.53 -38.65 -2.38
N ASP F 247 26.32 -39.17 -2.51
CA ASP F 247 25.38 -39.18 -1.41
C ASP F 247 26.01 -39.77 -0.12
N VAL F 248 25.57 -39.31 1.06
CA VAL F 248 26.03 -39.87 2.37
C VAL F 248 25.76 -41.33 2.52
N VAL F 249 24.60 -41.73 2.02
CA VAL F 249 24.12 -43.07 2.25
C VAL F 249 24.92 -44.04 1.37
N HIS F 250 25.11 -43.69 0.09
CA HIS F 250 25.94 -44.51 -0.79
C HIS F 250 27.35 -44.55 -0.25
N GLY F 251 27.86 -43.38 0.08
CA GLY F 251 29.16 -43.27 0.74
C GLY F 251 29.34 -44.13 1.97
N VAL F 252 28.35 -44.15 2.87
CA VAL F 252 28.43 -45.01 4.04
C VAL F 252 28.43 -46.45 3.58
N GLU F 253 27.35 -46.85 2.91
CA GLU F 253 27.14 -48.23 2.51
C GLU F 253 28.39 -48.86 1.89
N SER F 254 29.10 -48.09 1.06
CA SER F 254 30.31 -48.58 0.42
C SER F 254 31.51 -48.57 1.38
N LEU F 255 31.47 -47.77 2.44
CA LEU F 255 32.49 -47.89 3.49
C LEU F 255 32.20 -49.11 4.37
N VAL F 256 30.94 -49.20 4.80
CA VAL F 256 30.42 -50.36 5.52
C VAL F 256 30.91 -51.68 4.92
N GLU F 257 30.89 -51.74 3.59
CA GLU F 257 31.30 -52.94 2.88
C GLU F 257 32.81 -53.10 2.82
N LEU F 258 33.54 -52.00 2.68
CA LEU F 258 35.02 -52.07 2.71
C LEU F 258 35.54 -52.62 4.04
N LEU F 259 34.76 -52.41 5.09
CA LEU F 259 35.07 -52.93 6.41
C LEU F 259 34.59 -54.39 6.56
N GLY F 260 33.36 -54.67 6.16
CA GLY F 260 32.79 -56.03 6.17
C GLY F 260 31.53 -56.19 7.01
N TRP F 261 30.90 -55.06 7.29
CA TRP F 261 29.90 -54.93 8.34
C TRP F 261 28.47 -55.01 7.82
N THR F 262 28.30 -55.27 6.53
CA THR F 262 26.98 -55.32 5.93
C THR F 262 26.06 -56.17 6.80
N GLU F 263 26.60 -57.31 7.21
CA GLU F 263 26.01 -58.18 8.22
C GLU F 263 25.48 -57.39 9.43
N GLU F 264 26.38 -56.76 10.19
CA GLU F 264 25.99 -55.96 11.35
C GLU F 264 24.88 -54.96 11.06
N MET F 265 25.14 -54.07 10.10
CA MET F 265 24.19 -53.02 9.63
C MET F 265 22.79 -53.56 9.29
N ARG F 266 22.76 -54.56 8.41
CA ARG F 266 21.54 -55.27 8.09
C ARG F 266 20.73 -55.56 9.36
N ASP F 267 21.41 -56.07 10.38
CA ASP F 267 20.74 -56.51 11.61
C ASP F 267 20.34 -55.31 12.47
N LEU F 268 21.33 -54.52 12.85
CA LEU F 268 21.08 -53.33 13.63
C LEU F 268 19.84 -52.59 13.14
N VAL F 269 19.78 -52.32 11.83
CA VAL F 269 18.68 -51.55 11.23
C VAL F 269 17.32 -52.26 11.37
N GLN F 270 17.35 -53.58 11.56
CA GLN F 270 16.12 -54.37 11.78
C GLN F 270 15.68 -54.45 13.25
N ARG F 271 16.63 -54.36 14.18
CA ARG F 271 16.30 -54.25 15.60
C ARG F 271 15.46 -53.00 15.82
N GLU F 272 15.98 -51.86 15.34
CA GLU F 272 15.52 -50.55 15.77
C GLU F 272 14.28 -50.14 15.00
N THR F 273 14.16 -50.60 13.76
CA THR F 273 13.03 -50.27 12.90
C THR F 273 11.86 -51.27 13.02
N GLY F 274 12.06 -52.38 13.74
CA GLY F 274 10.94 -53.23 14.19
C GLY F 274 10.34 -52.71 15.50
N LYS F 275 10.80 -51.51 15.91
CA LYS F 275 10.35 -50.78 17.11
C LYS F 275 9.99 -49.32 16.78
N LEU F 276 10.98 -48.51 16.39
CA LEU F 276 10.75 -47.16 15.82
C LEU F 276 10.13 -47.22 14.40
N LYS G 4 -42.99 65.75 10.63
CA LYS G 4 -42.74 64.53 9.80
C LYS G 4 -42.10 64.93 8.43
N LEU G 5 -40.78 65.12 8.42
CA LEU G 5 -40.10 65.93 7.38
C LEU G 5 -39.83 65.29 6.02
N SER G 6 -39.80 66.16 5.00
CA SER G 6 -39.54 65.76 3.62
C SER G 6 -38.31 66.48 3.05
N LEU G 7 -37.65 65.87 2.04
CA LEU G 7 -36.44 66.43 1.42
C LEU G 7 -36.68 67.91 1.15
N GLN G 8 -37.77 68.20 0.43
CA GLN G 8 -38.32 69.56 0.29
C GLN G 8 -37.90 70.49 1.45
N ASP G 9 -38.25 70.09 2.66
CA ASP G 9 -38.07 70.91 3.88
C ASP G 9 -36.61 71.14 4.21
N VAL G 10 -35.80 70.11 3.96
CA VAL G 10 -34.38 70.21 4.24
C VAL G 10 -33.74 71.18 3.24
N ALA G 11 -34.24 71.19 2.00
CA ALA G 11 -33.92 72.26 1.03
C ALA G 11 -34.13 73.64 1.66
N GLU G 12 -35.26 73.84 2.34
CA GLU G 12 -35.58 75.13 2.99
C GLU G 12 -34.67 75.41 4.19
N LEU G 13 -34.38 74.37 4.97
CA LEU G 13 -33.55 74.49 6.16
C LEU G 13 -32.07 74.82 5.87
N ILE G 14 -31.71 74.88 4.59
CA ILE G 14 -30.40 75.36 4.16
C ILE G 14 -30.50 76.74 3.54
N ARG G 15 -31.52 76.90 2.68
CA ARG G 15 -31.83 78.19 2.08
C ARG G 15 -32.12 79.22 3.17
N ALA G 16 -33.05 78.93 4.08
CA ALA G 16 -33.31 79.81 5.24
C ALA G 16 -32.03 80.06 6.08
N ARG G 17 -31.02 79.22 5.87
CA ARG G 17 -29.78 79.16 6.65
C ARG G 17 -30.06 78.80 8.13
N ALA G 18 -31.10 77.96 8.32
CA ALA G 18 -31.45 77.36 9.63
C ALA G 18 -30.54 76.17 9.97
N CYS G 19 -29.81 75.68 8.96
CA CYS G 19 -28.72 74.73 9.14
C CYS G 19 -27.48 75.32 8.52
N GLN G 20 -26.47 75.61 9.34
CA GLN G 20 -25.22 76.20 8.88
C GLN G 20 -23.99 75.36 9.21
N ARG G 21 -24.23 74.18 9.81
CA ARG G 21 -23.15 73.30 10.23
C ARG G 21 -23.49 71.87 9.90
N VAL G 22 -23.39 71.58 8.61
CA VAL G 22 -23.61 70.25 8.09
C VAL G 22 -22.43 69.37 8.47
N VAL G 23 -22.70 68.30 9.18
CA VAL G 23 -21.75 67.22 9.27
C VAL G 23 -22.16 66.19 8.21
N VAL G 24 -21.16 65.75 7.43
CA VAL G 24 -21.37 64.81 6.35
C VAL G 24 -20.61 63.50 6.60
N MET G 25 -21.31 62.39 6.45
CA MET G 25 -20.69 61.07 6.48
C MET G 25 -20.85 60.41 5.11
N VAL G 26 -19.76 59.98 4.48
CA VAL G 26 -19.92 59.31 3.21
C VAL G 26 -19.32 57.94 3.25
N GLY G 27 -19.74 57.10 2.31
CA GLY G 27 -19.24 55.73 2.17
C GLY G 27 -18.97 55.41 0.72
N ALA G 28 -18.60 54.17 0.45
CA ALA G 28 -18.12 53.77 -0.87
C ALA G 28 -19.05 54.05 -2.03
N GLY G 29 -20.34 54.12 -1.73
CA GLY G 29 -21.35 54.42 -2.70
C GLY G 29 -21.24 55.78 -3.37
N ILE G 30 -20.63 56.76 -2.71
CA ILE G 30 -20.44 58.04 -3.37
C ILE G 30 -19.40 57.94 -4.46
N SER G 31 -18.57 56.90 -4.39
CA SER G 31 -17.51 56.66 -5.39
C SER G 31 -17.87 55.62 -6.41
N THR G 32 -19.04 54.99 -6.28
CA THR G 32 -19.50 54.05 -7.30
C THR G 32 -19.58 54.71 -8.68
N PRO G 33 -20.26 55.87 -8.81
CA PRO G 33 -20.29 56.59 -10.09
C PRO G 33 -18.92 56.90 -10.67
N SER G 34 -17.93 57.08 -9.81
CA SER G 34 -16.57 57.37 -10.27
C SER G 34 -15.92 56.11 -10.83
N GLY G 35 -16.47 54.97 -10.51
CA GLY G 35 -16.03 53.74 -11.11
C GLY G 35 -14.88 53.09 -10.38
N ILE G 36 -14.75 53.40 -9.09
CA ILE G 36 -13.80 52.67 -8.25
C ILE G 36 -14.26 51.21 -8.23
N PRO G 37 -13.34 50.28 -8.47
CA PRO G 37 -13.69 48.87 -8.42
C PRO G 37 -13.77 48.35 -7.00
N ASP G 38 -14.46 47.24 -6.83
CA ASP G 38 -14.62 46.60 -5.53
C ASP G 38 -14.00 45.21 -5.63
N PHE G 39 -12.87 45.04 -4.98
CA PHE G 39 -12.13 43.84 -5.18
C PHE G 39 -12.85 42.62 -4.65
N ARG G 40 -13.95 42.86 -3.95
CA ARG G 40 -14.89 41.79 -3.57
C ARG G 40 -15.63 41.27 -4.79
N SER G 41 -16.22 42.16 -5.58
CA SER G 41 -16.99 41.73 -6.74
C SER G 41 -16.13 41.55 -7.98
N PRO G 42 -16.29 40.40 -8.67
CA PRO G 42 -15.56 40.09 -9.89
C PRO G 42 -15.98 40.95 -11.05
N GLY G 43 -15.22 40.90 -12.14
CA GLY G 43 -15.49 41.71 -13.30
C GLY G 43 -14.44 42.80 -13.44
N SER G 44 -14.09 43.45 -12.31
CA SER G 44 -13.11 44.56 -12.35
C SER G 44 -11.72 44.08 -12.78
N GLY G 45 -10.93 45.02 -13.28
CA GLY G 45 -9.53 44.77 -13.57
C GLY G 45 -8.77 44.51 -12.28
N LEU G 46 -9.08 45.28 -11.24
CA LEU G 46 -8.48 45.05 -9.92
C LEU G 46 -8.75 43.67 -9.34
N TYR G 47 -9.97 43.15 -9.49
CA TYR G 47 -10.30 41.83 -8.90
C TYR G 47 -9.40 40.73 -9.49
N SER G 48 -9.24 40.76 -10.81
CA SER G 48 -8.32 39.87 -11.54
C SER G 48 -6.92 39.99 -10.95
N ASN G 49 -6.39 41.20 -10.99
CA ASN G 49 -5.03 41.47 -10.52
C ASN G 49 -4.75 40.95 -9.13
N LEU G 50 -5.80 40.74 -8.34
CA LEU G 50 -5.63 40.27 -6.97
C LEU G 50 -5.80 38.76 -6.78
N GLN G 51 -6.31 38.06 -7.78
CA GLN G 51 -6.49 36.60 -7.68
C GLN G 51 -5.16 35.84 -7.73
N GLN G 52 -4.16 36.43 -8.38
CA GLN G 52 -2.85 35.79 -8.53
C GLN G 52 -2.19 35.58 -7.16
N TYR G 53 -2.58 36.40 -6.20
CA TYR G 53 -2.18 36.21 -4.82
C TYR G 53 -3.35 35.43 -4.24
N ASP G 54 -3.14 34.17 -3.92
CA ASP G 54 -4.27 33.26 -3.73
C ASP G 54 -4.94 33.58 -2.40
N LEU G 55 -5.29 34.85 -2.27
CA LEU G 55 -5.57 35.55 -0.99
C LEU G 55 -6.62 34.82 -0.16
N PRO G 56 -6.29 34.42 1.10
CA PRO G 56 -7.18 33.56 1.86
C PRO G 56 -8.54 34.17 2.13
N TYR G 57 -8.59 35.49 2.29
CA TYR G 57 -9.84 36.20 2.53
C TYR G 57 -9.68 37.70 2.34
N PRO G 58 -10.67 38.36 1.72
CA PRO G 58 -10.57 39.79 1.38
C PRO G 58 -10.12 40.70 2.54
N GLU G 59 -10.72 40.53 3.73
CA GLU G 59 -10.32 41.29 4.92
C GLU G 59 -8.77 41.35 5.09
N ALA G 60 -8.01 40.43 4.50
CA ALA G 60 -6.59 40.28 4.83
C ALA G 60 -5.62 41.19 4.11
N ILE G 61 -6.08 41.93 3.08
CA ILE G 61 -5.19 42.89 2.42
C ILE G 61 -4.77 43.87 3.48
N PHE G 62 -5.77 44.17 4.32
CA PHE G 62 -5.69 45.20 5.34
C PHE G 62 -5.18 44.75 6.72
N GLU G 63 -4.62 43.54 6.84
CA GLU G 63 -3.95 43.09 8.08
C GLU G 63 -2.41 43.12 8.05
N LEU G 64 -1.79 43.54 9.16
CA LEU G 64 -0.33 43.58 9.28
C LEU G 64 0.42 42.25 9.13
N PRO G 65 0.07 41.23 9.94
CA PRO G 65 0.61 39.87 9.69
C PRO G 65 0.67 39.48 8.21
N PHE G 66 -0.41 39.76 7.49
CA PHE G 66 -0.48 39.37 6.12
C PHE G 66 0.31 40.32 5.21
N PHE G 67 0.40 41.57 5.64
CA PHE G 67 1.18 42.54 4.95
C PHE G 67 2.67 42.16 4.96
N PHE G 68 3.31 41.98 6.13
CA PHE G 68 4.77 41.70 6.18
C PHE G 68 5.16 40.46 5.40
N HIS G 69 4.33 39.42 5.43
CA HIS G 69 4.57 38.24 4.62
C HIS G 69 4.55 38.50 3.12
N ASN G 70 3.59 39.27 2.65
CA ASN G 70 3.57 39.74 1.27
C ASN G 70 2.71 40.98 1.09
N PRO G 71 3.36 42.12 0.81
CA PRO G 71 2.65 43.38 0.63
C PRO G 71 2.15 43.67 -0.79
N LYS G 72 2.71 42.99 -1.80
CA LYS G 72 2.31 43.23 -3.18
C LYS G 72 0.79 43.23 -3.40
N PRO G 73 0.05 42.39 -2.66
CA PRO G 73 -1.41 42.46 -2.74
C PRO G 73 -1.98 43.79 -2.22
N PHE G 74 -1.43 44.34 -1.14
CA PHE G 74 -1.84 45.67 -0.75
C PHE G 74 -1.48 46.69 -1.81
N PHE G 75 -0.26 46.62 -2.32
CA PHE G 75 0.25 47.65 -3.25
C PHE G 75 -0.38 47.55 -4.64
N THR G 76 -0.85 46.36 -5.04
CA THR G 76 -1.65 46.25 -6.26
C THR G 76 -2.79 47.23 -6.19
N LEU G 77 -3.48 47.18 -5.04
CA LEU G 77 -4.56 48.11 -4.66
C LEU G 77 -4.06 49.56 -4.65
N ALA G 78 -3.04 49.80 -3.84
CA ALA G 78 -2.43 51.13 -3.76
C ALA G 78 -2.30 51.69 -5.16
N LYS G 79 -1.58 50.97 -6.02
CA LYS G 79 -1.34 51.39 -7.39
C LYS G 79 -2.59 51.93 -8.06
N GLU G 80 -3.62 51.12 -8.04
CA GLU G 80 -4.90 51.45 -8.64
C GLU G 80 -5.48 52.80 -8.19
N LEU G 81 -5.59 52.95 -6.88
CA LEU G 81 -6.31 54.08 -6.27
C LEU G 81 -5.44 55.27 -6.04
N TYR G 82 -4.15 55.10 -6.30
CA TYR G 82 -3.18 56.17 -6.16
C TYR G 82 -3.68 57.32 -7.01
N PRO G 83 -3.49 58.56 -6.51
CA PRO G 83 -4.19 59.71 -7.07
C PRO G 83 -3.76 59.88 -8.50
N GLY G 84 -4.72 60.03 -9.39
CA GLY G 84 -4.42 60.28 -10.80
C GLY G 84 -5.40 59.54 -11.66
N ASN G 85 -5.75 58.35 -11.19
CA ASN G 85 -6.54 57.40 -11.99
C ASN G 85 -8.00 57.78 -12.03
N TYR G 86 -8.60 57.93 -10.85
CA TYR G 86 -10.04 58.10 -10.75
C TYR G 86 -10.30 59.52 -10.32
N LYS G 87 -11.20 60.18 -11.03
CA LYS G 87 -11.57 61.52 -10.67
C LYS G 87 -12.87 61.48 -9.89
N PRO G 88 -13.22 62.62 -9.27
CA PRO G 88 -14.46 62.76 -8.50
C PRO G 88 -15.71 62.68 -9.36
N ASN G 89 -16.87 62.75 -8.73
CA ASN G 89 -18.13 62.74 -9.46
C ASN G 89 -19.11 63.79 -8.93
N VAL G 90 -20.32 63.81 -9.48
CA VAL G 90 -21.32 64.83 -9.14
C VAL G 90 -21.59 64.96 -7.64
N THR G 91 -21.46 63.85 -6.90
CA THR G 91 -21.63 63.85 -5.44
C THR G 91 -20.50 64.65 -4.78
N HIS G 92 -19.27 64.23 -5.04
CA HIS G 92 -18.11 64.92 -4.53
C HIS G 92 -18.25 66.42 -4.75
N TYR G 93 -18.38 66.83 -6.01
CA TYR G 93 -18.46 68.26 -6.36
C TYR G 93 -19.71 68.94 -5.77
N PHE G 94 -20.65 68.15 -5.24
CA PHE G 94 -21.78 68.73 -4.48
C PHE G 94 -21.39 68.97 -3.02
N LEU G 95 -20.47 68.18 -2.50
CA LEU G 95 -19.98 68.38 -1.14
C LEU G 95 -18.95 69.52 -1.12
N ARG G 96 -18.19 69.61 -2.21
CA ARG G 96 -17.37 70.78 -2.48
C ARG G 96 -18.25 72.01 -2.53
N LEU G 97 -19.34 71.96 -3.29
CA LEU G 97 -20.21 73.13 -3.43
C LEU G 97 -20.69 73.58 -2.07
N LEU G 98 -21.00 72.59 -1.25
CA LEU G 98 -21.52 72.77 0.09
C LEU G 98 -20.53 73.49 0.99
N HIS G 99 -19.25 73.16 0.82
CA HIS G 99 -18.15 73.84 1.50
C HIS G 99 -18.00 75.27 1.08
N ASP G 100 -18.14 75.52 -0.21
CA ASP G 100 -18.00 76.84 -0.79
C ASP G 100 -19.08 77.75 -0.24
N LYS G 101 -20.22 77.19 0.15
CA LYS G 101 -21.28 78.01 0.72
C LYS G 101 -21.16 78.24 2.23
N GLY G 102 -20.06 77.80 2.83
CA GLY G 102 -19.78 78.09 4.24
C GLY G 102 -20.39 77.08 5.19
N LEU G 103 -21.19 76.17 4.66
CA LEU G 103 -22.06 75.33 5.48
C LEU G 103 -21.45 74.04 5.94
N LEU G 104 -20.37 73.61 5.30
CA LEU G 104 -19.81 72.31 5.63
C LEU G 104 -19.01 72.38 6.89
N LEU G 105 -19.46 71.71 7.95
CA LEU G 105 -18.66 71.69 9.17
C LEU G 105 -17.51 70.68 9.03
N ARG G 106 -17.85 69.45 8.66
CA ARG G 106 -16.85 68.42 8.51
C ARG G 106 -17.36 67.29 7.66
N LEU G 107 -16.45 66.66 6.92
CA LEU G 107 -16.77 65.54 6.05
C LEU G 107 -16.02 64.26 6.45
N TYR G 108 -16.76 63.31 7.04
CA TYR G 108 -16.21 62.08 7.53
C TYR G 108 -16.36 61.07 6.41
N THR G 109 -15.23 60.55 5.94
CA THR G 109 -15.20 59.57 4.85
C THR G 109 -14.47 58.29 5.28
N GLN G 110 -15.02 57.16 4.82
CA GLN G 110 -14.43 55.84 4.98
C GLN G 110 -13.93 55.32 3.64
N ASN G 111 -13.98 56.16 2.64
CA ASN G 111 -13.39 55.83 1.38
C ASN G 111 -11.93 56.20 1.45
N ILE G 112 -11.13 55.41 0.77
CA ILE G 112 -9.72 55.70 0.69
C ILE G 112 -9.28 56.06 -0.73
N ASP G 113 -10.28 56.22 -1.61
CA ASP G 113 -10.14 56.68 -3.01
C ASP G 113 -9.59 58.10 -3.19
N GLY G 114 -9.41 58.81 -2.09
CA GLY G 114 -8.69 60.09 -2.12
C GLY G 114 -9.43 61.23 -2.81
N LEU G 115 -10.62 60.94 -3.32
CA LEU G 115 -11.36 61.87 -4.16
C LEU G 115 -11.99 63.02 -3.40
N GLU G 116 -12.11 62.92 -2.09
CA GLU G 116 -12.73 63.99 -1.36
C GLU G 116 -11.87 65.22 -1.64
N ARG G 117 -10.57 65.11 -1.36
CA ARG G 117 -9.55 66.14 -1.67
C ARG G 117 -9.65 66.55 -3.13
N VAL G 118 -9.40 65.62 -4.05
CA VAL G 118 -9.41 65.92 -5.48
C VAL G 118 -10.53 66.87 -5.93
N SER G 119 -11.66 66.86 -5.23
CA SER G 119 -12.77 67.77 -5.54
C SER G 119 -12.55 69.18 -5.04
N GLY G 120 -11.47 69.36 -4.28
CA GLY G 120 -11.08 70.66 -3.78
C GLY G 120 -11.64 70.97 -2.41
N ILE G 121 -11.71 69.98 -1.53
CA ILE G 121 -12.19 70.19 -0.16
C ILE G 121 -10.95 70.19 0.73
N PRO G 122 -10.73 71.30 1.46
CA PRO G 122 -9.45 71.42 2.12
C PRO G 122 -9.30 70.38 3.22
N ALA G 123 -8.14 69.73 3.28
CA ALA G 123 -7.82 68.72 4.30
C ALA G 123 -8.51 69.02 5.61
N SER G 124 -8.53 70.30 5.98
CA SER G 124 -9.11 70.73 7.24
C SER G 124 -10.57 70.28 7.38
N LYS G 125 -11.35 70.34 6.33
CA LYS G 125 -12.74 69.85 6.43
C LYS G 125 -12.89 68.31 6.28
N LEU G 126 -11.81 67.59 5.99
CA LEU G 126 -11.89 66.14 5.86
C LEU G 126 -11.38 65.42 7.08
N VAL G 127 -12.04 64.30 7.36
CA VAL G 127 -11.53 63.28 8.26
C VAL G 127 -11.59 62.02 7.44
N GLU G 128 -10.43 61.51 7.03
CA GLU G 128 -10.36 60.26 6.27
C GLU G 128 -10.11 59.17 7.29
N ALA G 129 -11.19 58.63 7.84
CA ALA G 129 -11.08 57.78 9.01
C ALA G 129 -10.43 56.45 8.71
N HIS G 130 -10.29 56.10 7.44
CA HIS G 130 -9.59 54.87 7.09
C HIS G 130 -8.24 55.14 6.46
N GLY G 131 -7.95 56.40 6.18
CA GLY G 131 -6.59 56.78 5.83
C GLY G 131 -6.52 57.41 4.46
N THR G 132 -5.30 57.60 3.97
CA THR G 132 -5.06 58.32 2.74
C THR G 132 -3.76 57.78 2.18
N PHE G 133 -3.66 57.63 0.86
CA PHE G 133 -2.39 57.23 0.26
C PHE G 133 -1.38 58.38 0.11
N ALA G 134 -1.87 59.58 0.39
CA ALA G 134 -1.11 60.82 0.29
C ALA G 134 -0.07 61.01 1.38
N SER G 135 0.24 59.98 2.16
CA SER G 135 1.37 60.02 3.06
C SER G 135 1.87 58.61 3.33
N ALA G 136 2.90 58.52 4.14
CA ALA G 136 3.51 57.22 4.41
C ALA G 136 4.21 57.16 5.76
N THR G 137 4.78 56.01 6.06
CA THR G 137 5.44 55.80 7.31
C THR G 137 6.17 54.47 7.20
N CYS G 138 7.50 54.45 7.39
CA CYS G 138 8.16 53.15 7.37
C CYS G 138 7.79 52.44 8.63
N THR G 139 7.71 51.13 8.50
CA THR G 139 7.14 50.31 9.51
C THR G 139 8.23 49.96 10.52
N VAL G 140 9.30 50.78 10.55
CA VAL G 140 10.36 50.70 11.58
C VAL G 140 11.04 52.08 11.91
N CYS G 141 11.76 52.69 10.95
CA CYS G 141 12.26 54.12 11.06
C CYS G 141 11.21 54.88 11.86
N GLN G 142 9.93 54.73 11.46
CA GLN G 142 8.76 55.49 11.91
C GLN G 142 8.69 56.86 11.22
N ARG G 143 9.57 57.03 10.24
CA ARG G 143 9.80 58.28 9.54
C ARG G 143 8.68 58.44 8.52
N PRO G 144 8.08 59.63 8.46
CA PRO G 144 6.97 59.82 7.53
C PRO G 144 7.39 60.38 6.17
N PHE G 145 6.75 59.90 5.10
CA PHE G 145 7.06 60.34 3.75
C PHE G 145 5.80 60.75 3.04
N PRO G 146 5.86 61.81 2.22
CA PRO G 146 4.66 62.18 1.51
C PRO G 146 4.41 61.29 0.29
N GLY G 147 3.14 61.17 -0.06
CA GLY G 147 2.68 60.20 -1.04
C GLY G 147 3.52 60.02 -2.29
N GLU G 148 4.09 61.09 -2.82
CA GLU G 148 4.76 60.99 -4.10
C GLU G 148 6.21 60.61 -3.92
N ASP G 149 6.67 60.56 -2.69
CA ASP G 149 8.00 60.03 -2.41
C ASP G 149 8.11 58.54 -2.81
N ILE G 150 6.97 57.86 -2.83
CA ILE G 150 6.90 56.44 -3.17
C ILE G 150 6.08 56.18 -4.43
N ARG G 151 5.88 57.22 -5.25
CA ARG G 151 4.96 57.14 -6.39
C ARG G 151 5.51 56.29 -7.49
N ALA G 152 6.75 56.54 -7.85
CA ALA G 152 7.32 55.84 -8.97
C ALA G 152 7.40 54.35 -8.69
N ASP G 153 7.64 53.98 -7.44
CA ASP G 153 7.81 52.59 -7.08
C ASP G 153 6.46 51.89 -7.08
N VAL G 154 5.49 52.50 -6.40
CA VAL G 154 4.12 52.00 -6.42
C VAL G 154 3.71 51.74 -7.86
N MET G 155 4.03 52.69 -8.75
CA MET G 155 3.67 52.59 -10.17
C MET G 155 4.56 51.60 -10.94
N ALA G 156 5.60 51.06 -10.28
CA ALA G 156 6.58 50.18 -10.94
C ALA G 156 6.58 48.76 -10.40
N ASP G 157 5.55 48.43 -9.63
CA ASP G 157 5.45 47.17 -8.86
C ASP G 157 6.66 46.85 -7.99
N ARG G 158 7.50 47.87 -7.75
CA ARG G 158 8.54 47.77 -6.74
C ARG G 158 7.95 48.20 -5.40
N VAL G 159 8.38 47.51 -4.36
CA VAL G 159 7.93 47.78 -3.00
C VAL G 159 8.91 48.80 -2.40
N PRO G 160 8.41 49.98 -2.01
CA PRO G 160 9.29 51.06 -1.53
C PRO G 160 9.90 50.76 -0.15
N ARG G 161 11.17 51.12 0.07
CA ARG G 161 11.84 50.88 1.36
C ARG G 161 12.61 52.15 1.87
N CYS G 162 12.50 52.53 3.15
CA CYS G 162 13.00 53.88 3.58
C CYS G 162 14.47 54.00 3.39
N PRO G 163 14.91 55.18 2.94
CA PRO G 163 16.32 55.56 2.84
C PRO G 163 17.17 55.21 4.07
N VAL G 164 16.57 55.18 5.26
CA VAL G 164 17.25 54.78 6.49
C VAL G 164 16.97 53.30 6.89
N CYS G 165 15.71 52.95 7.15
CA CYS G 165 15.32 51.59 7.52
C CYS G 165 15.68 50.59 6.43
N THR G 166 15.41 50.99 5.19
CA THR G 166 15.17 50.06 4.07
C THR G 166 14.05 49.07 4.38
N GLY G 167 13.17 49.44 5.31
CA GLY G 167 12.06 48.61 5.74
C GLY G 167 10.86 49.07 4.95
N VAL G 168 9.90 48.20 4.78
CA VAL G 168 8.84 48.49 3.84
C VAL G 168 8.15 49.77 4.30
N VAL G 169 7.67 50.55 3.34
CA VAL G 169 6.99 51.82 3.60
C VAL G 169 5.48 51.72 3.33
N LYS G 170 4.67 51.58 4.38
CA LYS G 170 3.20 51.48 4.23
C LYS G 170 2.64 52.87 3.90
N PRO G 171 1.77 52.98 2.88
CA PRO G 171 0.92 54.16 2.80
C PRO G 171 0.06 54.27 4.05
N ASP G 172 -0.45 55.46 4.34
CA ASP G 172 -1.15 55.71 5.60
C ASP G 172 -2.62 55.33 5.51
N ILE G 173 -2.84 54.09 5.10
CA ILE G 173 -4.11 53.40 5.27
C ILE G 173 -4.20 52.77 6.66
N VAL G 174 -5.33 52.93 7.32
CA VAL G 174 -5.53 52.40 8.65
C VAL G 174 -5.71 50.91 8.50
N PHE G 175 -4.95 50.11 9.23
CA PHE G 175 -5.08 48.64 9.14
C PHE G 175 -5.87 48.04 10.30
N PHE G 176 -6.35 46.81 10.10
CA PHE G 176 -7.18 46.16 11.10
C PHE G 176 -6.44 46.16 12.41
N GLY G 177 -7.14 46.44 13.50
CA GLY G 177 -6.54 46.39 14.85
C GLY G 177 -5.68 47.58 15.25
N GLU G 178 -5.15 48.29 14.26
CA GLU G 178 -4.51 49.55 14.52
C GLU G 178 -5.63 50.51 14.86
N PRO G 179 -5.37 51.42 15.81
CA PRO G 179 -6.27 52.51 16.14
C PRO G 179 -6.65 53.39 14.94
N LEU G 180 -7.72 54.16 15.10
CA LEU G 180 -8.16 55.08 14.07
C LEU G 180 -7.21 56.27 13.99
N PRO G 181 -7.35 57.10 12.95
CA PRO G 181 -6.40 58.19 12.81
C PRO G 181 -6.58 59.27 13.87
N GLN G 182 -5.53 60.06 14.08
CA GLN G 182 -5.57 61.08 15.12
C GLN G 182 -6.83 61.90 14.95
N ARG G 183 -7.03 62.36 13.72
CA ARG G 183 -8.11 63.28 13.41
C ARG G 183 -9.47 62.78 13.88
N PHE G 184 -9.67 61.47 13.80
CA PHE G 184 -10.98 60.94 14.20
C PHE G 184 -11.40 61.37 15.59
N LEU G 185 -10.42 61.67 16.44
CA LEU G 185 -10.67 62.21 17.78
C LEU G 185 -11.06 63.69 17.72
N LEU G 186 -11.91 63.99 16.75
CA LEU G 186 -12.75 65.15 16.66
C LEU G 186 -14.21 64.72 16.64
N HIS G 187 -14.48 63.41 16.69
CA HIS G 187 -15.87 62.94 16.59
C HIS G 187 -16.65 63.63 17.67
N VAL G 188 -16.04 63.56 18.85
CA VAL G 188 -16.32 64.32 20.05
C VAL G 188 -16.94 65.71 19.92
N VAL G 189 -16.47 66.53 18.98
CA VAL G 189 -16.91 67.95 18.92
C VAL G 189 -17.83 68.31 17.78
N ASP G 190 -17.74 67.58 16.68
CA ASP G 190 -18.47 67.95 15.49
C ASP G 190 -19.96 67.61 15.53
N PHE G 191 -20.28 66.39 15.94
CA PHE G 191 -21.68 65.93 16.00
C PHE G 191 -22.49 66.63 17.13
N PRO G 192 -21.87 66.82 18.32
CA PRO G 192 -22.54 67.64 19.30
C PRO G 192 -22.85 69.06 18.83
N MET G 193 -22.21 69.52 17.74
CA MET G 193 -22.49 70.85 17.18
C MET G 193 -23.27 70.84 15.90
N ALA G 194 -23.32 69.70 15.22
CA ALA G 194 -24.05 69.57 13.99
C ALA G 194 -25.48 69.99 14.19
N ASP G 195 -26.01 70.73 13.22
CA ASP G 195 -27.42 71.11 13.20
C ASP G 195 -28.13 70.45 12.01
N LEU G 196 -27.35 69.70 11.25
CA LEU G 196 -27.84 68.89 10.15
C LEU G 196 -26.83 67.78 9.86
N LEU G 197 -27.31 66.55 9.68
CA LEU G 197 -26.44 65.41 9.38
C LEU G 197 -26.81 64.82 8.05
N LEU G 198 -25.80 64.57 7.24
CA LEU G 198 -26.01 64.15 5.88
C LEU G 198 -25.24 62.85 5.58
N ILE G 199 -25.97 61.77 5.35
CA ILE G 199 -25.34 60.48 5.10
C ILE G 199 -25.59 60.11 3.65
N LEU G 200 -24.52 59.71 2.95
CA LEU G 200 -24.53 59.45 1.51
C LEU G 200 -23.71 58.21 1.25
N GLY G 201 -24.32 57.18 0.68
CA GLY G 201 -23.55 56.04 0.17
C GLY G 201 -22.73 55.26 1.17
N THR G 202 -23.15 55.22 2.43
CA THR G 202 -22.53 54.30 3.34
C THR G 202 -23.58 53.35 3.83
N SER G 203 -23.13 52.19 4.28
CA SER G 203 -24.02 51.19 4.83
C SER G 203 -24.08 51.33 6.36
N LEU G 204 -22.99 51.78 6.98
CA LEU G 204 -22.91 51.94 8.43
C LEU G 204 -22.57 50.64 9.18
N GLU G 205 -22.07 49.64 8.47
CA GLU G 205 -21.70 48.39 9.12
C GLU G 205 -20.20 48.35 9.56
N VAL G 206 -19.40 49.34 9.23
CA VAL G 206 -18.09 49.39 9.84
C VAL G 206 -18.16 50.38 11.00
N GLU G 207 -17.90 49.86 12.21
CA GLU G 207 -17.70 50.71 13.37
C GLU G 207 -16.44 51.55 13.15
N PRO G 208 -16.55 52.84 13.45
CA PRO G 208 -17.51 53.51 14.35
C PRO G 208 -18.77 54.10 13.67
N PHE G 209 -18.82 54.05 12.36
CA PHE G 209 -19.77 54.87 11.62
C PHE G 209 -21.23 54.76 12.04
N ALA G 210 -21.70 53.57 12.36
CA ALA G 210 -23.09 53.48 12.82
C ALA G 210 -23.22 54.38 14.05
N SER G 211 -22.34 54.15 15.04
CA SER G 211 -22.31 54.94 16.25
C SER G 211 -22.54 56.40 15.93
N LEU G 212 -21.78 56.92 14.97
CA LEU G 212 -21.78 58.35 14.75
C LEU G 212 -23.16 58.89 14.42
N THR G 213 -23.92 58.14 13.63
CA THR G 213 -25.20 58.67 13.20
C THR G 213 -26.10 59.02 14.38
N GLU G 214 -25.80 58.49 15.56
CA GLU G 214 -26.67 58.73 16.73
C GLU G 214 -26.14 59.80 17.68
N ALA G 215 -24.85 60.12 17.56
CA ALA G 215 -24.23 61.15 18.39
C ALA G 215 -24.74 62.57 18.11
N VAL G 216 -25.35 62.82 16.95
CA VAL G 216 -25.88 64.16 16.66
C VAL G 216 -27.01 64.44 17.60
N ARG G 217 -27.35 65.70 17.81
CA ARG G 217 -28.41 65.97 18.73
C ARG G 217 -29.77 65.46 18.23
N SER G 218 -30.67 65.28 19.18
CA SER G 218 -32.01 64.75 18.96
C SER G 218 -32.79 65.61 17.97
N SER G 219 -32.80 66.91 18.22
CA SER G 219 -33.46 67.87 17.33
C SER G 219 -32.85 67.95 15.93
N VAL G 220 -31.68 67.34 15.73
CA VAL G 220 -31.01 67.44 14.44
C VAL G 220 -31.63 66.48 13.44
N PRO G 221 -32.07 67.02 12.29
CA PRO G 221 -32.50 66.15 11.21
C PRO G 221 -31.31 65.48 10.61
N ARG G 222 -31.47 64.20 10.30
CA ARG G 222 -30.50 63.43 9.57
C ARG G 222 -31.12 63.17 8.20
N LEU G 223 -30.32 63.24 7.13
CA LEU G 223 -30.83 62.94 5.79
C LEU G 223 -29.96 61.86 5.15
N LEU G 224 -30.55 60.69 4.89
CA LEU G 224 -29.83 59.62 4.20
C LEU G 224 -30.15 59.69 2.72
N ILE G 225 -29.09 59.68 1.91
CA ILE G 225 -29.20 59.50 0.48
C ILE G 225 -28.47 58.18 0.20
N ASN G 226 -29.21 57.13 -0.08
CA ASN G 226 -28.60 55.82 -0.27
C ASN G 226 -29.50 54.89 -1.06
N ARG G 227 -28.91 53.81 -1.55
CA ARG G 227 -29.68 52.77 -2.18
C ARG G 227 -30.98 52.68 -1.42
N ASP G 228 -30.87 52.27 -0.16
CA ASP G 228 -32.00 52.12 0.75
C ASP G 228 -31.57 52.31 2.21
N LEU G 229 -32.58 52.34 3.08
CA LEU G 229 -32.45 52.61 4.52
C LEU G 229 -31.52 51.64 5.23
N VAL G 230 -30.54 52.19 5.93
CA VAL G 230 -29.55 51.36 6.60
C VAL G 230 -29.29 51.68 8.08
N GLY G 231 -29.06 50.62 8.84
CA GLY G 231 -28.41 50.70 10.13
C GLY G 231 -29.25 51.33 11.22
N PRO G 232 -28.66 52.21 12.01
CA PRO G 232 -29.37 52.94 13.04
C PRO G 232 -30.61 53.71 12.57
N LEU G 233 -30.61 54.22 11.33
CA LEU G 233 -31.77 54.97 10.86
C LEU G 233 -32.88 54.04 10.45
N ALA G 234 -32.60 52.76 10.50
CA ALA G 234 -33.59 51.74 10.29
C ALA G 234 -33.95 51.17 11.64
N TRP G 235 -32.97 50.69 12.42
CA TRP G 235 -33.35 50.01 13.67
C TRP G 235 -34.01 51.02 14.61
N HIS G 236 -33.52 52.27 14.63
CA HIS G 236 -33.99 53.27 15.61
C HIS G 236 -34.16 54.66 14.99
N PRO G 237 -35.18 54.86 14.15
CA PRO G 237 -35.28 56.13 13.43
C PRO G 237 -35.70 57.27 14.33
N ARG G 238 -35.62 58.48 13.82
CA ARG G 238 -36.02 59.68 14.54
C ARG G 238 -36.99 60.56 13.73
N SER G 239 -37.86 61.26 14.45
CA SER G 239 -38.96 62.02 13.85
C SER G 239 -38.52 63.09 12.87
N ARG G 240 -37.23 63.43 12.89
CA ARG G 240 -36.68 64.37 11.94
C ARG G 240 -35.89 63.72 10.80
N ASP G 241 -35.87 62.39 10.75
CA ASP G 241 -35.16 61.69 9.69
C ASP G 241 -35.83 61.91 8.34
N VAL G 242 -35.02 61.91 7.29
CA VAL G 242 -35.49 61.85 5.91
C VAL G 242 -34.59 60.88 5.13
N ALA G 243 -35.16 60.16 4.18
CA ALA G 243 -34.43 59.15 3.41
C ALA G 243 -34.77 59.20 1.92
N GLN G 244 -33.90 59.87 1.15
CA GLN G 244 -33.99 59.99 -0.30
C GLN G 244 -33.34 58.79 -0.96
N LEU G 245 -34.17 57.79 -1.24
CA LEU G 245 -33.73 56.42 -1.52
C LEU G 245 -33.63 56.10 -3.01
N GLY G 246 -32.39 56.04 -3.48
CA GLY G 246 -32.13 55.54 -4.82
C GLY G 246 -30.69 55.72 -5.19
N ASP G 247 -30.40 55.86 -6.48
CA ASP G 247 -29.05 56.21 -6.84
C ASP G 247 -28.77 57.54 -6.14
N VAL G 248 -27.56 57.65 -5.58
CA VAL G 248 -27.09 58.90 -4.99
C VAL G 248 -27.21 60.06 -5.96
N VAL G 249 -26.76 59.83 -7.18
CA VAL G 249 -26.57 60.92 -8.11
C VAL G 249 -27.93 61.52 -8.40
N HIS G 250 -28.96 60.70 -8.52
CA HIS G 250 -30.33 61.24 -8.66
C HIS G 250 -30.77 62.07 -7.46
N GLY G 251 -30.50 61.55 -6.26
CA GLY G 251 -30.91 62.22 -5.03
C GLY G 251 -30.16 63.51 -4.80
N VAL G 252 -28.84 63.41 -4.84
CA VAL G 252 -27.96 64.58 -4.84
C VAL G 252 -28.54 65.61 -5.83
N GLU G 253 -28.88 65.16 -7.04
CA GLU G 253 -29.50 66.04 -8.01
C GLU G 253 -30.84 66.57 -7.50
N SER G 254 -31.74 65.69 -7.08
CA SER G 254 -33.10 66.10 -6.69
C SER G 254 -33.10 67.19 -5.63
N LEU G 255 -32.05 67.14 -4.82
CA LEU G 255 -31.85 68.08 -3.73
C LEU G 255 -31.29 69.39 -4.27
N VAL G 256 -30.19 69.29 -5.02
CA VAL G 256 -29.60 70.45 -5.69
C VAL G 256 -30.71 71.25 -6.35
N GLU G 257 -31.39 70.65 -7.32
CA GLU G 257 -32.60 71.20 -7.95
C GLU G 257 -33.55 71.91 -6.97
N LEU G 258 -33.83 71.24 -5.85
CA LEU G 258 -34.70 71.78 -4.80
C LEU G 258 -34.12 73.03 -4.09
N LEU G 259 -32.80 73.08 -3.97
CA LEU G 259 -32.06 74.23 -3.39
C LEU G 259 -31.76 75.32 -4.44
N GLY G 260 -32.05 75.02 -5.71
CA GLY G 260 -31.81 75.93 -6.83
C GLY G 260 -30.36 76.04 -7.25
N TRP G 261 -29.55 75.03 -6.94
CA TRP G 261 -28.10 75.10 -7.20
C TRP G 261 -27.61 74.42 -8.50
N THR G 262 -28.48 74.23 -9.47
CA THR G 262 -28.09 73.48 -10.67
C THR G 262 -27.14 74.27 -11.59
N GLU G 263 -27.13 75.59 -11.44
CA GLU G 263 -26.13 76.46 -12.10
C GLU G 263 -24.76 76.32 -11.43
N GLU G 264 -24.70 76.64 -10.14
CA GLU G 264 -23.45 76.57 -9.36
C GLU G 264 -22.74 75.25 -9.65
N MET G 265 -23.53 74.18 -9.68
CA MET G 265 -23.01 72.87 -10.06
C MET G 265 -22.51 72.89 -11.50
N ARG G 266 -23.32 73.35 -12.45
CA ARG G 266 -22.85 73.43 -13.83
C ARG G 266 -21.46 74.04 -13.81
N ASP G 267 -21.39 75.26 -13.27
CA ASP G 267 -20.17 76.06 -13.35
C ASP G 267 -19.03 75.44 -12.56
N LEU G 268 -19.32 74.95 -11.36
CA LEU G 268 -18.30 74.32 -10.51
C LEU G 268 -17.76 73.02 -11.09
N VAL G 269 -18.67 72.17 -11.54
CA VAL G 269 -18.31 70.85 -12.03
C VAL G 269 -17.46 70.98 -13.28
N GLN G 270 -17.81 71.94 -14.13
CA GLN G 270 -17.02 72.21 -15.32
C GLN G 270 -15.65 72.82 -15.00
N ARG G 271 -15.61 73.76 -14.05
CA ARG G 271 -14.34 74.38 -13.67
C ARG G 271 -13.37 73.31 -13.18
N GLU G 272 -13.78 72.50 -12.21
CA GLU G 272 -12.84 71.56 -11.57
C GLU G 272 -12.45 70.43 -12.53
N THR G 273 -13.30 70.14 -13.49
CA THR G 273 -12.99 69.10 -14.47
C THR G 273 -12.07 69.60 -15.57
N GLY G 274 -11.96 70.92 -15.74
CA GLY G 274 -11.00 71.54 -16.68
C GLY G 274 -9.60 71.68 -16.11
N LYS G 275 -9.46 71.31 -14.84
CA LYS G 275 -8.16 71.20 -14.17
C LYS G 275 -7.81 69.71 -13.91
N LEU G 276 -8.26 68.81 -14.80
CA LEU G 276 -8.06 67.34 -14.70
C LEU G 276 -8.14 66.64 -16.09
N LYS H 4 19.04 69.23 38.66
CA LYS H 4 19.67 70.07 37.60
C LYS H 4 19.63 69.31 36.27
N LEU H 5 19.60 70.04 35.16
CA LEU H 5 19.52 69.43 33.81
C LEU H 5 20.28 70.25 32.76
N SER H 6 21.09 69.59 31.95
CA SER H 6 21.90 70.28 30.94
C SER H 6 21.32 69.98 29.57
N LEU H 7 21.90 70.61 28.54
CA LEU H 7 21.45 70.41 27.17
C LEU H 7 21.94 69.04 26.68
N GLN H 8 23.24 68.81 26.88
CA GLN H 8 23.85 67.49 26.78
C GLN H 8 22.81 66.39 27.02
N ASP H 9 22.22 66.43 28.21
CA ASP H 9 21.32 65.38 28.70
C ASP H 9 20.02 65.31 27.85
N VAL H 10 19.48 66.48 27.48
CA VAL H 10 18.20 66.56 26.75
C VAL H 10 18.35 65.97 25.37
N ALA H 11 19.46 66.32 24.72
CA ALA H 11 19.81 65.73 23.42
C ALA H 11 19.96 64.21 23.56
N GLU H 12 20.60 63.78 24.65
CA GLU H 12 20.78 62.36 24.93
C GLU H 12 19.47 61.59 25.01
N LEU H 13 18.44 62.23 25.56
CA LEU H 13 17.08 61.65 25.59
C LEU H 13 16.45 61.55 24.20
N ILE H 14 16.57 62.61 23.41
CA ILE H 14 16.12 62.55 22.03
C ILE H 14 16.83 61.41 21.29
N ARG H 15 18.16 61.34 21.46
CA ARG H 15 18.97 60.30 20.82
C ARG H 15 18.50 58.91 21.16
N ALA H 16 18.08 58.71 22.42
CA ALA H 16 17.53 57.43 22.89
C ALA H 16 16.12 57.14 22.33
N ARG H 17 15.49 58.15 21.74
CA ARG H 17 14.06 58.15 21.51
C ARG H 17 13.35 57.96 22.86
N ALA H 18 13.91 58.55 23.92
CA ALA H 18 13.28 58.58 25.23
C ALA H 18 12.23 59.66 25.17
N CYS H 19 12.40 60.58 24.24
CA CYS H 19 11.36 61.52 23.86
C CYS H 19 10.99 61.24 22.39
N GLN H 20 9.78 60.72 22.17
CA GLN H 20 9.24 60.43 20.83
C GLN H 20 8.01 61.25 20.55
N ARG H 21 7.77 62.24 21.40
CA ARG H 21 6.47 62.86 21.51
C ARG H 21 6.67 64.35 21.85
N VAL H 22 7.53 65.00 21.06
CA VAL H 22 7.95 66.38 21.25
C VAL H 22 6.86 67.34 20.78
N VAL H 23 6.45 68.26 21.63
CA VAL H 23 5.63 69.39 21.18
C VAL H 23 6.52 70.60 21.12
N VAL H 24 6.33 71.46 20.13
CA VAL H 24 7.16 72.65 19.97
C VAL H 24 6.27 73.89 19.91
N MET H 25 6.65 74.93 20.65
CA MET H 25 5.99 76.23 20.57
C MET H 25 6.97 77.20 19.95
N VAL H 26 6.60 77.89 18.89
CA VAL H 26 7.49 78.89 18.32
C VAL H 26 6.83 80.24 18.19
N GLY H 27 7.63 81.28 18.40
CA GLY H 27 7.17 82.67 18.27
C GLY H 27 8.02 83.44 17.28
N ALA H 28 7.84 84.74 17.27
CA ALA H 28 8.50 85.62 16.30
C ALA H 28 10.02 85.44 16.15
N GLY H 29 10.69 85.10 17.25
CA GLY H 29 12.13 84.90 17.28
C GLY H 29 12.68 83.89 16.28
N ILE H 30 11.95 82.83 15.98
CA ILE H 30 12.45 81.86 15.01
C ILE H 30 12.36 82.38 13.60
N SER H 31 11.41 83.28 13.35
CA SER H 31 11.23 83.88 12.04
C SER H 31 12.01 85.19 11.86
N THR H 32 12.74 85.57 12.91
CA THR H 32 13.63 86.73 12.91
C THR H 32 14.79 86.59 11.91
N PRO H 33 15.60 85.52 12.01
CA PRO H 33 16.70 85.47 11.07
C PRO H 33 16.21 85.24 9.64
N SER H 34 14.95 84.88 9.45
CA SER H 34 14.35 84.79 8.10
C SER H 34 14.19 86.14 7.39
N GLY H 35 14.38 87.24 8.13
CA GLY H 35 14.28 88.58 7.58
C GLY H 35 12.91 89.22 7.70
N ILE H 36 12.05 88.68 8.53
CA ILE H 36 10.69 89.21 8.67
C ILE H 36 10.75 90.55 9.42
N PRO H 37 9.93 91.54 9.03
CA PRO H 37 10.01 92.84 9.66
C PRO H 37 8.99 93.06 10.76
N ASP H 38 9.33 93.94 11.71
CA ASP H 38 8.40 94.31 12.76
C ASP H 38 7.61 95.57 12.40
N PHE H 39 6.31 95.32 12.26
CA PHE H 39 5.24 96.30 12.27
C PHE H 39 5.58 97.48 13.18
N ARG H 40 6.09 97.18 14.37
CA ARG H 40 6.40 98.16 15.42
C ARG H 40 7.67 98.96 15.15
N SER H 41 8.76 98.22 14.91
CA SER H 41 10.09 98.81 14.81
C SER H 41 10.35 99.45 13.46
N PRO H 42 10.89 100.69 13.48
CA PRO H 42 11.13 101.47 12.26
C PRO H 42 12.36 101.01 11.53
N GLY H 43 12.46 101.44 10.28
CA GLY H 43 13.52 100.99 9.38
C GLY H 43 13.16 99.74 8.59
N SER H 44 11.94 99.25 8.74
CA SER H 44 11.41 98.22 7.86
C SER H 44 10.86 98.88 6.63
N GLY H 45 10.74 98.13 5.54
CA GLY H 45 10.03 98.61 4.35
C GLY H 45 8.57 98.75 4.75
N LEU H 46 8.02 97.62 5.21
CA LEU H 46 6.74 97.58 5.89
C LEU H 46 6.46 98.85 6.73
N TYR H 47 7.13 99.01 7.87
CA TYR H 47 6.85 100.13 8.78
C TYR H 47 6.75 101.49 8.08
N SER H 48 7.58 101.71 7.06
CA SER H 48 7.46 102.93 6.24
C SER H 48 6.05 103.01 5.65
N ASN H 49 5.69 101.97 4.89
CA ASN H 49 4.46 101.99 4.13
C ASN H 49 3.22 101.89 5.00
N LEU H 50 3.43 101.56 6.28
CA LEU H 50 2.37 101.57 7.28
C LEU H 50 2.15 102.95 7.86
N GLN H 51 3.20 103.77 7.90
CA GLN H 51 3.09 105.13 8.46
C GLN H 51 1.96 105.92 7.80
N GLN H 52 1.91 105.86 6.47
CA GLN H 52 1.02 106.72 5.68
C GLN H 52 -0.45 106.65 6.09
N TYR H 53 -0.87 105.49 6.58
CA TYR H 53 -2.16 105.36 7.23
C TYR H 53 -1.91 105.74 8.70
N ASP H 54 -2.44 106.87 9.13
CA ASP H 54 -2.13 107.41 10.46
C ASP H 54 -2.73 106.52 11.55
N LEU H 55 -2.01 105.44 11.87
CA LEU H 55 -2.61 104.31 12.56
C LEU H 55 -2.67 104.54 14.08
N PRO H 56 -3.89 104.77 14.62
CA PRO H 56 -4.09 105.20 16.01
C PRO H 56 -3.22 104.53 17.09
N TYR H 57 -3.12 103.20 17.02
CA TYR H 57 -2.28 102.41 17.91
C TYR H 57 -2.00 101.10 17.16
N PRO H 58 -0.75 100.62 17.16
CA PRO H 58 -0.27 99.57 16.23
C PRO H 58 -1.16 98.31 16.16
N GLU H 59 -1.74 97.96 17.30
CA GLU H 59 -2.59 96.77 17.42
C GLU H 59 -3.87 96.88 16.60
N ALA H 60 -4.06 98.01 15.91
CA ALA H 60 -5.34 98.30 15.29
C ALA H 60 -5.56 97.57 13.97
N ILE H 61 -4.51 97.24 13.24
CA ILE H 61 -4.69 96.53 11.95
C ILE H 61 -5.32 95.18 12.19
N PHE H 62 -5.18 94.66 13.42
CA PHE H 62 -5.77 93.37 13.86
C PHE H 62 -7.13 93.53 14.56
N GLU H 63 -7.65 94.75 14.63
CA GLU H 63 -9.01 95.03 15.11
C GLU H 63 -10.03 94.94 13.96
N LEU H 64 -11.17 94.31 14.19
CA LEU H 64 -12.19 94.17 13.14
C LEU H 64 -12.96 95.48 12.87
N PRO H 65 -13.33 96.23 13.92
CA PRO H 65 -13.91 97.56 13.69
C PRO H 65 -13.06 98.46 12.78
N PHE H 66 -11.75 98.43 12.98
CA PHE H 66 -10.84 99.19 12.13
C PHE H 66 -10.77 98.67 10.71
N PHE H 67 -10.62 97.35 10.56
CA PHE H 67 -10.65 96.69 9.23
C PHE H 67 -11.87 97.03 8.36
N PHE H 68 -13.05 97.20 8.96
CA PHE H 68 -14.24 97.58 8.19
C PHE H 68 -14.38 99.07 8.01
N HIS H 69 -13.47 99.85 8.57
CA HIS H 69 -13.32 101.25 8.17
C HIS H 69 -12.21 101.40 7.15
N ASN H 70 -11.13 100.67 7.35
CA ASN H 70 -10.07 100.63 6.37
C ASN H 70 -9.34 99.28 6.38
N PRO H 71 -9.64 98.47 5.36
CA PRO H 71 -8.88 97.26 5.08
C PRO H 71 -7.43 97.51 4.57
N LYS H 72 -7.14 98.70 4.08
CA LYS H 72 -5.90 98.91 3.34
C LYS H 72 -4.61 98.66 4.15
N PRO H 73 -4.54 99.14 5.42
CA PRO H 73 -3.28 98.96 6.13
C PRO H 73 -3.00 97.49 6.41
N PHE H 74 -3.93 96.80 7.07
CA PHE H 74 -3.81 95.36 7.20
C PHE H 74 -3.20 94.70 5.96
N PHE H 75 -3.70 95.10 4.80
CA PHE H 75 -3.40 94.41 3.54
C PHE H 75 -1.98 94.71 3.03
N THR H 76 -1.41 95.83 3.45
CA THR H 76 -0.01 96.10 3.11
C THR H 76 0.90 95.13 3.87
N LEU H 77 0.42 94.69 5.03
CA LEU H 77 1.05 93.59 5.76
C LEU H 77 0.88 92.30 4.98
N ALA H 78 -0.37 92.01 4.62
CA ALA H 78 -0.70 90.81 3.86
C ALA H 78 0.33 90.58 2.78
N LYS H 79 0.50 91.64 1.99
CA LYS H 79 1.26 91.61 0.75
C LYS H 79 2.74 91.32 1.01
N GLU H 80 3.27 91.91 2.09
CA GLU H 80 4.68 91.74 2.47
C GLU H 80 5.00 90.27 2.81
N LEU H 81 4.18 89.64 3.67
CA LEU H 81 4.42 88.26 4.19
C LEU H 81 3.81 87.15 3.37
N TYR H 82 3.11 87.51 2.29
CA TYR H 82 2.44 86.54 1.44
C TYR H 82 3.45 85.53 0.94
N PRO H 83 3.03 84.25 0.87
CA PRO H 83 3.89 83.16 0.42
C PRO H 83 4.62 83.53 -0.84
N GLY H 84 5.96 83.54 -0.81
CA GLY H 84 6.75 84.01 -1.94
C GLY H 84 7.82 84.99 -1.53
N ASN H 85 7.44 86.03 -0.79
CA ASN H 85 8.39 87.10 -0.41
C ASN H 85 9.54 86.69 0.53
N TYR H 86 9.22 85.89 1.56
CA TYR H 86 10.22 85.46 2.56
C TYR H 86 10.25 83.95 2.62
N LYS H 87 11.40 83.41 2.96
CA LYS H 87 11.66 81.97 2.99
C LYS H 87 12.04 81.51 4.40
N PRO H 88 11.93 80.21 4.69
CA PRO H 88 12.24 79.72 6.02
C PRO H 88 13.73 79.51 6.27
N ASN H 89 14.16 79.74 7.50
CA ASN H 89 15.58 79.72 7.87
C ASN H 89 15.94 78.43 8.59
N VAL H 90 17.16 78.37 9.14
CA VAL H 90 17.69 77.14 9.68
C VAL H 90 17.00 76.64 10.92
N THR H 91 16.30 77.53 11.62
CA THR H 91 15.48 77.10 12.76
C THR H 91 14.22 76.41 12.22
N HIS H 92 13.54 77.05 11.27
CA HIS H 92 12.40 76.45 10.60
C HIS H 92 12.72 75.05 10.12
N TYR H 93 13.90 74.86 9.52
CA TYR H 93 14.37 73.57 8.97
C TYR H 93 14.85 72.57 10.02
N PHE H 94 15.10 73.03 11.25
CA PHE H 94 15.37 72.10 12.35
C PHE H 94 14.08 71.41 12.81
N LEU H 95 12.99 72.16 12.83
CA LEU H 95 11.70 71.61 13.24
C LEU H 95 11.18 70.64 12.18
N ARG H 96 11.58 70.85 10.93
CA ARG H 96 11.28 69.91 9.87
C ARG H 96 12.04 68.63 10.11
N LEU H 97 13.28 68.71 10.56
CA LEU H 97 14.08 67.50 10.78
C LEU H 97 13.50 66.65 11.90
N LEU H 98 13.17 67.35 12.99
CA LEU H 98 12.40 66.78 14.08
C LEU H 98 11.20 66.00 13.54
N HIS H 99 10.50 66.57 12.57
CA HIS H 99 9.35 65.91 11.97
C HIS H 99 9.73 64.68 11.18
N ASP H 100 10.71 64.84 10.30
CA ASP H 100 11.20 63.76 9.45
C ASP H 100 11.69 62.58 10.26
N LYS H 101 12.00 62.81 11.54
CA LYS H 101 12.49 61.72 12.39
C LYS H 101 11.40 61.01 13.19
N GLY H 102 10.16 61.44 13.02
CA GLY H 102 9.02 60.87 13.76
C GLY H 102 9.07 61.18 15.24
N LEU H 103 9.52 62.40 15.53
CA LEU H 103 9.62 62.89 16.89
C LEU H 103 8.64 64.01 17.16
N LEU H 104 8.19 64.71 16.11
CA LEU H 104 7.35 65.89 16.28
C LEU H 104 5.88 65.53 16.36
N LEU H 105 5.35 65.52 17.57
CA LEU H 105 3.94 65.31 17.78
C LEU H 105 3.18 66.45 17.19
N ARG H 106 3.64 67.66 17.48
CA ARG H 106 2.97 68.87 17.02
C ARG H 106 3.83 70.12 17.16
N LEU H 107 3.64 71.09 16.27
CA LEU H 107 4.26 72.40 16.37
C LEU H 107 3.21 73.50 16.41
N TYR H 108 3.07 74.14 17.57
CA TYR H 108 2.18 75.30 17.76
C TYR H 108 2.95 76.59 17.46
N THR H 109 2.45 77.46 16.57
CA THR H 109 3.15 78.72 16.22
C THR H 109 2.22 79.89 16.38
N GLN H 110 2.77 81.02 16.80
CA GLN H 110 2.05 82.29 16.88
C GLN H 110 2.42 83.25 15.74
N ASN H 111 3.26 82.78 14.82
CA ASN H 111 3.71 83.60 13.70
C ASN H 111 2.71 83.38 12.61
N ILE H 112 2.64 84.33 11.68
CA ILE H 112 1.74 84.20 10.56
C ILE H 112 2.41 84.36 9.22
N ASP H 113 3.74 84.31 9.22
CA ASP H 113 4.55 84.25 8.00
C ASP H 113 4.21 83.04 7.09
N GLY H 114 3.76 81.94 7.68
CA GLY H 114 3.45 80.73 6.92
C GLY H 114 4.71 80.09 6.35
N LEU H 115 5.79 80.19 7.13
CA LEU H 115 7.08 79.57 6.86
C LEU H 115 7.14 78.21 7.52
N GLU H 116 6.30 78.02 8.52
CA GLU H 116 6.23 76.76 9.21
C GLU H 116 5.90 75.74 8.14
N ARG H 117 4.85 76.04 7.37
CA ARG H 117 4.41 75.17 6.28
C ARG H 117 5.49 75.02 5.22
N VAL H 118 5.95 76.14 4.68
CA VAL H 118 6.94 76.17 3.60
C VAL H 118 8.17 75.31 3.89
N SER H 119 8.51 75.16 5.16
CA SER H 119 9.65 74.35 5.56
C SER H 119 9.44 72.88 5.26
N GLY H 120 8.24 72.56 4.79
CA GLY H 120 7.93 71.22 4.38
C GLY H 120 7.14 70.50 5.44
N ILE H 121 6.90 71.14 6.58
CA ILE H 121 6.12 70.53 7.65
C ILE H 121 4.66 70.49 7.22
N PRO H 122 4.04 69.30 7.29
CA PRO H 122 2.68 69.15 6.79
C PRO H 122 1.70 69.78 7.74
N ALA H 123 0.58 70.24 7.21
CA ALA H 123 -0.32 71.04 8.01
C ALA H 123 -0.93 70.22 9.13
N SER H 124 -0.84 68.90 9.02
CA SER H 124 -1.41 68.03 10.05
C SER H 124 -0.70 68.26 11.36
N LYS H 125 0.60 68.56 11.30
CA LYS H 125 1.41 68.84 12.51
C LYS H 125 1.46 70.32 12.92
N LEU H 126 0.54 71.12 12.41
CA LEU H 126 0.66 72.55 12.51
C LEU H 126 -0.60 73.16 13.02
N VAL H 127 -0.51 73.66 14.23
CA VAL H 127 -1.50 74.55 14.77
C VAL H 127 -1.04 75.98 14.61
N GLU H 128 -1.52 76.65 13.58
CA GLU H 128 -1.17 78.06 13.32
C GLU H 128 -2.15 78.92 14.13
N ALA H 129 -1.83 79.14 15.39
CA ALA H 129 -2.84 79.59 16.33
C ALA H 129 -3.18 81.06 16.22
N HIS H 130 -2.35 81.81 15.51
CA HIS H 130 -2.69 83.18 15.08
C HIS H 130 -3.05 83.23 13.61
N GLY H 131 -2.80 82.15 12.88
CA GLY H 131 -3.54 81.92 11.64
C GLY H 131 -2.65 81.90 10.42
N THR H 132 -3.26 82.07 9.26
CA THR H 132 -2.52 81.86 8.03
C THR H 132 -3.06 82.75 6.92
N PHE H 133 -2.17 83.10 5.99
CA PHE H 133 -2.57 83.78 4.75
C PHE H 133 -2.91 82.79 3.65
N ALA H 134 -2.74 81.51 3.97
CA ALA H 134 -2.95 80.39 3.06
C ALA H 134 -4.42 80.18 2.75
N SER H 135 -5.30 80.82 3.50
CA SER H 135 -6.69 80.84 3.11
C SER H 135 -7.31 82.18 3.49
N ALA H 136 -8.59 82.32 3.22
CA ALA H 136 -9.30 83.58 3.36
C ALA H 136 -10.78 83.31 3.40
N THR H 137 -11.57 84.35 3.66
CA THR H 137 -12.99 84.20 3.98
C THR H 137 -13.71 85.52 3.79
N CYS H 138 -14.88 85.51 3.16
CA CYS H 138 -15.63 86.77 3.00
C CYS H 138 -16.34 87.08 4.28
N THR H 139 -16.44 88.39 4.52
CA THR H 139 -16.80 88.94 5.77
C THR H 139 -18.31 89.11 5.84
N VAL H 140 -19.05 88.40 4.98
CA VAL H 140 -20.50 88.22 5.15
C VAL H 140 -21.11 87.00 4.37
N CYS H 141 -20.75 86.80 3.09
CA CYS H 141 -20.95 85.49 2.34
C CYS H 141 -20.48 84.30 3.19
N GLN H 142 -19.42 84.49 3.99
CA GLN H 142 -18.78 83.43 4.79
C GLN H 142 -18.01 82.39 3.95
N ARG H 143 -18.21 82.45 2.64
CA ARG H 143 -17.52 81.64 1.63
C ARG H 143 -16.01 81.72 1.79
N PRO H 144 -15.37 80.58 2.05
CA PRO H 144 -13.93 80.53 2.05
C PRO H 144 -13.36 80.57 0.63
N PHE H 145 -12.07 80.85 0.51
CA PHE H 145 -11.36 80.92 -0.77
C PHE H 145 -9.90 80.56 -0.53
N PRO H 146 -9.30 79.73 -1.41
CA PRO H 146 -7.89 79.46 -1.23
C PRO H 146 -7.09 80.76 -1.26
N GLY H 147 -5.98 80.77 -0.54
CA GLY H 147 -5.11 81.94 -0.46
C GLY H 147 -4.79 82.56 -1.80
N GLU H 148 -4.70 81.75 -2.86
CA GLU H 148 -4.27 82.25 -4.17
C GLU H 148 -5.37 82.98 -4.92
N ASP H 149 -6.61 82.69 -4.58
CA ASP H 149 -7.74 83.31 -5.28
C ASP H 149 -7.78 84.84 -5.10
N ILE H 150 -7.28 85.32 -3.96
CA ILE H 150 -7.11 86.76 -3.75
C ILE H 150 -5.68 87.28 -4.06
N ARG H 151 -4.68 86.39 -4.05
CA ARG H 151 -3.26 86.71 -4.33
C ARG H 151 -3.06 87.71 -5.49
N ALA H 152 -3.77 87.48 -6.59
CA ALA H 152 -3.73 88.35 -7.77
C ALA H 152 -3.90 89.83 -7.40
N ASP H 153 -4.95 90.11 -6.62
CA ASP H 153 -5.26 91.47 -6.14
C ASP H 153 -4.24 91.92 -5.10
N VAL H 154 -3.84 90.98 -4.26
CA VAL H 154 -3.02 91.31 -3.10
C VAL H 154 -1.65 91.81 -3.55
N MET H 155 -1.14 91.22 -4.64
CA MET H 155 0.16 91.63 -5.17
C MET H 155 0.09 92.96 -5.88
N ALA H 156 -1.12 93.51 -6.03
CA ALA H 156 -1.33 94.77 -6.72
C ALA H 156 -2.34 95.70 -6.02
N ASP H 157 -2.35 95.69 -4.69
CA ASP H 157 -2.98 96.76 -3.89
C ASP H 157 -4.49 96.94 -4.08
N ARG H 158 -5.16 95.89 -4.53
CA ARG H 158 -6.60 95.92 -4.68
C ARG H 158 -7.26 95.16 -3.54
N VAL H 159 -8.25 95.80 -2.91
CA VAL H 159 -9.01 95.19 -1.81
C VAL H 159 -10.02 94.23 -2.44
N PRO H 160 -9.83 92.90 -2.22
CA PRO H 160 -10.58 91.84 -2.89
C PRO H 160 -11.96 91.61 -2.29
N ARG H 161 -12.93 91.18 -3.11
CA ARG H 161 -14.35 91.09 -2.73
C ARG H 161 -15.10 89.95 -3.41
N CYS H 162 -15.99 89.24 -2.71
CA CYS H 162 -16.48 87.91 -3.22
C CYS H 162 -17.37 88.09 -4.43
N PRO H 163 -17.31 87.12 -5.35
CA PRO H 163 -18.20 87.11 -6.51
C PRO H 163 -19.70 87.13 -6.15
N VAL H 164 -20.03 86.85 -4.89
CA VAL H 164 -21.41 86.88 -4.41
C VAL H 164 -21.72 88.05 -3.45
N CYS H 165 -20.80 88.33 -2.51
CA CYS H 165 -20.97 89.41 -1.52
C CYS H 165 -20.73 90.71 -2.20
N THR H 166 -19.58 90.79 -2.86
CA THR H 166 -18.86 92.04 -3.12
C THR H 166 -18.45 92.64 -1.78
N GLY H 167 -18.09 91.77 -0.84
CA GLY H 167 -17.83 92.15 0.54
C GLY H 167 -16.38 91.91 0.82
N VAL H 168 -15.77 92.74 1.66
CA VAL H 168 -14.33 92.66 1.84
C VAL H 168 -13.99 91.19 2.11
N VAL H 169 -12.90 90.69 1.53
CA VAL H 169 -12.49 89.29 1.73
C VAL H 169 -11.23 89.17 2.58
N LYS H 170 -11.39 88.85 3.86
CA LYS H 170 -10.30 88.92 4.83
C LYS H 170 -9.55 87.59 4.97
N PRO H 171 -8.27 87.55 4.56
CA PRO H 171 -7.52 86.36 4.88
C PRO H 171 -7.61 85.94 6.37
N ASP H 172 -7.32 84.67 6.61
CA ASP H 172 -7.62 84.03 7.87
C ASP H 172 -6.49 84.23 8.87
N ILE H 173 -6.26 85.50 9.16
CA ILE H 173 -5.45 85.90 10.29
C ILE H 173 -6.40 86.22 11.42
N VAL H 174 -6.00 85.85 12.62
CA VAL H 174 -6.90 85.89 13.75
C VAL H 174 -6.92 87.29 14.33
N PHE H 175 -8.10 87.87 14.48
CA PHE H 175 -8.18 89.28 14.85
C PHE H 175 -8.58 89.39 16.29
N PHE H 176 -8.01 90.39 16.97
CA PHE H 176 -8.36 90.70 18.35
C PHE H 176 -9.83 90.55 18.55
N GLY H 177 -10.23 89.81 19.59
CA GLY H 177 -11.64 89.68 19.93
C GLY H 177 -12.37 88.59 19.18
N GLU H 178 -11.64 87.88 18.31
CA GLU H 178 -12.14 86.66 17.64
C GLU H 178 -11.70 85.49 18.53
N PRO H 179 -12.35 84.33 18.40
CA PRO H 179 -11.82 83.14 19.00
C PRO H 179 -10.66 82.61 18.21
N LEU H 180 -10.02 81.59 18.74
CA LEU H 180 -8.86 81.00 18.10
C LEU H 180 -9.33 80.03 17.02
N PRO H 181 -8.40 79.54 16.18
CA PRO H 181 -8.77 78.56 15.16
C PRO H 181 -9.11 77.20 15.79
N GLN H 182 -10.05 76.46 15.20
CA GLN H 182 -10.48 75.19 15.81
C GLN H 182 -9.30 74.35 16.16
N ARG H 183 -8.39 74.18 15.20
CA ARG H 183 -7.21 73.34 15.38
C ARG H 183 -6.63 73.57 16.74
N PHE H 184 -6.51 74.83 17.16
CA PHE H 184 -6.05 75.09 18.52
C PHE H 184 -6.59 74.13 19.59
N LEU H 185 -7.86 73.75 19.49
CA LEU H 185 -8.52 72.87 20.48
C LEU H 185 -8.01 71.44 20.43
N LEU H 186 -6.75 71.29 20.05
CA LEU H 186 -6.00 70.08 20.23
C LEU H 186 -5.05 70.32 21.39
N HIS H 187 -4.95 71.56 21.89
CA HIS H 187 -4.01 71.89 22.99
C HIS H 187 -4.22 70.91 24.09
N VAL H 188 -5.51 70.66 24.30
CA VAL H 188 -6.04 69.68 25.21
C VAL H 188 -5.41 68.31 25.15
N VAL H 189 -5.10 67.78 23.97
CA VAL H 189 -4.48 66.45 23.92
C VAL H 189 -3.01 66.42 23.53
N ASP H 190 -2.50 67.46 22.89
CA ASP H 190 -1.10 67.45 22.55
C ASP H 190 -0.25 67.61 23.82
N PHE H 191 -0.63 68.51 24.71
CA PHE H 191 0.26 68.85 25.82
C PHE H 191 0.31 67.81 26.95
N PRO H 192 -0.85 67.31 27.37
CA PRO H 192 -0.84 66.21 28.34
C PRO H 192 -0.17 64.93 27.84
N MET H 193 0.02 64.81 26.52
CA MET H 193 0.61 63.61 25.89
C MET H 193 2.09 63.80 25.56
N ALA H 194 2.54 65.05 25.56
CA ALA H 194 3.92 65.37 25.22
C ALA H 194 4.89 64.84 26.25
N ASP H 195 6.09 64.49 25.81
CA ASP H 195 7.16 64.04 26.70
C ASP H 195 8.41 64.91 26.59
N LEU H 196 8.28 65.96 25.78
CA LEU H 196 9.28 67.02 25.70
C LEU H 196 8.61 68.28 25.14
N LEU H 197 8.93 69.42 25.74
CA LEU H 197 8.40 70.71 25.31
C LEU H 197 9.56 71.57 24.88
N LEU H 198 9.57 71.89 23.59
CA LEU H 198 10.62 72.68 22.99
C LEU H 198 10.08 74.05 22.74
N ILE H 199 10.67 75.08 23.36
CA ILE H 199 10.19 76.45 23.19
C ILE H 199 11.29 77.32 22.56
N LEU H 200 10.96 77.94 21.41
CA LEU H 200 11.88 78.82 20.66
C LEU H 200 11.20 80.16 20.35
N GLY H 201 11.95 81.26 20.51
CA GLY H 201 11.59 82.57 19.93
C GLY H 201 10.23 83.16 20.30
N THR H 202 9.72 82.79 21.44
CA THR H 202 8.50 83.38 21.89
C THR H 202 8.78 84.01 23.24
N SER H 203 8.01 85.04 23.54
CA SER H 203 8.13 85.72 24.81
C SER H 203 7.10 85.15 25.79
N LEU H 204 6.15 84.37 25.29
CA LEU H 204 5.12 83.83 26.16
C LEU H 204 4.23 84.92 26.76
N GLU H 205 4.30 86.11 26.21
CA GLU H 205 3.58 87.24 26.76
C GLU H 205 2.23 87.46 26.08
N VAL H 206 1.90 86.67 25.08
CA VAL H 206 0.56 86.71 24.52
C VAL H 206 -0.20 85.44 24.92
N GLU H 207 -1.51 85.57 25.12
CA GLU H 207 -2.31 84.37 25.36
C GLU H 207 -2.64 83.71 24.04
N PRO H 208 -2.81 82.39 24.06
CA PRO H 208 -2.88 81.54 25.24
C PRO H 208 -1.58 80.75 25.48
N PHE H 209 -0.49 81.21 24.86
CA PHE H 209 0.81 80.54 24.98
C PHE H 209 1.34 80.52 26.39
N ALA H 210 1.13 81.60 27.13
CA ALA H 210 1.57 81.62 28.52
C ALA H 210 1.08 80.35 29.24
N SER H 211 -0.24 80.17 29.23
CA SER H 211 -0.89 78.97 29.78
C SER H 211 -0.17 77.67 29.44
N LEU H 212 -0.03 77.42 28.14
CA LEU H 212 0.34 76.10 27.59
C LEU H 212 1.61 75.51 28.19
N THR H 213 2.57 76.39 28.40
CA THR H 213 3.86 76.01 28.96
C THR H 213 3.75 75.34 30.31
N GLU H 214 2.59 75.46 30.95
CA GLU H 214 2.35 74.80 32.25
C GLU H 214 1.42 73.57 32.10
N ALA H 215 0.75 73.46 30.96
CA ALA H 215 -0.15 72.32 30.66
C ALA H 215 0.59 70.98 30.49
N VAL H 216 1.87 71.01 30.09
CA VAL H 216 2.69 69.79 30.12
C VAL H 216 2.71 69.22 31.51
N ARG H 217 2.96 67.92 31.60
CA ARG H 217 3.07 67.27 32.89
C ARG H 217 4.39 67.65 33.54
N SER H 218 4.49 67.34 34.83
CA SER H 218 5.62 67.75 35.67
C SER H 218 6.84 66.89 35.42
N SER H 219 6.59 65.62 35.16
CA SER H 219 7.62 64.69 34.66
C SER H 219 8.43 65.32 33.51
N VAL H 220 7.70 65.99 32.60
CA VAL H 220 8.22 66.44 31.30
C VAL H 220 9.21 67.62 31.37
N PRO H 221 10.38 67.52 30.67
CA PRO H 221 11.32 68.65 30.58
C PRO H 221 10.84 69.72 29.60
N ARG H 222 11.22 70.97 29.84
CA ARG H 222 10.84 72.08 28.95
C ARG H 222 12.09 72.86 28.52
N LEU H 223 12.41 72.79 27.23
CA LEU H 223 13.59 73.45 26.73
C LEU H 223 13.24 74.78 26.09
N LEU H 224 13.82 75.84 26.64
CA LEU H 224 13.62 77.17 26.13
C LEU H 224 14.87 77.63 25.41
N ILE H 225 14.75 78.04 24.14
CA ILE H 225 15.86 78.63 23.37
C ILE H 225 15.45 80.03 22.87
N ASN H 226 15.92 81.05 23.57
CA ASN H 226 15.48 82.44 23.36
C ASN H 226 16.56 83.42 23.82
N ARG H 227 16.36 84.71 23.58
CA ARG H 227 17.32 85.72 24.12
C ARG H 227 17.39 85.50 25.62
N ASP H 228 16.21 85.39 26.26
CA ASP H 228 16.08 85.50 27.72
C ASP H 228 14.96 84.64 28.29
N LEU H 229 15.17 84.23 29.54
CA LEU H 229 14.24 83.39 30.31
C LEU H 229 12.90 84.10 30.52
N VAL H 230 11.78 83.47 30.12
CA VAL H 230 10.46 84.16 30.06
C VAL H 230 9.19 83.45 30.57
N GLY H 231 8.20 84.29 30.84
CA GLY H 231 6.81 83.88 30.92
C GLY H 231 6.45 83.24 32.25
N PRO H 232 6.16 81.94 32.23
CA PRO H 232 6.15 81.16 33.46
C PRO H 232 7.39 80.30 33.56
N LEU H 233 8.23 80.34 32.54
CA LEU H 233 9.52 79.63 32.60
C LEU H 233 10.42 80.31 33.60
N ALA H 234 10.11 81.57 33.91
CA ALA H 234 10.85 82.35 34.88
C ALA H 234 10.09 82.58 36.15
N TRP H 235 8.77 82.79 36.11
CA TRP H 235 8.12 83.10 37.38
C TRP H 235 7.90 81.82 38.16
N HIS H 236 7.74 80.67 37.50
CA HIS H 236 7.47 79.42 38.22
C HIS H 236 8.19 78.21 37.62
N PRO H 237 9.52 78.20 37.68
CA PRO H 237 10.43 77.16 37.23
C PRO H 237 10.07 75.75 37.66
N ARG H 238 10.53 74.77 36.89
CA ARG H 238 10.43 73.36 37.25
C ARG H 238 11.78 72.70 37.06
N SER H 239 12.05 71.70 37.88
CA SER H 239 13.39 71.09 37.99
C SER H 239 13.84 70.44 36.69
N ARG H 240 12.94 70.31 35.75
CA ARG H 240 13.28 69.76 34.47
C ARG H 240 13.22 70.79 33.35
N ASP H 241 13.35 72.08 33.70
CA ASP H 241 13.55 73.11 32.69
C ASP H 241 15.03 73.13 32.33
N VAL H 242 15.32 73.79 31.21
CA VAL H 242 16.67 73.91 30.67
C VAL H 242 16.60 75.12 29.77
N ALA H 243 17.47 76.11 29.98
CA ALA H 243 17.48 77.31 29.13
C ALA H 243 18.80 77.50 28.33
N GLN H 244 18.67 77.67 27.01
CA GLN H 244 19.79 77.95 26.13
C GLN H 244 19.62 79.40 25.64
N LEU H 245 19.91 80.31 26.56
CA LEU H 245 19.74 81.72 26.27
C LEU H 245 20.84 82.17 25.30
N GLY H 246 20.48 83.15 24.47
CA GLY H 246 21.33 83.62 23.38
C GLY H 246 20.55 83.45 22.11
N ASP H 247 21.07 83.95 20.99
CA ASP H 247 20.43 83.82 19.69
C ASP H 247 19.82 82.42 19.45
N VAL H 248 18.68 82.37 18.75
CA VAL H 248 18.06 81.08 18.42
C VAL H 248 19.04 80.18 17.67
N VAL H 249 19.50 80.69 16.54
CA VAL H 249 20.19 79.90 15.55
C VAL H 249 21.45 79.22 16.08
N HIS H 250 22.20 79.88 16.98
CA HIS H 250 23.38 79.23 17.55
C HIS H 250 22.93 78.15 18.51
N GLY H 251 22.09 78.52 19.48
CA GLY H 251 21.49 77.54 20.39
C GLY H 251 21.00 76.29 19.68
N VAL H 252 20.39 76.47 18.50
CA VAL H 252 19.85 75.36 17.72
C VAL H 252 20.97 74.47 17.18
N GLU H 253 21.88 75.08 16.42
CA GLU H 253 23.07 74.44 15.86
C GLU H 253 23.83 73.66 16.93
N SER H 254 23.98 74.28 18.11
CA SER H 254 24.63 73.62 19.25
C SER H 254 23.85 72.37 19.66
N LEU H 255 22.52 72.49 19.66
CA LEU H 255 21.67 71.34 19.94
C LEU H 255 21.77 70.27 18.84
N VAL H 256 21.80 70.68 17.59
CA VAL H 256 22.00 69.73 16.50
C VAL H 256 23.37 69.06 16.61
N GLU H 257 24.41 69.85 16.87
CA GLU H 257 25.76 69.31 17.03
C GLU H 257 25.80 68.24 18.11
N LEU H 258 25.08 68.47 19.20
CA LEU H 258 24.92 67.46 20.23
C LEU H 258 24.17 66.23 19.72
N LEU H 259 23.08 66.44 18.99
CA LEU H 259 22.36 65.35 18.34
C LEU H 259 23.13 64.71 17.16
N GLY H 260 24.15 65.40 16.64
CA GLY H 260 25.00 64.86 15.56
C GLY H 260 24.43 64.99 14.17
N TRP H 261 23.29 65.68 14.04
CA TRP H 261 22.60 65.78 12.76
C TRP H 261 23.16 66.90 11.89
N THR H 262 24.23 67.55 12.36
CA THR H 262 24.92 68.62 11.62
C THR H 262 25.03 68.33 10.11
N GLU H 263 25.57 67.16 9.79
CA GLU H 263 25.63 66.70 8.39
C GLU H 263 24.22 66.49 7.91
N GLU H 264 23.47 65.67 8.64
CA GLU H 264 22.13 65.30 8.22
C GLU H 264 21.29 66.56 7.90
N MET H 265 21.46 67.61 8.69
CA MET H 265 20.84 68.93 8.44
C MET H 265 21.30 69.54 7.12
N ARG H 266 22.62 69.53 6.90
CA ARG H 266 23.18 70.16 5.70
C ARG H 266 22.65 69.49 4.44
N ASP H 267 22.23 68.23 4.57
CA ASP H 267 21.55 67.56 3.47
C ASP H 267 20.19 68.23 3.25
N LEU H 268 19.35 68.20 4.28
CA LEU H 268 18.02 68.80 4.24
C LEU H 268 18.10 70.21 3.69
N VAL H 269 18.82 71.08 4.40
CA VAL H 269 18.81 72.51 4.07
C VAL H 269 18.90 72.69 2.56
N GLN H 270 19.73 71.87 1.92
CA GLN H 270 19.98 71.98 0.48
C GLN H 270 18.78 71.67 -0.40
N ARG H 271 18.26 70.44 -0.24
CA ARG H 271 17.11 69.99 -1.03
C ARG H 271 16.12 71.15 -1.23
N GLU H 272 15.63 71.68 -0.09
CA GLU H 272 14.47 72.58 -0.01
C GLU H 272 14.75 73.98 -0.55
N THR H 273 15.99 74.41 -0.38
CA THR H 273 16.47 75.68 -0.91
C THR H 273 16.84 75.60 -2.41
N GLY H 274 16.90 74.39 -2.97
CA GLY H 274 16.98 74.21 -4.41
C GLY H 274 15.64 74.41 -5.12
N LYS H 275 14.56 74.49 -4.32
CA LYS H 275 13.21 74.79 -4.80
C LYS H 275 12.76 76.23 -4.49
N LEU H 276 13.45 76.90 -3.54
CA LEU H 276 13.22 78.32 -3.20
C LEU H 276 14.55 79.10 -3.14
N LYS I 4 -53.53 -51.72 -46.87
CA LYS I 4 -52.63 -52.90 -46.85
C LYS I 4 -51.23 -52.51 -46.40
N LEU I 5 -50.75 -53.11 -45.29
CA LEU I 5 -49.42 -52.85 -44.72
C LEU I 5 -48.62 -54.13 -44.45
N SER I 6 -47.30 -54.01 -44.50
CA SER I 6 -46.39 -55.13 -44.31
C SER I 6 -45.40 -54.78 -43.23
N LEU I 7 -44.44 -55.66 -42.99
CA LEU I 7 -43.43 -55.47 -41.93
C LEU I 7 -42.36 -54.47 -42.37
N GLN I 8 -41.78 -54.76 -43.53
CA GLN I 8 -41.00 -53.80 -44.33
C GLN I 8 -41.39 -52.37 -44.01
N ASP I 9 -42.70 -52.12 -44.08
CA ASP I 9 -43.29 -50.82 -43.85
C ASP I 9 -43.21 -50.45 -42.37
N VAL I 10 -43.70 -51.34 -41.52
CA VAL I 10 -43.83 -51.07 -40.08
C VAL I 10 -42.47 -50.80 -39.47
N ALA I 11 -41.56 -51.74 -39.70
CA ALA I 11 -40.18 -51.65 -39.21
C ALA I 11 -39.49 -50.39 -39.72
N GLU I 12 -39.88 -49.96 -40.92
CA GLU I 12 -39.44 -48.68 -41.45
C GLU I 12 -39.95 -47.48 -40.65
N LEU I 13 -41.20 -47.56 -40.19
CA LEU I 13 -41.76 -46.48 -39.37
C LEU I 13 -41.08 -46.42 -38.00
N ILE I 14 -40.47 -47.52 -37.57
CA ILE I 14 -39.70 -47.51 -36.33
C ILE I 14 -38.34 -46.90 -36.58
N ARG I 15 -37.70 -47.34 -37.67
CA ARG I 15 -36.42 -46.77 -38.12
C ARG I 15 -36.52 -45.25 -38.27
N ALA I 16 -37.60 -44.76 -38.86
CA ALA I 16 -37.78 -43.32 -39.03
C ALA I 16 -38.03 -42.59 -37.70
N ARG I 17 -38.16 -43.31 -36.59
CA ARG I 17 -38.64 -42.74 -35.33
C ARG I 17 -39.95 -41.96 -35.60
N ALA I 18 -40.79 -42.53 -36.47
CA ALA I 18 -42.13 -42.03 -36.81
C ALA I 18 -43.18 -42.70 -35.90
N CYS I 19 -42.73 -43.72 -35.18
CA CYS I 19 -43.47 -44.29 -34.06
C CYS I 19 -42.49 -44.28 -32.86
N GLN I 20 -42.62 -43.32 -31.96
CA GLN I 20 -41.78 -43.27 -30.77
C GLN I 20 -42.48 -43.82 -29.54
N ARG I 21 -43.81 -43.87 -29.59
CA ARG I 21 -44.62 -44.32 -28.43
C ARG I 21 -45.25 -45.69 -28.66
N VAL I 22 -44.42 -46.72 -28.56
CA VAL I 22 -44.86 -48.08 -28.76
C VAL I 22 -45.50 -48.57 -27.47
N VAL I 23 -46.68 -49.17 -27.58
CA VAL I 23 -47.26 -49.90 -26.47
C VAL I 23 -47.33 -51.37 -26.86
N VAL I 24 -46.96 -52.24 -25.94
CA VAL I 24 -46.82 -53.65 -26.21
C VAL I 24 -47.80 -54.41 -25.33
N MET I 25 -48.37 -55.48 -25.86
CA MET I 25 -49.19 -56.39 -25.07
C MET I 25 -48.63 -57.81 -25.21
N VAL I 26 -48.46 -58.52 -24.10
CA VAL I 26 -47.90 -59.86 -24.16
C VAL I 26 -48.72 -60.89 -23.39
N GLY I 27 -48.61 -62.13 -23.83
CA GLY I 27 -49.29 -63.29 -23.22
C GLY I 27 -48.36 -64.49 -23.26
N ALA I 28 -48.85 -65.64 -22.84
CA ALA I 28 -47.99 -66.81 -22.59
C ALA I 28 -46.98 -67.14 -23.70
N GLY I 29 -47.34 -66.82 -24.93
CA GLY I 29 -46.52 -67.13 -26.09
C GLY I 29 -45.10 -66.60 -26.07
N ILE I 30 -44.92 -65.42 -25.50
CA ILE I 30 -43.57 -64.85 -25.42
C ILE I 30 -42.68 -65.67 -24.49
N SER I 31 -43.30 -66.34 -23.51
CA SER I 31 -42.58 -67.12 -22.49
C SER I 31 -42.53 -68.61 -22.81
N THR I 32 -43.05 -68.99 -23.97
CA THR I 32 -42.93 -70.37 -24.44
C THR I 32 -41.46 -70.73 -24.57
N PRO I 33 -40.72 -70.07 -25.47
CA PRO I 33 -39.31 -70.42 -25.61
C PRO I 33 -38.58 -70.56 -24.29
N SER I 34 -38.96 -69.79 -23.27
CA SER I 34 -38.31 -69.89 -21.96
C SER I 34 -38.65 -71.20 -21.21
N GLY I 35 -39.74 -71.85 -21.59
CA GLY I 35 -40.12 -73.14 -21.02
C GLY I 35 -41.04 -73.12 -19.80
N ILE I 36 -41.85 -72.09 -19.65
CA ILE I 36 -42.79 -72.07 -18.54
C ILE I 36 -43.80 -73.19 -18.84
N PRO I 37 -44.25 -73.91 -17.82
CA PRO I 37 -45.20 -75.00 -18.04
C PRO I 37 -46.66 -74.64 -17.81
N ASP I 38 -47.54 -74.99 -18.76
CA ASP I 38 -48.98 -74.90 -18.54
C ASP I 38 -49.52 -76.10 -17.75
N PHE I 39 -50.19 -75.80 -16.64
CA PHE I 39 -50.80 -76.83 -15.85
C PHE I 39 -52.05 -77.37 -16.53
N ARG I 40 -52.58 -76.63 -17.50
CA ARG I 40 -53.67 -77.12 -18.33
C ARG I 40 -53.25 -78.37 -19.14
N SER I 41 -52.07 -78.27 -19.75
CA SER I 41 -51.51 -79.34 -20.58
C SER I 41 -50.65 -80.27 -19.73
N PRO I 42 -50.65 -81.57 -20.06
CA PRO I 42 -49.93 -82.56 -19.29
C PRO I 42 -48.49 -82.72 -19.75
N GLY I 43 -47.71 -83.52 -19.01
CA GLY I 43 -46.36 -83.85 -19.45
C GLY I 43 -45.29 -82.91 -18.93
N SER I 44 -45.69 -81.66 -18.66
CA SER I 44 -44.83 -80.71 -17.96
C SER I 44 -44.59 -81.21 -16.54
N GLY I 45 -43.49 -80.79 -15.93
CA GLY I 45 -43.20 -81.19 -14.55
C GLY I 45 -44.34 -80.81 -13.61
N LEU I 46 -44.78 -79.56 -13.72
CA LEU I 46 -45.80 -78.99 -12.82
C LEU I 46 -47.11 -79.74 -12.85
N TYR I 47 -47.68 -79.89 -14.04
CA TYR I 47 -48.94 -80.62 -14.21
C TYR I 47 -49.02 -81.90 -13.34
N SER I 48 -47.90 -82.63 -13.25
CA SER I 48 -47.76 -83.77 -12.34
C SER I 48 -48.13 -83.35 -10.91
N ASN I 49 -47.44 -82.34 -10.40
CA ASN I 49 -47.54 -81.99 -8.98
C ASN I 49 -48.90 -81.42 -8.62
N LEU I 50 -49.60 -80.91 -9.61
CA LEU I 50 -50.95 -80.44 -9.38
C LEU I 50 -51.98 -81.55 -9.39
N GLN I 51 -51.56 -82.76 -9.75
CA GLN I 51 -52.46 -83.91 -9.66
C GLN I 51 -52.86 -84.16 -8.21
N GLN I 52 -51.93 -84.70 -7.40
CA GLN I 52 -52.19 -85.16 -6.02
C GLN I 52 -53.34 -84.48 -5.25
N TYR I 53 -53.51 -83.17 -5.46
CA TYR I 53 -54.67 -82.47 -4.93
C TYR I 53 -55.75 -82.51 -5.99
N ASP I 54 -56.87 -83.18 -5.71
CA ASP I 54 -57.88 -83.46 -6.75
C ASP I 54 -58.57 -82.16 -7.20
N LEU I 55 -57.89 -81.42 -8.09
CA LEU I 55 -58.32 -80.06 -8.45
C LEU I 55 -59.56 -80.10 -9.33
N PRO I 56 -60.70 -79.65 -8.79
CA PRO I 56 -62.00 -79.80 -9.44
C PRO I 56 -62.10 -79.15 -10.83
N TYR I 57 -61.39 -78.05 -11.04
CA TYR I 57 -61.31 -77.39 -12.34
C TYR I 57 -60.17 -76.36 -12.34
N PRO I 58 -59.12 -76.54 -13.19
CA PRO I 58 -57.86 -75.76 -13.25
C PRO I 58 -57.89 -74.35 -12.66
N GLU I 59 -58.94 -73.60 -12.96
CA GLU I 59 -59.09 -72.22 -12.48
C GLU I 59 -59.08 -72.09 -10.95
N ALA I 60 -59.72 -73.03 -10.26
CA ALA I 60 -59.84 -72.98 -8.78
C ALA I 60 -58.56 -72.56 -8.04
N ILE I 61 -57.40 -72.93 -8.57
CA ILE I 61 -56.11 -72.54 -8.00
C ILE I 61 -56.02 -71.05 -7.77
N PHE I 62 -56.63 -70.28 -8.70
CA PHE I 62 -56.69 -68.81 -8.70
C PHE I 62 -57.97 -68.22 -8.09
N GLU I 63 -58.61 -68.95 -7.17
CA GLU I 63 -59.79 -68.47 -6.44
C GLU I 63 -59.61 -68.52 -4.92
N LEU I 64 -60.32 -67.64 -4.23
CA LEU I 64 -60.19 -67.46 -2.76
C LEU I 64 -60.98 -68.47 -1.89
N PRO I 65 -62.11 -69.01 -2.40
CA PRO I 65 -62.62 -70.26 -1.85
C PRO I 65 -61.55 -71.37 -1.72
N PHE I 66 -60.85 -71.63 -2.83
CA PHE I 66 -59.78 -72.63 -2.89
C PHE I 66 -58.40 -72.02 -2.54
N PHE I 67 -58.44 -71.11 -1.59
CA PHE I 67 -57.25 -70.67 -0.89
C PHE I 67 -57.51 -70.80 0.63
N PHE I 68 -58.61 -70.22 1.12
CA PHE I 68 -58.98 -70.35 2.55
C PHE I 68 -59.55 -71.73 2.81
N HIS I 69 -59.45 -72.64 1.82
CA HIS I 69 -59.56 -74.08 2.09
C HIS I 69 -58.22 -74.76 1.90
N ASN I 70 -57.50 -74.44 0.82
CA ASN I 70 -56.18 -75.04 0.60
C ASN I 70 -55.27 -74.24 -0.32
N PRO I 71 -54.29 -73.55 0.28
CA PRO I 71 -53.24 -72.81 -0.42
C PRO I 71 -52.22 -73.68 -1.16
N LYS I 72 -51.96 -74.87 -0.63
CA LYS I 72 -50.88 -75.73 -1.14
C LYS I 72 -50.81 -75.79 -2.68
N PRO I 73 -51.93 -76.15 -3.34
CA PRO I 73 -51.84 -76.26 -4.79
C PRO I 73 -51.37 -74.96 -5.45
N PHE I 74 -51.96 -73.83 -5.08
CA PHE I 74 -51.44 -72.55 -5.57
C PHE I 74 -49.92 -72.45 -5.43
N PHE I 75 -49.40 -72.85 -4.27
CA PHE I 75 -48.01 -72.57 -3.91
C PHE I 75 -47.01 -73.40 -4.73
N THR I 76 -47.44 -74.56 -5.22
CA THR I 76 -46.58 -75.38 -6.08
C THR I 76 -46.36 -74.72 -7.43
N LEU I 77 -47.33 -73.91 -7.85
CA LEU I 77 -47.15 -73.02 -8.98
C LEU I 77 -46.12 -71.98 -8.54
N ALA I 78 -46.45 -71.26 -7.46
CA ALA I 78 -45.61 -70.19 -6.93
C ALA I 78 -44.12 -70.57 -6.85
N LYS I 79 -43.87 -71.72 -6.25
CA LYS I 79 -42.52 -72.22 -6.13
C LYS I 79 -41.89 -72.35 -7.52
N GLU I 80 -42.63 -72.92 -8.46
CA GLU I 80 -42.09 -73.20 -9.79
C GLU I 80 -41.58 -71.95 -10.51
N LEU I 81 -42.42 -70.91 -10.52
CA LEU I 81 -42.17 -69.67 -11.28
C LEU I 81 -41.44 -68.59 -10.52
N TYR I 82 -41.13 -68.86 -9.25
CA TYR I 82 -40.38 -67.90 -8.44
C TYR I 82 -39.12 -67.52 -9.21
N PRO I 83 -38.71 -66.24 -9.11
CA PRO I 83 -37.55 -65.76 -9.86
C PRO I 83 -36.33 -66.58 -9.50
N GLY I 84 -35.61 -67.05 -10.51
CA GLY I 84 -34.50 -67.99 -10.31
C GLY I 84 -34.62 -69.22 -11.21
N ASN I 85 -35.81 -69.81 -11.28
CA ASN I 85 -36.00 -71.03 -12.07
C ASN I 85 -35.89 -70.79 -13.56
N TYR I 86 -36.50 -69.71 -14.05
CA TYR I 86 -36.59 -69.45 -15.48
C TYR I 86 -35.99 -68.10 -15.88
N LYS I 87 -35.28 -68.11 -16.99
CA LYS I 87 -34.65 -66.95 -17.58
C LYS I 87 -35.58 -66.42 -18.66
N PRO I 88 -35.32 -65.20 -19.14
CA PRO I 88 -36.08 -64.73 -20.28
C PRO I 88 -35.39 -65.13 -21.57
N ASN I 89 -36.05 -64.86 -22.69
CA ASN I 89 -35.60 -65.32 -23.99
C ASN I 89 -35.51 -64.17 -24.97
N VAL I 90 -35.24 -64.47 -26.23
CA VAL I 90 -34.97 -63.46 -27.23
C VAL I 90 -36.17 -62.54 -27.51
N THR I 91 -37.37 -63.02 -27.21
CA THR I 91 -38.55 -62.18 -27.32
C THR I 91 -38.61 -61.20 -26.15
N HIS I 92 -38.43 -61.70 -24.92
CA HIS I 92 -38.34 -60.82 -23.78
C HIS I 92 -37.28 -59.75 -24.00
N TYR I 93 -36.13 -60.14 -24.54
CA TYR I 93 -34.98 -59.22 -24.80
C TYR I 93 -35.17 -58.28 -25.99
N PHE I 94 -36.01 -58.66 -26.95
CA PHE I 94 -36.39 -57.72 -28.02
C PHE I 94 -37.07 -56.51 -27.38
N LEU I 95 -38.02 -56.75 -26.49
CA LEU I 95 -38.75 -55.66 -25.86
C LEU I 95 -37.86 -54.81 -24.95
N ARG I 96 -36.85 -55.41 -24.35
CA ARG I 96 -35.88 -54.66 -23.56
C ARG I 96 -35.15 -53.71 -24.47
N LEU I 97 -34.84 -54.15 -25.68
CA LEU I 97 -34.12 -53.31 -26.65
C LEU I 97 -34.99 -52.15 -27.10
N LEU I 98 -36.22 -52.49 -27.41
CA LEU I 98 -37.22 -51.52 -27.75
C LEU I 98 -37.25 -50.41 -26.71
N HIS I 99 -37.06 -50.78 -25.45
CA HIS I 99 -37.01 -49.83 -24.35
C HIS I 99 -35.78 -48.95 -24.37
N ASP I 100 -34.62 -49.57 -24.48
CA ASP I 100 -33.33 -48.88 -24.48
C ASP I 100 -33.24 -47.80 -25.57
N LYS I 101 -34.07 -47.92 -26.60
CA LYS I 101 -34.11 -46.95 -27.68
C LYS I 101 -35.16 -45.86 -27.49
N GLY I 102 -35.74 -45.79 -26.29
CA GLY I 102 -36.71 -44.75 -25.96
C GLY I 102 -37.97 -44.81 -26.80
N LEU I 103 -38.36 -46.03 -27.15
CA LEU I 103 -39.52 -46.24 -27.99
C LEU I 103 -40.67 -46.92 -27.23
N LEU I 104 -40.39 -47.46 -26.04
CA LEU I 104 -41.39 -48.24 -25.30
C LEU I 104 -42.13 -47.35 -24.33
N LEU I 105 -43.37 -47.00 -24.67
CA LEU I 105 -44.17 -46.19 -23.77
C LEU I 105 -44.64 -47.03 -22.63
N ARG I 106 -45.14 -48.23 -22.93
CA ARG I 106 -45.52 -49.16 -21.90
C ARG I 106 -45.62 -50.61 -22.42
N LEU I 107 -45.42 -51.58 -21.53
CA LEU I 107 -45.59 -52.99 -21.83
C LEU I 107 -46.57 -53.62 -20.87
N TYR I 108 -47.74 -54.00 -21.39
CA TYR I 108 -48.78 -54.64 -20.62
C TYR I 108 -48.58 -56.14 -20.79
N THR I 109 -48.57 -56.90 -19.69
CA THR I 109 -48.43 -58.38 -19.73
C THR I 109 -49.53 -59.04 -18.92
N GLN I 110 -49.89 -60.24 -19.33
CA GLN I 110 -50.78 -61.11 -18.57
C GLN I 110 -50.01 -62.32 -18.01
N ASN I 111 -48.76 -62.50 -18.44
CA ASN I 111 -47.91 -63.54 -17.91
C ASN I 111 -47.54 -63.16 -16.50
N ILE I 112 -47.36 -64.17 -15.65
CA ILE I 112 -46.93 -63.91 -14.29
C ILE I 112 -45.63 -64.60 -14.02
N ASP I 113 -44.84 -64.79 -15.08
CA ASP I 113 -43.51 -65.40 -15.02
C ASP I 113 -42.43 -64.44 -14.50
N GLY I 114 -42.77 -63.15 -14.39
CA GLY I 114 -41.83 -62.17 -13.84
C GLY I 114 -40.59 -62.02 -14.71
N LEU I 115 -40.69 -62.46 -15.96
CA LEU I 115 -39.56 -62.43 -16.89
C LEU I 115 -39.42 -61.08 -17.59
N GLU I 116 -40.50 -60.31 -17.62
CA GLU I 116 -40.40 -58.99 -18.20
C GLU I 116 -39.40 -58.23 -17.36
N ARG I 117 -39.58 -58.30 -16.03
CA ARG I 117 -38.75 -57.54 -15.08
C ARG I 117 -37.31 -57.92 -15.30
N VAL I 118 -37.00 -59.18 -14.99
CA VAL I 118 -35.70 -59.82 -15.19
C VAL I 118 -34.97 -59.42 -16.48
N SER I 119 -35.69 -59.36 -17.60
CA SER I 119 -35.10 -58.98 -18.90
C SER I 119 -34.31 -57.71 -18.80
N GLY I 120 -34.75 -56.84 -17.92
CA GLY I 120 -34.10 -55.58 -17.69
C GLY I 120 -35.02 -54.41 -17.85
N ILE I 121 -36.32 -54.67 -18.00
CA ILE I 121 -37.27 -53.60 -18.26
C ILE I 121 -37.71 -53.06 -16.90
N PRO I 122 -37.51 -51.75 -16.67
CA PRO I 122 -37.87 -51.08 -15.43
C PRO I 122 -39.32 -51.30 -15.06
N ALA I 123 -39.62 -51.32 -13.78
CA ALA I 123 -40.99 -51.62 -13.33
C ALA I 123 -41.90 -50.46 -13.71
N SER I 124 -41.30 -49.29 -13.94
CA SER I 124 -42.07 -48.12 -14.37
C SER I 124 -42.69 -48.34 -15.74
N LYS I 125 -42.01 -49.13 -16.58
CA LYS I 125 -42.54 -49.44 -17.91
C LYS I 125 -43.48 -50.64 -17.95
N LEU I 126 -43.68 -51.30 -16.82
CA LEU I 126 -44.42 -52.54 -16.78
C LEU I 126 -45.76 -52.42 -16.11
N VAL I 127 -46.80 -52.94 -16.76
CA VAL I 127 -48.10 -53.12 -16.13
C VAL I 127 -48.36 -54.60 -16.10
N GLU I 128 -48.08 -55.23 -14.95
CA GLU I 128 -48.23 -56.69 -14.75
C GLU I 128 -49.65 -56.96 -14.27
N ALA I 129 -50.55 -57.13 -15.23
CA ALA I 129 -51.99 -56.98 -14.97
C ALA I 129 -52.65 -58.19 -14.35
N HIS I 130 -51.91 -59.29 -14.34
CA HIS I 130 -52.30 -60.48 -13.59
C HIS I 130 -51.45 -60.70 -12.38
N GLY I 131 -50.32 -60.01 -12.29
CA GLY I 131 -49.67 -59.81 -11.01
C GLY I 131 -48.20 -60.12 -11.02
N THR I 132 -47.63 -60.29 -9.84
CA THR I 132 -46.22 -60.63 -9.69
C THR I 132 -46.03 -61.39 -8.40
N PHE I 133 -44.99 -62.21 -8.34
CA PHE I 133 -44.58 -62.89 -7.08
C PHE I 133 -43.64 -62.05 -6.22
N ALA I 134 -43.24 -60.91 -6.79
CA ALA I 134 -42.25 -60.02 -6.21
C ALA I 134 -42.78 -59.33 -4.98
N SER I 135 -44.09 -59.25 -4.86
CA SER I 135 -44.65 -58.75 -3.65
C SER I 135 -45.53 -59.84 -3.07
N ALA I 136 -46.10 -59.56 -1.89
CA ALA I 136 -46.97 -60.48 -1.20
C ALA I 136 -47.89 -59.70 -0.31
N THR I 137 -48.79 -60.37 0.40
CA THR I 137 -49.78 -59.68 1.20
C THR I 137 -50.50 -60.65 2.12
N CYS I 138 -50.62 -60.31 3.40
CA CYS I 138 -51.41 -61.15 4.33
C CYS I 138 -52.88 -60.87 4.13
N THR I 139 -53.65 -61.88 4.46
CA THR I 139 -55.01 -61.96 4.08
C THR I 139 -55.89 -61.54 5.27
N VAL I 140 -55.30 -60.84 6.25
CA VAL I 140 -56.05 -60.04 7.24
C VAL I 140 -55.26 -58.79 7.77
N CYS I 141 -54.03 -59.00 8.27
CA CYS I 141 -53.03 -57.92 8.51
C CYS I 141 -53.11 -56.93 7.33
N GLN I 142 -53.29 -57.42 6.10
CA GLN I 142 -53.18 -56.62 4.90
C GLN I 142 -51.75 -56.09 4.76
N ARG I 143 -50.86 -56.54 5.65
CA ARG I 143 -49.48 -56.07 5.72
C ARG I 143 -48.73 -56.58 4.48
N PRO I 144 -48.17 -55.66 3.68
CA PRO I 144 -47.39 -56.07 2.53
C PRO I 144 -46.05 -56.71 2.91
N PHE I 145 -45.37 -57.32 1.93
CA PHE I 145 -44.10 -58.02 2.13
C PHE I 145 -43.35 -58.16 0.81
N PRO I 146 -42.04 -57.95 0.83
CA PRO I 146 -41.23 -58.24 -0.36
C PRO I 146 -41.26 -59.71 -0.76
N GLY I 147 -40.93 -59.96 -2.01
CA GLY I 147 -40.95 -61.29 -2.59
C GLY I 147 -40.24 -62.32 -1.72
N GLU I 148 -39.10 -61.97 -1.15
CA GLU I 148 -38.25 -63.00 -0.55
C GLU I 148 -38.47 -63.15 0.93
N ASP I 149 -39.28 -62.30 1.55
CA ASP I 149 -39.67 -62.52 2.95
C ASP I 149 -40.39 -63.89 3.15
N ILE I 150 -41.04 -64.37 2.09
CA ILE I 150 -41.66 -65.70 2.10
C ILE I 150 -40.82 -66.76 1.37
N ARG I 151 -39.99 -66.34 0.41
CA ARG I 151 -39.16 -67.25 -0.42
C ARG I 151 -38.49 -68.39 0.36
N ALA I 152 -38.10 -68.10 1.60
CA ALA I 152 -37.58 -69.12 2.51
C ALA I 152 -38.53 -70.35 2.69
N ASP I 153 -39.83 -70.06 2.88
CA ASP I 153 -40.88 -71.08 3.08
C ASP I 153 -41.36 -71.65 1.74
N VAL I 154 -41.27 -70.83 0.70
CA VAL I 154 -41.69 -71.21 -0.66
C VAL I 154 -40.76 -72.24 -1.29
N MET I 155 -39.45 -72.06 -1.09
CA MET I 155 -38.49 -73.00 -1.62
C MET I 155 -38.46 -74.23 -0.76
N ALA I 156 -39.27 -74.27 0.31
CA ALA I 156 -39.33 -75.43 1.23
C ALA I 156 -40.76 -75.86 1.63
N ASP I 157 -41.74 -75.53 0.80
CA ASP I 157 -43.11 -76.08 0.92
C ASP I 157 -43.78 -75.80 2.27
N ARG I 158 -43.49 -74.65 2.85
CA ARG I 158 -44.21 -74.18 4.03
C ARG I 158 -45.18 -73.07 3.66
N VAL I 159 -46.45 -73.23 4.06
CA VAL I 159 -47.47 -72.22 3.87
C VAL I 159 -47.19 -71.06 4.81
N PRO I 160 -46.77 -69.90 4.25
CA PRO I 160 -46.23 -68.79 5.04
C PRO I 160 -47.28 -67.97 5.79
N ARG I 161 -46.86 -67.42 6.94
CA ARG I 161 -47.70 -66.60 7.84
C ARG I 161 -47.08 -65.28 8.31
N CYS I 162 -47.91 -64.29 8.59
CA CYS I 162 -47.41 -62.95 9.02
C CYS I 162 -47.20 -62.95 10.50
N PRO I 163 -46.05 -62.41 10.92
CA PRO I 163 -45.72 -62.18 12.31
C PRO I 163 -46.83 -61.58 13.18
N VAL I 164 -47.79 -60.88 12.58
CA VAL I 164 -48.90 -60.30 13.34
C VAL I 164 -50.20 -61.13 13.17
N CYS I 165 -50.45 -61.62 11.96
CA CYS I 165 -51.68 -62.35 11.66
C CYS I 165 -51.56 -63.75 12.20
N THR I 166 -50.48 -64.42 11.83
CA THR I 166 -50.46 -65.89 11.74
C THR I 166 -51.54 -66.27 10.74
N GLY I 167 -51.64 -65.46 9.69
CA GLY I 167 -52.66 -65.61 8.68
C GLY I 167 -51.88 -65.81 7.41
N VAL I 168 -52.53 -66.27 6.36
CA VAL I 168 -51.77 -66.78 5.24
C VAL I 168 -51.30 -65.61 4.37
N VAL I 169 -50.03 -65.64 3.99
CA VAL I 169 -49.43 -64.60 3.14
C VAL I 169 -49.42 -65.04 1.67
N LYS I 170 -50.27 -64.39 0.89
CA LYS I 170 -50.49 -64.72 -0.51
C LYS I 170 -49.65 -63.80 -1.37
N PRO I 171 -48.80 -64.36 -2.21
CA PRO I 171 -48.16 -63.51 -3.19
C PRO I 171 -49.19 -62.74 -4.01
N ASP I 172 -48.73 -61.70 -4.70
CA ASP I 172 -49.64 -60.78 -5.40
C ASP I 172 -49.89 -61.15 -6.86
N ILE I 173 -50.42 -62.36 -7.01
CA ILE I 173 -51.05 -62.80 -8.22
C ILE I 173 -52.51 -62.42 -8.07
N VAL I 174 -53.15 -62.06 -9.18
CA VAL I 174 -54.48 -61.54 -9.12
C VAL I 174 -55.42 -62.72 -9.18
N PHE I 175 -56.44 -62.71 -8.34
CA PHE I 175 -57.32 -63.86 -8.24
C PHE I 175 -58.65 -63.52 -8.82
N PHE I 176 -59.29 -64.50 -9.44
CA PHE I 176 -60.65 -64.38 -9.92
C PHE I 176 -61.49 -63.65 -8.89
N GLY I 177 -62.28 -62.66 -9.32
CA GLY I 177 -63.16 -61.93 -8.41
C GLY I 177 -62.56 -60.65 -7.87
N GLU I 178 -61.23 -60.66 -7.71
CA GLU I 178 -60.47 -59.48 -7.31
C GLU I 178 -60.46 -58.45 -8.45
N PRO I 179 -60.45 -57.15 -8.10
CA PRO I 179 -60.16 -56.16 -9.12
C PRO I 179 -58.73 -56.23 -9.58
N LEU I 180 -58.50 -55.73 -10.79
CA LEU I 180 -57.19 -55.72 -11.36
C LEU I 180 -56.29 -54.79 -10.55
N PRO I 181 -54.97 -54.84 -10.80
CA PRO I 181 -54.03 -53.98 -10.09
C PRO I 181 -54.31 -52.49 -10.23
N GLN I 182 -53.69 -51.69 -9.38
CA GLN I 182 -53.82 -50.24 -9.42
C GLN I 182 -53.24 -49.78 -10.73
N ARG I 183 -52.05 -50.31 -11.04
CA ARG I 183 -51.29 -49.90 -12.20
C ARG I 183 -52.05 -50.08 -13.49
N PHE I 184 -52.91 -51.07 -13.54
CA PHE I 184 -53.75 -51.20 -14.71
C PHE I 184 -54.56 -49.97 -15.05
N LEU I 185 -54.66 -49.01 -14.13
CA LEU I 185 -55.41 -47.81 -14.41
C LEU I 185 -54.63 -46.80 -15.20
N LEU I 186 -53.52 -47.23 -15.79
CA LEU I 186 -52.83 -46.44 -16.77
C LEU I 186 -53.35 -46.80 -18.17
N HIS I 187 -54.12 -47.88 -18.33
CA HIS I 187 -54.67 -48.23 -19.65
C HIS I 187 -55.28 -47.01 -20.28
N VAL I 188 -55.94 -46.24 -19.43
CA VAL I 188 -56.77 -45.12 -19.85
C VAL I 188 -56.00 -43.98 -20.48
N VAL I 189 -54.73 -43.87 -20.11
CA VAL I 189 -53.83 -42.82 -20.62
C VAL I 189 -52.78 -43.38 -21.58
N ASP I 190 -52.38 -44.63 -21.40
CA ASP I 190 -51.40 -45.23 -22.30
C ASP I 190 -51.93 -45.55 -23.68
N PHE I 191 -53.13 -46.06 -23.80
CA PHE I 191 -53.57 -46.52 -25.10
C PHE I 191 -53.99 -45.40 -26.13
N PRO I 192 -54.75 -44.37 -25.70
CA PRO I 192 -55.07 -43.25 -26.59
C PRO I 192 -53.87 -42.47 -27.08
N MET I 193 -52.71 -42.84 -26.54
CA MET I 193 -51.49 -42.09 -26.78
C MET I 193 -50.41 -42.89 -27.46
N ALA I 194 -50.68 -44.16 -27.75
CA ALA I 194 -49.73 -44.99 -28.44
C ALA I 194 -49.81 -44.67 -29.93
N ASP I 195 -48.70 -44.90 -30.62
CA ASP I 195 -48.64 -44.67 -32.06
C ASP I 195 -48.24 -45.95 -32.79
N LEU I 196 -48.07 -47.01 -32.03
CA LEU I 196 -47.82 -48.34 -32.54
C LEU I 196 -48.24 -49.30 -31.43
N LEU I 197 -49.15 -50.21 -31.75
CA LEU I 197 -49.55 -51.23 -30.81
C LEU I 197 -48.89 -52.48 -31.25
N LEU I 198 -48.29 -53.19 -30.31
CA LEU I 198 -47.48 -54.33 -30.66
C LEU I 198 -47.90 -55.53 -29.85
N ILE I 199 -48.60 -56.46 -30.49
CA ILE I 199 -49.13 -57.64 -29.80
C ILE I 199 -48.25 -58.87 -30.05
N LEU I 200 -47.90 -59.56 -28.95
CA LEU I 200 -47.07 -60.76 -28.99
C LEU I 200 -47.68 -61.89 -28.15
N GLY I 201 -47.77 -63.07 -28.75
CA GLY I 201 -48.02 -64.31 -28.01
C GLY I 201 -49.23 -64.34 -27.08
N THR I 202 -50.29 -63.63 -27.44
CA THR I 202 -51.49 -63.67 -26.63
C THR I 202 -52.69 -64.00 -27.49
N SER I 203 -53.70 -64.61 -26.86
CA SER I 203 -54.92 -65.01 -27.56
C SER I 203 -56.03 -63.97 -27.41
N LEU I 204 -55.86 -63.03 -26.48
CA LEU I 204 -56.84 -61.95 -26.30
C LEU I 204 -58.17 -62.45 -25.73
N GLU I 205 -58.18 -63.70 -25.29
CA GLU I 205 -59.39 -64.36 -24.78
C GLU I 205 -59.67 -64.05 -23.31
N VAL I 206 -58.70 -63.49 -22.60
CA VAL I 206 -58.97 -63.02 -21.25
C VAL I 206 -59.22 -61.53 -21.34
N GLU I 207 -60.34 -61.10 -20.78
CA GLU I 207 -60.59 -59.67 -20.64
C GLU I 207 -59.73 -59.18 -19.47
N PRO I 208 -59.31 -57.92 -19.52
CA PRO I 208 -59.81 -56.93 -20.46
C PRO I 208 -58.83 -56.72 -21.62
N PHE I 209 -57.84 -57.60 -21.78
CA PHE I 209 -56.93 -57.50 -22.94
C PHE I 209 -57.65 -57.38 -24.28
N ALA I 210 -58.73 -58.12 -24.45
CA ALA I 210 -59.50 -58.00 -25.69
C ALA I 210 -59.71 -56.51 -26.00
N SER I 211 -60.40 -55.82 -25.09
CA SER I 211 -60.77 -54.41 -25.26
C SER I 211 -59.62 -53.58 -25.79
N LEU I 212 -58.46 -53.76 -25.16
CA LEU I 212 -57.37 -52.79 -25.24
C LEU I 212 -56.90 -52.61 -26.66
N THR I 213 -56.79 -53.74 -27.33
CA THR I 213 -56.57 -53.78 -28.76
C THR I 213 -57.38 -52.72 -29.52
N GLU I 214 -58.67 -52.62 -29.21
CA GLU I 214 -59.58 -51.66 -29.89
C GLU I 214 -59.55 -50.26 -29.25
N ALA I 215 -58.52 -49.97 -28.44
CA ALA I 215 -58.44 -48.73 -27.67
C ALA I 215 -57.47 -47.71 -28.27
N VAL I 216 -56.60 -48.14 -29.17
CA VAL I 216 -55.73 -47.20 -29.86
C VAL I 216 -56.59 -46.51 -30.88
N ARG I 217 -56.07 -45.44 -31.47
CA ARG I 217 -56.81 -44.71 -32.49
C ARG I 217 -56.74 -45.47 -33.82
N SER I 218 -57.69 -45.20 -34.71
CA SER I 218 -57.80 -46.00 -35.95
C SER I 218 -56.68 -45.77 -36.95
N SER I 219 -56.05 -44.59 -36.90
CA SER I 219 -54.86 -44.32 -37.71
C SER I 219 -53.65 -45.17 -37.27
N VAL I 220 -53.73 -45.76 -36.08
CA VAL I 220 -52.61 -46.44 -35.46
C VAL I 220 -52.53 -47.88 -35.96
N PRO I 221 -51.32 -48.33 -36.36
CA PRO I 221 -51.03 -49.72 -36.73
C PRO I 221 -50.96 -50.66 -35.54
N ARG I 222 -51.56 -51.83 -35.69
CA ARG I 222 -51.54 -52.85 -34.68
C ARG I 222 -50.80 -54.03 -35.26
N LEU I 223 -49.62 -54.31 -34.74
CA LEU I 223 -48.81 -55.42 -35.20
C LEU I 223 -48.98 -56.66 -34.30
N LEU I 224 -49.39 -57.77 -34.91
CA LEU I 224 -49.62 -59.01 -34.18
C LEU I 224 -48.63 -60.11 -34.56
N ILE I 225 -47.84 -60.59 -33.60
CA ILE I 225 -46.92 -61.71 -33.83
C ILE I 225 -47.30 -62.89 -32.92
N ASN I 226 -47.83 -63.95 -33.51
CA ASN I 226 -48.52 -65.00 -32.76
C ASN I 226 -48.79 -66.16 -33.70
N ARG I 227 -49.17 -67.34 -33.19
CA ARG I 227 -49.53 -68.44 -34.10
C ARG I 227 -50.59 -67.87 -35.02
N ASP I 228 -51.76 -67.58 -34.45
CA ASP I 228 -52.96 -67.33 -35.24
C ASP I 228 -53.57 -65.96 -34.93
N LEU I 229 -54.06 -65.34 -35.99
CA LEU I 229 -54.81 -64.09 -35.93
C LEU I 229 -56.00 -64.25 -34.97
N VAL I 230 -56.14 -63.37 -33.98
CA VAL I 230 -57.04 -63.61 -32.83
C VAL I 230 -57.96 -62.47 -32.30
N GLY I 231 -59.13 -62.91 -31.82
CA GLY I 231 -60.05 -62.11 -31.01
C GLY I 231 -60.81 -61.01 -31.77
N PRO I 232 -60.49 -59.74 -31.47
CA PRO I 232 -60.97 -58.59 -32.21
C PRO I 232 -59.97 -58.13 -33.25
N LEU I 233 -58.88 -58.88 -33.45
CA LEU I 233 -57.94 -58.56 -34.52
C LEU I 233 -58.25 -59.30 -35.79
N ALA I 234 -59.05 -60.36 -35.67
CA ALA I 234 -59.75 -60.95 -36.81
C ALA I 234 -61.18 -60.45 -36.77
N TRP I 235 -61.93 -60.84 -35.74
CA TRP I 235 -63.36 -60.53 -35.66
C TRP I 235 -63.70 -59.08 -36.18
N HIS I 236 -62.79 -58.09 -36.04
CA HIS I 236 -62.95 -56.73 -36.66
C HIS I 236 -61.64 -56.05 -37.05
N PRO I 237 -61.15 -56.24 -38.28
CA PRO I 237 -59.81 -55.73 -38.61
C PRO I 237 -59.73 -54.24 -38.97
N ARG I 238 -58.51 -53.69 -39.03
CA ARG I 238 -58.27 -52.30 -39.44
C ARG I 238 -57.13 -52.19 -40.46
N SER I 239 -57.24 -51.24 -41.37
CA SER I 239 -56.37 -51.19 -42.54
C SER I 239 -54.90 -51.18 -42.16
N ARG I 240 -54.58 -50.46 -41.10
CA ARG I 240 -53.22 -50.36 -40.63
C ARG I 240 -52.72 -51.62 -39.90
N ASP I 241 -53.59 -52.59 -39.67
CA ASP I 241 -53.16 -53.83 -39.03
C ASP I 241 -52.20 -54.60 -39.91
N VAL I 242 -51.29 -55.31 -39.26
CA VAL I 242 -50.25 -56.08 -39.93
C VAL I 242 -50.02 -57.34 -39.09
N ALA I 243 -50.37 -58.49 -39.65
CA ALA I 243 -50.22 -59.77 -38.98
C ALA I 243 -48.98 -60.54 -39.46
N GLN I 244 -48.36 -61.26 -38.53
CA GLN I 244 -47.17 -62.06 -38.78
C GLN I 244 -47.36 -63.34 -38.01
N LEU I 245 -47.98 -64.31 -38.69
CA LEU I 245 -48.43 -65.51 -38.02
C LEU I 245 -47.28 -66.51 -37.95
N GLY I 246 -47.24 -67.30 -36.87
CA GLY I 246 -46.21 -68.31 -36.69
C GLY I 246 -45.25 -67.93 -35.59
N ASP I 247 -44.47 -68.91 -35.13
CA ASP I 247 -43.61 -68.80 -33.95
C ASP I 247 -43.13 -67.37 -33.61
N VAL I 248 -43.34 -66.95 -32.36
CA VAL I 248 -42.98 -65.57 -31.97
C VAL I 248 -41.55 -65.27 -32.34
N VAL I 249 -40.68 -66.23 -32.03
CA VAL I 249 -39.26 -65.99 -32.12
C VAL I 249 -38.81 -65.67 -33.54
N HIS I 250 -39.38 -66.32 -34.56
CA HIS I 250 -39.04 -65.98 -35.94
C HIS I 250 -39.54 -64.59 -36.28
N GLY I 251 -40.86 -64.39 -36.18
CA GLY I 251 -41.47 -63.09 -36.47
C GLY I 251 -40.69 -61.92 -35.88
N VAL I 252 -40.31 -62.08 -34.62
CA VAL I 252 -39.51 -61.10 -33.90
C VAL I 252 -38.21 -60.82 -34.64
N GLU I 253 -37.44 -61.90 -34.84
CA GLU I 253 -36.14 -61.80 -35.47
C GLU I 253 -36.26 -61.21 -36.84
N SER I 254 -37.21 -61.73 -37.64
CA SER I 254 -37.49 -61.18 -38.97
C SER I 254 -37.71 -59.65 -38.87
N LEU I 255 -38.40 -59.20 -37.83
CA LEU I 255 -38.52 -57.77 -37.57
C LEU I 255 -37.17 -57.14 -37.17
N VAL I 256 -36.42 -57.81 -36.31
CA VAL I 256 -35.11 -57.29 -35.92
C VAL I 256 -34.14 -57.24 -37.11
N GLU I 257 -34.16 -58.26 -37.98
CA GLU I 257 -33.32 -58.30 -39.18
C GLU I 257 -33.77 -57.25 -40.21
N LEU I 258 -34.99 -56.73 -40.05
CA LEU I 258 -35.48 -55.58 -40.82
C LEU I 258 -35.10 -54.21 -40.23
N LEU I 259 -34.89 -54.16 -38.92
CA LEU I 259 -34.46 -52.94 -38.25
C LEU I 259 -32.92 -52.78 -38.27
N GLY I 260 -32.21 -53.81 -38.73
CA GLY I 260 -30.74 -53.82 -38.70
C GLY I 260 -30.15 -54.06 -37.32
N TRP I 261 -31.03 -54.26 -36.33
CA TRP I 261 -30.63 -54.37 -34.93
C TRP I 261 -29.89 -55.70 -34.66
N THR I 262 -30.13 -56.68 -35.51
CA THR I 262 -29.51 -58.01 -35.41
C THR I 262 -28.28 -58.08 -34.47
N GLU I 263 -27.17 -57.45 -34.84
CA GLU I 263 -25.97 -57.54 -34.00
C GLU I 263 -26.22 -56.80 -32.72
N GLU I 264 -26.81 -55.62 -32.85
CA GLU I 264 -27.13 -54.81 -31.68
C GLU I 264 -27.92 -55.61 -30.63
N MET I 265 -28.87 -56.42 -31.09
CA MET I 265 -29.52 -57.45 -30.27
C MET I 265 -28.52 -58.49 -29.77
N ARG I 266 -27.66 -58.94 -30.69
CA ARG I 266 -26.60 -59.90 -30.40
C ARG I 266 -25.64 -59.40 -29.32
N ASP I 267 -25.58 -58.09 -29.09
CA ASP I 267 -24.77 -57.53 -28.00
C ASP I 267 -25.48 -57.71 -26.67
N LEU I 268 -26.66 -57.11 -26.60
CA LEU I 268 -27.51 -57.10 -25.41
C LEU I 268 -27.71 -58.51 -24.88
N VAL I 269 -28.05 -59.44 -25.77
CA VAL I 269 -28.22 -60.81 -25.34
C VAL I 269 -26.94 -61.19 -24.61
N GLN I 270 -25.78 -60.88 -25.20
CA GLN I 270 -24.47 -61.31 -24.66
C GLN I 270 -24.29 -60.83 -23.23
N ARG I 271 -24.80 -59.64 -22.94
CA ARG I 271 -24.70 -59.08 -21.60
C ARG I 271 -25.62 -59.75 -20.57
N GLU I 272 -26.95 -59.60 -20.73
CA GLU I 272 -27.90 -60.03 -19.69
C GLU I 272 -27.82 -61.51 -19.37
N THR I 273 -27.55 -62.29 -20.41
CA THR I 273 -27.37 -63.71 -20.24
C THR I 273 -26.10 -64.00 -19.40
N GLY I 274 -25.09 -63.15 -19.53
CA GLY I 274 -23.89 -63.20 -18.66
C GLY I 274 -24.04 -62.72 -17.21
N LYS I 275 -25.19 -62.10 -16.87
CA LYS I 275 -25.52 -61.73 -15.47
C LYS I 275 -26.11 -62.91 -14.66
N LEU I 276 -26.72 -63.87 -15.36
CA LEU I 276 -27.44 -65.01 -14.76
C LEU I 276 -27.10 -66.34 -15.49
N LYS J 4 34.49 29.50 -65.20
CA LYS J 4 33.37 30.03 -64.34
C LYS J 4 33.07 31.45 -64.74
N LEU J 5 31.82 31.86 -64.54
CA LEU J 5 31.50 33.27 -64.57
C LEU J 5 31.52 33.76 -63.13
N SER J 6 31.72 35.06 -62.99
CA SER J 6 31.63 35.72 -61.70
C SER J 6 30.26 36.40 -61.64
N LEU J 7 29.92 36.97 -60.49
CA LEU J 7 28.75 37.86 -60.39
C LEU J 7 29.04 39.06 -61.25
N GLN J 8 30.26 39.55 -61.13
CA GLN J 8 30.82 40.52 -62.05
C GLN J 8 30.31 40.31 -63.49
N ASP J 9 30.51 39.12 -64.03
CA ASP J 9 30.30 38.89 -65.46
C ASP J 9 28.84 38.84 -65.87
N VAL J 10 27.94 38.53 -64.94
CA VAL J 10 26.50 38.64 -65.23
C VAL J 10 26.11 40.12 -65.24
N ALA J 11 26.83 40.93 -64.47
CA ALA J 11 26.61 42.36 -64.54
C ALA J 11 27.14 42.90 -65.87
N GLU J 12 28.25 42.33 -66.35
CA GLU J 12 28.90 42.74 -67.61
C GLU J 12 28.13 42.28 -68.86
N LEU J 13 27.41 41.17 -68.72
CA LEU J 13 26.53 40.72 -69.79
C LEU J 13 25.30 41.59 -69.92
N ILE J 14 24.92 42.25 -68.82
CA ILE J 14 23.72 43.09 -68.83
C ILE J 14 24.06 44.49 -69.38
N ARG J 15 25.13 45.10 -68.88
CA ARG J 15 25.55 46.43 -69.33
C ARG J 15 25.91 46.47 -70.81
N ALA J 16 26.32 45.33 -71.36
CA ALA J 16 26.57 45.19 -72.81
C ALA J 16 25.32 44.69 -73.61
N ARG J 17 24.17 44.55 -72.92
CA ARG J 17 22.90 44.12 -73.51
C ARG J 17 22.91 42.70 -74.10
N ALA J 18 23.93 41.92 -73.77
CA ALA J 18 24.01 40.51 -74.18
C ALA J 18 22.86 39.72 -73.56
N CYS J 19 22.56 40.02 -72.30
CA CYS J 19 21.41 39.47 -71.61
C CYS J 19 20.30 40.50 -71.53
N GLN J 20 19.33 40.39 -72.45
CA GLN J 20 18.19 41.32 -72.51
C GLN J 20 16.89 40.74 -71.97
N ARG J 21 16.69 39.44 -72.18
CA ARG J 21 15.44 38.76 -71.87
C ARG J 21 15.56 37.90 -70.62
N VAL J 22 15.52 38.58 -69.50
CA VAL J 22 15.73 37.95 -68.21
C VAL J 22 14.43 37.35 -67.73
N VAL J 23 14.53 36.20 -67.10
CA VAL J 23 13.38 35.55 -66.48
C VAL J 23 13.74 35.27 -65.02
N VAL J 24 12.87 35.71 -64.12
CA VAL J 24 13.12 35.61 -62.68
C VAL J 24 12.14 34.66 -62.00
N MET J 25 12.65 33.95 -60.99
CA MET J 25 11.88 32.99 -60.23
C MET J 25 12.13 33.31 -58.76
N VAL J 26 11.07 33.50 -57.99
CA VAL J 26 11.25 33.84 -56.58
C VAL J 26 10.43 32.98 -55.66
N GLY J 27 10.87 32.92 -54.41
CA GLY J 27 10.17 32.17 -53.36
C GLY J 27 10.03 32.99 -52.10
N ALA J 28 9.75 32.34 -50.98
CA ALA J 28 9.44 33.05 -49.75
C ALA J 28 10.62 33.80 -49.20
N GLY J 29 11.82 33.45 -49.69
CA GLY J 29 13.06 34.15 -49.36
C GLY J 29 13.23 35.60 -49.78
N ILE J 30 12.39 36.13 -50.65
CA ILE J 30 12.42 37.56 -50.92
C ILE J 30 11.39 38.29 -50.05
N SER J 31 10.52 37.57 -49.35
CA SER J 31 9.56 38.18 -48.41
C SER J 31 9.96 38.01 -46.94
N THR J 32 11.05 37.29 -46.69
CA THR J 32 11.55 37.21 -45.33
C THR J 32 11.85 38.63 -44.82
N PRO J 33 12.66 39.42 -45.57
CA PRO J 33 12.95 40.78 -45.08
C PRO J 33 11.71 41.69 -44.96
N SER J 34 10.66 41.42 -45.73
CA SER J 34 9.43 42.20 -45.66
C SER J 34 8.65 41.86 -44.41
N GLY J 35 9.04 40.80 -43.72
CA GLY J 35 8.47 40.47 -42.43
C GLY J 35 7.25 39.56 -42.47
N ILE J 36 6.97 38.99 -43.64
CA ILE J 36 5.93 37.96 -43.78
C ILE J 36 6.24 36.85 -42.80
N PRO J 37 5.21 36.33 -42.11
CA PRO J 37 5.39 35.25 -41.15
C PRO J 37 5.56 33.89 -41.78
N ASP J 38 5.61 32.84 -40.96
CA ASP J 38 5.58 31.48 -41.47
C ASP J 38 5.02 30.50 -40.47
N PHE J 39 3.79 30.05 -40.69
CA PHE J 39 3.17 29.07 -39.79
C PHE J 39 4.04 27.84 -39.58
N ARG J 40 5.06 27.66 -40.43
CA ARG J 40 6.05 26.62 -40.19
C ARG J 40 6.93 26.88 -38.97
N SER J 41 6.98 28.11 -38.46
CA SER J 41 7.79 28.35 -37.28
C SER J 41 7.02 29.03 -36.14
N PRO J 42 7.25 28.52 -34.90
CA PRO J 42 6.79 29.23 -33.70
C PRO J 42 7.37 30.63 -33.65
N GLY J 43 6.61 31.58 -33.11
CA GLY J 43 7.10 32.94 -32.93
C GLY J 43 6.13 33.95 -33.47
N SER J 44 5.64 33.71 -34.68
CA SER J 44 4.67 34.62 -35.30
C SER J 44 3.26 34.43 -34.72
N GLY J 45 2.58 35.54 -34.48
CA GLY J 45 1.17 35.52 -34.10
C GLY J 45 0.42 34.64 -35.06
N LEU J 46 0.69 34.80 -36.36
CA LEU J 46 0.12 33.91 -37.36
C LEU J 46 0.24 32.44 -36.92
N TYR J 47 1.39 32.10 -36.35
CA TYR J 47 1.63 30.76 -35.83
C TYR J 47 0.78 30.44 -34.59
N SER J 48 0.69 31.38 -33.67
CA SER J 48 -0.08 31.18 -32.45
C SER J 48 -1.59 31.18 -32.77
N ASN J 49 -2.01 32.20 -33.49
CA ASN J 49 -3.39 32.27 -33.98
C ASN J 49 -3.88 30.92 -34.57
N LEU J 50 -2.95 30.21 -35.23
CA LEU J 50 -3.25 28.94 -35.90
C LEU J 50 -3.18 27.71 -34.97
N GLN J 51 -2.48 27.81 -33.84
CA GLN J 51 -2.42 26.70 -32.85
C GLN J 51 -3.78 26.34 -32.27
N GLN J 52 -4.68 27.30 -32.23
CA GLN J 52 -6.00 27.05 -31.66
C GLN J 52 -6.84 26.10 -32.53
N TYR J 53 -6.52 25.99 -33.80
CA TYR J 53 -7.11 24.93 -34.63
C TYR J 53 -6.25 23.70 -34.41
N ASP J 54 -6.77 22.52 -34.71
CA ASP J 54 -5.96 21.31 -34.58
C ASP J 54 -5.57 20.79 -35.98
N LEU J 55 -4.90 21.62 -36.77
CA LEU J 55 -4.48 21.20 -38.10
C LEU J 55 -3.66 19.90 -38.04
N PRO J 56 -4.23 18.80 -38.55
CA PRO J 56 -3.54 17.51 -38.53
C PRO J 56 -2.14 17.53 -39.15
N TYR J 57 -2.00 18.33 -40.20
CA TYR J 57 -0.72 18.56 -40.83
C TYR J 57 -0.80 19.85 -41.57
N PRO J 58 0.30 20.59 -41.62
CA PRO J 58 0.23 21.97 -42.07
C PRO J 58 -0.33 22.16 -43.48
N GLU J 59 -0.11 21.19 -44.38
CA GLU J 59 -0.63 21.29 -45.73
C GLU J 59 -2.17 21.42 -45.76
N ALA J 60 -2.85 20.94 -44.74
CA ALA J 60 -4.30 20.97 -44.72
C ALA J 60 -4.93 22.34 -44.96
N ILE J 61 -4.25 23.45 -44.70
CA ILE J 61 -4.91 24.75 -44.97
C ILE J 61 -5.22 24.89 -46.45
N PHE J 62 -4.26 24.43 -47.27
CA PHE J 62 -4.33 24.52 -48.74
C PHE J 62 -4.89 23.28 -49.43
N GLU J 63 -5.57 22.44 -48.67
CA GLU J 63 -6.32 21.34 -49.23
C GLU J 63 -7.78 21.75 -49.19
N LEU J 64 -8.57 21.25 -50.13
CA LEU J 64 -9.98 21.57 -50.19
C LEU J 64 -10.82 20.74 -49.24
N PRO J 65 -10.86 19.42 -49.44
CA PRO J 65 -11.51 18.57 -48.46
C PRO J 65 -11.50 19.16 -47.05
N PHE J 66 -10.31 19.50 -46.54
CA PHE J 66 -10.17 20.10 -45.21
C PHE J 66 -10.95 21.40 -45.09
N PHE J 67 -10.67 22.30 -46.03
CA PHE J 67 -11.28 23.61 -46.13
C PHE J 67 -12.81 23.55 -45.95
N PHE J 68 -13.51 22.55 -46.54
CA PHE J 68 -14.98 22.45 -46.39
C PHE J 68 -15.39 22.06 -44.99
N HIS J 69 -14.56 21.24 -44.33
CA HIS J 69 -14.78 20.84 -42.94
C HIS J 69 -14.40 21.95 -41.98
N ASN J 70 -13.47 22.84 -42.36
CA ASN J 70 -13.23 24.09 -41.58
C ASN J 70 -12.51 25.24 -42.33
N PRO J 71 -13.27 26.22 -42.89
CA PRO J 71 -12.59 27.33 -43.57
C PRO J 71 -11.81 28.30 -42.67
N LYS J 72 -12.07 28.27 -41.35
CA LYS J 72 -11.47 29.24 -40.40
C LYS J 72 -9.92 29.39 -40.39
N PRO J 73 -9.17 28.26 -40.38
CA PRO J 73 -7.74 28.42 -40.30
C PRO J 73 -7.15 28.98 -41.59
N PHE J 74 -7.80 28.73 -42.72
CA PHE J 74 -7.30 29.33 -43.97
C PHE J 74 -7.49 30.83 -43.97
N PHE J 75 -8.63 31.25 -43.43
CA PHE J 75 -9.00 32.65 -43.38
C PHE J 75 -8.22 33.38 -42.31
N THR J 76 -7.67 32.62 -41.36
CA THR J 76 -6.72 33.15 -40.41
C THR J 76 -5.49 33.64 -41.15
N LEU J 77 -5.04 32.85 -42.14
CA LEU J 77 -3.88 33.19 -42.97
C LEU J 77 -4.24 34.23 -44.00
N ALA J 78 -5.47 34.20 -44.49
CA ALA J 78 -5.97 35.26 -45.36
C ALA J 78 -5.86 36.64 -44.69
N LYS J 79 -6.57 36.76 -43.56
CA LYS J 79 -6.59 38.01 -42.81
C LYS J 79 -5.20 38.58 -42.57
N GLU J 80 -4.22 37.72 -42.33
CA GLU J 80 -2.86 38.19 -42.05
C GLU J 80 -2.21 38.80 -43.29
N LEU J 81 -2.36 38.14 -44.44
CA LEU J 81 -1.63 38.53 -45.66
C LEU J 81 -2.42 39.42 -46.57
N TYR J 82 -3.72 39.50 -46.32
CA TYR J 82 -4.59 40.35 -47.14
C TYR J 82 -3.93 41.74 -47.28
N PRO J 83 -3.87 42.27 -48.52
CA PRO J 83 -3.38 43.62 -48.79
C PRO J 83 -3.64 44.61 -47.66
N GLY J 84 -2.55 45.21 -47.16
CA GLY J 84 -2.63 46.24 -46.14
C GLY J 84 -1.57 46.17 -45.04
N ASN J 85 -1.00 44.99 -44.80
CA ASN J 85 -0.20 44.79 -43.58
C ASN J 85 1.31 44.68 -43.81
N TYR J 86 1.73 44.18 -44.98
CA TYR J 86 3.14 43.97 -45.26
C TYR J 86 3.52 44.71 -46.52
N LYS J 87 4.79 45.06 -46.66
CA LYS J 87 5.25 45.88 -47.78
C LYS J 87 6.46 45.30 -48.49
N PRO J 88 6.69 45.72 -49.74
CA PRO J 88 7.81 45.16 -50.53
C PRO J 88 9.14 45.48 -49.90
N ASN J 89 10.21 45.13 -50.58
CA ASN J 89 11.55 45.45 -50.12
C ASN J 89 12.59 45.44 -51.22
N VAL J 90 13.71 46.10 -50.91
CA VAL J 90 14.87 46.19 -51.78
C VAL J 90 14.99 45.05 -52.79
N THR J 91 14.78 43.80 -52.34
CA THR J 91 14.74 42.64 -53.26
C THR J 91 13.67 42.86 -54.31
N HIS J 92 12.44 43.07 -53.87
CA HIS J 92 11.31 43.34 -54.78
C HIS J 92 11.59 44.53 -55.69
N TYR J 93 12.02 45.63 -55.07
CA TYR J 93 12.23 46.89 -55.78
C TYR J 93 13.38 46.71 -56.77
N PHE J 94 14.26 45.72 -56.55
CA PHE J 94 15.22 45.35 -57.57
C PHE J 94 14.53 44.81 -58.82
N LEU J 95 13.69 43.81 -58.62
CA LEU J 95 13.00 43.18 -59.75
C LEU J 95 12.13 44.22 -60.46
N ARG J 96 11.55 45.14 -59.70
CA ARG J 96 10.86 46.28 -60.28
C ARG J 96 11.76 47.15 -61.20
N LEU J 97 13.01 47.34 -60.82
CA LEU J 97 13.92 48.16 -61.60
C LEU J 97 14.42 47.43 -62.85
N LEU J 98 14.54 46.11 -62.75
CA LEU J 98 14.93 45.30 -63.90
C LEU J 98 13.91 45.55 -65.03
N HIS J 99 12.64 45.47 -64.67
CA HIS J 99 11.56 45.73 -65.58
C HIS J 99 11.72 47.12 -66.15
N ASP J 100 11.86 48.11 -65.27
CA ASP J 100 11.91 49.50 -65.69
C ASP J 100 13.01 49.78 -66.72
N LYS J 101 14.17 49.14 -66.58
CA LYS J 101 15.21 49.21 -67.61
C LYS J 101 14.92 48.29 -68.80
N GLY J 102 13.66 47.91 -68.99
CA GLY J 102 13.23 47.06 -70.11
C GLY J 102 13.97 45.74 -70.25
N LEU J 103 14.05 44.96 -69.17
CA LEU J 103 14.83 43.70 -69.16
C LEU J 103 14.12 42.44 -68.67
N LEU J 104 12.93 42.62 -68.10
CA LEU J 104 12.28 41.53 -67.41
C LEU J 104 11.31 40.93 -68.40
N LEU J 105 11.71 39.81 -69.02
CA LEU J 105 10.83 39.05 -69.92
C LEU J 105 9.58 38.63 -69.17
N ARG J 106 9.77 38.02 -68.00
CA ARG J 106 8.67 37.64 -67.13
C ARG J 106 9.22 37.21 -65.77
N LEU J 107 8.35 37.26 -64.75
CA LEU J 107 8.71 36.93 -63.37
C LEU J 107 7.77 35.90 -62.78
N TYR J 108 8.29 34.73 -62.46
CA TYR J 108 7.48 33.64 -61.92
C TYR J 108 7.61 33.63 -60.39
N THR J 109 6.51 33.85 -59.65
CA THR J 109 6.59 33.85 -58.19
C THR J 109 5.79 32.71 -57.65
N GLN J 110 6.19 32.25 -56.47
CA GLN J 110 5.45 31.23 -55.68
C GLN J 110 4.91 31.81 -54.38
N ASN J 111 5.22 33.07 -54.08
CA ASN J 111 4.70 33.66 -52.87
C ASN J 111 3.29 34.07 -53.18
N ILE J 112 2.49 34.17 -52.14
CA ILE J 112 1.12 34.64 -52.27
C ILE J 112 0.89 36.04 -51.63
N ASP J 113 1.98 36.70 -51.21
CA ASP J 113 1.94 38.02 -50.53
C ASP J 113 1.60 39.18 -51.46
N GLY J 114 1.71 38.95 -52.76
CA GLY J 114 1.33 39.93 -53.77
C GLY J 114 2.16 41.19 -53.67
N LEU J 115 3.40 41.06 -53.22
CA LEU J 115 4.29 42.21 -53.04
C LEU J 115 5.03 42.54 -54.32
N GLU J 116 5.02 41.58 -55.23
CA GLU J 116 5.49 41.83 -56.56
C GLU J 116 4.56 42.90 -57.13
N ARG J 117 3.24 42.67 -57.02
CA ARG J 117 2.19 43.60 -57.51
C ARG J 117 2.41 44.94 -56.87
N VAL J 118 2.50 44.94 -55.56
CA VAL J 118 2.57 46.15 -54.77
C VAL J 118 3.85 46.97 -55.00
N SER J 119 4.91 46.29 -55.40
CA SER J 119 6.17 46.96 -55.73
C SER J 119 6.07 47.63 -57.08
N GLY J 120 4.93 47.47 -57.74
CA GLY J 120 4.69 48.15 -59.00
C GLY J 120 5.14 47.39 -60.24
N ILE J 121 5.36 46.08 -60.10
CA ILE J 121 5.69 45.24 -61.24
C ILE J 121 4.38 44.97 -61.92
N PRO J 122 4.32 45.22 -63.23
CA PRO J 122 3.05 45.10 -63.89
C PRO J 122 2.57 43.65 -63.97
N ALA J 123 1.24 43.46 -63.97
CA ALA J 123 0.65 42.11 -63.95
C ALA J 123 1.06 41.30 -65.16
N SER J 124 1.19 42.00 -66.29
CA SER J 124 1.54 41.37 -67.54
C SER J 124 2.90 40.68 -67.44
N LYS J 125 3.79 41.17 -66.59
CA LYS J 125 5.11 40.54 -66.42
C LYS J 125 5.19 39.47 -65.29
N LEU J 126 4.10 39.29 -64.55
CA LEU J 126 4.04 38.28 -63.50
C LEU J 126 3.29 37.03 -63.89
N VAL J 127 3.73 35.91 -63.30
CA VAL J 127 2.92 34.71 -63.16
C VAL J 127 2.90 34.31 -61.68
N GLU J 128 1.79 34.63 -61.02
CA GLU J 128 1.58 34.29 -59.62
C GLU J 128 1.13 32.85 -59.62
N ALA J 129 2.09 31.94 -59.63
CA ALA J 129 1.77 30.54 -59.89
C ALA J 129 1.07 29.89 -58.72
N HIS J 130 1.05 30.50 -57.54
CA HIS J 130 0.21 29.96 -56.48
C HIS J 130 -0.94 30.87 -56.14
N GLY J 131 -1.42 31.64 -57.11
CA GLY J 131 -2.61 32.48 -56.92
C GLY J 131 -2.31 33.80 -56.24
N THR J 132 -3.36 34.52 -55.90
CA THR J 132 -3.28 35.88 -55.40
C THR J 132 -4.52 36.12 -54.57
N PHE J 133 -4.38 36.95 -53.56
CA PHE J 133 -5.49 37.30 -52.71
C PHE J 133 -6.35 38.39 -53.31
N ALA J 134 -5.93 38.88 -54.49
CA ALA J 134 -6.66 39.91 -55.26
C ALA J 134 -8.11 39.52 -55.55
N SER J 135 -8.28 38.33 -56.14
CA SER J 135 -9.61 37.83 -56.52
C SER J 135 -10.07 36.66 -55.64
N ALA J 136 -11.34 36.32 -55.83
CA ALA J 136 -11.98 35.17 -55.20
C ALA J 136 -13.00 34.55 -56.18
N THR J 137 -13.72 33.56 -55.69
CA THR J 137 -14.44 32.58 -56.51
C THR J 137 -15.39 31.85 -55.57
N CYS J 138 -16.64 31.63 -55.98
CA CYS J 138 -17.57 30.85 -55.15
C CYS J 138 -17.07 29.38 -55.02
N THR J 139 -17.29 28.77 -53.85
CA THR J 139 -16.92 27.38 -53.59
C THR J 139 -17.78 26.42 -54.42
N VAL J 140 -19.00 26.83 -54.75
CA VAL J 140 -19.96 25.95 -55.40
C VAL J 140 -20.46 26.49 -56.76
N CYS J 141 -20.97 27.72 -56.82
CA CYS J 141 -21.44 28.25 -58.11
C CYS J 141 -20.31 28.80 -58.99
N GLN J 142 -19.08 28.82 -58.47
CA GLN J 142 -17.89 29.21 -59.24
C GLN J 142 -17.85 30.67 -59.80
N ARG J 143 -18.65 31.58 -59.25
CA ARG J 143 -18.67 32.95 -59.76
C ARG J 143 -17.35 33.69 -59.47
N PRO J 144 -16.88 34.53 -60.42
CA PRO J 144 -15.73 35.35 -60.06
C PRO J 144 -16.13 36.48 -59.12
N PHE J 145 -15.13 37.03 -58.45
CA PHE J 145 -15.32 37.99 -57.36
C PHE J 145 -14.03 38.79 -57.12
N PRO J 146 -14.09 40.13 -57.19
CA PRO J 146 -12.96 40.94 -56.68
C PRO J 146 -12.74 40.79 -55.18
N GLY J 147 -11.57 41.21 -54.69
CA GLY J 147 -11.16 40.98 -53.29
C GLY J 147 -11.92 41.84 -52.28
N GLU J 148 -12.04 43.12 -52.60
CA GLU J 148 -12.80 44.02 -51.78
C GLU J 148 -14.12 43.41 -51.33
N ASP J 149 -14.80 42.68 -52.23
CA ASP J 149 -16.12 42.07 -51.95
C ASP J 149 -16.20 41.31 -50.61
N ILE J 150 -15.08 40.74 -50.16
CA ILE J 150 -15.05 39.93 -48.92
C ILE J 150 -14.09 40.45 -47.85
N ARG J 151 -13.31 41.48 -48.16
CA ARG J 151 -12.36 42.05 -47.19
C ARG J 151 -13.02 42.45 -45.85
N ALA J 152 -14.23 43.00 -45.93
CA ALA J 152 -15.02 43.38 -44.75
C ALA J 152 -15.24 42.18 -43.86
N ASP J 153 -15.69 41.08 -44.47
CA ASP J 153 -15.93 39.82 -43.77
C ASP J 153 -14.62 39.24 -43.21
N VAL J 154 -13.64 39.07 -44.09
CA VAL J 154 -12.35 38.49 -43.74
C VAL J 154 -11.71 39.17 -42.53
N MET J 155 -11.60 40.49 -42.58
CA MET J 155 -10.90 41.25 -41.54
C MET J 155 -11.60 41.27 -40.18
N ALA J 156 -12.93 41.34 -40.19
CA ALA J 156 -13.68 41.34 -38.93
C ALA J 156 -14.13 39.94 -38.56
N ASP J 157 -13.35 38.94 -38.98
CA ASP J 157 -13.48 37.54 -38.56
C ASP J 157 -14.72 36.77 -39.04
N ARG J 158 -15.31 37.20 -40.14
CA ARG J 158 -16.39 36.45 -40.75
C ARG J 158 -15.83 35.49 -41.78
N VAL J 159 -16.65 34.50 -42.14
CA VAL J 159 -16.37 33.56 -43.20
C VAL J 159 -17.23 33.96 -44.39
N PRO J 160 -16.65 34.71 -45.33
CA PRO J 160 -17.42 35.40 -46.37
C PRO J 160 -18.22 34.44 -47.21
N ARG J 161 -19.48 34.80 -47.49
CA ARG J 161 -20.36 33.92 -48.22
C ARG J 161 -20.99 34.60 -49.41
N CYS J 162 -21.49 33.77 -50.33
CA CYS J 162 -21.86 34.20 -51.67
C CYS J 162 -23.24 34.84 -51.70
N PRO J 163 -23.33 36.10 -52.20
CA PRO J 163 -24.61 36.77 -52.45
C PRO J 163 -25.69 35.90 -53.14
N VAL J 164 -25.26 35.00 -54.03
CA VAL J 164 -26.16 34.15 -54.81
C VAL J 164 -26.63 32.91 -54.03
N CYS J 165 -25.72 31.97 -53.80
CA CYS J 165 -26.07 30.62 -53.34
C CYS J 165 -25.60 30.30 -51.92
N THR J 166 -25.29 31.35 -51.16
CA THR J 166 -24.82 31.24 -49.77
C THR J 166 -23.63 30.29 -49.59
N GLY J 167 -22.94 29.96 -50.68
CA GLY J 167 -21.78 29.11 -50.59
C GLY J 167 -20.62 29.93 -50.08
N VAL J 168 -19.63 29.25 -49.53
CA VAL J 168 -18.40 29.93 -49.13
C VAL J 168 -17.63 30.41 -50.36
N VAL J 169 -17.09 31.63 -50.26
CA VAL J 169 -16.38 32.27 -51.34
C VAL J 169 -14.91 32.22 -50.96
N LYS J 170 -14.13 31.46 -51.72
CA LYS J 170 -12.73 31.23 -51.41
C LYS J 170 -11.85 32.12 -52.23
N PRO J 171 -10.80 32.68 -51.61
CA PRO J 171 -9.79 33.37 -52.37
C PRO J 171 -9.17 32.50 -53.45
N ASP J 172 -8.49 33.16 -54.38
CA ASP J 172 -7.91 32.50 -55.55
C ASP J 172 -6.46 32.14 -55.24
N ILE J 173 -6.31 31.34 -54.19
CA ILE J 173 -5.05 30.69 -53.90
C ILE J 173 -5.14 29.26 -54.42
N VAL J 174 -4.12 28.85 -55.18
CA VAL J 174 -4.06 27.49 -55.73
C VAL J 174 -3.93 26.49 -54.61
N PHE J 175 -4.89 25.58 -54.54
CA PHE J 175 -4.89 24.54 -53.54
C PHE J 175 -4.36 23.24 -54.12
N PHE J 176 -3.83 22.39 -53.23
CA PHE J 176 -3.26 21.11 -53.61
C PHE J 176 -4.21 20.33 -54.51
N GLY J 177 -3.67 19.71 -55.55
CA GLY J 177 -4.49 18.87 -56.42
C GLY J 177 -5.37 19.66 -57.36
N GLU J 178 -5.11 20.98 -57.43
CA GLU J 178 -5.75 21.87 -58.38
C GLU J 178 -4.68 22.13 -59.41
N PRO J 179 -5.07 22.24 -60.69
CA PRO J 179 -4.11 22.59 -61.74
C PRO J 179 -3.63 24.02 -61.62
N LEU J 180 -2.50 24.31 -62.24
CA LEU J 180 -1.84 25.61 -62.06
C LEU J 180 -2.69 26.74 -62.65
N PRO J 181 -2.53 27.97 -62.15
CA PRO J 181 -3.36 29.00 -62.76
C PRO J 181 -3.00 29.11 -64.22
N GLN J 182 -3.87 29.69 -65.00
CA GLN J 182 -3.73 29.55 -66.42
C GLN J 182 -2.59 30.32 -67.00
N ARG J 183 -2.36 31.53 -66.49
CA ARG J 183 -1.24 32.32 -66.97
C ARG J 183 0.03 31.50 -67.19
N PHE J 184 0.10 30.36 -66.53
CA PHE J 184 1.30 29.53 -66.55
C PHE J 184 1.59 28.89 -67.88
N LEU J 185 0.69 29.12 -68.84
CA LEU J 185 0.88 28.65 -70.21
C LEU J 185 2.11 29.34 -70.80
N LEU J 186 2.46 30.50 -70.24
CA LEU J 186 3.55 31.27 -70.76
C LEU J 186 4.82 30.48 -70.54
N HIS J 187 4.79 29.51 -69.63
CA HIS J 187 5.99 28.74 -69.36
C HIS J 187 6.63 28.29 -70.66
N VAL J 188 5.81 28.02 -71.67
CA VAL J 188 6.33 27.37 -72.84
C VAL J 188 7.13 28.28 -73.74
N VAL J 189 6.82 29.58 -73.71
CA VAL J 189 7.58 30.58 -74.51
C VAL J 189 8.63 31.36 -73.69
N ASP J 190 8.29 31.72 -72.46
CA ASP J 190 9.22 32.46 -71.63
C ASP J 190 10.54 31.74 -71.42
N PHE J 191 10.55 30.42 -71.31
CA PHE J 191 11.80 29.78 -70.92
C PHE J 191 12.81 29.60 -72.05
N PRO J 192 12.40 29.00 -73.17
CA PRO J 192 13.33 28.91 -74.28
C PRO J 192 13.79 30.30 -74.77
N MET J 193 12.90 31.28 -74.65
CA MET J 193 13.12 32.65 -75.09
C MET J 193 14.12 33.41 -74.22
N ALA J 194 14.35 32.91 -73.01
CA ALA J 194 15.16 33.62 -72.02
C ALA J 194 16.64 33.39 -72.27
N ASP J 195 17.42 34.47 -72.16
CA ASP J 195 18.87 34.40 -72.26
C ASP J 195 19.59 34.51 -70.90
N LEU J 196 18.85 34.79 -69.83
CA LEU J 196 19.39 34.75 -68.46
C LEU J 196 18.33 34.36 -67.44
N LEU J 197 18.65 33.39 -66.58
CA LEU J 197 17.74 32.95 -65.53
C LEU J 197 18.22 33.50 -64.23
N LEU J 198 17.27 33.99 -63.44
CA LEU J 198 17.54 34.64 -62.18
C LEU J 198 16.68 34.03 -61.08
N ILE J 199 17.32 33.31 -60.17
CA ILE J 199 16.60 32.69 -59.09
C ILE J 199 16.96 33.35 -57.77
N LEU J 200 15.97 33.89 -57.07
CA LEU J 200 16.16 34.51 -55.74
C LEU J 200 15.32 33.76 -54.72
N GLY J 201 15.86 33.57 -53.53
CA GLY J 201 15.06 33.18 -52.37
C GLY J 201 13.96 32.15 -52.54
N THR J 202 14.18 31.15 -53.40
CA THR J 202 13.31 29.97 -53.47
C THR J 202 14.20 28.78 -53.25
N SER J 203 13.59 27.67 -52.82
CA SER J 203 14.30 26.44 -52.52
C SER J 203 14.13 25.40 -53.60
N LEU J 204 13.18 25.67 -54.51
CA LEU J 204 12.96 24.84 -55.71
C LEU J 204 12.37 23.49 -55.36
N GLU J 205 11.79 23.35 -54.18
CA GLU J 205 11.30 22.07 -53.75
C GLU J 205 9.86 21.86 -54.18
N VAL J 206 9.14 22.95 -54.42
CA VAL J 206 7.76 22.85 -54.87
C VAL J 206 7.75 22.85 -56.40
N GLU J 207 7.10 21.86 -57.02
CA GLU J 207 7.00 21.81 -58.46
C GLU J 207 6.21 23.02 -58.94
N PRO J 208 6.45 23.44 -60.17
CA PRO J 208 7.37 22.91 -61.16
C PRO J 208 8.69 23.69 -61.23
N PHE J 209 8.99 24.51 -60.22
CA PHE J 209 10.17 25.39 -60.23
C PHE J 209 11.43 24.59 -60.36
N ALA J 210 11.49 23.61 -59.47
CA ALA J 210 12.17 22.37 -59.67
C ALA J 210 12.60 22.27 -61.14
N SER J 211 11.60 22.06 -62.02
CA SER J 211 11.76 21.71 -63.46
C SER J 211 12.16 22.88 -64.35
N LEU J 212 11.54 24.05 -64.13
CA LEU J 212 11.74 25.19 -65.01
C LEU J 212 13.21 25.60 -65.06
N THR J 213 13.91 25.53 -63.93
CA THR J 213 15.35 25.87 -63.89
C THR J 213 16.17 25.15 -64.94
N GLU J 214 15.72 23.97 -65.35
CA GLU J 214 16.41 23.20 -66.38
C GLU J 214 15.77 23.40 -67.76
N ALA J 215 14.74 24.24 -67.83
CA ALA J 215 14.02 24.53 -69.10
C ALA J 215 14.81 25.40 -70.05
N VAL J 216 15.56 26.37 -69.50
CA VAL J 216 16.40 27.24 -70.32
C VAL J 216 17.52 26.44 -70.98
N ARG J 217 18.21 27.10 -71.91
CA ARG J 217 19.18 26.41 -72.74
C ARG J 217 20.55 26.20 -72.03
N SER J 218 21.37 25.35 -72.66
CA SER J 218 22.71 24.98 -72.16
C SER J 218 23.67 26.16 -72.01
N SER J 219 23.43 27.19 -72.81
CA SER J 219 24.26 28.39 -72.85
C SER J 219 23.69 29.56 -72.04
N VAL J 220 22.53 29.37 -71.40
CA VAL J 220 21.91 30.43 -70.61
C VAL J 220 22.46 30.37 -69.17
N PRO J 221 22.98 31.52 -68.70
CA PRO J 221 23.47 31.50 -67.34
C PRO J 221 22.32 31.40 -66.39
N ARG J 222 22.57 30.81 -65.23
CA ARG J 222 21.56 30.73 -64.23
C ARG J 222 22.14 31.37 -63.01
N LEU J 223 21.64 32.54 -62.66
CA LEU J 223 22.09 33.26 -61.47
C LEU J 223 21.17 33.02 -60.29
N LEU J 224 21.76 32.53 -59.21
CA LEU J 224 21.05 32.29 -57.98
C LEU J 224 21.58 33.25 -56.92
N ILE J 225 20.67 34.00 -56.29
CA ILE J 225 20.98 34.82 -55.10
C ILE J 225 20.17 34.22 -53.96
N ASN J 226 20.85 33.60 -52.99
CA ASN J 226 20.16 32.75 -52.03
C ASN J 226 20.98 32.39 -50.79
N ARG J 227 20.29 32.00 -49.72
CA ARG J 227 20.93 31.44 -48.50
C ARG J 227 21.98 30.46 -48.98
N ASP J 228 21.52 29.47 -49.73
CA ASP J 228 22.28 28.27 -49.99
C ASP J 228 22.02 27.77 -51.42
N LEU J 229 22.95 26.98 -51.95
CA LEU J 229 22.72 26.30 -53.23
C LEU J 229 21.53 25.31 -53.14
N VAL J 230 20.56 25.49 -54.04
CA VAL J 230 19.38 24.61 -54.05
C VAL J 230 19.03 23.95 -55.40
N GLY J 231 18.39 22.78 -55.31
CA GLY J 231 17.82 22.08 -56.48
C GLY J 231 18.85 21.71 -57.53
N PRO J 232 18.43 21.70 -58.79
CA PRO J 232 19.30 21.39 -59.93
C PRO J 232 20.57 22.23 -59.98
N LEU J 233 20.42 23.53 -59.73
CA LEU J 233 21.54 24.48 -59.68
C LEU J 233 22.67 23.89 -58.89
N ALA J 234 22.30 23.23 -57.80
CA ALA J 234 23.25 22.67 -56.89
C ALA J 234 23.65 21.27 -57.33
N TRP J 235 22.64 20.45 -57.56
CA TRP J 235 22.79 19.04 -57.96
C TRP J 235 23.45 18.75 -59.31
N HIS J 236 22.89 19.28 -60.40
CA HIS J 236 23.51 19.12 -61.72
C HIS J 236 23.70 20.49 -62.34
N PRO J 237 24.79 21.13 -62.02
CA PRO J 237 24.99 22.47 -62.45
C PRO J 237 25.49 22.51 -63.87
N ARG J 238 25.54 23.71 -64.44
CA ARG J 238 26.12 23.96 -65.76
C ARG J 238 27.21 25.02 -65.62
N SER J 239 28.19 24.99 -66.52
CA SER J 239 29.31 25.95 -66.51
C SER J 239 28.84 27.40 -66.45
N ARG J 240 27.77 27.63 -67.19
CA ARG J 240 27.12 28.90 -67.26
C ARG J 240 26.53 29.42 -65.96
N ASP J 241 26.37 28.52 -64.97
CA ASP J 241 25.86 28.88 -63.64
C ASP J 241 26.80 29.78 -62.81
N VAL J 242 26.14 30.55 -61.95
CA VAL J 242 26.77 31.45 -61.00
C VAL J 242 25.84 31.52 -59.78
N ALA J 243 26.40 31.50 -58.59
CA ALA J 243 25.61 31.63 -57.38
C ALA J 243 26.15 32.73 -56.47
N GLN J 244 25.27 33.59 -55.95
CA GLN J 244 25.67 34.61 -54.98
C GLN J 244 25.12 34.24 -53.62
N LEU J 245 25.73 33.23 -53.04
CA LEU J 245 25.28 32.67 -51.80
C LEU J 245 25.45 33.70 -50.70
N GLY J 246 24.35 34.03 -50.02
CA GLY J 246 24.36 34.96 -48.88
C GLY J 246 22.94 35.37 -48.51
N ASP J 247 22.76 36.54 -47.92
CA ASP J 247 21.40 37.05 -47.75
C ASP J 247 20.92 37.56 -49.09
N VAL J 248 19.61 37.48 -49.35
CA VAL J 248 19.05 37.99 -50.62
C VAL J 248 19.39 39.41 -50.86
N VAL J 249 19.53 40.18 -49.78
CA VAL J 249 19.66 41.60 -49.95
C VAL J 249 21.12 41.95 -50.20
N HIS J 250 22.02 41.45 -49.36
CA HIS J 250 23.46 41.68 -49.57
C HIS J 250 23.88 41.10 -50.91
N GLY J 251 23.16 40.07 -51.36
CA GLY J 251 23.35 39.56 -52.71
C GLY J 251 22.82 40.51 -53.77
N VAL J 252 21.57 40.90 -53.64
CA VAL J 252 20.98 41.90 -54.55
C VAL J 252 21.81 43.18 -54.52
N GLU J 253 22.04 43.73 -53.32
CA GLU J 253 22.79 45.00 -53.17
C GLU J 253 24.17 44.96 -53.82
N SER J 254 24.72 43.76 -53.98
CA SER J 254 26.05 43.57 -54.56
C SER J 254 25.99 43.45 -56.04
N LEU J 255 24.83 43.04 -56.53
CA LEU J 255 24.57 43.02 -57.96
C LEU J 255 24.21 44.43 -58.45
N VAL J 256 23.40 45.14 -57.68
CA VAL J 256 23.04 46.53 -57.97
C VAL J 256 24.28 47.41 -58.14
N GLU J 257 25.23 47.29 -57.22
CA GLU J 257 26.45 48.04 -57.33
C GLU J 257 27.25 47.59 -58.56
N LEU J 258 27.41 46.30 -58.75
CA LEU J 258 28.22 45.80 -59.89
C LEU J 258 27.72 46.29 -61.27
N LEU J 259 26.42 46.51 -61.40
CA LEU J 259 25.86 47.06 -62.63
C LEU J 259 26.08 48.57 -62.68
N GLY J 260 25.78 49.24 -61.56
CA GLY J 260 26.01 50.68 -61.40
C GLY J 260 24.77 51.47 -61.05
N TRP J 261 23.83 50.80 -60.36
CA TRP J 261 22.44 51.21 -60.30
C TRP J 261 22.02 51.82 -58.96
N THR J 262 22.97 52.11 -58.08
CA THR J 262 22.63 52.45 -56.71
C THR J 262 21.91 53.79 -56.60
N GLU J 263 22.29 54.73 -57.48
CA GLU J 263 21.53 55.97 -57.66
C GLU J 263 20.11 55.55 -58.05
N GLU J 264 19.96 54.83 -59.16
CA GLU J 264 18.63 54.31 -59.55
C GLU J 264 17.86 53.72 -58.35
N MET J 265 18.41 52.65 -57.77
CA MET J 265 17.78 51.92 -56.65
C MET J 265 17.33 52.82 -55.49
N ARG J 266 18.24 53.65 -54.99
CA ARG J 266 17.90 54.56 -53.90
C ARG J 266 16.70 55.42 -54.27
N ASP J 267 16.65 55.83 -55.54
CA ASP J 267 15.61 56.74 -56.00
C ASP J 267 14.23 56.08 -56.02
N LEU J 268 14.19 54.84 -56.48
CA LEU J 268 12.93 54.12 -56.58
C LEU J 268 12.30 53.91 -55.20
N VAL J 269 13.10 53.44 -54.27
CA VAL J 269 12.66 53.19 -52.88
C VAL J 269 12.15 54.50 -52.27
N GLN J 270 12.85 55.60 -52.55
CA GLN J 270 12.41 56.92 -52.14
C GLN J 270 10.97 57.19 -52.60
N ARG J 271 10.72 57.00 -53.90
CA ARG J 271 9.42 57.32 -54.49
C ARG J 271 8.29 56.50 -53.91
N GLU J 272 8.59 55.23 -53.61
CA GLU J 272 7.56 54.25 -53.29
C GLU J 272 7.20 54.13 -51.81
N THR J 273 8.19 54.30 -50.93
CA THR J 273 7.96 54.25 -49.48
C THR J 273 7.43 55.57 -48.92
N GLY J 274 7.54 56.66 -49.69
CA GLY J 274 6.96 57.97 -49.33
C GLY J 274 5.46 58.09 -49.62
N LYS J 275 4.94 57.17 -50.46
CA LYS J 275 3.48 56.92 -50.59
C LYS J 275 3.04 55.87 -49.54
N LEU J 276 3.53 54.62 -49.72
CA LEU J 276 3.38 53.54 -48.70
C LEU J 276 4.28 53.87 -47.50
N LYS K 4 44.24 -12.07 60.29
CA LYS K 4 43.67 -13.45 60.25
C LYS K 4 42.19 -13.51 59.87
N LEU K 5 41.62 -14.71 59.74
CA LEU K 5 40.28 -14.87 59.15
C LEU K 5 39.28 -15.76 59.92
N SER K 6 37.99 -15.38 59.87
CA SER K 6 36.92 -16.00 60.66
C SER K 6 35.63 -16.23 59.89
N LEU K 7 34.71 -16.97 60.53
CA LEU K 7 33.34 -17.18 60.02
C LEU K 7 32.59 -15.85 59.82
N GLN K 8 32.76 -14.92 60.76
CA GLN K 8 32.25 -13.56 60.61
C GLN K 8 32.80 -12.91 59.33
N ASP K 9 34.08 -13.10 59.06
CA ASP K 9 34.77 -12.41 57.97
C ASP K 9 34.24 -12.82 56.61
N VAL K 10 34.28 -14.13 56.39
CA VAL K 10 33.80 -14.70 55.13
C VAL K 10 32.32 -14.36 54.90
N ALA K 11 31.55 -14.27 56.00
CA ALA K 11 30.14 -13.89 55.92
C ALA K 11 30.00 -12.49 55.31
N GLU K 12 30.92 -11.59 55.65
CA GLU K 12 30.91 -10.27 55.07
C GLU K 12 31.32 -10.26 53.61
N LEU K 13 32.26 -11.12 53.23
CA LEU K 13 32.62 -11.25 51.83
C LEU K 13 31.44 -11.75 51.01
N ILE K 14 30.59 -12.57 51.63
CA ILE K 14 29.40 -13.13 50.95
C ILE K 14 28.27 -12.11 50.75
N ARG K 15 27.81 -11.49 51.84
CA ARG K 15 26.76 -10.49 51.76
C ARG K 15 27.24 -9.34 50.88
N ALA K 16 28.20 -8.55 51.39
CA ALA K 16 28.85 -7.48 50.60
C ALA K 16 29.65 -8.10 49.42
N ARG K 17 28.88 -8.48 48.39
CA ARG K 17 29.29 -9.34 47.25
C ARG K 17 30.74 -9.22 46.77
N ALA K 18 31.68 -9.67 47.61
CA ALA K 18 33.07 -9.80 47.21
C ALA K 18 33.31 -11.24 46.81
N CYS K 19 32.41 -12.13 47.25
CA CYS K 19 32.50 -13.55 46.95
C CYS K 19 31.21 -14.01 46.26
N GLN K 20 31.28 -14.17 44.95
CA GLN K 20 30.09 -14.48 44.13
C GLN K 20 30.23 -15.77 43.30
N ARG K 21 31.46 -16.24 43.11
CA ARG K 21 31.68 -17.52 42.46
C ARG K 21 32.29 -18.53 43.43
N VAL K 22 31.40 -19.29 44.08
CA VAL K 22 31.78 -20.18 45.14
C VAL K 22 31.84 -21.64 44.72
N VAL K 23 33.04 -22.22 44.71
CA VAL K 23 33.21 -23.66 44.48
C VAL K 23 33.13 -24.37 45.83
N VAL K 24 32.33 -25.43 45.91
CA VAL K 24 32.22 -26.24 47.13
C VAL K 24 32.70 -27.66 46.88
N MET K 25 33.50 -28.17 47.82
CA MET K 25 33.85 -29.58 47.88
C MET K 25 33.14 -30.23 49.09
N VAL K 26 32.68 -31.48 48.90
CA VAL K 26 32.00 -32.26 49.94
C VAL K 26 32.47 -33.71 49.91
N GLY K 27 32.17 -34.47 50.97
CA GLY K 27 32.52 -35.91 51.08
C GLY K 27 31.59 -36.60 52.08
N ALA K 28 32.01 -37.72 52.64
CA ALA K 28 31.16 -38.45 53.61
C ALA K 28 30.54 -37.46 54.57
N GLY K 29 31.42 -36.65 55.16
CA GLY K 29 31.07 -35.80 56.27
C GLY K 29 29.65 -35.28 56.34
N ILE K 30 29.11 -34.79 55.23
CA ILE K 30 27.82 -34.09 55.28
C ILE K 30 26.66 -35.07 55.26
N SER K 31 26.90 -36.23 54.68
CA SER K 31 25.87 -37.26 54.57
C SER K 31 25.51 -37.71 55.98
N THR K 32 26.53 -38.05 56.77
CA THR K 32 26.36 -38.43 58.16
C THR K 32 24.98 -38.08 58.73
N PRO K 33 24.68 -36.79 59.02
CA PRO K 33 23.35 -36.48 59.58
C PRO K 33 22.15 -36.57 58.60
N SER K 34 22.28 -37.39 57.56
CA SER K 34 21.13 -37.88 56.78
C SER K 34 20.84 -39.34 57.18
N GLY K 35 21.63 -39.87 58.12
CA GLY K 35 21.55 -41.28 58.52
C GLY K 35 22.11 -42.20 57.45
N ILE K 36 23.17 -41.77 56.77
CA ILE K 36 23.77 -42.60 55.71
C ILE K 36 24.81 -43.53 56.33
N PRO K 37 24.56 -44.84 56.25
CA PRO K 37 25.34 -45.80 57.00
C PRO K 37 26.72 -46.07 56.41
N ASP K 38 27.76 -45.72 57.15
CA ASP K 38 29.12 -46.08 56.76
C ASP K 38 29.35 -47.56 57.02
N PHE K 39 30.01 -48.23 56.07
CA PHE K 39 30.11 -49.70 56.07
C PHE K 39 31.44 -50.24 56.59
N ARG K 40 32.41 -49.35 56.81
CA ARG K 40 33.58 -49.70 57.62
C ARG K 40 33.15 -49.73 59.08
N SER K 41 32.54 -48.63 59.51
CA SER K 41 31.86 -48.54 60.79
C SER K 41 30.86 -49.69 60.94
N PRO K 42 31.05 -50.56 61.97
CA PRO K 42 30.08 -51.61 62.28
C PRO K 42 28.85 -51.13 63.02
N GLY K 43 27.95 -52.08 63.26
CA GLY K 43 26.69 -51.83 63.95
C GLY K 43 25.73 -51.11 63.03
N SER K 44 25.43 -51.71 61.88
CA SER K 44 24.62 -51.03 60.88
C SER K 44 23.91 -52.03 60.00
N GLY K 45 22.64 -51.78 59.73
CA GLY K 45 21.88 -52.64 58.83
C GLY K 45 22.74 -52.99 57.64
N LEU K 46 23.28 -51.97 56.98
CA LEU K 46 24.12 -52.15 55.80
C LEU K 46 25.38 -52.96 56.13
N TYR K 47 25.96 -52.72 57.30
CA TYR K 47 27.22 -53.35 57.69
C TYR K 47 27.20 -54.88 57.56
N SER K 48 26.41 -55.57 58.37
CA SER K 48 26.49 -57.03 58.46
C SER K 48 25.97 -57.78 57.22
N ASN K 49 25.17 -57.11 56.39
CA ASN K 49 24.81 -57.66 55.07
C ASN K 49 26.01 -57.76 54.15
N LEU K 50 27.03 -56.93 54.40
CA LEU K 50 28.28 -56.95 53.64
C LEU K 50 29.36 -57.79 54.33
N GLN K 51 29.09 -58.29 55.54
CA GLN K 51 30.01 -59.21 56.20
C GLN K 51 29.68 -60.63 55.73
N GLN K 52 28.41 -60.99 55.82
CA GLN K 52 28.01 -62.29 55.35
C GLN K 52 27.83 -62.31 53.84
N TYR K 53 28.51 -61.37 53.18
CA TYR K 53 29.12 -61.60 51.87
C TYR K 53 30.61 -61.38 52.11
N ASP K 54 31.46 -62.36 51.76
CA ASP K 54 32.85 -62.31 52.20
C ASP K 54 33.75 -61.60 51.18
N LEU K 55 34.10 -60.34 51.52
CA LEU K 55 35.06 -59.51 50.75
C LEU K 55 36.43 -59.59 51.45
N PRO K 56 37.49 -59.15 50.76
CA PRO K 56 38.82 -59.13 51.39
C PRO K 56 39.22 -57.77 51.98
N TYR K 57 38.62 -56.69 51.49
CA TYR K 57 38.87 -55.34 51.99
C TYR K 57 37.66 -54.46 51.69
N PRO K 58 37.46 -53.39 52.47
CA PRO K 58 36.39 -52.45 52.09
C PRO K 58 36.51 -52.01 50.62
N GLU K 59 37.73 -51.87 50.12
CA GLU K 59 37.95 -51.29 48.80
C GLU K 59 37.81 -52.26 47.59
N ALA K 60 37.48 -53.52 47.84
CA ALA K 60 37.19 -54.42 46.75
C ALA K 60 35.83 -54.11 46.14
N ILE K 61 34.85 -53.75 46.98
CA ILE K 61 33.45 -53.61 46.51
C ILE K 61 33.35 -52.55 45.38
N PHE K 62 34.42 -51.78 45.18
CA PHE K 62 34.54 -50.93 44.02
C PHE K 62 35.68 -51.34 43.06
N GLU K 63 35.86 -52.65 42.87
CA GLU K 63 36.82 -53.18 41.89
C GLU K 63 36.14 -54.10 40.85
N LEU K 64 36.50 -53.90 39.57
CA LEU K 64 35.99 -54.72 38.47
C LEU K 64 36.14 -56.23 38.71
N PRO K 65 37.39 -56.78 38.62
CA PRO K 65 37.54 -58.23 38.84
C PRO K 65 36.68 -58.83 39.98
N PHE K 66 36.37 -58.01 40.99
CA PHE K 66 35.52 -58.44 42.11
C PHE K 66 34.03 -58.08 41.95
N PHE K 67 33.71 -57.19 41.00
CA PHE K 67 32.33 -57.09 40.52
C PHE K 67 31.96 -58.35 39.70
N PHE K 68 32.92 -58.87 38.94
CA PHE K 68 32.69 -59.94 37.95
C PHE K 68 32.76 -61.39 38.45
N HIS K 69 33.46 -61.61 39.57
CA HIS K 69 33.40 -62.89 40.28
C HIS K 69 32.17 -62.89 41.18
N ASN K 70 31.82 -61.70 41.70
CA ASN K 70 30.57 -61.53 42.46
C ASN K 70 30.10 -60.07 42.59
N PRO K 71 28.99 -59.73 41.91
CA PRO K 71 28.40 -58.38 42.00
C PRO K 71 27.49 -58.10 43.24
N LYS K 72 26.87 -59.14 43.81
CA LYS K 72 25.89 -59.00 44.89
C LYS K 72 26.25 -58.11 46.08
N PRO K 73 27.54 -58.06 46.49
CA PRO K 73 27.87 -57.12 47.56
C PRO K 73 27.74 -55.67 47.11
N PHE K 74 28.09 -55.37 45.86
CA PHE K 74 27.82 -54.04 45.36
C PHE K 74 26.31 -53.69 45.38
N PHE K 75 25.44 -54.64 45.06
CA PHE K 75 24.00 -54.35 44.97
C PHE K 75 23.31 -54.15 46.33
N THR K 76 23.81 -54.82 47.37
CA THR K 76 23.29 -54.63 48.74
C THR K 76 23.49 -53.18 49.18
N LEU K 77 24.61 -52.60 48.75
CA LEU K 77 24.90 -51.18 48.98
C LEU K 77 23.94 -50.35 48.16
N ALA K 78 23.81 -50.70 46.89
CA ALA K 78 23.01 -49.93 45.95
C ALA K 78 21.56 -49.84 46.41
N LYS K 79 21.05 -50.91 47.00
CA LYS K 79 19.69 -50.91 47.53
C LYS K 79 19.47 -49.81 48.55
N GLU K 80 20.45 -49.65 49.44
CA GLU K 80 20.33 -48.77 50.61
C GLU K 80 20.37 -47.29 50.22
N LEU K 81 21.27 -46.93 49.31
CA LEU K 81 21.40 -45.56 48.83
C LEU K 81 20.65 -45.37 47.51
N TYR K 82 19.46 -45.94 47.37
CA TYR K 82 18.70 -45.75 46.16
C TYR K 82 17.71 -44.62 46.43
N PRO K 83 17.45 -43.79 45.41
CA PRO K 83 16.55 -42.64 45.51
C PRO K 83 15.26 -42.98 46.20
N GLY K 84 14.88 -42.15 47.18
CA GLY K 84 13.71 -42.40 47.98
C GLY K 84 14.10 -42.87 49.38
N ASN K 85 15.15 -43.68 49.46
CA ASN K 85 15.49 -44.38 50.71
C ASN K 85 16.07 -43.49 51.82
N TYR K 86 16.58 -42.31 51.47
CA TYR K 86 17.00 -41.26 52.44
C TYR K 86 16.76 -39.82 51.92
N LYS K 87 16.93 -38.84 52.81
CA LYS K 87 16.61 -37.44 52.48
C LYS K 87 17.83 -36.50 52.61
N PRO K 88 17.67 -35.23 52.19
CA PRO K 88 18.74 -34.27 52.36
C PRO K 88 18.65 -33.60 53.70
N ASN K 89 19.79 -33.40 54.36
CA ASN K 89 19.88 -32.64 55.61
C ASN K 89 20.11 -31.14 55.38
N VAL K 90 20.25 -30.38 56.47
CA VAL K 90 20.30 -28.93 56.40
C VAL K 90 21.52 -28.41 55.64
N THR K 91 22.62 -29.18 55.67
CA THR K 91 23.84 -28.86 54.93
C THR K 91 23.60 -28.76 53.42
N HIS K 92 22.68 -29.57 52.91
CA HIS K 92 22.36 -29.59 51.50
C HIS K 92 21.53 -28.36 51.13
N TYR K 93 20.49 -28.08 51.92
CA TYR K 93 19.63 -26.92 51.64
C TYR K 93 20.40 -25.60 51.77
N PHE K 94 21.47 -25.59 52.57
CA PHE K 94 22.36 -24.43 52.61
C PHE K 94 22.99 -24.24 51.24
N LEU K 95 23.55 -25.31 50.70
CA LEU K 95 24.18 -25.25 49.38
C LEU K 95 23.16 -24.90 48.30
N ARG K 96 21.97 -25.51 48.36
CA ARG K 96 20.87 -25.19 47.43
C ARG K 96 20.46 -23.73 47.47
N LEU K 97 20.43 -23.14 48.67
CA LEU K 97 20.10 -21.72 48.81
C LEU K 97 21.17 -20.88 48.13
N LEU K 98 22.43 -21.22 48.41
CA LEU K 98 23.57 -20.53 47.79
C LEU K 98 23.30 -20.34 46.31
N HIS K 99 23.10 -21.45 45.62
CA HIS K 99 22.79 -21.47 44.19
C HIS K 99 21.54 -20.68 43.82
N ASP K 100 20.55 -20.70 44.70
CA ASP K 100 19.34 -19.89 44.50
C ASP K 100 19.66 -18.41 44.38
N LYS K 101 20.69 -17.94 45.07
CA LYS K 101 21.04 -16.52 45.12
C LYS K 101 22.09 -16.09 44.07
N GLY K 102 22.51 -17.03 43.24
CA GLY K 102 23.47 -16.79 42.16
C GLY K 102 24.93 -17.05 42.52
N LEU K 103 25.18 -17.55 43.73
CA LEU K 103 26.52 -17.62 44.29
C LEU K 103 27.24 -18.97 44.10
N LEU K 104 26.52 -19.96 43.57
CA LEU K 104 27.09 -21.30 43.46
C LEU K 104 27.69 -21.52 42.09
N LEU K 105 29.02 -21.52 42.01
CA LEU K 105 29.71 -21.79 40.76
C LEU K 105 29.60 -23.28 40.43
N ARG K 106 30.22 -24.11 41.26
CA ARG K 106 30.12 -25.56 41.15
C ARG K 106 30.07 -26.18 42.54
N LEU K 107 29.63 -27.42 42.59
CA LEU K 107 29.64 -28.20 43.82
C LEU K 107 30.17 -29.58 43.47
N TYR K 108 31.43 -29.81 43.83
CA TYR K 108 32.13 -31.08 43.55
C TYR K 108 31.93 -32.05 44.74
N THR K 109 31.45 -33.28 44.49
CA THR K 109 31.09 -34.24 45.58
C THR K 109 31.73 -35.60 45.39
N GLN K 110 32.27 -36.16 46.48
CA GLN K 110 32.76 -37.53 46.49
C GLN K 110 31.73 -38.46 47.12
N ASN K 111 30.57 -37.93 47.51
CA ASN K 111 29.40 -38.74 47.90
C ASN K 111 28.84 -39.54 46.71
N ILE K 112 28.07 -40.58 47.02
CA ILE K 112 27.30 -41.30 45.99
C ILE K 112 25.84 -41.53 46.44
N ASP K 113 25.38 -40.70 47.39
CA ASP K 113 23.99 -40.75 47.86
C ASP K 113 23.09 -39.81 47.06
N GLY K 114 23.69 -38.94 46.25
CA GLY K 114 22.95 -38.10 45.29
C GLY K 114 21.86 -37.26 45.90
N LEU K 115 22.25 -36.47 46.90
CA LEU K 115 21.31 -35.64 47.66
C LEU K 115 21.44 -34.18 47.24
N GLU K 116 22.60 -33.86 46.70
CA GLU K 116 22.77 -32.61 45.99
C GLU K 116 21.69 -32.59 44.91
N ARG K 117 21.63 -33.66 44.11
CA ARG K 117 20.53 -33.86 43.16
C ARG K 117 19.18 -33.56 43.83
N VAL K 118 18.90 -34.26 44.92
CA VAL K 118 17.57 -34.26 45.55
C VAL K 118 17.29 -32.96 46.30
N SER K 119 18.33 -32.25 46.72
CA SER K 119 18.14 -30.96 47.39
C SER K 119 17.52 -29.91 46.45
N GLY K 120 17.67 -30.11 45.14
CA GLY K 120 17.13 -29.20 44.11
C GLY K 120 18.21 -28.35 43.44
N ILE K 121 19.42 -28.91 43.32
CA ILE K 121 20.55 -28.25 42.68
C ILE K 121 20.76 -28.92 41.33
N PRO K 122 20.51 -28.20 40.22
CA PRO K 122 20.48 -28.90 38.95
C PRO K 122 21.86 -29.42 38.56
N ALA K 123 21.91 -30.60 37.93
CA ALA K 123 23.17 -31.29 37.64
C ALA K 123 24.11 -30.36 36.88
N SER K 124 23.52 -29.38 36.17
CA SER K 124 24.30 -28.33 35.49
C SER K 124 25.27 -27.62 36.44
N LYS K 125 24.98 -27.68 37.74
CA LYS K 125 25.79 -27.03 38.77
C LYS K 125 26.67 -28.01 39.52
N LEU K 126 26.67 -29.28 39.10
CA LEU K 126 27.22 -30.36 39.93
C LEU K 126 28.19 -31.25 39.20
N VAL K 127 29.35 -31.43 39.80
CA VAL K 127 30.25 -32.51 39.44
C VAL K 127 30.15 -33.62 40.51
N GLU K 128 29.41 -34.68 40.19
CA GLU K 128 29.26 -35.85 41.05
C GLU K 128 30.40 -36.82 40.77
N ALA K 129 31.60 -36.46 41.24
CA ALA K 129 32.85 -37.08 40.78
C ALA K 129 33.01 -38.59 41.04
N HIS K 130 32.08 -39.23 41.75
CA HIS K 130 32.13 -40.68 41.89
C HIS K 130 30.92 -41.41 41.27
N GLY K 131 29.88 -40.69 40.89
CA GLY K 131 28.81 -41.27 40.11
C GLY K 131 27.47 -41.11 40.76
N THR K 132 26.49 -41.81 40.19
CA THR K 132 25.12 -41.72 40.67
C THR K 132 24.33 -43.02 40.40
N PHE K 133 23.20 -43.14 41.09
CA PHE K 133 22.28 -44.28 40.99
C PHE K 133 21.06 -44.00 40.11
N ALA K 134 21.01 -42.76 39.62
CA ALA K 134 20.04 -42.33 38.62
C ALA K 134 20.29 -42.92 37.22
N SER K 135 21.50 -43.42 36.95
CA SER K 135 21.77 -44.11 35.69
C SER K 135 22.55 -45.40 35.90
N ALA K 136 22.69 -46.15 34.80
CA ALA K 136 23.39 -47.45 34.79
C ALA K 136 23.86 -47.84 33.39
N THR K 137 24.96 -48.62 33.31
CA THR K 137 25.56 -48.99 32.02
C THR K 137 26.00 -50.44 32.03
N CYS K 138 25.45 -51.20 31.06
CA CYS K 138 25.78 -52.61 30.84
C CYS K 138 27.28 -52.82 30.65
N THR K 139 27.75 -54.00 31.05
CA THR K 139 29.17 -54.32 31.05
C THR K 139 29.51 -55.30 29.94
N VAL K 140 28.86 -55.10 28.81
CA VAL K 140 29.08 -55.94 27.64
C VAL K 140 28.58 -55.23 26.39
N CYS K 141 27.43 -54.55 26.47
CA CYS K 141 26.91 -53.82 25.30
C CYS K 141 26.69 -52.29 25.49
N GLN K 142 27.05 -51.75 26.66
CA GLN K 142 27.06 -50.31 26.89
C GLN K 142 25.70 -49.63 26.92
N ARG K 143 24.62 -50.37 26.81
CA ARG K 143 23.35 -49.68 26.74
C ARG K 143 23.20 -48.86 28.01
N PRO K 144 22.90 -47.56 27.88
CA PRO K 144 22.58 -46.80 29.08
C PRO K 144 21.13 -47.10 29.50
N PHE K 145 20.91 -47.17 30.81
CA PHE K 145 19.55 -47.24 31.35
C PHE K 145 19.42 -46.19 32.46
N PRO K 146 18.28 -45.50 32.52
CA PRO K 146 18.04 -44.75 33.74
C PRO K 146 17.87 -45.70 34.93
N GLY K 147 18.07 -45.17 36.12
CA GLY K 147 18.02 -45.95 37.35
C GLY K 147 16.70 -46.67 37.51
N GLU K 148 15.60 -45.92 37.47
CA GLU K 148 14.31 -46.50 37.88
C GLU K 148 13.77 -47.56 36.92
N ASP K 149 14.60 -48.04 35.99
CA ASP K 149 14.32 -49.28 35.25
C ASP K 149 14.75 -50.50 36.08
N ILE K 150 16.02 -50.51 36.49
CA ILE K 150 16.59 -51.60 37.28
C ILE K 150 16.20 -51.51 38.75
N ARG K 151 15.62 -50.38 39.14
CA ARG K 151 14.93 -50.22 40.44
C ARG K 151 14.08 -51.44 40.78
N ALA K 152 13.32 -51.90 39.78
CA ALA K 152 12.60 -53.15 39.89
C ALA K 152 13.48 -54.20 40.58
N ASP K 153 14.50 -54.66 39.87
CA ASP K 153 15.27 -55.84 40.29
C ASP K 153 16.16 -55.59 41.52
N VAL K 154 16.51 -54.33 41.81
CA VAL K 154 17.42 -54.00 42.93
C VAL K 154 16.69 -54.00 44.27
N MET K 155 15.54 -53.33 44.32
CA MET K 155 14.74 -53.29 45.52
C MET K 155 14.27 -54.69 45.85
N ALA K 156 14.17 -55.55 44.83
CA ALA K 156 13.82 -56.95 45.03
C ALA K 156 15.03 -57.90 45.27
N ASP K 157 16.25 -57.37 45.24
CA ASP K 157 17.50 -58.12 45.49
C ASP K 157 17.83 -59.18 44.43
N ARG K 158 17.87 -58.75 43.17
CA ARG K 158 18.37 -59.57 42.06
C ARG K 158 19.34 -58.73 41.22
N VAL K 159 20.48 -59.31 40.87
CA VAL K 159 21.43 -58.67 39.95
C VAL K 159 20.69 -58.35 38.64
N PRO K 160 20.44 -57.05 38.34
CA PRO K 160 19.73 -56.77 37.10
C PRO K 160 20.57 -57.06 35.87
N ARG K 161 19.89 -57.66 34.88
CA ARG K 161 20.51 -58.12 33.66
C ARG K 161 19.92 -57.34 32.47
N CYS K 162 20.74 -57.17 31.44
CA CYS K 162 20.34 -56.46 30.25
C CYS K 162 19.09 -57.12 29.68
N PRO K 163 18.14 -56.32 29.19
CA PRO K 163 17.08 -56.94 28.39
C PRO K 163 17.61 -57.58 27.09
N VAL K 164 18.62 -56.96 26.49
CA VAL K 164 19.09 -57.36 25.15
C VAL K 164 20.13 -58.46 25.13
N CYS K 165 21.24 -58.26 25.84
CA CYS K 165 22.33 -59.25 25.81
C CYS K 165 22.38 -60.12 27.07
N THR K 166 21.44 -59.90 27.98
CA THR K 166 21.42 -60.55 29.30
C THR K 166 22.81 -60.58 29.95
N GLY K 167 23.44 -59.41 29.98
CA GLY K 167 24.70 -59.21 30.68
C GLY K 167 24.45 -58.28 31.86
N VAL K 168 25.48 -58.06 32.69
CA VAL K 168 25.28 -57.46 33.99
C VAL K 168 25.25 -55.93 33.90
N VAL K 169 24.24 -55.32 34.51
CA VAL K 169 24.00 -53.87 34.38
C VAL K 169 24.39 -53.07 35.65
N LYS K 170 25.55 -52.40 35.60
CA LYS K 170 26.16 -51.76 36.77
C LYS K 170 25.89 -50.27 36.78
N PRO K 171 25.12 -49.77 37.79
CA PRO K 171 24.86 -48.35 37.93
C PRO K 171 26.13 -47.55 37.89
N ASP K 172 25.98 -46.30 37.47
CA ASP K 172 27.12 -45.49 37.08
C ASP K 172 27.80 -44.93 38.32
N ILE K 173 28.71 -45.75 38.84
CA ILE K 173 29.48 -45.47 40.04
C ILE K 173 30.93 -45.77 39.71
N VAL K 174 31.81 -44.77 39.83
CA VAL K 174 33.19 -44.92 39.36
C VAL K 174 33.86 -46.01 40.17
N PHE K 175 34.42 -47.00 39.50
CA PHE K 175 35.18 -48.05 40.15
C PHE K 175 36.66 -47.80 39.97
N PHE K 176 37.48 -48.58 40.67
CA PHE K 176 38.93 -48.43 40.60
C PHE K 176 39.41 -48.69 39.15
N GLY K 177 40.40 -47.90 38.73
CA GLY K 177 40.95 -48.04 37.37
C GLY K 177 40.21 -47.18 36.35
N GLU K 178 38.89 -47.39 36.24
CA GLU K 178 37.96 -46.55 35.43
C GLU K 178 38.17 -44.99 35.53
N PRO K 179 37.69 -44.25 34.52
CA PRO K 179 38.04 -42.84 34.39
C PRO K 179 37.03 -41.92 35.06
N LEU K 180 37.49 -40.83 35.65
CA LEU K 180 36.59 -39.93 36.38
C LEU K 180 35.48 -39.40 35.49
N PRO K 181 34.28 -39.19 36.01
CA PRO K 181 33.16 -38.87 35.13
C PRO K 181 33.40 -37.60 34.35
N GLN K 182 33.39 -37.68 33.02
CA GLN K 182 33.65 -36.54 32.11
C GLN K 182 33.46 -35.14 32.70
N ARG K 183 32.28 -34.88 33.27
CA ARG K 183 31.97 -33.58 33.87
C ARG K 183 33.08 -33.03 34.74
N PHE K 184 33.93 -33.92 35.26
CA PHE K 184 35.10 -33.52 36.06
C PHE K 184 36.16 -32.76 35.25
N LEU K 185 35.94 -32.55 33.96
CA LEU K 185 36.85 -31.76 33.19
C LEU K 185 36.83 -30.28 33.55
N LEU K 186 35.80 -29.80 34.23
CA LEU K 186 35.75 -28.39 34.61
C LEU K 186 36.85 -28.05 35.64
N HIS K 187 37.31 -29.06 36.41
CA HIS K 187 38.70 -29.19 36.95
C HIS K 187 39.43 -27.89 36.59
N VAL K 188 39.63 -27.62 35.30
CA VAL K 188 40.53 -26.53 34.91
C VAL K 188 39.91 -25.15 34.87
N VAL K 189 38.61 -25.07 34.62
CA VAL K 189 37.95 -23.78 34.57
C VAL K 189 37.54 -23.32 35.93
N ASP K 190 36.91 -24.19 36.70
CA ASP K 190 36.33 -23.79 37.98
C ASP K 190 37.33 -23.25 39.01
N PHE K 191 38.40 -23.99 39.25
CA PHE K 191 39.28 -23.69 40.37
C PHE K 191 40.10 -22.41 40.20
N PRO K 192 40.67 -22.14 39.01
CA PRO K 192 41.29 -20.83 38.83
C PRO K 192 40.27 -19.68 38.73
N MET K 193 39.00 -20.04 38.57
CA MET K 193 37.91 -19.07 38.45
C MET K 193 37.17 -18.90 39.77
N ALA K 194 37.66 -19.57 40.81
CA ALA K 194 36.97 -19.56 42.08
C ALA K 194 37.54 -18.49 42.98
N ASP K 195 36.62 -17.71 43.56
CA ASP K 195 36.94 -16.65 44.53
C ASP K 195 36.57 -17.05 45.99
N LEU K 196 35.81 -18.14 46.14
CA LEU K 196 35.68 -18.78 47.43
C LEU K 196 35.68 -20.28 47.25
N LEU K 197 36.53 -20.94 48.04
CA LEU K 197 36.55 -22.40 48.20
C LEU K 197 35.92 -22.76 49.54
N LEU K 198 35.32 -23.93 49.60
CA LEU K 198 34.47 -24.29 50.72
C LEU K 198 34.44 -25.81 50.81
N ILE K 199 35.01 -26.32 51.90
CA ILE K 199 35.24 -27.74 52.09
C ILE K 199 34.36 -28.24 53.23
N LEU K 200 33.37 -29.08 52.92
CA LEU K 200 32.41 -29.56 53.93
C LEU K 200 32.43 -31.08 54.16
N GLY K 201 33.03 -31.50 55.27
CA GLY K 201 32.99 -32.90 55.66
C GLY K 201 33.61 -33.80 54.62
N THR K 202 34.93 -33.74 54.55
CA THR K 202 35.67 -34.59 53.64
C THR K 202 37.07 -34.56 54.13
N SER K 203 37.80 -35.63 53.89
CA SER K 203 39.11 -35.80 54.49
C SER K 203 40.18 -35.46 53.50
N LEU K 204 39.76 -34.99 52.35
CA LEU K 204 40.63 -34.91 51.18
C LEU K 204 41.64 -36.08 51.17
N GLU K 205 41.24 -37.24 51.68
CA GLU K 205 42.13 -38.36 51.64
C GLU K 205 42.05 -38.93 50.23
N VAL K 206 40.84 -39.15 49.77
CA VAL K 206 40.67 -39.86 48.52
C VAL K 206 40.98 -38.92 47.36
N GLU K 207 41.47 -39.49 46.26
CA GLU K 207 41.83 -38.69 45.09
C GLU K 207 40.65 -38.32 44.18
N PRO K 208 40.76 -37.18 43.48
CA PRO K 208 41.84 -36.18 43.50
C PRO K 208 41.51 -34.92 44.32
N PHE K 209 40.77 -35.08 45.41
CA PHE K 209 40.38 -33.94 46.26
C PHE K 209 41.59 -33.43 47.01
N ALA K 210 42.50 -34.34 47.30
CA ALA K 210 43.79 -34.01 47.87
C ALA K 210 44.39 -32.83 47.11
N SER K 211 44.40 -32.98 45.80
CA SER K 211 45.10 -32.07 44.90
C SER K 211 44.39 -30.73 44.74
N LEU K 212 43.07 -30.77 44.60
CA LEU K 212 42.27 -29.61 44.23
C LEU K 212 42.37 -28.47 45.21
N THR K 213 42.47 -28.77 46.49
CA THR K 213 42.60 -27.71 47.48
C THR K 213 43.75 -26.74 47.18
N GLU K 214 44.80 -27.18 46.50
CA GLU K 214 45.91 -26.30 46.08
C GLU K 214 45.62 -25.60 44.74
N ALA K 215 44.62 -26.07 44.00
CA ALA K 215 44.32 -25.60 42.65
C ALA K 215 43.60 -24.23 42.57
N VAL K 216 43.11 -23.72 43.71
CA VAL K 216 42.54 -22.39 43.72
C VAL K 216 43.69 -21.43 43.89
N ARG K 217 43.39 -20.15 43.69
CA ARG K 217 44.41 -19.08 43.72
C ARG K 217 44.75 -18.63 45.16
N SER K 218 45.99 -18.20 45.36
CA SER K 218 46.49 -18.01 46.72
C SER K 218 45.61 -17.04 47.49
N SER K 219 45.31 -15.89 46.89
CA SER K 219 44.38 -14.91 47.48
C SER K 219 43.05 -15.53 47.95
N VAL K 220 42.56 -16.54 47.22
CA VAL K 220 41.27 -17.18 47.51
C VAL K 220 41.28 -17.90 48.84
N PRO K 221 40.31 -17.58 49.72
CA PRO K 221 40.29 -18.18 51.05
C PRO K 221 39.61 -19.52 51.05
N ARG K 222 40.19 -20.48 51.76
CA ARG K 222 39.64 -21.83 51.82
C ARG K 222 38.97 -22.08 53.18
N LEU K 223 37.65 -21.98 53.25
CA LEU K 223 36.89 -22.26 54.49
C LEU K 223 36.83 -23.76 54.71
N LEU K 224 36.51 -24.22 55.92
CA LEU K 224 36.40 -25.64 56.21
C LEU K 224 35.39 -25.90 57.32
N ILE K 225 34.72 -27.05 57.27
CA ILE K 225 33.79 -27.45 58.33
C ILE K 225 33.98 -28.94 58.64
N ASN K 226 34.57 -29.26 59.80
CA ASN K 226 35.04 -30.64 60.09
C ASN K 226 35.15 -31.03 61.56
N ARG K 227 35.09 -32.34 61.83
CA ARG K 227 35.55 -32.92 63.10
C ARG K 227 36.97 -32.37 63.29
N ASP K 228 37.78 -32.52 62.23
CA ASP K 228 39.19 -32.16 62.25
C ASP K 228 39.69 -31.54 60.95
N LEU K 229 40.87 -30.91 61.03
CA LEU K 229 41.45 -30.12 59.95
C LEU K 229 42.26 -30.99 59.00
N VAL K 230 41.65 -31.36 57.87
CA VAL K 230 42.11 -32.51 57.09
C VAL K 230 42.81 -32.10 55.81
N GLY K 231 44.01 -32.66 55.58
CA GLY K 231 44.67 -32.62 54.27
C GLY K 231 45.79 -31.61 54.15
N PRO K 232 46.13 -31.24 52.90
CA PRO K 232 46.99 -30.08 52.65
C PRO K 232 46.56 -28.86 53.45
N LEU K 233 45.24 -28.74 53.68
CA LEU K 233 44.66 -27.78 54.65
C LEU K 233 45.42 -27.68 55.99
N ALA K 234 45.93 -28.83 56.45
CA ALA K 234 46.76 -28.92 57.66
C ALA K 234 48.25 -29.15 57.34
N TRP K 235 48.56 -30.11 56.47
CA TRP K 235 49.94 -30.37 56.00
C TRP K 235 50.70 -29.06 55.75
N HIS K 236 50.01 -28.05 55.23
CA HIS K 236 50.61 -26.73 55.01
C HIS K 236 49.53 -25.69 54.60
N PRO K 237 48.88 -25.04 55.59
CA PRO K 237 47.79 -24.12 55.22
C PRO K 237 48.29 -22.81 54.57
N ARG K 238 47.35 -22.01 54.05
CA ARG K 238 47.61 -20.72 53.40
C ARG K 238 47.14 -19.57 54.26
N SER K 239 47.44 -18.34 53.87
CA SER K 239 47.18 -17.19 54.76
C SER K 239 45.70 -17.00 55.05
N ARG K 240 44.89 -17.10 54.01
CA ARG K 240 43.46 -16.83 54.10
C ARG K 240 42.61 -18.10 54.25
N ASP K 241 42.97 -18.95 55.22
CA ASP K 241 42.22 -20.17 55.50
C ASP K 241 41.38 -19.97 56.75
N VAL K 242 40.28 -20.74 56.82
CA VAL K 242 39.37 -20.67 57.94
C VAL K 242 38.89 -22.08 58.26
N ALA K 243 39.11 -22.53 59.49
CA ALA K 243 38.57 -23.81 59.95
C ALA K 243 37.40 -23.55 60.90
N GLN K 244 36.29 -24.23 60.66
CA GLN K 244 35.16 -24.22 61.58
C GLN K 244 35.03 -25.64 62.09
N LEU K 245 36.01 -26.00 62.92
CA LEU K 245 36.14 -27.35 63.36
C LEU K 245 35.15 -27.63 64.46
N GLY K 246 34.01 -28.16 64.02
CA GLY K 246 33.02 -28.71 64.91
C GLY K 246 32.13 -29.64 64.12
N ASP K 247 30.88 -29.77 64.58
CA ASP K 247 29.83 -30.44 63.83
C ASP K 247 29.64 -29.70 62.50
N VAL K 248 29.10 -30.42 61.53
CA VAL K 248 28.74 -29.84 60.27
C VAL K 248 27.45 -29.06 60.44
N VAL K 249 26.48 -29.67 61.11
CA VAL K 249 25.16 -29.04 61.23
C VAL K 249 25.24 -27.70 61.99
N HIS K 250 25.89 -27.68 63.16
CA HIS K 250 26.03 -26.41 63.95
C HIS K 250 27.09 -25.46 63.35
N GLY K 251 28.13 -26.03 62.75
CA GLY K 251 29.10 -25.25 61.97
C GLY K 251 28.34 -24.37 60.98
N VAL K 252 27.64 -25.04 60.06
CA VAL K 252 26.86 -24.37 59.01
C VAL K 252 25.73 -23.45 59.53
N GLU K 253 25.01 -23.85 60.58
CA GLU K 253 23.87 -23.05 61.10
C GLU K 253 24.34 -21.71 61.62
N SER K 254 25.50 -21.69 62.26
CA SER K 254 26.15 -20.45 62.66
C SER K 254 26.39 -19.55 61.47
N LEU K 255 27.00 -20.11 60.43
CA LEU K 255 27.25 -19.40 59.17
C LEU K 255 25.97 -18.86 58.53
N VAL K 256 24.84 -19.54 58.76
CA VAL K 256 23.57 -19.08 58.20
C VAL K 256 23.05 -17.83 58.90
N GLU K 257 23.02 -17.84 60.24
CA GLU K 257 22.55 -16.65 60.98
C GLU K 257 23.59 -15.53 61.04
N LEU K 258 24.79 -15.77 60.52
CA LEU K 258 25.73 -14.70 60.20
C LEU K 258 25.47 -14.15 58.79
N LEU K 259 24.58 -14.79 58.05
CA LEU K 259 24.10 -14.30 56.78
C LEU K 259 22.68 -13.72 56.88
N GLY K 260 22.03 -13.91 58.02
CA GLY K 260 20.68 -13.38 58.26
C GLY K 260 19.57 -14.27 57.72
N TRP K 261 19.93 -15.17 56.80
CA TRP K 261 18.96 -15.96 56.08
C TRP K 261 18.26 -17.04 56.93
N THR K 262 18.69 -17.22 58.19
CA THR K 262 18.07 -18.20 59.11
C THR K 262 16.55 -18.25 59.01
N GLU K 263 15.93 -17.08 58.94
CA GLU K 263 14.48 -16.96 58.80
C GLU K 263 14.02 -17.55 57.47
N GLU K 264 14.57 -17.02 56.38
CA GLU K 264 14.31 -17.49 55.01
C GLU K 264 14.79 -18.93 54.76
N MET K 265 15.81 -19.36 55.51
CA MET K 265 16.33 -20.72 55.41
C MET K 265 15.27 -21.75 55.80
N ARG K 266 14.68 -21.56 56.97
CA ARG K 266 13.63 -22.44 57.46
C ARG K 266 12.41 -22.43 56.53
N ASP K 267 12.06 -21.25 56.03
CA ASP K 267 10.96 -21.13 55.07
C ASP K 267 11.17 -22.18 53.99
N LEU K 268 12.40 -22.25 53.46
CA LEU K 268 12.74 -23.20 52.40
C LEU K 268 12.68 -24.64 52.85
N VAL K 269 13.39 -24.94 53.94
CA VAL K 269 13.47 -26.30 54.43
C VAL K 269 12.06 -26.92 54.58
N GLN K 270 11.09 -26.12 55.06
CA GLN K 270 9.68 -26.55 55.18
C GLN K 270 9.05 -26.94 53.85
N ARG K 271 9.39 -26.18 52.79
CA ARG K 271 8.88 -26.46 51.45
C ARG K 271 9.34 -27.85 51.03
N GLU K 272 10.65 -28.03 50.90
CA GLU K 272 11.22 -29.20 50.26
C GLU K 272 11.07 -30.47 51.10
N THR K 273 11.29 -30.37 52.41
CA THR K 273 11.11 -31.51 53.33
C THR K 273 9.64 -31.79 53.59
N GLY K 274 8.82 -30.74 53.60
CA GLY K 274 7.37 -30.91 53.62
C GLY K 274 6.88 -31.73 52.43
N LYS K 275 7.44 -31.44 51.25
CA LYS K 275 7.08 -32.17 50.01
C LYS K 275 7.62 -33.60 49.93
N LEU K 276 8.79 -33.86 50.53
CA LEU K 276 9.35 -35.22 50.61
C LEU K 276 8.96 -35.93 51.91
N LYS L 4 51.40 -61.17 34.41
CA LYS L 4 51.16 -59.73 34.02
C LYS L 4 52.19 -59.25 33.00
N LEU L 5 52.91 -58.17 33.30
CA LEU L 5 53.77 -57.50 32.33
C LEU L 5 55.18 -57.33 32.84
N SER L 6 56.15 -57.58 31.96
CA SER L 6 57.56 -57.45 32.28
C SER L 6 58.17 -56.32 31.47
N LEU L 7 59.33 -55.85 31.92
CA LEU L 7 60.13 -54.84 31.20
C LEU L 7 60.29 -55.24 29.73
N GLN L 8 60.67 -56.50 29.52
CA GLN L 8 60.64 -57.12 28.20
C GLN L 8 59.37 -56.72 27.42
N ASP L 9 58.22 -56.97 28.03
CA ASP L 9 56.93 -56.81 27.37
C ASP L 9 56.78 -55.44 26.77
N VAL L 10 56.92 -54.41 27.61
CA VAL L 10 56.65 -53.05 27.16
C VAL L 10 57.61 -52.65 26.03
N ALA L 11 58.90 -53.01 26.17
CA ALA L 11 59.91 -52.77 25.13
C ALA L 11 59.42 -53.25 23.75
N GLU L 12 58.69 -54.37 23.73
CA GLU L 12 58.06 -54.84 22.50
C GLU L 12 56.83 -54.00 22.11
N LEU L 13 56.07 -53.51 23.08
CA LEU L 13 55.00 -52.55 22.77
C LEU L 13 55.58 -51.29 22.12
N ILE L 14 56.84 -50.98 22.43
CA ILE L 14 57.55 -49.83 21.83
C ILE L 14 58.24 -50.17 20.52
N ARG L 15 58.95 -51.29 20.49
CA ARG L 15 59.50 -51.77 19.24
C ARG L 15 58.35 -51.96 18.26
N ALA L 16 57.48 -52.96 18.49
CA ALA L 16 56.25 -53.13 17.68
C ALA L 16 55.33 -51.93 17.93
N ARG L 17 55.79 -50.80 17.40
CA ARG L 17 55.25 -49.45 17.65
C ARG L 17 53.73 -49.37 17.92
N ALA L 18 53.36 -49.85 19.10
CA ALA L 18 51.99 -49.77 19.58
C ALA L 18 51.93 -48.76 20.71
N CYS L 19 52.97 -47.93 20.81
CA CYS L 19 53.12 -46.96 21.90
C CYS L 19 53.91 -45.79 21.34
N GLN L 20 53.20 -44.80 20.84
CA GLN L 20 53.78 -43.68 20.10
C GLN L 20 53.60 -42.35 20.81
N ARG L 21 52.93 -42.37 21.96
CA ARG L 21 52.59 -41.16 22.70
C ARG L 21 52.75 -41.46 24.18
N VAL L 22 53.95 -41.20 24.69
CA VAL L 22 54.35 -41.62 26.02
C VAL L 22 54.58 -40.46 26.97
N VAL L 23 53.69 -40.35 27.96
CA VAL L 23 53.86 -39.36 29.02
C VAL L 23 54.83 -39.89 30.07
N VAL L 24 55.73 -39.01 30.53
CA VAL L 24 56.70 -39.33 31.57
C VAL L 24 56.49 -38.41 32.77
N MET L 25 56.53 -38.97 33.97
CA MET L 25 56.66 -38.18 35.17
C MET L 25 58.06 -38.46 35.75
N VAL L 26 58.70 -37.44 36.33
CA VAL L 26 59.98 -37.61 37.03
C VAL L 26 59.87 -36.94 38.42
N GLY L 27 60.81 -37.20 39.33
CA GLY L 27 60.80 -36.53 40.66
C GLY L 27 62.21 -36.27 41.14
N ALA L 28 62.41 -36.17 42.44
CA ALA L 28 63.78 -36.08 42.97
C ALA L 28 64.70 -37.13 42.33
N GLY L 29 64.23 -38.38 42.36
CA GLY L 29 65.06 -39.54 42.10
C GLY L 29 65.89 -39.64 40.83
N ILE L 30 65.57 -38.88 39.78
CA ILE L 30 66.32 -39.04 38.54
C ILE L 30 67.59 -38.23 38.58
N SER L 31 67.56 -37.17 39.35
CA SER L 31 68.67 -36.26 39.42
C SER L 31 69.74 -36.73 40.38
N THR L 32 69.40 -37.69 41.25
CA THR L 32 70.37 -38.26 42.19
C THR L 32 71.72 -38.48 41.52
N PRO L 33 71.77 -39.32 40.47
CA PRO L 33 73.05 -39.76 39.95
C PRO L 33 73.68 -38.79 38.97
N SER L 34 73.48 -37.48 39.17
CA SER L 34 74.24 -36.45 38.47
C SER L 34 74.99 -35.57 39.50
N GLY L 35 75.04 -36.04 40.75
CA GLY L 35 75.64 -35.28 41.84
C GLY L 35 74.73 -34.21 42.42
N ILE L 36 73.44 -34.23 42.08
CA ILE L 36 72.51 -33.20 42.58
C ILE L 36 72.30 -33.42 44.08
N PRO L 37 72.80 -32.48 44.89
CA PRO L 37 72.79 -32.64 46.34
C PRO L 37 71.44 -32.30 46.96
N ASP L 38 70.94 -33.20 47.80
CA ASP L 38 69.70 -32.99 48.53
C ASP L 38 70.01 -32.19 49.81
N PHE L 39 69.09 -31.29 50.15
CA PHE L 39 69.32 -30.29 51.21
C PHE L 39 68.81 -30.77 52.57
N ARG L 40 67.97 -31.81 52.57
CA ARG L 40 67.63 -32.51 53.81
C ARG L 40 68.74 -33.51 54.16
N SER L 41 69.49 -33.94 53.16
CA SER L 41 70.52 -34.92 53.35
C SER L 41 71.83 -34.23 53.72
N PRO L 42 72.37 -34.47 54.96
CA PRO L 42 73.71 -34.03 55.39
C PRO L 42 74.90 -34.52 54.60
N GLY L 43 76.05 -33.89 54.90
CA GLY L 43 77.28 -34.09 54.18
C GLY L 43 77.13 -33.64 52.74
N SER L 44 76.91 -32.33 52.54
CA SER L 44 76.72 -31.78 51.19
C SER L 44 77.04 -30.29 51.14
N GLY L 45 77.48 -29.82 49.99
CA GLY L 45 77.83 -28.42 49.79
C GLY L 45 76.65 -27.54 50.16
N LEU L 46 75.50 -27.85 49.55
CA LEU L 46 74.24 -27.14 49.84
C LEU L 46 73.82 -27.22 51.31
N TYR L 47 74.16 -28.31 51.99
CA TYR L 47 73.69 -28.58 53.35
C TYR L 47 74.21 -27.59 54.38
N SER L 48 75.53 -27.50 54.52
CA SER L 48 76.12 -26.72 55.62
C SER L 48 76.02 -25.21 55.38
N ASN L 49 75.69 -24.80 54.16
CA ASN L 49 75.40 -23.40 53.87
C ASN L 49 74.01 -23.01 54.36
N LEU L 50 73.04 -23.90 54.15
CA LEU L 50 71.65 -23.68 54.57
C LEU L 50 71.48 -23.96 56.06
N GLN L 51 72.44 -24.67 56.64
CA GLN L 51 72.41 -24.89 58.07
C GLN L 51 72.67 -23.58 58.81
N GLN L 52 73.77 -22.90 58.49
CA GLN L 52 74.06 -21.65 59.21
C GLN L 52 73.27 -20.45 58.68
N TYR L 53 72.07 -20.74 58.18
CA TYR L 53 70.88 -19.87 58.26
C TYR L 53 69.84 -20.65 59.09
N ASP L 54 69.25 -20.01 60.09
CA ASP L 54 68.26 -20.70 60.93
C ASP L 54 66.99 -20.81 60.10
N LEU L 55 66.46 -22.02 60.04
CA LEU L 55 65.24 -22.29 59.27
C LEU L 55 64.24 -23.04 60.15
N PRO L 56 63.04 -22.45 60.35
CA PRO L 56 62.07 -23.06 61.28
C PRO L 56 61.43 -24.35 60.77
N TYR L 57 61.52 -24.60 59.47
CA TYR L 57 61.13 -25.88 58.86
C TYR L 57 61.76 -25.98 57.47
N PRO L 58 62.00 -27.21 56.98
CA PRO L 58 62.50 -27.37 55.62
C PRO L 58 61.62 -26.68 54.61
N GLU L 59 60.32 -26.98 54.63
CA GLU L 59 59.38 -26.46 53.62
C GLU L 59 59.36 -24.90 53.50
N ALA L 60 59.96 -24.20 54.46
CA ALA L 60 59.96 -22.73 54.47
C ALA L 60 60.84 -22.08 53.40
N ILE L 61 61.96 -22.71 53.05
CA ILE L 61 62.88 -22.13 52.03
C ILE L 61 62.12 -21.76 50.74
N PHE L 62 60.99 -22.44 50.51
CA PHE L 62 60.13 -22.16 49.39
C PHE L 62 58.78 -21.55 49.82
N GLU L 63 58.80 -20.73 50.87
CA GLU L 63 57.63 -19.96 51.26
C GLU L 63 57.98 -18.51 50.99
N LEU L 64 56.95 -17.76 50.57
CA LEU L 64 57.07 -16.31 50.32
C LEU L 64 57.42 -15.48 51.56
N PRO L 65 56.58 -15.54 52.64
CA PRO L 65 56.86 -14.68 53.79
C PRO L 65 58.19 -15.00 54.52
N PHE L 66 58.77 -16.18 54.26
CA PHE L 66 60.16 -16.46 54.62
C PHE L 66 61.14 -15.89 53.60
N PHE L 67 60.84 -16.10 52.31
CA PHE L 67 61.62 -15.45 51.27
C PHE L 67 61.71 -13.90 51.44
N PHE L 68 60.68 -13.29 52.02
CA PHE L 68 60.66 -11.83 52.17
C PHE L 68 61.33 -11.27 53.43
N HIS L 69 61.48 -12.08 54.47
CA HIS L 69 62.32 -11.71 55.61
C HIS L 69 63.77 -11.92 55.25
N ASN L 70 64.07 -13.10 54.70
CA ASN L 70 65.41 -13.39 54.19
C ASN L 70 65.39 -14.17 52.87
N PRO L 71 65.69 -13.46 51.75
CA PRO L 71 66.00 -14.12 50.49
C PRO L 71 67.17 -15.13 50.55
N LYS L 72 68.29 -14.71 51.16
CA LYS L 72 69.63 -15.34 50.98
C LYS L 72 69.67 -16.85 50.90
N PRO L 73 69.03 -17.55 51.85
CA PRO L 73 69.05 -19.02 51.82
C PRO L 73 68.52 -19.60 50.52
N PHE L 74 67.46 -19.01 49.97
CA PHE L 74 66.98 -19.44 48.66
C PHE L 74 68.04 -19.27 47.55
N PHE L 75 68.85 -18.23 47.63
CA PHE L 75 69.87 -17.97 46.60
C PHE L 75 71.09 -18.88 46.69
N THR L 76 71.48 -19.23 47.91
CA THR L 76 72.56 -20.19 48.15
C THR L 76 72.26 -21.54 47.48
N LEU L 77 70.97 -21.84 47.33
CA LEU L 77 70.52 -22.97 46.54
C LEU L 77 70.67 -22.66 45.05
N ALA L 78 70.24 -21.46 44.68
CA ALA L 78 70.23 -21.08 43.28
C ALA L 78 71.62 -21.08 42.66
N LYS L 79 72.63 -20.68 43.42
CA LYS L 79 73.97 -20.58 42.86
C LYS L 79 74.46 -21.91 42.29
N GLU L 80 74.33 -22.96 43.09
CA GLU L 80 74.90 -24.27 42.76
C GLU L 80 74.12 -24.96 41.65
N LEU L 81 72.80 -24.76 41.64
CA LEU L 81 71.93 -25.35 40.62
C LEU L 81 71.88 -24.56 39.33
N TYR L 82 72.48 -23.37 39.29
CA TYR L 82 72.51 -22.59 38.04
C TYR L 82 73.20 -23.38 36.93
N PRO L 83 72.62 -23.32 35.72
CA PRO L 83 73.05 -24.22 34.66
C PRO L 83 74.45 -23.90 34.18
N GLY L 84 75.27 -24.94 34.08
CA GLY L 84 76.72 -24.81 33.91
C GLY L 84 77.40 -25.68 34.93
N ASN L 85 76.80 -25.77 36.12
CA ASN L 85 77.41 -26.50 37.24
C ASN L 85 77.28 -28.02 37.20
N TYR L 86 76.22 -28.52 36.57
CA TYR L 86 75.97 -29.97 36.48
C TYR L 86 75.59 -30.44 35.06
N LYS L 87 75.45 -31.76 34.92
CA LYS L 87 75.16 -32.39 33.64
C LYS L 87 73.95 -33.32 33.75
N PRO L 88 73.39 -33.72 32.60
CA PRO L 88 72.36 -34.73 32.66
C PRO L 88 73.03 -36.08 32.70
N ASN L 89 72.62 -36.95 33.63
CA ASN L 89 73.02 -38.38 33.62
C ASN L 89 72.45 -39.09 32.38
N VAL L 90 72.56 -40.41 32.29
CA VAL L 90 72.08 -41.13 31.10
C VAL L 90 70.55 -41.12 31.00
N THR L 91 69.87 -41.14 32.15
CA THR L 91 68.40 -41.11 32.22
C THR L 91 67.76 -39.99 31.39
N HIS L 92 68.34 -38.81 31.51
CA HIS L 92 67.94 -37.66 30.73
C HIS L 92 68.13 -37.95 29.23
N TYR L 93 69.27 -38.53 28.87
CA TYR L 93 69.56 -38.83 27.46
C TYR L 93 68.70 -39.96 26.86
N PHE L 94 68.22 -40.89 27.70
CA PHE L 94 67.28 -41.92 27.25
C PHE L 94 65.98 -41.26 26.81
N LEU L 95 65.53 -40.32 27.65
CA LEU L 95 64.35 -39.51 27.35
C LEU L 95 64.59 -38.64 26.10
N ARG L 96 65.79 -38.09 25.97
CA ARG L 96 66.14 -37.30 24.76
C ARG L 96 66.01 -38.09 23.45
N LEU L 97 66.41 -39.35 23.47
CA LEU L 97 66.32 -40.20 22.27
C LEU L 97 64.85 -40.58 22.01
N LEU L 98 64.08 -40.69 23.08
CA LEU L 98 62.64 -41.00 22.99
C LEU L 98 61.92 -39.93 22.17
N HIS L 99 62.12 -38.67 22.55
CA HIS L 99 61.64 -37.54 21.80
C HIS L 99 62.17 -37.58 20.37
N ASP L 100 63.45 -37.95 20.21
CA ASP L 100 64.05 -38.10 18.88
C ASP L 100 63.35 -39.16 18.02
N LYS L 101 62.35 -39.85 18.56
CA LYS L 101 61.62 -40.84 17.77
C LYS L 101 60.16 -40.47 17.55
N GLY L 102 59.75 -39.29 18.02
CA GLY L 102 58.35 -38.84 17.95
C GLY L 102 57.51 -39.41 19.09
N LEU L 103 58.15 -40.24 19.92
CA LEU L 103 57.49 -41.10 20.89
C LEU L 103 57.23 -40.44 22.22
N LEU L 104 57.72 -39.21 22.37
CA LEU L 104 57.52 -38.47 23.59
C LEU L 104 56.34 -37.53 23.41
N LEU L 105 55.22 -37.84 24.05
CA LEU L 105 54.12 -36.90 24.14
C LEU L 105 54.53 -35.81 25.10
N ARG L 106 54.72 -36.16 26.37
CA ARG L 106 55.15 -35.18 27.38
C ARG L 106 56.09 -35.74 28.45
N LEU L 107 56.89 -34.85 29.01
CA LEU L 107 57.78 -35.15 30.11
C LEU L 107 57.49 -34.10 31.15
N TYR L 108 56.77 -34.51 32.20
CA TYR L 108 56.39 -33.61 33.30
C TYR L 108 57.34 -33.75 34.50
N THR L 109 58.15 -32.72 34.77
CA THR L 109 59.15 -32.79 35.84
C THR L 109 58.73 -31.97 37.05
N GLN L 110 59.09 -32.47 38.24
CA GLN L 110 59.05 -31.75 39.53
C GLN L 110 60.45 -31.30 39.93
N ASN L 111 61.46 -31.66 39.13
CA ASN L 111 62.83 -31.18 39.34
C ASN L 111 62.97 -29.69 39.11
N ILE L 112 63.96 -29.07 39.77
CA ILE L 112 64.34 -27.68 39.48
C ILE L 112 65.83 -27.56 39.10
N ASP L 113 66.39 -28.64 38.55
CA ASP L 113 67.76 -28.60 38.00
C ASP L 113 67.76 -28.22 36.51
N GLY L 114 66.66 -28.50 35.81
CA GLY L 114 66.49 -28.12 34.40
C GLY L 114 67.43 -28.85 33.46
N LEU L 115 67.70 -30.11 33.78
CA LEU L 115 68.59 -30.98 33.01
C LEU L 115 67.88 -31.57 31.78
N GLU L 116 66.54 -31.51 31.76
CA GLU L 116 65.80 -31.95 30.59
C GLU L 116 66.02 -30.93 29.49
N ARG L 117 65.83 -29.65 29.79
CA ARG L 117 66.21 -28.57 28.86
C ARG L 117 67.62 -28.83 28.31
N VAL L 118 68.57 -29.07 29.21
CA VAL L 118 69.99 -29.23 28.85
C VAL L 118 70.21 -30.49 28.01
N SER L 119 69.51 -31.57 28.34
CA SER L 119 69.62 -32.83 27.61
C SER L 119 69.25 -32.72 26.11
N GLY L 120 68.54 -31.65 25.74
CA GLY L 120 68.23 -31.38 24.33
C GLY L 120 66.75 -31.44 23.97
N ILE L 121 65.92 -31.81 24.95
CA ILE L 121 64.48 -31.81 24.78
C ILE L 121 64.01 -30.36 24.76
N PRO L 122 63.23 -29.97 23.73
CA PRO L 122 62.85 -28.58 23.63
C PRO L 122 61.64 -28.26 24.49
N ALA L 123 61.54 -26.99 24.90
CA ALA L 123 60.52 -26.56 25.86
C ALA L 123 59.18 -27.16 25.48
N SER L 124 58.85 -27.07 24.19
CA SER L 124 57.61 -27.60 23.67
C SER L 124 57.25 -28.95 24.32
N LYS L 125 58.23 -29.81 24.53
CA LYS L 125 57.97 -31.17 25.02
C LYS L 125 57.90 -31.29 26.54
N LEU L 126 58.15 -30.21 27.27
CA LEU L 126 58.42 -30.27 28.71
C LEU L 126 57.48 -29.39 29.49
N VAL L 127 57.00 -29.92 30.62
CA VAL L 127 56.23 -29.14 31.57
C VAL L 127 56.94 -29.18 32.91
N GLU L 128 57.64 -28.09 33.21
CA GLU L 128 58.45 -27.97 34.41
C GLU L 128 57.60 -27.42 35.58
N ALA L 129 56.95 -28.36 36.28
CA ALA L 129 55.82 -28.03 37.15
C ALA L 129 56.19 -27.28 38.42
N HIS L 130 57.48 -27.21 38.76
CA HIS L 130 57.91 -26.40 39.89
C HIS L 130 58.80 -25.22 39.46
N GLY L 131 59.07 -25.10 38.16
CA GLY L 131 59.70 -23.91 37.63
C GLY L 131 61.09 -24.17 37.12
N THR L 132 61.79 -23.06 36.85
CA THR L 132 63.13 -23.10 36.25
C THR L 132 63.98 -21.93 36.67
N PHE L 133 65.30 -22.07 36.51
CA PHE L 133 66.28 -21.01 36.79
C PHE L 133 66.70 -20.28 35.53
N ALA L 134 66.05 -20.66 34.43
CA ALA L 134 66.23 -20.00 33.15
C ALA L 134 65.68 -18.58 33.11
N SER L 135 64.73 -18.26 34.00
CA SER L 135 64.26 -16.88 34.12
C SER L 135 63.84 -16.48 35.55
N ALA L 136 63.50 -15.19 35.70
CA ALA L 136 63.18 -14.57 37.00
C ALA L 136 62.07 -13.53 36.87
N THR L 137 61.66 -12.92 37.99
CA THR L 137 60.56 -11.94 38.01
C THR L 137 60.56 -11.10 39.27
N CYS L 138 60.82 -9.81 39.14
CA CYS L 138 60.73 -8.83 40.23
C CYS L 138 59.48 -9.07 41.07
N THR L 139 59.60 -8.83 42.36
CA THR L 139 58.54 -9.12 43.32
C THR L 139 57.80 -7.86 43.71
N VAL L 140 58.08 -6.76 43.02
CA VAL L 140 57.39 -5.53 43.30
C VAL L 140 56.96 -4.79 42.05
N CYS L 141 57.52 -5.13 40.89
CA CYS L 141 57.11 -4.48 39.63
C CYS L 141 56.74 -5.46 38.49
N GLN L 142 57.23 -6.69 38.57
CA GLN L 142 56.83 -7.80 37.68
C GLN L 142 57.70 -7.95 36.43
N ARG L 143 58.45 -6.93 36.06
CA ARG L 143 59.33 -7.04 34.89
C ARG L 143 60.03 -8.38 34.96
N PRO L 144 59.89 -9.22 33.93
CA PRO L 144 60.67 -10.46 33.91
C PRO L 144 62.07 -10.27 33.34
N PHE L 145 62.98 -11.12 33.80
CA PHE L 145 64.34 -11.15 33.28
C PHE L 145 64.70 -12.59 32.94
N PRO L 146 65.61 -12.77 31.98
CA PRO L 146 66.24 -14.08 31.78
C PRO L 146 67.45 -14.28 32.70
N GLY L 147 67.60 -15.50 33.22
CA GLY L 147 68.61 -15.81 34.25
C GLY L 147 69.98 -15.22 34.00
N GLU L 148 70.43 -15.25 32.76
CA GLU L 148 71.80 -14.87 32.37
C GLU L 148 72.23 -13.47 32.81
N ASP L 149 71.27 -12.58 33.01
CA ASP L 149 71.53 -11.25 33.56
C ASP L 149 71.91 -11.33 35.05
N ILE L 150 71.15 -12.14 35.78
CA ILE L 150 71.30 -12.32 37.23
C ILE L 150 72.49 -13.24 37.60
N ARG L 151 73.00 -13.99 36.62
CA ARG L 151 74.23 -14.76 36.78
C ARG L 151 75.28 -13.97 37.56
N ALA L 152 75.58 -12.77 37.07
CA ALA L 152 76.47 -11.85 37.75
C ALA L 152 76.30 -11.93 39.28
N ASP L 153 75.12 -11.52 39.77
CA ASP L 153 74.86 -11.33 41.21
C ASP L 153 74.78 -12.64 42.01
N VAL L 154 74.21 -13.69 41.41
CA VAL L 154 74.02 -14.98 42.10
C VAL L 154 75.38 -15.65 42.36
N MET L 155 76.19 -15.71 41.31
CA MET L 155 77.49 -16.33 41.38
C MET L 155 78.36 -15.65 42.43
N ALA L 156 78.24 -14.33 42.54
CA ALA L 156 78.99 -13.57 43.54
C ALA L 156 78.24 -13.44 44.90
N ASP L 157 77.21 -14.27 45.10
CA ASP L 157 76.51 -14.42 46.39
C ASP L 157 75.84 -13.16 46.97
N ARG L 158 75.54 -12.20 46.10
CA ARG L 158 74.69 -11.07 46.44
C ARG L 158 73.25 -11.40 46.03
N VAL L 159 72.29 -10.76 46.69
CA VAL L 159 70.89 -10.88 46.32
C VAL L 159 70.67 -10.03 45.07
N PRO L 160 70.10 -10.61 43.99
CA PRO L 160 69.84 -9.80 42.80
C PRO L 160 68.61 -8.92 42.97
N ARG L 161 68.78 -7.62 42.66
CA ARG L 161 67.67 -6.65 42.69
C ARG L 161 67.57 -5.86 41.37
N CYS L 162 66.41 -5.26 41.19
CA CYS L 162 65.90 -4.94 39.87
C CYS L 162 66.32 -3.54 39.41
N PRO L 163 66.88 -3.43 38.19
CA PRO L 163 67.33 -2.16 37.61
C PRO L 163 66.41 -0.95 37.76
N VAL L 164 65.09 -1.17 37.81
CA VAL L 164 64.13 -0.07 37.84
C VAL L 164 63.60 0.31 39.23
N CYS L 165 63.19 -0.69 40.01
CA CYS L 165 62.59 -0.43 41.32
C CYS L 165 63.45 -0.92 42.49
N THR L 166 64.58 -1.53 42.17
CA THR L 166 65.55 -2.02 43.17
C THR L 166 64.97 -3.05 44.15
N GLY L 167 63.73 -3.47 43.90
CA GLY L 167 63.09 -4.53 44.66
C GLY L 167 63.58 -5.91 44.23
N VAL L 168 63.10 -6.96 44.90
CA VAL L 168 63.82 -8.21 45.01
C VAL L 168 63.47 -9.19 43.89
N VAL L 169 64.46 -9.61 43.10
CA VAL L 169 64.19 -10.42 41.87
C VAL L 169 64.32 -11.97 42.00
N LYS L 170 63.18 -12.65 42.14
CA LYS L 170 63.10 -14.09 42.43
C LYS L 170 62.88 -14.94 41.18
N PRO L 171 63.85 -15.83 40.87
CA PRO L 171 63.70 -16.76 39.75
C PRO L 171 62.38 -17.47 39.76
N ASP L 172 62.02 -17.95 38.59
CA ASP L 172 60.71 -18.51 38.38
C ASP L 172 60.70 -19.96 38.89
N ILE L 173 60.83 -20.09 40.21
CA ILE L 173 60.67 -21.35 40.92
C ILE L 173 59.42 -21.29 41.76
N VAL L 174 58.50 -22.23 41.54
CA VAL L 174 57.19 -22.16 42.16
C VAL L 174 57.38 -22.20 43.65
N PHE L 175 56.67 -21.34 44.38
CA PHE L 175 56.71 -21.37 45.85
C PHE L 175 55.36 -21.78 46.42
N PHE L 176 55.33 -22.05 47.72
CA PHE L 176 54.08 -22.47 48.35
C PHE L 176 53.00 -21.42 48.19
N GLY L 177 51.80 -21.86 47.82
CA GLY L 177 50.64 -20.98 47.67
C GLY L 177 50.44 -20.54 46.22
N GLU L 178 51.49 -19.98 45.61
CA GLU L 178 51.52 -19.63 44.16
C GLU L 178 51.11 -20.79 43.22
N PRO L 179 50.71 -20.46 41.98
CA PRO L 179 50.05 -21.44 41.10
C PRO L 179 51.03 -22.22 40.25
N LEU L 180 50.64 -23.37 39.73
CA LEU L 180 51.56 -24.15 38.92
C LEU L 180 51.77 -23.48 37.55
N PRO L 181 52.94 -23.65 36.90
CA PRO L 181 53.22 -22.94 35.65
C PRO L 181 52.09 -23.05 34.65
N GLN L 182 51.59 -21.93 34.11
CA GLN L 182 50.54 -21.93 33.08
C GLN L 182 50.50 -23.19 32.21
N ARG L 183 51.67 -23.60 31.71
CA ARG L 183 51.88 -24.84 30.94
C ARG L 183 51.31 -26.13 31.50
N PHE L 184 50.98 -26.13 32.78
CA PHE L 184 50.44 -27.32 33.41
C PHE L 184 48.99 -27.55 33.01
N LEU L 185 48.47 -26.74 32.10
CA LEU L 185 47.11 -26.95 31.64
C LEU L 185 47.06 -28.22 30.78
N LEU L 186 48.18 -28.65 30.24
CA LEU L 186 48.16 -29.84 29.38
C LEU L 186 47.80 -31.11 30.20
N HIS L 187 48.10 -31.10 31.52
CA HIS L 187 47.37 -31.84 32.60
C HIS L 187 46.21 -32.58 31.93
N VAL L 188 45.31 -31.86 31.27
CA VAL L 188 44.06 -32.47 30.86
C VAL L 188 44.07 -33.16 29.53
N VAL L 189 44.90 -32.73 28.57
CA VAL L 189 44.88 -33.42 27.29
C VAL L 189 45.90 -34.51 27.23
N ASP L 190 47.03 -34.34 27.90
CA ASP L 190 48.12 -35.31 27.81
C ASP L 190 47.76 -36.71 28.34
N PHE L 191 47.07 -36.77 29.47
CA PHE L 191 46.90 -38.04 30.16
C PHE L 191 45.81 -38.91 29.54
N PRO L 192 44.64 -38.34 29.23
CA PRO L 192 43.69 -39.08 28.41
C PRO L 192 44.24 -39.54 27.05
N MET L 193 45.33 -38.92 26.59
CA MET L 193 45.87 -39.17 25.26
C MET L 193 47.09 -40.06 25.34
N ALA L 194 47.41 -40.52 26.55
CA ALA L 194 48.67 -41.17 26.79
C ALA L 194 48.51 -42.66 26.69
N ASP L 195 49.36 -43.28 25.87
CA ASP L 195 49.35 -44.73 25.61
C ASP L 195 50.46 -45.48 26.37
N LEU L 196 51.10 -44.74 27.28
CA LEU L 196 52.07 -45.27 28.21
C LEU L 196 52.44 -44.16 29.21
N LEU L 197 52.30 -44.47 30.50
CA LEU L 197 52.80 -43.63 31.60
C LEU L 197 54.09 -44.23 32.16
N LEU L 198 55.07 -43.37 32.40
CA LEU L 198 56.42 -43.83 32.70
C LEU L 198 57.05 -43.05 33.86
N ILE L 199 56.88 -43.58 35.07
CA ILE L 199 57.22 -42.88 36.30
C ILE L 199 58.64 -43.22 36.74
N LEU L 200 59.50 -42.21 36.87
CA LEU L 200 60.90 -42.42 37.28
C LEU L 200 61.34 -41.52 38.46
N GLY L 201 61.98 -42.13 39.45
CA GLY L 201 62.50 -41.40 40.58
C GLY L 201 61.56 -40.35 41.10
N THR L 202 60.40 -40.80 41.57
CA THR L 202 59.47 -39.88 42.23
C THR L 202 58.63 -40.61 43.25
N SER L 203 58.55 -40.06 44.46
CA SER L 203 57.80 -40.68 45.53
C SER L 203 56.34 -40.32 45.45
N LEU L 204 55.96 -39.48 44.51
CA LEU L 204 54.56 -39.08 44.36
C LEU L 204 53.94 -38.50 45.64
N GLU L 205 54.75 -38.07 46.60
CA GLU L 205 54.18 -37.58 47.83
C GLU L 205 53.65 -36.17 47.57
N VAL L 206 54.51 -35.31 47.02
CA VAL L 206 54.16 -33.92 46.80
C VAL L 206 53.18 -33.85 45.64
N GLU L 207 52.07 -33.13 45.83
CA GLU L 207 51.01 -33.10 44.82
C GLU L 207 51.41 -32.21 43.63
N PRO L 208 50.70 -32.34 42.49
CA PRO L 208 49.54 -33.19 42.14
C PRO L 208 49.90 -34.57 41.58
N PHE L 209 51.19 -34.90 41.57
CA PHE L 209 51.69 -36.12 40.94
C PHE L 209 50.94 -37.34 41.41
N ALA L 210 50.70 -37.47 42.71
CA ALA L 210 49.90 -38.59 43.20
C ALA L 210 48.57 -38.71 42.44
N SER L 211 47.94 -37.57 42.16
CA SER L 211 46.68 -37.55 41.39
C SER L 211 46.92 -38.01 39.93
N LEU L 212 48.01 -37.56 39.32
CA LEU L 212 48.25 -37.77 37.89
C LEU L 212 48.45 -39.21 37.49
N THR L 213 49.04 -39.99 38.38
CA THR L 213 49.26 -41.39 38.07
C THR L 213 47.95 -42.15 37.92
N GLU L 214 46.93 -41.70 38.65
CA GLU L 214 45.58 -42.28 38.53
C GLU L 214 44.77 -41.71 37.34
N ALA L 215 45.28 -40.66 36.70
CA ALA L 215 44.54 -39.92 35.68
C ALA L 215 44.68 -40.44 34.22
N VAL L 216 45.58 -41.39 33.97
CA VAL L 216 45.62 -42.05 32.67
C VAL L 216 44.52 -43.12 32.67
N ARG L 217 44.11 -43.57 31.49
CA ARG L 217 43.11 -44.64 31.37
C ARG L 217 43.74 -45.98 31.68
N SER L 218 42.96 -46.94 32.17
CA SER L 218 43.55 -48.20 32.66
C SER L 218 44.08 -49.14 31.57
N SER L 219 43.53 -49.08 30.36
CA SER L 219 44.04 -49.91 29.26
C SER L 219 45.53 -49.59 29.02
N VAL L 220 45.98 -48.46 29.58
CA VAL L 220 47.35 -47.98 29.49
C VAL L 220 48.21 -48.53 30.62
N PRO L 221 49.42 -49.00 30.29
CA PRO L 221 50.33 -49.48 31.34
C PRO L 221 51.10 -48.35 32.03
N ARG L 222 51.30 -48.50 33.34
CA ARG L 222 52.15 -47.60 34.15
C ARG L 222 53.44 -48.32 34.62
N LEU L 223 54.55 -48.05 33.95
CA LEU L 223 55.85 -48.65 34.27
C LEU L 223 56.63 -47.75 35.23
N LEU L 224 56.96 -48.24 36.42
CA LEU L 224 57.69 -47.46 37.45
C LEU L 224 59.17 -47.80 37.50
N ILE L 225 59.99 -46.83 37.90
CA ILE L 225 61.41 -47.05 38.12
C ILE L 225 61.84 -46.28 39.38
N ASN L 226 61.98 -47.00 40.49
CA ASN L 226 62.12 -46.38 41.83
C ASN L 226 62.94 -47.22 42.81
N ARG L 227 63.22 -46.65 43.98
CA ARG L 227 63.67 -47.42 45.12
C ARG L 227 62.48 -48.32 45.42
N ASP L 228 61.52 -47.86 46.21
CA ASP L 228 60.31 -48.67 46.43
C ASP L 228 59.11 -48.16 45.58
N LEU L 229 58.04 -48.95 45.53
CA LEU L 229 56.77 -48.55 44.87
C LEU L 229 56.09 -47.50 45.71
N VAL L 230 55.20 -46.70 45.12
CA VAL L 230 54.84 -45.43 45.74
C VAL L 230 53.47 -44.85 45.36
N GLY L 231 52.78 -44.34 46.39
CA GLY L 231 51.50 -43.63 46.22
C GLY L 231 50.36 -44.54 45.81
N PRO L 232 49.57 -44.12 44.80
CA PRO L 232 48.50 -44.99 44.29
C PRO L 232 49.02 -46.19 43.51
N LEU L 233 50.29 -46.21 43.09
CA LEU L 233 50.83 -47.41 42.41
C LEU L 233 50.80 -48.57 43.39
N ALA L 234 51.45 -48.36 44.52
CA ALA L 234 51.42 -49.30 45.62
C ALA L 234 50.01 -49.36 46.18
N TRP L 235 49.56 -48.28 46.84
CA TRP L 235 48.25 -48.24 47.50
C TRP L 235 47.17 -49.07 46.77
N HIS L 236 46.67 -48.59 45.63
CA HIS L 236 45.60 -49.29 44.88
C HIS L 236 46.09 -49.64 43.47
N PRO L 237 46.78 -50.80 43.35
CA PRO L 237 47.37 -51.11 42.04
C PRO L 237 46.31 -51.32 40.95
N ARG L 238 46.75 -51.30 39.68
CA ARG L 238 45.93 -51.63 38.51
C ARG L 238 46.35 -52.98 37.95
N SER L 239 46.05 -53.28 36.69
CA SER L 239 46.40 -54.59 36.16
C SER L 239 47.68 -54.58 35.32
N ARG L 240 47.90 -53.49 34.59
CA ARG L 240 49.01 -53.41 33.64
C ARG L 240 50.21 -52.63 34.17
N ASP L 241 50.36 -52.59 35.50
CA ASP L 241 51.48 -51.89 36.11
C ASP L 241 52.73 -52.75 36.04
N VAL L 242 53.88 -52.11 35.88
CA VAL L 242 55.14 -52.82 35.86
C VAL L 242 56.17 -52.03 36.66
N ALA L 243 56.62 -52.56 37.79
CA ALA L 243 57.72 -51.93 38.54
C ALA L 243 59.05 -52.54 38.11
N GLN L 244 60.04 -51.71 37.84
CA GLN L 244 61.41 -52.21 37.77
C GLN L 244 62.19 -51.51 38.87
N LEU L 245 61.91 -51.96 40.09
CA LEU L 245 62.47 -51.37 41.28
C LEU L 245 63.96 -51.66 41.40
N GLY L 246 64.69 -50.64 41.80
CA GLY L 246 66.14 -50.69 41.88
C GLY L 246 66.70 -49.33 41.49
N ASP L 247 67.88 -49.36 40.87
CA ASP L 247 68.53 -48.15 40.40
C ASP L 247 67.73 -47.54 39.24
N VAL L 248 67.94 -46.24 39.04
CA VAL L 248 67.42 -45.57 37.86
C VAL L 248 68.31 -45.92 36.67
N VAL L 249 69.63 -45.91 36.86
CA VAL L 249 70.56 -46.06 35.73
C VAL L 249 70.66 -47.50 35.19
N HIS L 250 70.60 -48.51 36.06
CA HIS L 250 70.50 -49.93 35.60
C HIS L 250 69.05 -50.30 35.24
N GLY L 251 68.08 -49.76 35.97
CA GLY L 251 66.68 -49.95 35.67
C GLY L 251 66.32 -49.43 34.28
N VAL L 252 67.14 -48.53 33.75
CA VAL L 252 66.97 -47.97 32.40
C VAL L 252 67.87 -48.64 31.35
N GLU L 253 69.15 -48.83 31.66
CA GLU L 253 70.10 -49.47 30.71
C GLU L 253 69.62 -50.83 30.22
N SER L 254 68.94 -51.56 31.11
CA SER L 254 68.31 -52.83 30.77
C SER L 254 67.18 -52.64 29.75
N LEU L 255 66.40 -51.57 29.93
CA LEU L 255 65.35 -51.22 28.97
C LEU L 255 65.93 -50.69 27.66
N VAL L 256 67.09 -50.05 27.72
CA VAL L 256 67.76 -49.56 26.51
C VAL L 256 68.22 -50.73 25.62
N GLU L 257 68.66 -51.83 26.23
CA GLU L 257 69.08 -53.02 25.45
C GLU L 257 67.89 -53.90 25.03
N LEU L 258 66.83 -53.95 25.84
CA LEU L 258 65.58 -54.61 25.45
C LEU L 258 64.83 -53.86 24.35
N LEU L 259 65.17 -52.59 24.16
CA LEU L 259 64.78 -51.87 22.97
C LEU L 259 65.78 -52.14 21.84
N GLY L 260 67.06 -52.28 22.20
CA GLY L 260 68.11 -52.64 21.25
C GLY L 260 68.98 -51.46 20.80
N TRP L 261 68.86 -50.35 21.52
CA TRP L 261 69.50 -49.09 21.12
C TRP L 261 70.81 -48.81 21.86
N THR L 262 71.29 -49.77 22.64
CA THR L 262 72.53 -49.62 23.41
C THR L 262 73.62 -48.96 22.57
N GLU L 263 73.75 -49.46 21.34
CA GLU L 263 74.71 -48.94 20.37
C GLU L 263 74.41 -47.48 20.02
N GLU L 264 73.21 -47.25 19.50
CA GLU L 264 72.76 -45.91 19.09
C GLU L 264 72.65 -44.91 20.23
N MET L 265 72.52 -45.41 21.46
CA MET L 265 72.50 -44.56 22.64
C MET L 265 73.84 -43.89 22.92
N ARG L 266 74.94 -44.64 22.83
CA ARG L 266 76.28 -44.09 23.06
C ARG L 266 76.74 -43.13 21.95
N ASP L 267 76.26 -43.38 20.72
CA ASP L 267 76.46 -42.44 19.63
C ASP L 267 76.02 -41.08 20.12
N LEU L 268 74.80 -41.04 20.67
CA LEU L 268 74.21 -39.79 21.16
C LEU L 268 75.03 -39.18 22.30
N VAL L 269 75.28 -39.98 23.34
CA VAL L 269 75.97 -39.48 24.51
C VAL L 269 77.33 -38.86 24.13
N GLN L 270 77.98 -39.42 23.11
CA GLN L 270 79.26 -38.91 22.58
C GLN L 270 79.20 -37.43 22.23
N ARG L 271 78.24 -37.07 21.38
CA ARG L 271 78.11 -35.70 20.88
C ARG L 271 77.76 -34.80 22.05
N GLU L 272 76.70 -35.18 22.76
CA GLU L 272 76.07 -34.35 23.81
C GLU L 272 77.00 -34.03 24.98
N THR L 273 77.78 -35.02 25.43
CA THR L 273 78.83 -34.78 26.43
C THR L 273 80.05 -34.12 25.78
N GLY L 274 80.24 -34.35 24.49
CA GLY L 274 81.28 -33.68 23.70
C GLY L 274 81.29 -32.17 23.87
N LYS L 275 80.31 -31.48 23.27
CA LYS L 275 80.20 -30.00 23.38
C LYS L 275 80.36 -29.50 24.83
N LEU L 276 79.61 -30.12 25.73
CA LEU L 276 79.62 -29.82 27.18
C LEU L 276 81.00 -30.07 27.81
PA CNA M . 22.11 9.88 -12.76
O1A CNA M . 23.22 10.25 -11.68
O2A CNA M . 22.15 8.48 -13.19
O5B CNA M . 22.13 10.93 -13.90
C5B CNA M . 22.24 12.33 -13.70
C4B CNA M . 21.83 12.98 -15.05
O4B CNA M . 22.06 14.39 -14.98
C3B CNA M . 22.69 12.51 -16.19
O3B CNA M . 21.98 12.52 -17.43
C2B CNA M . 23.77 13.53 -16.23
O2B CNA M . 24.17 13.55 -17.57
C1B CNA M . 23.06 14.79 -15.88
N9A CNA M . 23.69 15.74 -14.99
C8A CNA M . 24.24 15.40 -13.85
N7A CNA M . 24.68 16.49 -13.26
C5A CNA M . 24.39 17.52 -14.01
C6A CNA M . 24.63 18.79 -13.83
N6A CNA M . 25.26 19.09 -12.73
N1A CNA M . 24.27 19.72 -14.70
C2A CNA M . 23.62 19.30 -15.82
N3A CNA M . 23.38 17.94 -15.98
C4A CNA M . 23.78 17.06 -15.08
O3 CNA M . 20.75 10.31 -12.07
PN CNA M . 19.40 9.57 -12.27
O1N CNA M . 18.61 9.69 -13.50
O2N CNA M . 19.47 8.06 -11.89
O5D CNA M . 18.65 10.11 -11.10
C5D CNA M . 18.94 9.66 -9.76
C4D CNA M . 19.36 8.16 -9.55
C4' CNA M . 20.68 8.16 -8.80
C3D CNA M . 18.48 7.54 -8.55
O3D CNA M . 18.85 6.21 -8.45
C2D CNA M . 18.86 8.33 -7.32
O2D CNA M . 18.38 7.68 -6.19
C1D CNA M . 20.34 8.23 -7.36
N1N CNA M . 21.08 9.37 -6.78
C2N CNA M . 20.54 10.37 -5.99
C3N CNA M . 21.36 11.39 -5.50
C7N CNA M . 20.81 12.38 -4.70
O7N CNA M . 19.87 12.12 -3.98
N7N CNA M . 21.39 13.60 -4.76
C4N CNA M . 22.71 11.39 -5.79
C5N CNA M . 23.24 10.40 -6.56
C6N CNA M . 22.44 9.40 -7.05
CAA SR7 N . 22.32 3.98 -9.84
CAB SR7 N . 21.71 4.22 -8.64
CAC SR7 N . 20.55 3.48 -8.25
CAD SR7 N . 20.07 2.52 -9.17
CAE SR7 N . 20.68 2.28 -10.37
CAF SR7 N . 21.80 3.01 -10.71
CAG SR7 N . 24.31 7.79 -4.83
CAH SR7 N . 23.11 7.85 -4.15
NAI SR7 N . 22.17 7.09 -4.56
CAJ SR7 N . 22.43 6.28 -5.62
CAK SR7 N . 23.60 6.21 -6.34
NAL SR7 N . 24.59 6.99 -5.90
CAM SR7 N . 24.89 9.46 -3.18
CAN SR7 N . 23.67 9.45 -2.57
CAO SR7 N . 22.74 8.61 -3.07
CAP SR7 N . 25.22 8.65 -4.29
CAQ SR7 N . 14.38 2.51 -5.77
CAR SR7 N . 13.60 2.54 -6.99
NAS SR7 N . 13.30 1.19 -7.50
CAT SR7 N . 13.75 0.15 -6.59
CAU SR7 N . 15.22 0.36 -6.39
NAV SR7 N . 15.59 1.74 -6.03
NAW SR7 N . 18.24 3.28 -5.59
CAX SR7 N . 18.83 4.44 -5.32
NAY SR7 N . 19.76 4.66 -6.25
CAZ SR7 N . 19.80 3.64 -7.10
CBA SR7 N . 18.83 2.80 -6.68
SBB SR7 N . 18.14 5.01 -4.01
CBC SR7 N . 17.10 3.83 -3.77
CBD SR7 N . 17.28 2.96 -4.75
NBE SR7 N . 22.16 5.15 -7.83
CBF SR7 N . 23.46 5.26 -7.37
OBG SR7 N . 24.37 4.50 -7.68
CBH SR7 N . 16.50 1.67 -4.88
ZN ZN O . 10.16 -1.45 16.29
PA CNA P . 9.69 -8.45 -28.87
O1A CNA P . 9.50 -9.04 -30.31
O2A CNA P . 10.50 -7.23 -28.86
O5B CNA P . 10.23 -9.60 -28.00
C5B CNA P . 9.67 -10.87 -28.09
C4B CNA P . 10.15 -11.56 -26.81
O4B CNA P . 9.59 -12.85 -26.80
C3B CNA P . 11.63 -11.75 -26.85
O3B CNA P . 12.22 -11.65 -25.55
C2B CNA P . 11.77 -13.14 -27.40
O2B CNA P . 13.01 -13.61 -26.91
C1B CNA P . 10.60 -13.83 -26.78
N9A CNA P . 9.90 -14.77 -27.60
C8A CNA P . 9.47 -14.45 -28.78
N7A CNA P . 8.83 -15.47 -29.28
C5A CNA P . 8.84 -16.42 -28.43
C6A CNA P . 8.34 -17.62 -28.51
N6A CNA P . 7.72 -17.91 -29.62
N1A CNA P . 8.43 -18.50 -27.54
C2A CNA P . 9.09 -18.08 -26.41
N3A CNA P . 9.63 -16.79 -26.34
C4A CNA P . 9.49 -15.98 -27.38
O3 CNA P . 8.23 -8.28 -28.27
PN CNA P . 7.78 -7.16 -27.27
O1N CNA P . 7.72 -7.42 -25.82
O2N CNA P . 8.45 -5.79 -27.50
O5D CNA P . 6.42 -6.85 -27.74
C5D CNA P . 6.22 -6.60 -29.11
C4D CNA P . 6.44 -5.12 -29.42
C4' CNA P . 6.54 -5.03 -30.88
C3D CNA P . 5.23 -4.29 -29.17
O3D CNA P . 5.51 -2.93 -29.46
C2D CNA P . 4.23 -4.82 -30.14
O2D CNA P . 3.32 -3.80 -30.50
C1D CNA P . 5.09 -5.15 -31.33
N1N CNA P . 4.75 -6.42 -32.04
C2N CNA P . 3.49 -7.06 -31.95
C3N CNA P . 3.23 -8.21 -32.71
C7N CNA P . 2.02 -8.88 -32.64
O7N CNA P . 1.98 -10.11 -32.63
N7N CNA P . 0.97 -8.12 -32.65
C4N CNA P . 4.19 -8.72 -33.55
C5N CNA P . 5.41 -8.09 -33.65
C6N CNA P . 5.68 -6.95 -32.92
CAA SR7 Q . 9.76 -2.55 -31.88
CAB SR7 Q . 8.47 -2.24 -32.21
CAC SR7 Q . 7.82 -1.13 -31.58
CAD SR7 Q . 8.55 -0.38 -30.65
CAE SR7 Q . 9.85 -0.69 -30.35
CAF SR7 Q . 10.45 -1.78 -30.97
CAG SR7 Q . 5.78 -5.75 -36.04
CAH SR7 Q . 4.57 -5.26 -35.55
NAI SR7 Q . 4.65 -4.29 -34.72
CAJ SR7 Q . 5.88 -3.80 -34.39
CAK SR7 Q . 7.09 -4.28 -34.84
NAL SR7 Q . 7.03 -5.29 -35.72
CAM SR7 Q . 4.26 -7.21 -37.19
CAN SR7 Q . 3.09 -6.66 -36.66
CAO SR7 Q . 3.27 -5.65 -35.80
CAP SR7 Q . 5.57 -6.77 -36.91
CAQ SR7 Q . 3.21 2.12 -28.96
CAR SR7 Q . 3.14 2.75 -27.67
NAS SR7 Q . 4.42 3.34 -27.30
CAT SR7 Q . 4.60 4.51 -28.16
CAU SR7 Q . 4.14 4.20 -29.55
NAV SR7 Q . 4.15 2.77 -29.85
NAW SR7 Q . 4.71 0.41 -31.66
CAX SR7 Q . 4.40 -0.85 -31.98
NAY SR7 Q . 5.51 -1.54 -32.00
CAZ SR7 Q . 6.52 -0.74 -31.73
CBA SR7 Q . 6.01 0.46 -31.48
SBB SR7 Q . 2.85 -0.95 -32.20
CBC SR7 Q . 2.50 0.59 -31.88
CBD SR7 Q . 3.65 1.19 -31.61
NBE SR7 Q . 7.77 -3.02 -33.04
CBF SR7 Q . 8.13 -3.53 -34.26
OBG SR7 Q . 9.15 -3.24 -34.87
CBH SR7 Q . 3.78 2.65 -31.24
ZN ZN R . -14.37 13.80 -41.05
PA CNA S . -23.03 10.36 13.43
O1A CNA S . -22.73 10.79 14.96
O2A CNA S . -23.63 11.41 12.58
O5B CNA S . -23.70 8.89 13.53
C5B CNA S . -23.07 7.99 14.45
C4B CNA S . -23.65 6.60 14.23
O4B CNA S . -23.07 5.85 15.31
C3B CNA S . -25.14 6.60 14.41
O3B CNA S . -25.84 6.00 13.26
C2B CNA S . -25.29 5.81 15.71
O2B CNA S . -26.39 4.92 15.55
C1B CNA S . -24.03 5.02 15.86
N9A CNA S . -23.52 4.86 17.21
C8A CNA S . -23.10 5.80 18.04
N7A CNA S . -22.65 5.24 19.16
C5A CNA S . -22.78 3.94 19.04
C6A CNA S . -22.47 2.94 19.86
N6A CNA S . -21.95 3.22 21.05
N1A CNA S . -22.67 1.67 19.54
C2A CNA S . -23.22 1.44 18.28
N3A CNA S . -23.53 2.50 17.43
C4A CNA S . -23.30 3.72 17.83
O3 CNA S . -21.58 9.83 12.92
PN CNA S . -21.00 9.92 11.42
O1N CNA S . -20.99 8.68 10.58
O2N CNA S . -21.62 11.15 10.53
O5D CNA S . -19.54 10.37 11.84
C5D CNA S . -19.28 11.64 12.51
C4D CNA S . -19.43 12.86 11.57
C4' CNA S . -19.49 14.10 12.42
C3D CNA S . -18.20 13.14 10.74
O3D CNA S . -18.42 14.29 9.84
C2D CNA S . -17.16 13.40 11.85
O2D CNA S . -16.15 14.25 11.32
C1D CNA S . -17.99 14.13 12.91
N1N CNA S . -17.82 13.67 14.31
C2N CNA S . -16.63 13.14 14.83
C3N CNA S . -16.59 12.78 16.19
C7N CNA S . -15.46 12.24 16.76
O7N CNA S . -14.36 12.63 16.43
N7N CNA S . -15.62 11.34 17.73
C4N CNA S . -17.67 12.97 17.00
C5N CNA S . -18.82 13.52 16.47
C6N CNA S . -18.88 13.88 15.15
C1 GOL T . -0.18 9.51 0.81
O1 GOL T . 0.46 10.65 1.37
C2 GOL T . -0.47 9.71 -0.65
O2 GOL T . -1.26 10.87 -0.85
C3 GOL T . -1.30 8.62 -1.29
O3 GOL T . -2.02 9.30 -2.31
CAA SR7 U . -22.30 17.14 11.53
CAB SR7 U . -20.93 17.27 11.61
CAC SR7 U . -20.20 17.61 10.43
CAD SR7 U . -20.90 17.80 9.22
CAE SR7 U . -22.28 17.67 9.16
CAF SR7 U . -22.96 17.34 10.32
CAG SR7 U . -18.59 16.69 16.94
CAH SR7 U . -17.32 16.79 16.39
NAI SR7 U . -17.21 17.11 15.14
CAJ SR7 U . -18.35 17.31 14.43
CAK SR7 U . -19.64 17.20 14.96
NAL SR7 U . -19.75 16.89 16.25
CAM SR7 U . -17.41 16.13 18.98
CAN SR7 U . -16.15 16.24 18.39
CAO SR7 U . -16.12 16.58 17.06
CAP SR7 U . -18.61 16.36 18.28
CAQ SR7 U . -15.43 17.34 6.26
CAR SR7 U . -15.20 17.59 4.86
NAS SR7 U . -16.42 17.24 4.14
CAT SR7 U . -17.38 18.34 4.47
CAU SR7 U . -16.94 19.22 5.69
NAV SR7 U . -16.31 18.42 6.76
NAW SR7 U . -16.88 18.20 9.59
CAX SR7 U . -16.77 17.53 10.75
NAY SR7 U . -17.99 17.24 11.19
CAZ SR7 U . -18.87 17.73 10.33
CBA SR7 U . -18.19 18.32 9.33
SBB SR7 U . -15.26 17.38 11.09
CBC SR7 U . -14.65 18.15 9.76
CBD SR7 U . -15.70 18.54 9.06
NBE SR7 U . -20.26 17.06 12.74
CBF SR7 U . -20.65 17.46 14.01
OBG SR7 U . -21.69 18.05 14.31
CBH SR7 U . -15.63 19.29 7.73
ZN ZN V . 3.69 32.27 8.24
PA CNA W . -34.52 13.11 -10.93
O1A CNA W . -35.71 12.90 -12.06
O2A CNA W . -34.65 12.35 -9.66
O5B CNA W . -34.37 14.72 -10.83
C5B CNA W . -34.15 15.46 -12.03
C4B CNA W . -33.96 16.93 -11.63
O4B CNA W . -34.20 17.53 -12.87
C3B CNA W . -35.02 17.43 -10.68
O3B CNA W . -34.46 18.17 -9.52
C2B CNA W . -35.86 18.30 -11.62
O2B CNA W . -36.26 19.48 -10.94
C1B CNA W . -34.92 18.70 -12.66
N9A CNA W . -35.49 18.86 -13.95
C8A CNA W . -36.12 17.95 -14.67
N7A CNA W . -36.48 18.48 -15.83
C5A CNA W . -36.06 19.72 -15.85
C6A CNA W . -36.17 20.66 -16.78
N6A CNA W . -36.79 20.37 -17.91
N1A CNA W . -35.68 21.87 -16.60
C2A CNA W . -35.04 22.10 -15.39
N3A CNA W . -34.92 21.10 -14.42
C4A CNA W . -35.45 19.93 -14.69
O3 CNA W . -33.08 12.87 -11.75
PN CNA W . -31.76 12.11 -11.16
O1N CNA W . -30.62 12.82 -10.49
O2N CNA W . -32.20 10.99 -10.13
O5D CNA W . -31.39 11.31 -12.47
C5D CNA W . -32.33 10.33 -12.95
C4D CNA W . -32.24 9.01 -12.13
C4' CNA W . -33.46 8.21 -12.51
C3D CNA W . -31.12 8.11 -12.57
O3D CNA W . -31.04 6.93 -11.70
C2D CNA W . -31.59 7.80 -13.96
O2D CNA W . -31.12 6.55 -14.28
C1D CNA W . -33.13 7.73 -13.89
N1N CNA W . -33.86 8.41 -14.98
C2N CNA W . -33.35 8.45 -16.27
C3N CNA W . -34.06 9.05 -17.29
C7N CNA W . -33.50 9.08 -18.56
O7N CNA W . -32.78 8.15 -18.88
N7N CNA W . -33.79 10.10 -19.37
C4N CNA W . -35.30 9.60 -17.05
C5N CNA W . -35.81 9.55 -15.77
C6N CNA W . -35.11 8.95 -14.74
C1 GOL X . -11.73 2.11 -17.95
O1 GOL X . -10.96 3.21 -17.49
C2 GOL X . -11.68 2.29 -19.44
O2 GOL X . -11.56 3.68 -19.60
C3 GOL X . -12.83 1.67 -20.23
O3 GOL X . -12.99 2.33 -21.49
CAA SR7 Y . -34.98 6.46 -9.25
CAB SR7 Y . -34.42 5.69 -10.27
CAC SR7 Y . -33.31 4.87 -9.96
CAD SR7 Y . -32.81 4.88 -8.64
CAE SR7 Y . -33.39 5.62 -7.63
CAF SR7 Y . -34.48 6.41 -7.95
CAG SR7 Y . -36.00 5.72 -15.48
CAH SR7 Y . -37.25 6.15 -15.85
NAI SR7 Y . -38.14 6.46 -14.92
CAJ SR7 Y . -37.78 6.35 -13.57
CAK SR7 Y . -36.52 5.92 -13.20
NAL SR7 Y . -35.64 5.61 -14.18
CAM SR7 Y . -35.44 5.52 -17.83
CAN SR7 Y . -36.70 5.95 -18.18
CAO SR7 Y . -37.60 6.27 -17.18
CAP SR7 Y . -35.10 5.41 -16.48
CAQ SR7 Y . -27.99 2.73 -10.84
CAR SR7 Y . -26.81 2.97 -9.90
NAS SR7 Y . -27.12 2.51 -8.54
CAT SR7 Y . -27.21 1.07 -8.55
CAU SR7 Y . -28.16 0.60 -9.69
NAV SR7 Y . -28.91 1.67 -10.35
NAW SR7 Y . -31.22 2.86 -11.79
CAX SR7 Y . -31.75 3.66 -12.72
NAY SR7 Y . -32.59 4.49 -12.16
CAZ SR7 Y . -32.62 4.18 -10.88
CBA SR7 Y . -31.75 3.20 -10.64
SBB SR7 Y . -31.16 3.27 -14.11
CBC SR7 Y . -30.17 2.08 -13.60
CBD SR7 Y . -30.35 2.01 -12.29
NBE SR7 Y . -34.88 5.74 -11.55
CBF SR7 Y . -36.20 5.83 -11.83
OBG SR7 Y . -37.09 5.86 -10.97
CBH SR7 Y . -29.62 1.00 -11.43
ZN ZN Z . -24.53 -17.92 -23.79
PA CNA AA . -38.49 -25.69 1.85
O1A CNA AA . -36.96 -25.84 2.27
O2A CNA AA . -38.57 -24.54 0.92
O5B CNA AA . -39.43 -25.68 3.15
C5B CNA AA . -38.97 -26.18 4.36
C4B CNA AA . -40.28 -26.30 5.14
O4B CNA AA . -40.31 -27.25 6.23
C3B CNA AA . -40.58 -25.01 5.83
O3B CNA AA . -41.95 -25.06 6.25
C2B CNA AA . -39.68 -25.09 7.04
O2B CNA AA . -40.04 -24.04 8.02
C1B CNA AA . -40.00 -26.52 7.47
N9A CNA AA . -38.87 -27.26 8.08
C8A CNA AA . -37.61 -27.34 7.66
N7A CNA AA . -36.96 -28.13 8.51
C5A CNA AA . -37.81 -28.53 9.43
C6A CNA AA . -37.65 -29.33 10.47
N6A CNA AA . -36.44 -29.79 10.61
N1A CNA AA . -38.63 -29.67 11.33
C2A CNA AA . -39.87 -29.13 11.09
N3A CNA AA . -40.04 -28.29 9.97
C4A CNA AA . -38.99 -28.01 9.17
O3 CNA AA . -38.88 -27.12 1.26
PN CNA AA . -40.13 -27.32 0.43
O1N CNA AA . -41.43 -27.46 1.13
O2N CNA AA . -40.01 -26.13 -0.53
O5D CNA AA . -39.88 -28.39 -0.69
C5D CNA AA . -38.54 -28.53 -1.14
C4D CNA AA . -38.39 -27.67 -2.38
C4' CNA AA . -36.98 -27.13 -2.40
C3D CNA AA . -38.42 -28.45 -3.65
O3D CNA AA . -38.19 -27.53 -4.77
C2D CNA AA . -37.23 -29.36 -3.53
O2D CNA AA . -36.78 -29.77 -4.87
C1D CNA AA . -36.20 -28.42 -2.88
N1N CNA AA . -35.29 -29.03 -1.84
C2N CNA AA . -35.14 -30.41 -1.56
C3N CNA AA . -34.23 -30.86 -0.57
C7N CNA AA . -34.04 -32.23 -0.23
O7N CNA AA . -34.18 -32.66 0.94
N7N CNA AA . -33.62 -33.02 -1.23
C4N CNA AA . -33.48 -29.93 0.12
C5N CNA AA . -33.63 -28.59 -0.18
C6N CNA AA . -34.51 -28.15 -1.15
CAA SR7 BA . -36.10 -23.45 -3.82
CAB SR7 BA . -35.72 -24.54 -4.60
CAC SR7 BA . -36.44 -24.91 -5.78
CAD SR7 BA . -37.53 -24.09 -6.08
CAE SR7 BA . -37.89 -22.98 -5.32
CAF SR7 BA . -37.17 -22.65 -4.18
CAG SR7 BA . -31.57 -27.78 -2.28
CAH SR7 BA . -31.96 -28.83 -3.13
NAI SR7 BA . -32.75 -28.55 -4.09
CAJ SR7 BA . -33.17 -27.24 -4.21
CAK SR7 BA . -32.81 -26.17 -3.37
NAL SR7 BA . -31.98 -26.48 -2.37
CAM SR7 BA . -30.31 -29.50 -1.20
CAN SR7 BA . -30.72 -30.49 -2.09
CAO SR7 BA . -31.57 -30.14 -3.09
CAP SR7 BA . -30.71 -28.16 -1.29
CAQ SR7 BA . -39.47 -28.41 -9.45
CAR SR7 BA . -40.64 -28.98 -10.20
NAS SR7 BA . -41.44 -27.78 -10.55
CAT SR7 BA . -40.70 -26.83 -11.39
CAU SR7 BA . -39.26 -27.26 -11.64
NAV SR7 BA . -38.58 -27.62 -10.38
NAW SR7 BA . -36.41 -27.52 -8.23
CAX SR7 BA . -35.74 -28.05 -7.19
NAY SR7 BA . -35.68 -27.14 -6.20
CAZ SR7 BA . -36.25 -26.02 -6.58
CBA SR7 BA . -36.74 -26.27 -7.82
SBB SR7 BA . -35.31 -29.56 -7.57
CBC SR7 BA . -35.93 -29.58 -9.03
CBD SR7 BA . -36.49 -28.41 -9.26
NBE SR7 BA . -34.72 -25.31 -4.18
CBF SR7 BA . -33.46 -24.97 -3.75
OBG SR7 BA . -32.91 -23.86 -3.78
CBH SR7 BA . -37.26 -28.24 -10.61
ZN ZN CA . -27.44 -40.76 -26.76
PA CNA DA . 23.90 -27.24 5.21
O1A CNA DA . 22.44 -27.57 4.79
O2A CNA DA . 24.11 -25.80 5.28
O5B CNA DA . 24.91 -28.06 4.28
C5B CNA DA . 24.62 -29.39 3.89
C4B CNA DA . 25.96 -29.95 3.44
O4B CNA DA . 25.75 -31.35 3.41
C3B CNA DA . 26.31 -29.49 2.00
O3B CNA DA . 27.74 -29.19 1.84
C2B CNA DA . 25.91 -30.68 1.10
O2B CNA DA . 26.94 -30.90 0.10
C1B CNA DA . 25.86 -31.85 2.05
N9A CNA DA . 24.70 -32.74 1.91
C8A CNA DA . 23.43 -32.49 2.22
N7A CNA DA . 22.71 -33.59 1.96
C5A CNA DA . 23.54 -34.51 1.50
C6A CNA DA . 23.32 -35.75 1.12
N6A CNA DA . 22.07 -36.13 1.21
N1A CNA DA . 24.29 -36.54 0.67
C2A CNA DA . 25.59 -36.05 0.62
N3A CNA DA . 25.82 -34.73 1.04
C4A CNA DA . 24.77 -34.00 1.47
O3 CNA DA . 23.99 -27.96 6.63
PN CNA DA . 25.23 -27.78 7.63
O1N CNA DA . 25.39 -28.73 8.75
O2N CNA DA . 26.55 -27.85 6.73
O5D CNA DA . 24.94 -26.33 8.13
C5D CNA DA . 24.84 -25.91 9.45
C4D CNA DA . 23.39 -25.76 9.75
C4' CNA DA . 22.56 -26.94 9.32
C3D CNA DA . 23.25 -25.85 11.29
O3D CNA DA . 22.90 -24.60 11.86
C2D CNA DA . 22.12 -26.80 11.49
O2D CNA DA . 21.35 -26.36 12.56
C1D CNA DA . 21.42 -26.64 10.17
N1N CNA DA . 20.28 -27.56 9.89
C2N CNA DA . 19.98 -28.70 10.68
C3N CNA DA . 18.91 -29.53 10.35
C7N CNA DA . 18.62 -30.67 11.11
O7N CNA DA . 18.28 -30.60 12.29
N7N CNA DA . 18.78 -31.84 10.48
C4N CNA DA . 18.14 -29.21 9.24
C5N CNA DA . 18.44 -28.11 8.47
C6N CNA DA . 19.50 -27.27 8.78
CAA SR7 EA . 22.11 -22.14 7.85
CAB SR7 EA . 21.53 -22.36 9.07
CAC SR7 EA . 22.12 -21.85 10.26
CAD SR7 EA . 23.29 -21.10 10.10
CAE SR7 EA . 23.84 -20.84 8.86
CAF SR7 EA . 23.25 -21.36 7.73
CAG SR7 EA . 16.71 -25.72 9.29
CAH SR7 EA . 17.11 -26.14 10.55
NAI SR7 EA . 18.15 -25.58 11.05
CAJ SR7 EA . 18.78 -24.59 10.34
CAK SR7 EA . 18.41 -24.15 9.07
NAL SR7 EA . 17.32 -24.76 8.54
CAM SR7 EA . 15.00 -27.36 9.62
CAN SR7 EA . 15.46 -27.74 10.87
CAO SR7 EA . 16.56 -27.10 11.35
CAP SR7 EA . 15.60 -26.38 8.84
CAQ SR7 EA . 24.25 -21.97 16.37
CAR SR7 EA . 25.73 -22.01 16.28
NAS SR7 EA . 26.33 -20.68 16.25
CAT SR7 EA . 25.56 -19.83 17.12
CAU SR7 EA . 24.24 -19.61 16.47
NAV SR7 EA . 23.73 -20.76 15.72
NAW SR7 EA . 21.52 -21.99 13.72
CAX SR7 EA . 20.82 -23.04 13.30
NAY SR7 EA . 20.95 -23.09 11.96
CAZ SR7 EA . 21.69 -22.09 11.53
CBA SR7 EA . 22.07 -21.44 12.62
SBB SR7 EA . 20.10 -23.78 14.71
CBC SR7 EA . 20.75 -22.67 15.77
CBD SR7 EA . 21.49 -21.80 15.06
NBE SR7 EA . 20.47 -23.15 9.21
CBF SR7 EA . 19.25 -23.11 8.57
OBG SR7 EA . 18.83 -22.23 7.82
CBH SR7 EA . 22.24 -20.63 15.75
ZN ZN FA . 10.37 -18.21 35.81
PA CNA GA . -20.52 49.46 1.46
O1A CNA GA . -19.35 48.63 0.67
O2A CNA GA . -20.79 48.69 2.67
O5B CNA GA . -21.87 49.68 0.57
C5B CNA GA . -22.23 50.93 0.08
C4B CNA GA . -23.58 51.24 0.70
O4B CNA GA . -24.14 52.34 -0.03
C3B CNA GA . -24.59 50.14 0.54
O3B CNA GA . -25.65 50.34 1.48
C2B CNA GA . -25.15 50.34 -0.84
O2B CNA GA . -26.54 49.89 -0.87
C1B CNA GA . -25.07 51.84 -1.06
N9A CNA GA . -24.63 52.26 -2.47
C8A CNA GA . -23.57 51.85 -3.18
N7A CNA GA . -23.57 52.49 -4.34
C5A CNA GA . -24.61 53.31 -4.37
C6A CNA GA . -25.04 54.16 -5.30
N6A CNA GA . -24.31 54.22 -6.39
N1A CNA GA . -26.13 54.92 -5.17
C2A CNA GA . -26.84 54.79 -3.98
N3A CNA GA . -26.38 53.88 -3.00
C4A CNA GA . -25.27 53.16 -3.21
O3 CNA GA . -19.95 50.94 1.73
PN CNA GA . -19.44 51.28 3.13
O1N CNA GA . -20.39 52.02 3.99
O2N CNA GA . -18.95 49.92 3.63
O5D CNA GA . -18.10 52.03 3.07
C5D CNA GA . -17.12 51.73 4.07
C4D CNA GA . -16.45 50.40 3.70
C4' CNA GA . -16.34 50.14 2.21
C3D CNA GA . -15.02 50.41 4.13
O3D CNA GA . -14.59 49.04 4.05
C2D CNA GA . -14.34 51.22 3.07
O2D CNA GA . -12.95 51.05 3.33
C1D CNA GA . -14.88 50.42 1.90
N1N CNA GA . -14.82 50.93 0.45
C2N CNA GA . -14.24 52.14 0.01
C3N CNA GA . -14.26 52.50 -1.37
C7N CNA GA . -13.67 53.69 -1.84
O7N CNA GA . -12.57 54.05 -1.43
N7N CNA GA . -14.38 54.35 -2.77
C4N CNA GA . -14.85 51.63 -2.31
C5N CNA GA . -15.42 50.44 -1.89
C6N CNA GA . -15.42 50.11 -0.54
CAA SR7 HA . -15.20 45.17 3.38
CAB SR7 HA . -14.05 45.97 3.46
CAC SR7 HA . -13.44 46.30 4.70
CAD SR7 HA . -14.06 45.74 5.83
CAE SR7 HA . -15.18 44.91 5.75
CAF SR7 HA . -15.75 44.61 4.52
CAG SR7 HA . -11.80 48.08 -1.49
CAH SR7 HA . -12.49 49.24 -1.31
NAI SR7 HA . -13.41 49.25 -0.41
CAJ SR7 HA . -13.68 48.11 0.33
CAK SR7 HA . -13.01 46.92 0.17
NAL SR7 HA . -12.06 46.96 -0.78
CAM SR7 HA . -10.59 49.27 -3.17
CAN SR7 HA . -11.29 50.44 -2.99
CAO SR7 HA . -12.25 50.40 -2.02
CAP SR7 HA . -10.83 48.12 -2.44
CAQ SR7 HA . -10.68 50.40 9.03
CAR SR7 HA . -11.84 50.40 9.96
NAS SR7 HA . -11.44 49.80 11.26
CAT SR7 HA . -10.01 49.47 11.35
CAU SR7 HA . -9.64 48.58 10.19
NAV SR7 HA . -10.24 48.98 8.90
NAW SR7 HA . -10.77 48.34 5.83
CAX SR7 HA . -11.04 48.84 4.62
NAY SR7 HA . -12.04 48.13 4.07
CAZ SR7 HA . -12.40 47.16 4.91
CBA SR7 HA . -11.64 47.32 6.01
SBB SR7 HA . -10.06 50.06 4.34
CBC SR7 HA . -9.25 50.00 5.71
CBD SR7 HA . -9.76 49.00 6.43
NBE SR7 HA . -13.59 46.52 2.33
CBF SR7 HA . -13.36 45.90 1.11
OBG SR7 HA . -13.27 44.67 0.93
CBH SR7 HA . -9.20 48.74 7.86
ZN ZN IA . 13.42 53.13 8.86
PA CNA JA . 8.20 88.71 20.66
O1A CNA JA . 7.61 89.99 19.87
O2A CNA JA . 7.71 88.65 22.04
O5B CNA JA . 9.83 88.54 20.62
C5B CNA JA . 10.38 87.27 20.41
C4B CNA JA . 10.95 86.73 21.73
O4B CNA JA . 12.16 85.95 21.43
C3B CNA JA . 11.48 87.77 22.72
O3B CNA JA . 11.75 87.15 24.06
C2B CNA JA . 12.78 88.16 22.04
O2B CNA JA . 13.70 88.81 23.00
C1B CNA JA . 13.32 86.81 21.56
N9A CNA JA . 14.00 86.85 20.23
C8A CNA JA . 13.77 87.52 19.09
N7A CNA JA . 14.67 87.15 18.20
C5A CNA JA . 15.46 86.24 18.78
C6A CNA JA . 16.50 85.57 18.33
N6A CNA JA . 16.83 85.85 17.06
N1A CNA JA . 17.19 84.70 19.08
C2A CNA JA . 16.77 84.48 20.38
N3A CNA JA . 15.65 85.19 20.84
C4A CNA JA . 15.04 86.05 20.03
O3 CNA JA . 7.63 87.46 19.84
PN CNA JA . 6.26 86.79 20.25
O1N CNA JA . 6.39 85.51 20.99
O2N CNA JA . 5.41 87.97 20.95
O5D CNA JA . 5.43 86.67 18.92
C5D CNA JA . 4.02 86.58 19.05
C4D CNA JA . 3.42 87.94 18.77
C4' CNA JA . 4.19 88.88 17.79
C3D CNA JA . 2.18 87.62 18.04
O3D CNA JA . 1.29 88.72 18.27
C2D CNA JA . 2.69 87.48 16.55
O2D CNA JA . 1.57 87.38 15.63
C1D CNA JA . 3.60 88.73 16.36
N1N CNA JA . 4.74 88.57 15.38
C2N CNA JA . 4.80 87.66 14.29
C3N CNA JA . 5.94 87.56 13.45
C7N CNA JA . 6.00 86.66 12.38
O7N CNA JA . 5.01 86.48 11.67
N7N CNA JA . 7.16 86.03 12.17
C4N CNA JA . 7.07 88.38 13.67
C5N CNA JA . 7.05 89.28 14.73
C6N CNA JA . 5.91 89.37 15.57
CAA SR7 KA . 2.22 93.05 19.36
CAB SR7 KA . 1.65 92.30 18.33
CAC SR7 KA . 0.50 91.51 18.59
CAD SR7 KA . 0.00 91.52 19.91
CAE SR7 KA . 0.57 92.29 20.93
CAF SR7 KA . 1.69 93.07 20.66
CAG SR7 KA . 4.11 91.61 13.56
CAH SR7 KA . 3.28 92.17 12.59
NAI SR7 KA . 2.37 93.11 12.91
CAJ SR7 KA . 2.27 93.52 14.24
CAK SR7 KA . 3.14 92.94 15.18
NAL SR7 KA . 4.03 91.98 14.86
CAM SR7 KA . 5.18 90.23 11.90
CAN SR7 KA . 4.36 90.77 10.93
CAO SR7 KA . 3.42 91.73 11.27
CAP SR7 KA . 5.02 90.67 13.20
CAQ SR7 KA . -4.14 86.87 18.00
CAR SR7 KA . -4.21 86.48 19.43
NAS SR7 KA . -5.63 86.54 19.80
CAT SR7 KA . -6.33 87.71 19.26
CAU SR7 KA . -5.35 88.81 18.84
NAV SR7 KA . -4.20 88.36 18.02
NAW SR7 KA . -1.78 89.61 16.68
CAX SR7 KA . -0.63 89.39 16.02
NAY SR7 KA . 0.35 90.06 16.64
CAZ SR7 KA . -0.17 90.71 17.68
CBA SR7 KA . -1.49 90.41 17.70
SBB SR7 KA . -0.96 88.37 14.74
CBC SR7 KA . -2.53 88.25 15.02
CBD SR7 KA . -2.81 88.98 16.10
NBE SR7 KA . 2.15 92.30 17.08
CBF SR7 KA . 2.91 93.31 16.50
OBG SR7 KA . 3.24 94.42 16.91
CBH SR7 KA . -4.23 89.02 16.69
ZN ZN LA . -20.40 87.48 0.35
PA CNA MA . -52.75 -68.63 -24.26
O1A CNA MA . -52.50 -69.88 -23.33
O2A CNA MA . -54.19 -68.37 -24.46
O5B CNA MA . -51.89 -68.63 -25.63
C5B CNA MA . -51.94 -67.35 -26.18
C4B CNA MA . -51.54 -67.40 -27.65
O4B CNA MA . -50.22 -67.86 -27.73
C3B CNA MA . -52.36 -68.40 -28.46
O3B CNA MA . -53.20 -67.62 -29.40
C2B CNA MA . -51.27 -69.28 -29.18
O2B CNA MA . -51.61 -69.60 -30.57
C1B CNA MA . -50.07 -68.36 -29.09
N9A CNA MA . -48.70 -68.91 -28.99
C8A CNA MA . -48.25 -69.66 -27.99
N7A CNA MA . -46.96 -69.90 -28.18
C5A CNA MA . -46.62 -69.28 -29.28
C6A CNA MA . -45.45 -69.24 -29.87
N6A CNA MA . -44.50 -69.92 -29.25
N1A CNA MA . -45.25 -68.57 -31.01
C2A CNA MA . -46.35 -67.91 -31.56
N3A CNA MA . -47.59 -67.97 -30.91
C4A CNA MA . -47.68 -68.66 -29.78
O3 CNA MA . -52.12 -67.49 -23.36
PN CNA MA . -52.79 -66.08 -22.96
O1N CNA MA . -52.15 -64.89 -23.58
O2N CNA MA . -54.35 -66.11 -23.22
O5D CNA MA . -52.68 -66.08 -21.38
C5D CNA MA . -53.84 -65.71 -20.69
C4D CNA MA . -53.87 -66.50 -19.40
C4' CNA MA . -52.99 -67.79 -19.38
C3D CNA MA . -53.37 -65.56 -18.33
O3D CNA MA . -54.26 -65.65 -17.17
C2D CNA MA . -51.94 -66.05 -18.09
O2D CNA MA . -51.50 -65.57 -16.79
C1D CNA MA . -52.04 -67.60 -18.20
N1N CNA MA . -50.74 -68.30 -18.47
C2N CNA MA . -49.50 -67.71 -18.16
C3N CNA MA . -48.29 -68.36 -18.43
C7N CNA MA . -47.13 -67.70 -18.08
O7N CNA MA . -47.07 -67.08 -17.01
N7N CNA MA . -46.11 -67.74 -18.96
C4N CNA MA . -48.27 -69.61 -19.04
C5N CNA MA . -49.48 -70.21 -19.37
C6N CNA MA . -50.70 -69.58 -19.08
CAA SR7 NA . -56.69 -70.14 -18.40
CAB SR7 NA . -55.93 -69.45 -17.48
CAC SR7 NA . -56.44 -68.29 -16.85
CAD SR7 NA . -57.76 -67.92 -17.18
CAE SR7 NA . -58.52 -68.66 -18.08
CAF SR7 NA . -57.99 -69.77 -18.70
CAG SR7 NA . -50.58 -71.26 -16.50
CAH SR7 NA . -50.43 -70.33 -15.44
NAI SR7 NA . -51.48 -69.72 -14.99
CAJ SR7 NA . -52.70 -70.03 -15.58
CAK SR7 NA . -52.86 -70.96 -16.61
NAL SR7 NA . -51.77 -71.58 -17.09
CAM SR7 NA . -48.20 -71.53 -16.33
CAN SR7 NA . -48.10 -70.61 -15.28
CAO SR7 NA . -49.23 -70.00 -14.83
CAP SR7 NA . -49.42 -71.86 -16.92
CAQ SR7 NA . -56.74 -62.63 -13.25
CAR SR7 NA . -57.48 -61.89 -14.29
NAS SR7 NA . -58.86 -61.57 -13.81
CAT SR7 NA . -59.43 -62.57 -12.90
CAU SR7 NA . -58.77 -63.98 -13.02
NAV SR7 NA . -57.30 -64.02 -13.25
NAW SR7 NA . -55.45 -66.27 -14.19
CAX SR7 NA . -54.27 -66.56 -14.75
NAY SR7 NA . -54.46 -67.34 -15.82
CAZ SR7 NA . -55.77 -67.55 -15.93
CBA SR7 NA . -56.36 -66.89 -14.93
SBB SR7 NA . -53.15 -65.79 -13.87
CBC SR7 NA . -54.14 -65.12 -12.78
CBD SR7 NA . -55.37 -65.48 -13.12
NBE SR7 NA . -54.67 -69.79 -17.19
CBF SR7 NA . -54.18 -71.06 -17.01
OBG SR7 NA . -54.79 -72.13 -16.95
CBH SR7 NA . -56.62 -65.00 -12.35
ZN ZN OA . -52.00 -60.39 9.76
PA CNA PA . 11.00 27.93 -48.60
O1A CNA PA . 10.28 28.85 -47.51
O2A CNA PA . 10.54 26.56 -48.42
O5B CNA PA . 12.62 28.21 -48.62
C5B CNA PA . 13.23 29.50 -48.85
C4B CNA PA . 14.58 29.32 -49.63
O4B CNA PA . 15.24 30.58 -49.65
C3B CNA PA . 15.65 28.39 -48.98
O3B CNA PA . 16.68 27.93 -49.92
C2B CNA PA . 16.30 29.29 -47.93
O2B CNA PA . 17.62 28.71 -47.55
C1B CNA PA . 16.37 30.60 -48.71
N9A CNA PA . 16.11 31.81 -47.93
C8A CNA PA . 15.12 32.05 -47.07
N7A CNA PA . 15.25 33.30 -46.63
C5A CNA PA . 16.31 33.84 -47.22
C6A CNA PA . 16.84 35.04 -47.11
N6A CNA PA . 16.25 35.88 -46.30
N1A CNA PA . 17.92 35.40 -47.79
C2A CNA PA . 18.49 34.45 -48.64
N3A CNA PA . 17.91 33.17 -48.76
C4A CNA PA . 16.82 32.92 -48.03
O3 CNA PA . 10.51 28.69 -49.90
PN CNA PA . 10.11 27.96 -51.21
O1N CNA PA . 11.20 27.68 -52.19
O2N CNA PA . 9.16 26.73 -50.87
O5D CNA PA . 9.04 28.89 -51.83
C5D CNA PA . 7.86 29.25 -51.08
C4D CNA PA . 6.99 28.01 -50.89
C4' CNA PA . 6.46 27.95 -49.48
C3D CNA PA . 5.75 28.19 -51.69
O3D CNA PA . 4.90 27.06 -51.56
C2D CNA PA . 5.11 29.34 -51.02
O2D CNA PA . 3.73 29.31 -51.34
C1D CNA PA . 5.30 29.00 -49.55
N1N CNA PA . 5.52 30.19 -48.63
C2N CNA PA . 5.21 31.50 -49.03
C3N CNA PA . 5.42 32.56 -48.17
C7N CNA PA . 5.14 33.87 -48.60
O7N CNA PA . 4.07 34.14 -49.17
N7N CNA PA . 6.15 34.74 -48.42
C4N CNA PA . 5.93 32.33 -46.90
C5N CNA PA . 6.24 31.04 -46.49
C6N CNA PA . 6.02 29.98 -47.34
CAA SR7 QA . 5.99 24.46 -47.78
CAB SR7 QA . 4.80 25.09 -48.15
CAC SR7 QA . 4.17 24.73 -49.36
CAD SR7 QA . 4.74 23.69 -50.11
CAE SR7 QA . 5.89 23.03 -49.70
CAF SR7 QA . 6.52 23.42 -48.53
CAG SR7 QA . 3.46 29.93 -45.15
CAH SR7 QA . 2.94 30.46 -46.34
NAI SR7 QA . 2.82 29.67 -47.35
CAJ SR7 QA . 3.19 28.35 -47.19
CAK SR7 QA . 3.70 27.79 -46.02
NAL SR7 QA . 3.85 28.61 -44.97
CAM SR7 QA . 3.17 32.14 -44.30
CAN SR7 QA . 2.66 32.63 -45.51
CAO SR7 QA . 2.54 31.77 -46.57
CAP SR7 QA . 3.57 30.81 -44.12
CAQ SR7 QA . 0.55 25.09 -54.79
CAR SR7 QA . 1.49 24.57 -55.79
NAS SR7 QA . 1.39 23.12 -55.95
CAT SR7 QA . 0.00 22.74 -55.76
CAU SR7 QA . -0.32 22.98 -54.32
NAV SR7 QA . 0.40 24.11 -53.71
NAW SR7 QA . 1.26 25.68 -51.09
CAX SR7 QA . 1.62 26.84 -50.52
NAY SR7 QA . 2.73 26.61 -49.81
CAZ SR7 QA . 3.06 25.33 -49.90
CBA SR7 QA . 2.16 24.77 -50.71
SBB SR7 QA . 0.47 28.05 -50.97
CBC SR7 QA . -0.43 27.00 -51.89
CBD SR7 QA . 0.13 25.77 -51.84
NBE SR7 QA . 4.34 26.17 -47.48
CBF SR7 QA . 4.01 26.40 -46.15
OBG SR7 QA . 3.91 25.58 -45.23
CBH SR7 QA . -0.47 24.58 -52.62
ZN ZN RA . -22.47 31.20 -55.30
PA CNA SA . 35.84 -39.86 55.09
O1A CNA SA . 34.47 -40.71 55.68
O2A CNA SA . 37.09 -40.65 54.73
O5B CNA SA . 36.13 -38.55 56.07
C5B CNA SA . 35.02 -37.75 56.51
C4B CNA SA . 35.58 -36.60 57.41
O4B CNA SA . 34.44 -36.01 58.09
C3B CNA SA . 36.56 -37.11 58.49
O3B CNA SA . 37.92 -36.44 58.38
C2B CNA SA . 35.78 -36.82 59.80
O2B CNA SA . 36.73 -36.41 60.77
C1B CNA SA . 34.79 -35.69 59.44
N9A CNA SA . 33.36 -35.81 59.72
C8A CNA SA . 32.58 -36.86 59.57
N7A CNA SA . 31.33 -36.55 59.88
C5A CNA SA . 31.32 -35.25 60.18
C6A CNA SA . 30.31 -34.45 60.57
N6A CNA SA . 29.10 -35.01 60.64
N1A CNA SA . 30.49 -33.15 60.85
C2A CNA SA . 31.81 -32.65 60.72
N3A CNA SA . 32.87 -33.51 60.32
C4A CNA SA . 32.58 -34.80 60.06
O3 CNA SA . 35.02 -39.01 53.87
PN CNA SA . 35.61 -38.65 52.33
O1N CNA SA . 35.96 -37.22 52.06
O2N CNA SA . 37.00 -39.59 51.95
O5D CNA SA . 34.19 -39.07 51.55
C5D CNA SA . 33.65 -40.41 51.30
C4D CNA SA . 34.67 -41.38 50.64
C4' CNA SA . 34.19 -42.83 50.86
C3D CNA SA . 34.67 -41.31 49.10
O3D CNA SA . 35.77 -42.11 48.52
C2D CNA SA . 33.21 -41.85 48.80
O2D CNA SA . 33.16 -42.54 47.49
C1D CNA SA . 32.85 -42.79 50.00
N1N CNA SA . 31.57 -42.49 50.78
C2N CNA SA . 30.36 -41.91 50.29
C3N CNA SA . 29.26 -41.73 51.19
C7N CNA SA . 27.98 -41.17 50.89
O7N CNA SA . 27.05 -41.85 50.43
N7N CNA SA . 27.76 -39.92 51.31
C4N CNA SA . 29.37 -42.11 52.52
C5N CNA SA . 30.53 -42.67 52.99
C6N CNA SA . 31.60 -42.88 52.14
C1 GOL TA . 31.81 -32.26 30.10
O1 GOL TA . 32.61 -31.07 30.25
C2 GOL TA . 30.35 -31.83 30.15
O2 GOL TA . 30.30 -30.70 31.02
C3 GOL TA . 29.39 -32.91 30.58
O3 GOL TA . 28.17 -32.32 30.98
CAA SR7 UA . 36.93 -45.71 51.86
CAB SR7 UA . 36.12 -45.69 50.74
CAC SR7 UA . 36.68 -45.59 49.43
CAD SR7 UA . 38.09 -45.54 49.30
CAE SR7 UA . 38.91 -45.59 50.42
CAF SR7 UA . 38.32 -45.68 51.70
CAG SR7 UA . 30.63 -45.91 52.34
CAH SR7 UA . 30.11 -45.69 51.05
NAI SR7 UA . 30.92 -45.73 50.03
CAJ SR7 UA . 32.26 -46.01 50.28
CAK SR7 UA . 32.75 -46.21 51.57
NAL SR7 UA . 31.93 -46.16 52.61
CAM SR7 UA . 28.37 -45.57 53.15
CAN SR7 UA . 27.88 -45.36 51.86
CAO SR7 UA . 28.76 -45.42 50.80
CAP SR7 UA . 29.73 -45.85 53.39
CAQ SR7 UA . 38.11 -45.45 42.26
CAR SR7 UA . 39.23 -44.52 42.85
NAS SR7 UA . 39.08 -43.25 42.10
CAT SR7 UA . 37.67 -42.75 42.04
CAU SR7 UA . 36.61 -43.53 42.91
NAV SR7 UA . 36.77 -45.02 42.85
NAW SR7 UA . 35.46 -45.42 46.18
CAX SR7 UA . 34.31 -45.27 46.86
NAY SR7 UA . 34.62 -45.31 48.17
CAZ SR7 UA . 35.94 -45.51 48.29
CBA SR7 UA . 36.46 -45.57 47.05
SBB SR7 UA . 33.02 -45.11 45.73
CBC SR7 UA . 34.11 -45.24 44.37
CBD SR7 UA . 35.35 -45.40 44.86
NBE SR7 UA . 34.81 -45.68 50.85
CBF SR7 UA . 34.10 -46.47 51.69
OBG SR7 UA . 34.52 -47.35 52.42
CBH SR7 UA . 36.71 -45.58 44.18
ZN ZN VA . 23.85 -55.60 27.48
PA CNA WA . 61.29 -37.51 46.92
O1A CNA WA . 62.89 -36.96 47.01
O2A CNA WA . 60.49 -37.27 48.16
O5B CNA WA . 61.42 -39.12 46.48
C5B CNA WA . 62.38 -39.60 45.50
C4B CNA WA . 62.14 -41.17 45.33
O4B CNA WA . 63.18 -41.73 44.45
C3B CNA WA . 62.19 -41.98 46.66
O3B CNA WA . 60.93 -42.76 46.91
C2B CNA WA . 63.49 -42.85 46.48
O2B CNA WA . 63.36 -44.16 47.14
C1B CNA WA . 63.66 -42.96 44.97
N9A CNA WA . 64.98 -42.66 44.43
C8A CNA WA . 65.75 -41.63 44.75
N7A CNA WA . 66.85 -41.68 44.02
C5A CNA WA . 66.77 -42.75 43.23
C6A CNA WA . 67.63 -43.26 42.32
N6A CNA WA . 68.76 -42.60 42.14
N1A CNA WA . 67.36 -44.38 41.60
C2A CNA WA . 66.12 -45.01 41.85
N3A CNA WA . 65.24 -44.46 42.82
C4A CNA WA . 65.60 -43.35 43.48
O3 CNA WA . 60.58 -36.93 45.42
PN CNA WA . 58.93 -36.37 45.33
O1N CNA WA . 58.15 -36.83 44.11
O2N CNA WA . 58.16 -36.91 46.71
O5D CNA WA . 59.03 -34.69 45.48
C5D CNA WA . 60.34 -34.11 45.18
C4D CNA WA . 60.43 -32.71 45.77
C4' CNA WA . 61.92 -32.48 46.17
C3D CNA WA . 60.08 -31.73 44.64
O3D CNA WA . 59.36 -30.57 45.13
C2D CNA WA . 61.46 -31.48 43.96
O2D CNA WA . 61.52 -30.18 43.34
C1D CNA WA . 62.50 -31.58 45.10
N1N CNA WA . 63.86 -31.98 44.63
C2N CNA WA . 64.41 -31.42 43.46
C3N CNA WA . 65.67 -31.82 43.06
C7N CNA WA . 66.22 -31.27 41.92
O7N CNA WA . 66.35 -30.04 41.91
N7N CNA WA . 66.64 -32.10 40.95
C4N CNA WA . 66.44 -32.73 43.77
C5N CNA WA . 65.92 -33.28 44.92
C6N CNA WA . 64.64 -32.90 45.37
C1 GOL XA . 52.76 -23.24 26.76
O1 GOL XA . 53.52 -22.04 26.96
C2 GOL XA . 51.26 -23.03 26.93
O2 GOL XA . 50.94 -22.25 28.07
C3 GOL XA . 50.47 -24.32 27.06
O3 GOL XA . 49.25 -24.00 27.74
CAA SR7 YA . 59.96 -31.74 50.30
CAB SR7 YA . 60.19 -30.83 49.27
CAC SR7 YA . 59.18 -29.85 48.96
CAD SR7 YA . 57.96 -29.91 49.70
CAE SR7 YA . 57.74 -30.84 50.71
CAF SR7 YA . 58.75 -31.75 51.01
CAG SR7 YA . 65.77 -30.53 47.40
CAH SR7 YA . 65.52 -29.41 46.63
NAI SR7 YA . 64.36 -28.81 46.75
CAJ SR7 YA . 63.45 -29.32 47.64
CAK SR7 YA . 63.69 -30.46 48.39
NAL SR7 YA . 64.88 -31.05 48.29
CAM SR7 YA . 67.97 -30.55 46.31
CAN SR7 YA . 67.68 -29.43 45.54
CAO SR7 YA . 66.43 -28.86 45.72
CAP SR7 YA . 67.02 -31.08 47.23
CAQ SR7 YA . 55.68 -26.93 44.63
CAR SR7 YA . 54.22 -26.54 44.33
NAS SR7 YA . 53.36 -26.91 45.50
CAT SR7 YA . 53.77 -26.25 46.77
CAU SR7 YA . 55.15 -25.54 46.65
NAV SR7 YA . 56.18 -26.33 45.92
NAW SR7 YA . 58.91 -27.30 46.49
CAX SR7 YA . 60.11 -27.90 46.21
NAY SR7 YA . 60.32 -28.89 47.09
CAZ SR7 YA . 59.29 -28.92 47.94
CBA SR7 YA . 58.42 -27.95 47.57
SBB SR7 YA . 60.87 -27.13 44.82
CBC SR7 YA . 59.54 -26.03 44.67
CBD SR7 YA . 58.62 -26.30 45.63
NBE SR7 YA . 61.36 -30.76 48.60
CBF SR7 YA . 62.61 -30.78 49.23
OBG SR7 YA . 62.84 -30.91 50.43
CBH SR7 YA . 57.34 -25.46 45.73
ZN ZN ZA . 61.36 -4.12 39.82
#